data_6GSI
#
_entry.id   6GSI
#
_cell.length_a   1.000
_cell.length_b   1.000
_cell.length_c   1.000
_cell.angle_alpha   90.00
_cell.angle_beta   90.00
_cell.angle_gamma   90.00
#
_symmetry.space_group_name_H-M   'P 1'
#
loop_
_entity.id
_entity.type
_entity.pdbx_description
1 polymer 'Capsid protein'
2 polymer 'Junctional adhesion molecule A'
3 polymer VP2
4 non-polymer 'POTASSIUM ION'
#
loop_
_entity_poly.entity_id
_entity_poly.type
_entity_poly.pdbx_seq_one_letter_code
_entity_poly.pdbx_strand_id
1 'polypeptide(L)'
;MCSTCANVLKYYNWDPHFRLVIDPNKFLSVGFCDNPLMCCYPELLPEFGTVWDCDQSPLQIYLESILGDDEWASTYEAID
PAVPPMHWDAAGKIFQPHPGVLMHHLIGEVAKAWDPNLPMFRLEADGDGSITAPEQGTPVGGVIAEPSAQMSAAADMATG
KSVDSEWEAFFSFHTSVNWSTSETQGKILFKQSLGPLLNPYLEHLAKLYVAWSGSIDVRFSISGSGVFGGKLAAIVVPPG
VDPVQSTSMLQYPHVLFDARQVEPVIFSIPDLRSTLYHLMSDTDTTSLVIMVYNDLINPYANDSNSSGCIVTVETKPGAD
FKFHLLKPPGSMLTHGSVPSDLIPKSSSLWIGNRHWTDITDFVIRPFVFQANRHFDFNQETAGWSTPRYRPITITISEKN
GAKLGIGVATDYIVPGIPDGWPDTTIPEKLTPAGDYAITNKSGNDITTAAGYDGADVIVNNTNFKGMYICGSLQRAWGDK
KISNTAFITTATKVDNAIEPSNVIDMTKIAVYQDTHVGKEVQTSDDTLSLLGYTGIGEQAIGSDRDRVVRISVLPETGAR
GGNHPIFYKNSIKLGYVIRSIDVFNSQILHTSRQLSLNHYLLPPDSFAVYRIIDSNGSWFDIGIDSDGFSFVGVSSIGKL
EFPLTASYMGIQLAKIRLASNIRSSMTKL
;
A,B,C,D
2 'polypeptide(L)'
;AVYTSEPDVRVPEDKPAKLSCSYSGFSNPRVEWKFAHGDITSLVCYKNKITASYADRVTFSHSGITFHSVTRKDTGTYTC
MVSDDGGNTYGEVSVQLTVLVPPSKPTVHIPSSATIGSRAVLTCSEKDGSPPSEYYWFKDGVRMPLEPKGNRAFSNSSYS
LNEKTGELVFDPVSAWDTGEYTCEAQNGYGMPMRSEAVRMEA
;
E,F,G,H
3 'polypeptide(L)'
;MNSILGLIDTVTNTIGKAQQIELDKAALGQQRELALKRMKLDHQALNNQVEQFNKILEQRVQGPIQSVRLARAAGFRVDP
YSYTDQNFYDDQLNAIRLSYRNLFKN
;
I,J,K,L
#
# COMPACT_ATOMS: atom_id res chain seq x y z
N SER A 130 -50.70 -18.57 6.50
CA SER A 130 -49.48 -17.80 6.27
C SER A 130 -48.27 -18.70 6.19
N ILE A 131 -47.90 -19.27 7.34
CA ILE A 131 -46.80 -20.22 7.38
C ILE A 131 -47.13 -21.42 6.50
N THR A 132 -46.11 -21.96 5.85
CA THR A 132 -46.15 -23.30 5.28
C THR A 132 -45.06 -24.12 5.93
N ALA A 133 -45.44 -25.24 6.51
CA ALA A 133 -44.54 -26.08 7.29
C ALA A 133 -43.72 -26.93 6.32
N PRO A 134 -42.85 -27.80 6.82
CA PRO A 134 -41.99 -28.58 5.91
C PRO A 134 -42.75 -29.49 4.99
N GLU A 135 -43.91 -29.98 5.41
CA GLU A 135 -44.74 -30.91 4.66
C GLU A 135 -46.16 -30.41 4.61
N GLN A 136 -46.33 -29.19 4.11
CA GLN A 136 -47.61 -28.50 4.09
C GLN A 136 -47.93 -28.08 2.66
N GLY A 137 -48.99 -28.64 2.12
CA GLY A 137 -49.44 -28.28 0.79
C GLY A 137 -50.85 -28.77 0.56
N THR A 138 -51.36 -28.45 -0.62
CA THR A 138 -52.72 -28.80 -1.01
C THR A 138 -52.69 -30.00 -1.93
N PRO A 139 -53.00 -31.21 -1.47
CA PRO A 139 -52.92 -32.38 -2.34
C PRO A 139 -54.10 -32.45 -3.28
N VAL A 140 -53.85 -32.17 -4.55
CA VAL A 140 -54.78 -32.56 -5.61
C VAL A 140 -54.43 -33.95 -6.11
N GLY A 141 -53.17 -34.31 -6.10
CA GLY A 141 -52.76 -35.66 -6.34
C GLY A 141 -52.66 -36.01 -7.81
N GLY A 142 -52.57 -37.30 -8.05
CA GLY A 142 -52.47 -37.81 -9.41
C GLY A 142 -53.75 -37.49 -10.15
N VAL A 143 -53.63 -36.69 -11.20
CA VAL A 143 -54.81 -36.17 -11.87
C VAL A 143 -55.49 -37.25 -12.69
N ILE A 144 -54.73 -37.98 -13.52
CA ILE A 144 -55.31 -39.01 -14.37
C ILE A 144 -55.43 -40.36 -13.67
N ALA A 145 -54.68 -40.57 -12.60
CA ALA A 145 -54.49 -41.90 -12.05
C ALA A 145 -54.35 -41.77 -10.55
N GLU A 146 -53.82 -42.82 -9.92
CA GLU A 146 -53.72 -42.92 -8.50
C GLU A 146 -52.46 -43.71 -8.20
N PRO A 147 -51.64 -43.29 -7.23
CA PRO A 147 -50.49 -44.13 -6.87
C PRO A 147 -50.92 -45.38 -6.14
N SER A 148 -51.25 -46.41 -6.92
CA SER A 148 -51.85 -47.61 -6.36
C SER A 148 -50.89 -48.33 -5.43
N ALA A 149 -51.41 -49.41 -4.85
CA ALA A 149 -50.68 -50.27 -3.94
C ALA A 149 -50.70 -51.72 -4.37
N GLN A 150 -51.68 -52.12 -5.16
CA GLN A 150 -51.67 -53.46 -5.73
C GLN A 150 -50.46 -53.68 -6.62
N MET A 151 -49.86 -52.60 -7.12
CA MET A 151 -48.77 -52.68 -8.09
C MET A 151 -47.40 -52.71 -7.43
N SER A 152 -47.16 -51.84 -6.44
CA SER A 152 -45.84 -51.76 -5.82
C SER A 152 -45.44 -53.09 -5.21
N ALA A 153 -46.40 -53.78 -4.59
CA ALA A 153 -46.12 -55.10 -4.06
C ALA A 153 -45.79 -56.10 -5.16
N ALA A 154 -46.20 -55.82 -6.40
CA ALA A 154 -45.82 -56.70 -7.49
C ALA A 154 -44.34 -56.56 -7.80
N ALA A 155 -43.85 -55.33 -7.87
CA ALA A 155 -42.41 -55.13 -8.00
C ALA A 155 -41.65 -55.78 -6.85
N ASP A 156 -42.24 -55.75 -5.66
CA ASP A 156 -41.57 -56.32 -4.49
C ASP A 156 -41.39 -57.82 -4.66
N MET A 157 -42.44 -58.53 -5.04
CA MET A 157 -42.40 -59.99 -5.03
C MET A 157 -41.47 -60.54 -6.10
N ALA A 158 -41.16 -59.75 -7.12
CA ALA A 158 -40.23 -60.20 -8.15
C ALA A 158 -38.79 -60.07 -7.68
N THR A 159 -38.50 -59.07 -6.85
CA THR A 159 -37.16 -58.75 -6.44
C THR A 159 -36.87 -59.01 -4.98
N GLY A 160 -37.89 -59.20 -4.15
CA GLY A 160 -37.66 -59.47 -2.75
C GLY A 160 -37.25 -58.22 -2.02
N LYS A 161 -37.33 -58.22 -0.69
CA LYS A 161 -37.12 -57.01 0.08
C LYS A 161 -36.50 -57.33 1.43
N SER A 162 -36.14 -56.27 2.13
CA SER A 162 -35.74 -56.31 3.53
C SER A 162 -36.32 -55.06 4.17
N VAL A 163 -35.86 -54.72 5.37
CA VAL A 163 -36.38 -53.53 6.08
C VAL A 163 -35.56 -52.35 5.55
N ASP A 164 -35.95 -51.90 4.37
CA ASP A 164 -35.46 -50.66 3.75
C ASP A 164 -33.93 -50.61 3.65
N SER A 165 -33.26 -51.75 3.67
CA SER A 165 -31.81 -51.75 3.56
C SER A 165 -31.32 -53.16 3.30
N GLU A 166 -30.25 -53.27 2.51
CA GLU A 166 -29.71 -54.55 2.09
C GLU A 166 -28.23 -54.70 2.36
N TRP A 167 -27.54 -53.65 2.80
CA TRP A 167 -26.14 -53.73 3.19
C TRP A 167 -25.97 -54.08 4.65
N GLU A 168 -26.96 -54.74 5.24
CA GLU A 168 -26.90 -55.25 6.60
C GLU A 168 -27.09 -56.76 6.60
N ALA A 169 -26.74 -57.40 5.48
CA ALA A 169 -26.90 -58.83 5.32
C ALA A 169 -25.77 -59.50 4.58
N PHE A 170 -24.70 -58.80 4.26
CA PHE A 170 -23.55 -59.41 3.62
C PHE A 170 -22.29 -58.72 4.07
N PHE A 171 -21.17 -59.22 3.56
CA PHE A 171 -19.85 -58.70 3.87
C PHE A 171 -19.30 -58.03 2.63
N SER A 172 -19.36 -56.70 2.61
CA SER A 172 -18.67 -55.95 1.59
C SER A 172 -17.18 -56.19 1.66
N PHE A 173 -16.52 -56.08 0.51
CA PHE A 173 -15.07 -56.03 0.47
C PHE A 173 -14.61 -54.65 0.85
N HIS A 174 -13.47 -54.58 1.51
CA HIS A 174 -12.92 -53.33 1.99
C HIS A 174 -11.52 -53.05 1.45
N THR A 175 -10.62 -54.02 1.54
CA THR A 175 -9.21 -53.73 1.30
C THR A 175 -8.45 -55.04 1.29
N SER A 176 -7.13 -54.93 1.18
CA SER A 176 -6.23 -56.05 1.22
C SER A 176 -4.84 -55.52 1.50
N VAL A 177 -4.06 -56.31 2.24
CA VAL A 177 -2.76 -55.92 2.72
C VAL A 177 -1.82 -57.12 2.62
N ASN A 178 -0.59 -56.91 3.04
CA ASN A 178 0.48 -57.88 2.90
C ASN A 178 0.83 -58.49 4.24
N TRP A 179 1.66 -59.52 4.15
CA TRP A 179 2.19 -60.23 5.31
C TRP A 179 3.40 -60.96 4.77
N SER A 180 4.57 -60.34 4.86
CA SER A 180 5.77 -60.92 4.29
C SER A 180 6.72 -61.36 5.40
N THR A 181 7.77 -62.06 4.98
CA THR A 181 8.68 -62.69 5.93
C THR A 181 9.42 -61.67 6.77
N SER A 182 9.64 -60.47 6.23
CA SER A 182 10.37 -59.45 6.96
C SER A 182 9.56 -58.86 8.11
N GLU A 183 8.26 -59.09 8.16
CA GLU A 183 7.46 -58.65 9.29
C GLU A 183 7.60 -59.67 10.39
N THR A 184 8.42 -59.35 11.38
CA THR A 184 8.70 -60.24 12.48
C THR A 184 7.55 -60.22 13.48
N GLN A 185 7.76 -60.85 14.62
CA GLN A 185 6.73 -60.97 15.64
C GLN A 185 6.43 -59.63 16.28
N GLY A 186 5.20 -59.49 16.76
CA GLY A 186 4.75 -58.29 17.42
C GLY A 186 4.44 -57.12 16.51
N LYS A 187 4.78 -57.21 15.23
CA LYS A 187 4.63 -56.10 14.32
C LYS A 187 3.20 -56.06 13.77
N ILE A 188 2.82 -54.89 13.26
CA ILE A 188 1.45 -54.57 12.92
C ILE A 188 1.36 -54.32 11.42
N LEU A 189 0.18 -54.56 10.87
CA LEU A 189 -0.10 -54.46 9.45
C LEU A 189 -1.26 -53.54 9.13
N PHE A 190 -2.27 -53.49 9.99
CA PHE A 190 -3.53 -52.85 9.64
C PHE A 190 -4.22 -52.36 10.91
N LYS A 191 -4.11 -51.06 11.16
CA LYS A 191 -4.94 -50.38 12.15
C LYS A 191 -5.80 -49.35 11.44
N GLN A 192 -7.09 -49.63 11.37
CA GLN A 192 -8.09 -48.62 11.05
C GLN A 192 -9.09 -48.57 12.17
N SER A 193 -9.48 -47.36 12.52
CA SER A 193 -10.44 -47.17 13.59
C SER A 193 -11.83 -47.47 13.07
N LEU A 194 -12.80 -47.31 13.95
CA LEU A 194 -14.18 -47.53 13.59
C LEU A 194 -14.68 -46.35 12.78
N GLY A 195 -15.79 -46.57 12.10
CA GLY A 195 -16.46 -45.55 11.34
C GLY A 195 -17.03 -46.11 10.07
N PRO A 196 -17.87 -45.33 9.40
CA PRO A 196 -18.49 -45.80 8.18
C PRO A 196 -17.52 -46.02 7.04
N LEU A 197 -16.27 -45.57 7.16
CA LEU A 197 -15.29 -45.86 6.12
C LEU A 197 -15.03 -47.33 5.96
N LEU A 198 -15.34 -48.14 6.96
CA LEU A 198 -15.16 -49.57 6.88
C LEU A 198 -16.27 -50.27 6.11
N ASN A 199 -17.07 -49.53 5.36
CA ASN A 199 -18.04 -50.17 4.47
C ASN A 199 -18.35 -49.21 3.34
N PRO A 200 -18.01 -49.54 2.09
CA PRO A 200 -18.16 -48.53 1.02
C PRO A 200 -19.57 -48.14 0.74
N TYR A 201 -20.56 -48.89 1.21
CA TYR A 201 -21.93 -48.41 1.17
C TYR A 201 -22.15 -47.28 2.17
N LEU A 202 -21.39 -47.28 3.27
CA LEU A 202 -21.63 -46.35 4.36
C LEU A 202 -20.82 -45.08 4.22
N GLU A 203 -19.58 -45.17 3.72
CA GLU A 203 -18.86 -43.96 3.36
C GLU A 203 -19.65 -43.14 2.37
N HIS A 204 -20.40 -43.82 1.51
CA HIS A 204 -21.27 -43.14 0.57
C HIS A 204 -22.36 -42.38 1.32
N LEU A 205 -23.13 -43.09 2.15
CA LEU A 205 -24.25 -42.47 2.85
C LEU A 205 -23.79 -41.42 3.85
N ALA A 206 -22.63 -41.62 4.46
CA ALA A 206 -22.20 -40.72 5.53
C ALA A 206 -21.99 -39.29 5.05
N LYS A 207 -21.99 -39.06 3.75
CA LYS A 207 -22.05 -37.72 3.20
C LYS A 207 -23.44 -37.10 3.32
N LEU A 208 -24.42 -37.84 3.84
CA LEU A 208 -25.72 -37.30 4.15
C LEU A 208 -25.90 -36.98 5.61
N TYR A 209 -25.15 -37.63 6.48
CA TYR A 209 -25.29 -37.48 7.92
C TYR A 209 -24.00 -37.01 8.54
N VAL A 210 -24.13 -36.40 9.70
CA VAL A 210 -23.03 -35.81 10.43
C VAL A 210 -22.68 -36.64 11.67
N ALA A 211 -23.17 -37.86 11.74
CA ALA A 211 -23.18 -38.59 12.99
C ALA A 211 -23.28 -40.08 12.70
N TRP A 212 -23.02 -40.87 13.72
CA TRP A 212 -23.26 -42.30 13.64
C TRP A 212 -23.20 -42.89 15.03
N SER A 213 -23.58 -44.15 15.12
CA SER A 213 -23.56 -44.88 16.36
C SER A 213 -23.77 -46.35 16.06
N GLY A 214 -22.92 -47.19 16.62
CA GLY A 214 -23.11 -48.62 16.60
C GLY A 214 -21.89 -49.33 16.06
N SER A 215 -22.05 -50.63 15.85
CA SER A 215 -20.95 -51.55 15.71
C SER A 215 -20.73 -51.94 14.27
N ILE A 216 -19.78 -52.86 14.08
CA ILE A 216 -19.50 -53.49 12.81
C ILE A 216 -19.22 -54.96 13.07
N ASP A 217 -19.52 -55.74 12.05
CA ASP A 217 -19.23 -57.16 11.96
C ASP A 217 -18.10 -57.21 10.92
N VAL A 218 -17.18 -58.14 11.08
CA VAL A 218 -15.99 -58.16 10.24
C VAL A 218 -15.70 -59.60 9.84
N ARG A 219 -15.06 -59.75 8.69
CA ARG A 219 -14.55 -61.02 8.21
C ARG A 219 -13.23 -60.76 7.52
N PHE A 220 -12.17 -61.39 7.99
CA PHE A 220 -10.89 -61.38 7.32
C PHE A 220 -10.44 -62.80 7.04
N SER A 221 -9.37 -62.90 6.26
CA SER A 221 -8.98 -64.17 5.68
C SER A 221 -7.60 -63.99 5.06
N ILE A 222 -7.00 -65.11 4.66
CA ILE A 222 -5.70 -65.10 4.01
C ILE A 222 -5.77 -65.98 2.78
N SER A 223 -5.13 -65.51 1.71
CA SER A 223 -4.94 -66.27 0.47
C SER A 223 -3.59 -66.94 0.44
N GLY A 224 -3.32 -67.79 1.41
CA GLY A 224 -2.01 -68.37 1.59
C GLY A 224 -1.93 -69.78 1.06
N SER A 225 -0.70 -70.19 0.77
CA SER A 225 -0.45 -71.55 0.32
C SER A 225 -0.55 -72.51 1.49
N GLY A 226 -0.21 -73.76 1.26
CA GLY A 226 -0.19 -74.75 2.32
C GLY A 226 1.13 -74.72 3.03
N VAL A 227 2.20 -74.50 2.26
CA VAL A 227 3.53 -74.42 2.83
C VAL A 227 3.66 -73.23 3.77
N PHE A 228 3.00 -72.13 3.46
CA PHE A 228 3.18 -70.91 4.22
C PHE A 228 2.52 -71.09 5.57
N GLY A 229 3.25 -71.67 6.50
CA GLY A 229 2.88 -71.62 7.89
C GLY A 229 3.05 -70.21 8.42
N GLY A 230 2.61 -70.02 9.64
CA GLY A 230 2.64 -68.72 10.28
C GLY A 230 1.27 -68.29 10.73
N LYS A 231 1.22 -67.62 11.87
CA LYS A 231 0.00 -67.35 12.58
C LYS A 231 -0.18 -65.86 12.76
N LEU A 232 -1.43 -65.47 12.94
CA LEU A 232 -1.82 -64.09 12.87
C LEU A 232 -2.85 -63.83 13.96
N ALA A 233 -3.07 -62.55 14.24
CA ALA A 233 -3.95 -62.12 15.32
C ALA A 233 -4.82 -60.98 14.87
N ALA A 234 -5.87 -60.76 15.64
CA ALA A 234 -6.84 -59.73 15.34
C ALA A 234 -7.47 -59.27 16.64
N ILE A 235 -7.24 -58.02 16.99
CA ILE A 235 -7.62 -57.46 18.28
C ILE A 235 -8.47 -56.23 18.05
N VAL A 236 -9.46 -56.05 18.89
CA VAL A 236 -10.12 -54.75 19.04
C VAL A 236 -9.52 -54.10 20.28
N VAL A 237 -8.86 -52.98 20.08
CA VAL A 237 -8.32 -52.19 21.18
C VAL A 237 -9.33 -51.10 21.50
N PRO A 238 -9.62 -50.82 22.75
CA PRO A 238 -10.54 -49.76 23.05
C PRO A 238 -9.93 -48.40 22.77
N PRO A 239 -10.68 -47.32 22.96
CA PRO A 239 -10.16 -46.00 22.62
C PRO A 239 -9.05 -45.54 23.54
N GLY A 240 -8.52 -44.38 23.21
CA GLY A 240 -7.56 -43.72 24.08
C GLY A 240 -6.29 -44.52 24.28
N VAL A 241 -5.83 -45.17 23.22
CA VAL A 241 -4.62 -46.00 23.27
C VAL A 241 -3.73 -45.62 22.11
N ASP A 242 -2.43 -45.53 22.39
CA ASP A 242 -1.38 -45.30 21.41
C ASP A 242 -0.59 -46.58 21.27
N PRO A 243 -1.13 -47.59 20.57
CA PRO A 243 -0.56 -48.94 20.66
C PRO A 243 0.85 -49.03 20.13
N VAL A 244 1.40 -50.23 20.28
CA VAL A 244 2.82 -50.48 20.09
C VAL A 244 3.00 -51.68 19.18
N GLN A 245 3.99 -51.60 18.30
CA GLN A 245 4.36 -52.74 17.48
C GLN A 245 5.12 -53.75 18.31
N SER A 246 4.44 -54.39 19.25
CA SER A 246 5.06 -55.39 20.11
C SER A 246 4.06 -56.53 20.28
N THR A 247 4.31 -57.36 21.28
CA THR A 247 3.50 -58.54 21.56
C THR A 247 2.67 -58.40 22.83
N SER A 248 2.91 -57.37 23.63
CA SER A 248 2.19 -57.23 24.88
C SER A 248 0.70 -56.98 24.67
N MET A 249 0.31 -56.53 23.48
CA MET A 249 -1.11 -56.33 23.20
C MET A 249 -1.86 -57.64 23.23
N LEU A 250 -1.18 -58.75 22.97
CA LEU A 250 -1.82 -60.05 22.86
C LEU A 250 -2.33 -60.57 24.18
N GLN A 251 -1.89 -59.98 25.29
CA GLN A 251 -2.48 -60.29 26.57
C GLN A 251 -3.91 -59.80 26.67
N TYR A 252 -4.31 -58.90 25.76
CA TYR A 252 -5.72 -58.64 25.56
C TYR A 252 -6.35 -59.87 24.94
N PRO A 253 -7.67 -60.04 25.05
CA PRO A 253 -8.37 -61.03 24.22
C PRO A 253 -8.01 -60.95 22.74
N HIS A 254 -7.32 -61.97 22.26
CA HIS A 254 -6.86 -62.04 20.90
C HIS A 254 -7.56 -63.16 20.15
N VAL A 255 -7.94 -62.83 18.92
CA VAL A 255 -8.40 -63.77 17.93
C VAL A 255 -7.18 -64.31 17.19
N LEU A 256 -7.33 -65.49 16.60
CA LEU A 256 -6.29 -66.11 15.80
C LEU A 256 -6.76 -66.29 14.38
N PHE A 257 -5.79 -66.43 13.48
CA PHE A 257 -6.07 -66.95 12.15
C PHE A 257 -4.77 -67.47 11.57
N ASP A 258 -4.58 -68.78 11.60
CA ASP A 258 -3.43 -69.39 10.99
C ASP A 258 -3.55 -69.32 9.48
N ALA A 259 -2.40 -69.26 8.81
CA ALA A 259 -2.39 -69.20 7.35
C ALA A 259 -2.98 -70.45 6.75
N ARG A 260 -2.69 -71.61 7.34
CA ARG A 260 -3.27 -72.86 6.88
C ARG A 260 -4.78 -72.87 6.98
N GLN A 261 -5.37 -72.03 7.83
CA GLN A 261 -6.79 -72.05 8.09
C GLN A 261 -7.54 -71.61 6.83
N VAL A 262 -8.26 -72.55 6.22
CA VAL A 262 -8.98 -72.26 4.99
C VAL A 262 -10.10 -71.28 5.25
N GLU A 263 -11.04 -71.67 6.10
CA GLU A 263 -12.28 -70.94 6.20
C GLU A 263 -12.05 -69.59 6.89
N PRO A 264 -12.82 -68.57 6.53
CA PRO A 264 -12.68 -67.31 7.26
C PRO A 264 -13.20 -67.37 8.67
N VAL A 265 -13.16 -66.22 9.30
CA VAL A 265 -13.64 -66.02 10.66
C VAL A 265 -14.46 -64.74 10.70
N ILE A 266 -15.46 -64.73 11.56
CA ILE A 266 -16.29 -63.56 11.81
C ILE A 266 -16.03 -63.08 13.22
N PHE A 267 -16.06 -61.77 13.41
CA PHE A 267 -16.16 -61.18 14.74
C PHE A 267 -16.71 -59.77 14.60
N SER A 268 -16.81 -59.10 15.74
CA SER A 268 -17.49 -57.81 15.84
C SER A 268 -16.54 -56.73 16.29
N ILE A 269 -16.99 -55.49 16.10
CA ILE A 269 -16.31 -54.30 16.58
C ILE A 269 -17.35 -53.43 17.27
N PRO A 270 -17.50 -53.51 18.58
CA PRO A 270 -18.50 -52.69 19.25
C PRO A 270 -18.01 -51.26 19.45
N ASP A 271 -18.99 -50.36 19.60
CA ASP A 271 -18.71 -48.93 19.75
C ASP A 271 -18.61 -48.63 21.23
N LEU A 272 -17.44 -48.92 21.79
CA LEU A 272 -17.15 -48.62 23.18
C LEU A 272 -16.75 -47.16 23.27
N ARG A 273 -17.66 -46.34 23.76
CA ARG A 273 -17.48 -44.91 23.74
C ARG A 273 -17.99 -44.30 25.03
N SER A 274 -17.54 -43.08 25.27
CA SER A 274 -17.93 -42.30 26.42
C SER A 274 -19.11 -41.37 26.14
N THR A 275 -19.36 -41.10 24.87
CA THR A 275 -20.40 -40.16 24.48
C THR A 275 -21.65 -40.89 24.02
N LEU A 276 -22.72 -40.12 23.90
CA LEU A 276 -23.96 -40.69 23.40
C LEU A 276 -23.84 -41.12 21.97
N TYR A 277 -22.93 -40.53 21.22
CA TYR A 277 -22.70 -40.87 19.82
C TYR A 277 -21.37 -40.27 19.41
N HIS A 278 -21.09 -40.30 18.11
CA HIS A 278 -19.86 -39.78 17.54
C HIS A 278 -20.19 -38.85 16.38
N LEU A 279 -19.17 -38.13 15.95
CA LEU A 279 -19.23 -37.33 14.75
C LEU A 279 -18.20 -37.83 13.75
N MET A 280 -18.39 -37.45 12.49
CA MET A 280 -17.47 -37.89 11.46
C MET A 280 -16.08 -37.30 11.67
N SER A 281 -15.99 -36.15 12.32
CA SER A 281 -14.71 -35.56 12.66
C SER A 281 -14.11 -36.13 13.93
N ASP A 282 -14.73 -37.15 14.52
CA ASP A 282 -14.19 -37.83 15.69
C ASP A 282 -13.50 -39.11 15.25
N THR A 283 -12.25 -39.27 15.68
CA THR A 283 -11.41 -40.39 15.29
C THR A 283 -10.70 -40.96 16.50
N ASP A 284 -11.43 -41.04 17.62
CA ASP A 284 -10.91 -41.51 18.90
C ASP A 284 -11.79 -42.63 19.41
N THR A 285 -12.05 -43.61 18.55
CA THR A 285 -12.98 -44.68 18.80
C THR A 285 -12.26 -45.99 19.01
N THR A 286 -13.05 -47.03 19.18
CA THR A 286 -12.57 -48.40 19.07
C THR A 286 -11.86 -48.58 17.74
N SER A 287 -10.90 -49.50 17.71
CA SER A 287 -10.11 -49.69 16.52
C SER A 287 -9.63 -51.13 16.44
N LEU A 288 -9.60 -51.64 15.23
CA LEU A 288 -9.08 -52.96 14.93
C LEU A 288 -7.58 -52.88 14.74
N VAL A 289 -6.89 -53.97 15.08
CA VAL A 289 -5.49 -54.10 14.76
C VAL A 289 -5.19 -55.56 14.45
N ILE A 290 -4.42 -55.76 13.44
CA ILE A 290 -3.79 -57.03 13.16
C ILE A 290 -2.43 -57.04 13.82
N MET A 291 -1.96 -58.23 14.18
CA MET A 291 -0.67 -58.36 14.82
C MET A 291 -0.12 -59.74 14.51
N VAL A 292 1.20 -59.79 14.35
CA VAL A 292 1.87 -61.01 13.94
C VAL A 292 2.15 -61.82 15.20
N TYR A 293 1.26 -62.77 15.47
CA TYR A 293 1.38 -63.61 16.66
C TYR A 293 2.53 -64.60 16.50
N ASN A 294 2.77 -65.04 15.28
CA ASN A 294 3.96 -65.79 14.94
C ASN A 294 4.35 -65.41 13.52
N ASP A 295 5.64 -65.28 13.27
CA ASP A 295 6.08 -64.74 12.01
C ASP A 295 5.78 -65.72 10.88
N LEU A 296 6.10 -65.28 9.67
CA LEU A 296 5.89 -66.06 8.48
C LEU A 296 7.08 -66.97 8.21
N ILE A 297 6.82 -68.03 7.47
CA ILE A 297 7.84 -68.99 7.10
C ILE A 297 7.58 -69.48 5.69
N ASN A 298 8.65 -69.57 4.91
CA ASN A 298 8.65 -70.21 3.60
C ASN A 298 9.92 -71.05 3.56
N PRO A 299 9.82 -72.37 3.81
CA PRO A 299 11.05 -73.17 3.91
C PRO A 299 11.82 -73.28 2.62
N TYR A 300 11.16 -73.00 1.50
CA TYR A 300 11.80 -73.18 0.20
C TYR A 300 12.82 -72.14 -0.23
N ALA A 301 12.34 -70.92 -0.41
CA ALA A 301 13.15 -69.85 -0.94
C ALA A 301 13.71 -69.00 0.20
N ASN A 302 14.75 -69.53 0.82
CA ASN A 302 15.56 -68.75 1.76
C ASN A 302 16.75 -68.10 1.06
N ASP A 303 16.45 -67.45 -0.06
CA ASP A 303 17.42 -66.75 -0.87
C ASP A 303 17.02 -65.30 -1.11
N SER A 304 15.76 -65.06 -1.49
CA SER A 304 15.26 -63.73 -1.80
C SER A 304 14.43 -63.16 -0.66
N ASN A 305 13.65 -64.01 0.01
CA ASN A 305 12.74 -63.58 1.08
C ASN A 305 11.79 -62.50 0.56
N SER A 306 11.00 -62.89 -0.44
CA SER A 306 10.15 -62.00 -1.21
C SER A 306 8.75 -62.60 -1.34
N SER A 307 8.21 -63.05 -0.22
CA SER A 307 7.00 -63.85 -0.21
C SER A 307 5.77 -62.99 0.00
N GLY A 308 4.60 -63.63 -0.01
CA GLY A 308 3.32 -62.96 -0.12
C GLY A 308 2.40 -63.04 1.08
N CYS A 309 1.44 -63.96 1.01
CA CYS A 309 0.38 -64.12 2.01
C CYS A 309 -0.41 -62.81 2.17
N ILE A 310 -1.15 -62.53 1.10
CA ILE A 310 -2.07 -61.41 1.11
C ILE A 310 -3.18 -61.66 2.13
N VAL A 311 -3.67 -60.57 2.70
CA VAL A 311 -4.78 -60.58 3.64
C VAL A 311 -5.92 -59.81 3.01
N THR A 312 -7.14 -60.11 3.43
CA THR A 312 -8.32 -59.37 3.03
C THR A 312 -9.16 -59.08 4.26
N VAL A 313 -9.99 -58.03 4.16
CA VAL A 313 -10.89 -57.64 5.23
C VAL A 313 -12.23 -57.25 4.64
N GLU A 314 -13.29 -57.65 5.32
CA GLU A 314 -14.64 -57.49 4.83
C GLU A 314 -15.55 -57.15 6.00
N THR A 315 -16.61 -56.39 5.75
CA THR A 315 -17.40 -55.79 6.81
C THR A 315 -18.88 -55.92 6.56
N LYS A 316 -19.61 -56.17 7.64
CA LYS A 316 -21.06 -56.13 7.67
C LYS A 316 -21.43 -55.34 8.92
N PRO A 317 -22.35 -54.38 8.83
CA PRO A 317 -22.79 -53.69 10.04
C PRO A 317 -23.83 -54.48 10.81
N GLY A 318 -23.77 -54.34 12.12
CA GLY A 318 -24.82 -54.85 12.95
C GLY A 318 -26.01 -53.92 12.96
N ALA A 319 -27.17 -54.50 13.25
CA ALA A 319 -28.41 -53.72 13.25
C ALA A 319 -28.38 -52.59 14.26
N ASP A 320 -27.51 -52.67 15.27
CA ASP A 320 -27.29 -51.54 16.15
C ASP A 320 -26.80 -50.31 15.42
N PHE A 321 -26.16 -50.48 14.27
CA PHE A 321 -25.63 -49.36 13.53
C PHE A 321 -26.76 -48.50 13.02
N LYS A 322 -26.56 -47.18 13.09
CA LYS A 322 -27.55 -46.25 12.63
C LYS A 322 -26.93 -44.87 12.59
N PHE A 323 -27.21 -44.14 11.52
CA PHE A 323 -26.80 -42.77 11.44
C PHE A 323 -27.74 -41.88 12.24
N HIS A 324 -27.32 -40.64 12.42
CA HIS A 324 -28.15 -39.59 12.98
C HIS A 324 -27.90 -38.31 12.21
N LEU A 325 -28.82 -37.35 12.34
CA LEU A 325 -28.52 -35.94 12.10
C LEU A 325 -28.06 -35.68 10.66
N LEU A 326 -29.05 -35.69 9.76
CA LEU A 326 -28.87 -35.15 8.41
C LEU A 326 -27.99 -33.92 8.40
N LYS A 327 -26.98 -33.94 7.57
CA LYS A 327 -26.22 -32.72 7.35
C LYS A 327 -26.86 -31.95 6.20
N PRO A 328 -27.11 -30.66 6.33
CA PRO A 328 -27.61 -29.90 5.22
C PRO A 328 -26.64 -29.97 4.06
N PRO A 329 -27.06 -30.51 2.90
CA PRO A 329 -26.11 -30.70 1.81
C PRO A 329 -25.50 -29.39 1.35
N GLY A 330 -24.24 -29.49 0.93
CA GLY A 330 -23.42 -28.33 0.66
C GLY A 330 -22.75 -27.76 1.88
N SER A 331 -23.11 -28.22 3.07
CA SER A 331 -22.49 -27.74 4.30
C SER A 331 -21.26 -28.56 4.64
N MET A 332 -20.24 -27.88 5.14
CA MET A 332 -18.99 -28.51 5.52
C MET A 332 -19.08 -28.87 7.00
N LEU A 333 -17.96 -29.24 7.59
CA LEU A 333 -17.81 -29.38 9.03
C LEU A 333 -16.85 -28.33 9.55
N THR A 334 -16.85 -28.14 10.86
CA THR A 334 -15.97 -27.17 11.48
C THR A 334 -14.58 -27.73 11.72
N HIS A 335 -14.49 -28.90 12.35
CA HIS A 335 -13.20 -29.50 12.63
C HIS A 335 -12.46 -29.84 11.34
N GLY A 336 -13.19 -30.05 10.26
CA GLY A 336 -12.60 -30.21 8.94
C GLY A 336 -13.17 -31.40 8.21
N SER A 337 -13.04 -31.38 6.90
CA SER A 337 -13.59 -32.43 6.06
C SER A 337 -12.71 -33.66 6.14
N VAL A 338 -13.03 -34.65 5.33
CA VAL A 338 -12.28 -35.90 5.25
C VAL A 338 -11.41 -35.84 4.00
N PRO A 339 -10.11 -36.12 4.09
CA PRO A 339 -9.29 -36.03 2.89
C PRO A 339 -9.47 -37.23 1.97
N SER A 340 -10.21 -37.04 0.89
CA SER A 340 -10.40 -38.08 -0.11
C SER A 340 -10.38 -37.52 -1.52
N ASP A 341 -9.86 -36.30 -1.70
CA ASP A 341 -9.67 -35.70 -3.01
C ASP A 341 -8.30 -35.04 -3.12
N LEU A 342 -7.34 -35.48 -2.32
CA LEU A 342 -6.03 -34.86 -2.33
C LEU A 342 -5.25 -35.25 -3.56
N ILE A 343 -5.44 -36.47 -4.04
CA ILE A 343 -4.75 -37.00 -5.21
C ILE A 343 -5.78 -37.39 -6.26
N PRO A 344 -5.60 -37.02 -7.53
CA PRO A 344 -6.51 -37.52 -8.56
C PRO A 344 -6.38 -39.01 -8.81
N LYS A 345 -7.17 -39.50 -9.76
CA LYS A 345 -7.25 -40.91 -10.08
C LYS A 345 -6.61 -41.22 -11.43
N SER A 346 -5.50 -40.56 -11.72
CA SER A 346 -4.71 -40.88 -12.90
C SER A 346 -3.37 -40.18 -12.77
N SER A 347 -2.35 -40.77 -13.36
CA SER A 347 -1.09 -40.05 -13.50
C SER A 347 -1.25 -38.88 -14.45
N SER A 348 -2.18 -38.98 -15.39
CA SER A 348 -2.35 -37.95 -16.41
C SER A 348 -2.67 -36.60 -15.80
N LEU A 349 -3.30 -36.57 -14.64
CA LEU A 349 -3.68 -35.34 -13.97
C LEU A 349 -2.67 -34.90 -12.91
N TRP A 350 -1.48 -35.52 -12.88
CA TRP A 350 -0.49 -35.26 -11.86
C TRP A 350 0.64 -34.43 -12.45
N ILE A 351 1.03 -33.38 -11.71
CA ILE A 351 2.23 -32.62 -12.02
C ILE A 351 2.87 -32.17 -10.72
N GLY A 352 4.12 -31.78 -10.81
CA GLY A 352 4.89 -31.48 -9.62
C GLY A 352 4.65 -30.09 -9.10
N ASN A 353 4.88 -29.93 -7.80
CA ASN A 353 4.74 -28.66 -7.13
C ASN A 353 5.99 -27.79 -7.24
N ARG A 354 6.86 -28.08 -8.20
CA ARG A 354 8.02 -27.26 -8.52
C ARG A 354 8.19 -27.04 -10.00
N HIS A 355 7.57 -27.85 -10.85
CA HIS A 355 7.64 -27.64 -12.28
C HIS A 355 6.41 -28.28 -12.92
N TRP A 356 5.98 -27.70 -14.03
CA TRP A 356 4.71 -28.07 -14.63
C TRP A 356 4.70 -29.44 -15.27
N THR A 357 5.85 -30.09 -15.42
CA THR A 357 5.88 -31.32 -16.17
C THR A 357 5.16 -32.43 -15.42
N ASP A 358 4.96 -33.53 -16.12
CA ASP A 358 4.16 -34.63 -15.63
C ASP A 358 5.03 -35.61 -14.87
N ILE A 359 4.40 -36.34 -13.95
CA ILE A 359 5.11 -37.35 -13.21
C ILE A 359 5.58 -38.43 -14.17
N THR A 360 6.63 -39.12 -13.79
CA THR A 360 7.09 -40.33 -14.46
C THR A 360 7.34 -41.46 -13.50
N ASP A 361 7.85 -41.16 -12.31
CA ASP A 361 8.32 -42.18 -11.38
C ASP A 361 8.48 -41.50 -10.03
N PHE A 362 8.67 -42.33 -9.00
CA PHE A 362 8.79 -41.86 -7.64
C PHE A 362 10.21 -42.06 -7.15
N VAL A 363 10.50 -41.48 -6.00
CA VAL A 363 11.83 -41.48 -5.41
C VAL A 363 11.69 -41.59 -3.91
N ILE A 364 12.65 -42.25 -3.28
CA ILE A 364 12.76 -42.30 -1.83
C ILE A 364 14.04 -41.59 -1.42
N ARG A 365 13.95 -40.84 -0.34
CA ARG A 365 15.12 -40.31 0.34
C ARG A 365 14.86 -40.35 1.84
N PRO A 366 15.90 -40.32 2.65
CA PRO A 366 15.67 -40.23 4.09
C PRO A 366 15.14 -38.86 4.46
N PHE A 367 15.74 -37.83 3.86
CA PHE A 367 15.39 -36.45 4.12
C PHE A 367 14.68 -35.87 2.91
N VAL A 368 13.63 -35.09 3.19
CA VAL A 368 12.79 -34.51 2.17
C VAL A 368 12.43 -33.11 2.59
N PHE A 369 12.32 -32.21 1.62
CA PHE A 369 12.07 -30.82 1.96
C PHE A 369 11.75 -30.02 0.71
N GLN A 370 10.92 -28.99 0.89
CA GLN A 370 10.49 -28.06 -0.13
C GLN A 370 9.78 -26.91 0.57
N ALA A 371 9.77 -25.76 -0.08
CA ALA A 371 9.14 -24.56 0.47
C ALA A 371 8.31 -23.77 -0.52
N ASN A 372 8.36 -24.06 -1.82
CA ASN A 372 7.79 -23.17 -2.80
C ASN A 372 6.27 -23.21 -2.79
N ARG A 373 5.71 -24.38 -3.04
CA ARG A 373 4.27 -24.59 -3.11
C ARG A 373 3.81 -25.64 -2.12
N HIS A 374 4.57 -25.84 -1.05
CA HIS A 374 4.31 -26.88 -0.08
C HIS A 374 3.38 -26.32 0.99
N PHE A 375 2.16 -26.84 1.03
CA PHE A 375 1.15 -26.40 1.98
C PHE A 375 0.88 -27.49 3.01
N ASP A 376 0.44 -27.05 4.17
CA ASP A 376 0.11 -27.92 5.28
C ASP A 376 -1.39 -27.86 5.56
N PHE A 377 -1.85 -28.77 6.40
CA PHE A 377 -3.28 -28.88 6.63
C PHE A 377 -3.84 -27.76 7.48
N ASN A 378 -3.01 -26.84 7.96
CA ASN A 378 -3.47 -25.57 8.51
C ASN A 378 -3.55 -24.49 7.45
N GLN A 379 -3.54 -24.87 6.17
CA GLN A 379 -3.63 -23.93 5.05
C GLN A 379 -2.47 -22.95 5.02
N GLU A 380 -1.36 -23.28 5.67
CA GLU A 380 -0.19 -22.41 5.77
C GLU A 380 0.90 -22.88 4.82
N THR A 381 1.96 -22.08 4.73
CA THR A 381 3.18 -22.48 4.06
C THR A 381 4.26 -21.46 4.38
N ALA A 382 5.50 -21.92 4.30
CA ALA A 382 6.66 -21.05 4.38
C ALA A 382 7.05 -20.47 3.03
N GLY A 383 6.19 -20.62 2.03
CA GLY A 383 6.53 -20.24 0.67
C GLY A 383 6.21 -18.80 0.35
N TRP A 384 6.54 -18.45 -0.88
CA TRP A 384 6.19 -17.18 -1.48
C TRP A 384 5.22 -17.31 -2.63
N SER A 385 4.94 -18.52 -3.08
CA SER A 385 4.27 -18.79 -4.33
C SER A 385 2.90 -19.38 -4.08
N THR A 386 2.23 -19.73 -5.17
CA THR A 386 0.88 -20.24 -5.17
C THR A 386 0.80 -21.48 -6.05
N PRO A 387 -0.19 -22.33 -5.83
CA PRO A 387 -0.29 -23.56 -6.62
C PRO A 387 -0.84 -23.30 -8.02
N ARG A 388 -0.02 -22.64 -8.82
CA ARG A 388 -0.28 -22.43 -10.23
C ARG A 388 1.01 -22.67 -10.99
N TYR A 389 0.93 -22.54 -12.30
CA TYR A 389 2.11 -22.30 -13.12
C TYR A 389 1.70 -21.28 -14.16
N ARG A 390 1.84 -20.01 -13.82
CA ARG A 390 1.51 -18.91 -14.72
C ARG A 390 2.75 -18.17 -15.16
N PRO A 391 2.66 -17.37 -16.22
CA PRO A 391 3.74 -16.45 -16.53
C PRO A 391 3.96 -15.45 -15.40
N ILE A 392 5.21 -15.22 -15.08
CA ILE A 392 5.59 -14.23 -14.09
C ILE A 392 5.74 -12.90 -14.80
N THR A 393 5.47 -11.82 -14.07
CA THR A 393 5.62 -10.46 -14.58
C THR A 393 6.43 -9.66 -13.58
N ILE A 394 7.46 -8.99 -14.07
CA ILE A 394 8.36 -8.19 -13.25
C ILE A 394 8.63 -6.89 -13.97
N THR A 395 9.55 -6.09 -13.40
CA THR A 395 9.86 -4.78 -13.95
C THR A 395 11.35 -4.54 -13.76
N ILE A 396 12.13 -4.88 -14.78
CA ILE A 396 13.52 -4.48 -14.83
C ILE A 396 13.63 -2.96 -14.82
N SER A 397 14.82 -2.48 -14.49
CA SER A 397 15.17 -1.08 -14.70
C SER A 397 16.68 -1.00 -14.66
N GLU A 398 17.30 -0.88 -15.84
CA GLU A 398 18.74 -1.01 -15.96
C GLU A 398 19.24 -0.12 -17.07
N LYS A 399 20.56 0.02 -17.13
CA LYS A 399 21.21 0.90 -18.07
C LYS A 399 22.59 0.34 -18.40
N ASN A 400 23.31 1.05 -19.26
CA ASN A 400 24.72 0.79 -19.54
C ASN A 400 24.98 -0.65 -19.97
N GLY A 401 24.04 -1.22 -20.71
CA GLY A 401 24.21 -2.58 -21.21
C GLY A 401 24.39 -3.58 -20.10
N ALA A 402 23.63 -3.44 -19.02
CA ALA A 402 23.89 -4.23 -17.81
C ALA A 402 23.64 -5.71 -18.05
N LYS A 403 22.49 -6.05 -18.62
CA LYS A 403 22.09 -7.44 -18.85
C LYS A 403 22.08 -8.28 -17.56
N LEU A 404 22.03 -7.64 -16.39
CA LEU A 404 22.11 -8.36 -15.13
C LEU A 404 21.19 -7.68 -14.12
N GLY A 405 19.99 -7.34 -14.56
CA GLY A 405 19.09 -6.55 -13.76
C GLY A 405 18.57 -7.26 -12.53
N ILE A 406 17.73 -6.54 -11.80
CA ILE A 406 17.07 -7.02 -10.60
C ILE A 406 15.58 -6.84 -10.79
N GLY A 407 14.83 -7.93 -10.68
CA GLY A 407 13.41 -7.90 -10.93
C GLY A 407 12.64 -7.57 -9.68
N VAL A 408 11.77 -6.58 -9.79
CA VAL A 408 10.82 -6.26 -8.73
C VAL A 408 9.49 -6.89 -9.08
N ALA A 409 8.58 -6.90 -8.11
CA ALA A 409 7.37 -7.66 -8.21
C ALA A 409 6.20 -6.82 -8.72
N THR A 410 5.26 -7.50 -9.35
CA THR A 410 3.97 -6.96 -9.74
C THR A 410 2.83 -7.63 -8.99
N ASP A 411 2.78 -8.96 -9.03
CA ASP A 411 1.85 -9.75 -8.26
C ASP A 411 2.62 -10.61 -7.28
N TYR A 412 2.00 -10.91 -6.16
CA TYR A 412 2.66 -11.67 -5.11
C TYR A 412 1.63 -12.04 -4.06
N ILE A 413 2.10 -12.75 -3.04
CA ILE A 413 1.38 -12.94 -1.79
C ILE A 413 2.26 -12.49 -0.63
N VAL A 414 3.57 -12.59 -0.82
CA VAL A 414 4.56 -12.03 0.11
C VAL A 414 5.15 -10.80 -0.58
N PRO A 415 5.33 -9.67 0.10
CA PRO A 415 5.84 -8.50 -0.60
C PRO A 415 7.25 -8.72 -1.11
N GLY A 416 7.56 -8.03 -2.20
CA GLY A 416 8.85 -8.15 -2.83
C GLY A 416 8.93 -9.34 -3.76
N ILE A 417 8.71 -10.53 -3.22
CA ILE A 417 8.91 -11.75 -3.99
C ILE A 417 7.77 -11.89 -4.98
N PRO A 418 8.01 -12.30 -6.23
CA PRO A 418 6.89 -12.58 -7.13
C PRO A 418 6.26 -13.92 -6.83
N ASP A 419 5.09 -14.11 -7.41
CA ASP A 419 4.39 -15.38 -7.30
C ASP A 419 4.82 -16.30 -8.43
N GLY A 420 4.92 -17.59 -8.12
CA GLY A 420 5.44 -18.55 -9.07
C GLY A 420 6.92 -18.49 -9.28
N TRP A 421 7.64 -17.71 -8.48
CA TRP A 421 9.08 -17.63 -8.61
C TRP A 421 9.72 -18.93 -8.15
N PRO A 422 10.84 -19.34 -8.75
CA PRO A 422 11.36 -20.69 -8.49
C PRO A 422 12.06 -20.78 -7.14
N ASP A 423 12.35 -22.02 -6.76
CA ASP A 423 13.09 -22.35 -5.55
C ASP A 423 14.38 -23.07 -5.96
N THR A 424 15.41 -22.30 -6.29
CA THR A 424 16.71 -22.88 -6.55
C THR A 424 17.75 -21.78 -6.63
N THR A 425 18.87 -21.99 -5.97
CA THR A 425 20.01 -21.11 -6.02
C THR A 425 21.03 -21.66 -7.00
N ILE A 426 21.87 -20.78 -7.53
CA ILE A 426 23.05 -21.17 -8.29
C ILE A 426 23.88 -22.16 -7.49
N PRO A 427 24.70 -22.98 -8.11
CA PRO A 427 25.66 -23.76 -7.34
C PRO A 427 26.69 -22.86 -6.69
N GLU A 428 27.32 -22.00 -7.50
CA GLU A 428 28.42 -21.18 -7.04
C GLU A 428 28.51 -19.91 -7.86
N LYS A 429 29.39 -19.02 -7.42
CA LYS A 429 29.63 -17.72 -8.02
C LYS A 429 29.99 -17.85 -9.49
N LEU A 430 29.75 -16.77 -10.25
CA LEU A 430 30.02 -16.75 -11.68
C LEU A 430 29.82 -15.34 -12.22
N THR A 431 30.06 -15.17 -13.53
CA THR A 431 30.08 -13.87 -14.18
C THR A 431 29.45 -14.00 -15.57
N PRO A 432 28.18 -13.60 -15.76
CA PRO A 432 27.54 -13.76 -17.07
C PRO A 432 27.95 -12.70 -18.07
N ALA A 433 28.71 -13.12 -19.10
CA ALA A 433 28.92 -12.31 -20.30
C ALA A 433 28.41 -13.00 -21.56
N GLY A 434 28.92 -14.18 -21.89
CA GLY A 434 28.65 -14.81 -23.16
C GLY A 434 27.54 -15.84 -23.14
N ASP A 435 27.84 -17.05 -23.59
CA ASP A 435 26.81 -18.02 -23.93
C ASP A 435 27.34 -19.42 -23.64
N TYR A 436 26.70 -20.43 -24.22
CA TYR A 436 26.84 -21.81 -23.76
C TYR A 436 28.23 -22.37 -24.02
N ALA A 437 28.52 -23.46 -23.32
CA ALA A 437 29.73 -24.24 -23.49
C ALA A 437 29.65 -25.54 -22.70
N ILE A 438 29.86 -26.66 -23.36
CA ILE A 438 29.82 -27.97 -22.74
C ILE A 438 30.96 -28.80 -23.31
N THR A 439 31.79 -29.37 -22.43
CA THR A 439 32.94 -30.13 -22.85
C THR A 439 32.95 -31.51 -22.21
N ASN A 440 33.51 -32.46 -22.97
CA ASN A 440 33.67 -33.85 -22.53
C ASN A 440 34.25 -33.93 -21.13
N LYS A 441 35.50 -33.50 -20.99
CA LYS A 441 36.23 -33.67 -19.76
C LYS A 441 37.12 -32.44 -19.59
N SER A 442 38.06 -32.54 -18.65
CA SER A 442 39.03 -31.47 -18.41
C SER A 442 40.26 -31.60 -19.29
N GLY A 443 40.14 -32.28 -20.44
CA GLY A 443 41.25 -32.36 -21.36
C GLY A 443 40.86 -32.40 -22.81
N ASN A 444 39.60 -32.12 -23.14
CA ASN A 444 39.08 -32.57 -24.42
C ASN A 444 37.86 -31.74 -24.81
N ASP A 445 37.07 -32.27 -25.74
CA ASP A 445 36.36 -31.53 -26.76
C ASP A 445 35.10 -30.87 -26.18
N ILE A 446 34.21 -30.42 -27.07
CA ILE A 446 33.11 -29.51 -26.78
C ILE A 446 31.78 -30.15 -27.16
N THR A 447 31.56 -31.39 -26.72
CA THR A 447 30.91 -32.48 -27.46
C THR A 447 30.02 -32.06 -28.62
N THR A 448 29.05 -31.17 -28.36
CA THR A 448 28.09 -30.67 -29.35
C THR A 448 27.57 -31.73 -30.32
N ALA A 449 27.28 -32.92 -29.81
CA ALA A 449 26.75 -34.01 -30.62
C ALA A 449 26.34 -35.15 -29.70
N ALA A 450 25.77 -36.19 -30.31
CA ALA A 450 25.37 -37.38 -29.56
C ALA A 450 26.54 -38.13 -28.97
N GLY A 451 27.75 -37.89 -29.46
CA GLY A 451 28.93 -38.44 -28.84
C GLY A 451 29.32 -37.66 -27.60
N TYR A 452 28.41 -37.67 -26.62
CA TYR A 452 28.63 -36.96 -25.37
C TYR A 452 28.48 -37.87 -24.15
N ASP A 453 27.63 -38.90 -24.24
CA ASP A 453 27.51 -39.83 -23.14
C ASP A 453 28.84 -40.49 -22.78
N GLY A 454 29.76 -40.57 -23.74
CA GLY A 454 31.06 -41.16 -23.48
C GLY A 454 31.88 -40.43 -22.43
N ALA A 455 31.53 -39.17 -22.15
CA ALA A 455 32.26 -38.42 -21.13
C ALA A 455 32.12 -39.05 -19.76
N ASP A 456 30.89 -39.07 -19.24
CA ASP A 456 30.50 -39.48 -17.89
C ASP A 456 30.81 -38.38 -16.86
N VAL A 457 31.56 -37.33 -17.21
CA VAL A 457 31.91 -36.24 -16.29
C VAL A 457 31.63 -34.91 -16.99
N ILE A 458 30.56 -34.85 -17.78
CA ILE A 458 30.12 -33.62 -18.44
C ILE A 458 30.14 -32.48 -17.43
N VAL A 459 30.87 -31.42 -17.76
CA VAL A 459 31.40 -30.50 -16.77
C VAL A 459 30.88 -29.08 -16.94
N ASN A 460 30.39 -28.72 -18.13
CA ASN A 460 29.50 -27.57 -18.27
C ASN A 460 30.23 -26.25 -18.06
N ASN A 461 31.47 -26.16 -18.55
CA ASN A 461 32.30 -24.97 -18.32
C ASN A 461 31.72 -23.81 -19.13
N THR A 462 30.72 -23.17 -18.54
CA THR A 462 29.90 -22.18 -19.19
C THR A 462 30.21 -20.77 -18.69
N ASN A 463 29.65 -19.81 -19.42
CA ASN A 463 29.44 -18.47 -18.90
C ASN A 463 28.75 -18.51 -17.55
N PHE A 464 27.70 -19.31 -17.46
CA PHE A 464 26.86 -19.38 -16.27
C PHE A 464 26.25 -20.76 -16.17
N LYS A 465 25.60 -21.01 -15.04
CA LYS A 465 25.14 -22.35 -14.69
C LYS A 465 23.90 -22.24 -13.82
N GLY A 466 23.20 -23.36 -13.69
CA GLY A 466 22.22 -23.56 -12.65
C GLY A 466 20.91 -22.82 -12.82
N MET A 467 20.87 -21.78 -13.64
CA MET A 467 19.68 -20.96 -13.76
C MET A 467 18.50 -21.76 -14.29
N TYR A 468 17.33 -21.19 -14.14
CA TYR A 468 16.12 -21.68 -14.77
C TYR A 468 15.79 -20.75 -15.93
N ILE A 469 15.43 -21.34 -17.02
CA ILE A 469 15.12 -20.58 -18.22
C ILE A 469 13.67 -20.16 -18.17
N CYS A 470 13.40 -18.98 -18.72
CA CYS A 470 12.03 -18.53 -18.88
C CYS A 470 11.89 -17.81 -20.21
N GLY A 471 10.74 -17.99 -20.85
CA GLY A 471 10.36 -17.14 -21.95
C GLY A 471 10.24 -15.70 -21.52
N SER A 472 10.09 -14.81 -22.49
CA SER A 472 10.13 -13.40 -22.16
C SER A 472 9.34 -12.59 -23.18
N LEU A 473 9.07 -11.35 -22.78
CA LEU A 473 8.33 -10.40 -23.59
C LEU A 473 8.75 -9.01 -23.13
N GLN A 474 9.70 -8.43 -23.85
CA GLN A 474 10.41 -7.25 -23.41
C GLN A 474 9.71 -6.02 -23.97
N ARG A 475 8.97 -5.32 -23.11
CA ARG A 475 8.05 -4.25 -23.49
C ARG A 475 8.51 -2.96 -22.85
N ALA A 476 9.10 -2.07 -23.65
CA ALA A 476 9.95 -1.01 -23.11
C ALA A 476 9.81 0.36 -23.75
N TRP A 477 8.92 0.56 -24.72
CA TRP A 477 8.76 1.86 -25.38
C TRP A 477 10.07 2.32 -26.03
N GLY A 478 10.44 1.64 -27.11
CA GLY A 478 11.62 2.00 -27.86
C GLY A 478 12.65 0.88 -27.98
N ASP A 479 12.15 -0.35 -28.00
CA ASP A 479 12.96 -1.55 -28.15
C ASP A 479 12.41 -2.38 -29.31
N LYS A 480 12.38 -1.74 -30.47
CA LYS A 480 11.81 -2.33 -31.68
C LYS A 480 12.66 -3.50 -32.13
N LYS A 481 12.66 -4.57 -31.34
CA LYS A 481 13.45 -5.75 -31.65
C LYS A 481 12.76 -6.95 -31.08
N ILE A 482 13.03 -8.10 -31.70
CA ILE A 482 12.55 -9.37 -31.19
C ILE A 482 13.11 -9.57 -29.79
N SER A 483 12.21 -9.69 -28.82
CA SER A 483 12.63 -9.88 -27.45
C SER A 483 13.36 -11.21 -27.27
N ASN A 484 14.01 -11.37 -26.13
CA ASN A 484 15.03 -12.40 -25.98
C ASN A 484 14.94 -13.02 -24.60
N THR A 485 15.55 -14.19 -24.46
CA THR A 485 15.25 -15.15 -23.41
C THR A 485 15.90 -14.74 -22.08
N ALA A 486 15.39 -15.32 -20.99
CA ALA A 486 15.48 -14.76 -19.64
C ALA A 486 16.72 -15.17 -18.86
N PHE A 487 16.86 -16.48 -18.56
CA PHE A 487 17.98 -16.99 -17.78
C PHE A 487 18.04 -16.35 -16.38
N ILE A 488 17.07 -16.72 -15.56
CA ILE A 488 16.90 -16.15 -14.24
C ILE A 488 17.34 -17.13 -13.17
N THR A 489 17.48 -16.63 -11.95
CA THR A 489 17.44 -17.40 -10.73
C THR A 489 17.37 -16.40 -9.58
N THR A 490 17.56 -16.89 -8.36
CA THR A 490 17.72 -16.05 -7.20
C THR A 490 19.20 -16.03 -6.81
N ALA A 491 19.70 -14.85 -6.46
CA ALA A 491 21.11 -14.66 -6.18
C ALA A 491 21.33 -13.21 -5.80
N THR A 492 22.45 -12.97 -5.11
CA THR A 492 22.86 -11.63 -4.74
C THR A 492 23.62 -11.02 -5.89
N LYS A 493 23.35 -9.75 -6.17
CA LYS A 493 24.10 -9.01 -7.19
C LYS A 493 25.06 -8.11 -6.44
N VAL A 494 26.24 -8.64 -6.14
CA VAL A 494 27.33 -7.82 -5.65
C VAL A 494 27.70 -6.77 -6.68
N ASP A 495 27.97 -7.22 -7.91
CA ASP A 495 28.56 -6.41 -8.95
C ASP A 495 28.01 -6.95 -10.26
N ASN A 496 28.72 -6.73 -11.36
CA ASN A 496 28.40 -7.43 -12.61
C ASN A 496 28.41 -8.95 -12.46
N ALA A 497 29.03 -9.46 -11.40
CA ALA A 497 28.90 -10.86 -11.00
C ALA A 497 27.79 -11.00 -9.98
N ILE A 498 27.43 -12.26 -9.70
CA ILE A 498 26.46 -12.57 -8.66
C ILE A 498 27.07 -13.57 -7.69
N GLU A 499 26.33 -13.91 -6.64
CA GLU A 499 26.78 -14.90 -5.67
C GLU A 499 25.54 -15.60 -5.13
N PRO A 500 25.72 -16.78 -4.51
CA PRO A 500 24.54 -17.58 -4.16
C PRO A 500 23.69 -16.94 -3.09
N SER A 501 22.39 -17.12 -3.24
CA SER A 501 21.39 -16.71 -2.27
C SER A 501 20.74 -17.97 -1.72
N ASN A 502 21.26 -18.43 -0.59
CA ASN A 502 20.60 -19.49 0.15
C ASN A 502 19.20 -19.06 0.60
N VAL A 503 18.98 -17.75 0.72
CA VAL A 503 17.76 -17.18 1.27
C VAL A 503 17.26 -16.14 0.30
N ILE A 504 15.95 -15.94 0.29
CA ILE A 504 15.29 -15.08 -0.69
C ILE A 504 14.94 -13.74 -0.05
N ASP A 505 14.86 -12.72 -0.89
CA ASP A 505 14.53 -11.37 -0.50
C ASP A 505 14.39 -10.57 -1.78
N MET A 506 13.75 -9.40 -1.68
CA MET A 506 13.48 -8.57 -2.84
C MET A 506 14.76 -8.02 -3.50
N THR A 507 15.92 -8.18 -2.87
CA THR A 507 17.19 -7.80 -3.45
C THR A 507 17.90 -8.94 -4.15
N LYS A 508 17.40 -10.17 -4.02
CA LYS A 508 18.14 -11.36 -4.41
C LYS A 508 17.49 -12.01 -5.61
N ILE A 509 17.10 -11.19 -6.58
CA ILE A 509 16.39 -11.63 -7.77
C ILE A 509 17.29 -11.37 -8.97
N ALA A 510 17.46 -12.40 -9.79
CA ALA A 510 18.50 -12.41 -10.80
C ALA A 510 17.92 -12.59 -12.19
N VAL A 511 18.52 -11.89 -13.15
CA VAL A 511 18.18 -12.00 -14.56
C VAL A 511 19.46 -11.95 -15.37
N TYR A 512 19.45 -12.61 -16.52
CA TYR A 512 20.46 -12.37 -17.55
C TYR A 512 19.78 -12.40 -18.92
N GLN A 513 19.28 -11.24 -19.35
CA GLN A 513 18.74 -11.06 -20.68
C GLN A 513 19.67 -10.26 -21.56
N ASP A 514 19.45 -10.39 -22.86
CA ASP A 514 19.97 -9.45 -23.85
C ASP A 514 18.99 -8.31 -24.03
N THR A 515 18.61 -7.69 -22.93
CA THR A 515 17.67 -6.58 -22.99
C THR A 515 18.30 -5.44 -23.77
N HIS A 516 17.64 -5.05 -24.83
CA HIS A 516 18.21 -4.13 -25.80
C HIS A 516 18.23 -2.74 -25.19
N VAL A 517 19.40 -2.36 -24.67
CA VAL A 517 19.57 -1.13 -23.91
C VAL A 517 20.87 -0.46 -24.35
N GLY A 518 21.19 0.64 -23.68
CA GLY A 518 22.42 1.37 -23.93
C GLY A 518 22.87 2.12 -22.70
N LYS A 519 23.39 3.33 -22.88
CA LYS A 519 23.72 4.16 -21.73
C LYS A 519 22.46 4.48 -20.94
N GLU A 520 21.35 4.66 -21.63
CA GLU A 520 20.16 5.21 -21.02
C GLU A 520 19.39 4.13 -20.30
N VAL A 521 18.71 4.53 -19.22
CA VAL A 521 17.78 3.63 -18.54
C VAL A 521 16.71 3.18 -19.52
N GLN A 522 16.42 1.88 -19.52
CA GLN A 522 15.43 1.29 -20.39
C GLN A 522 14.56 0.40 -19.52
N THR A 523 13.55 1.00 -18.92
CA THR A 523 12.64 0.27 -18.05
C THR A 523 11.69 -0.57 -18.89
N SER A 524 11.27 -1.71 -18.36
CA SER A 524 10.33 -2.54 -19.11
C SER A 524 9.64 -3.51 -18.17
N ASP A 525 8.41 -3.84 -18.53
CA ASP A 525 7.77 -5.06 -18.04
C ASP A 525 8.20 -6.20 -18.95
N ASP A 526 8.28 -7.40 -18.39
CA ASP A 526 9.01 -8.49 -19.00
C ASP A 526 8.14 -9.71 -19.25
N THR A 527 7.26 -10.04 -18.30
CA THR A 527 6.25 -11.08 -18.46
C THR A 527 6.91 -12.43 -18.78
N LEU A 528 7.63 -12.92 -17.78
CA LEU A 528 8.37 -14.17 -17.92
C LEU A 528 7.44 -15.37 -17.84
N SER A 529 7.99 -16.52 -18.22
CA SER A 529 7.30 -17.79 -18.06
C SER A 529 8.32 -18.92 -18.22
N LEU A 530 8.26 -19.89 -17.33
CA LEU A 530 9.36 -20.81 -17.12
C LEU A 530 9.24 -22.05 -18.00
N LEU A 531 10.38 -22.49 -18.53
CA LEU A 531 10.44 -23.58 -19.49
C LEU A 531 11.32 -24.74 -19.05
N GLY A 532 12.55 -24.46 -18.65
CA GLY A 532 13.57 -25.49 -18.52
C GLY A 532 14.61 -25.16 -17.52
N TYR A 533 15.87 -25.41 -17.87
CA TYR A 533 16.97 -25.41 -16.93
C TYR A 533 18.26 -25.36 -17.72
N THR A 534 19.32 -24.98 -17.03
CA THR A 534 20.62 -24.73 -17.63
C THR A 534 21.75 -25.51 -16.97
N GLY A 535 21.60 -25.94 -15.73
CA GLY A 535 22.68 -26.60 -15.03
C GLY A 535 22.94 -28.01 -15.52
N ILE A 536 23.49 -28.10 -16.73
CA ILE A 536 23.79 -29.39 -17.31
C ILE A 536 24.79 -30.15 -16.44
N GLY A 537 24.64 -31.47 -16.42
CA GLY A 537 25.53 -32.33 -15.66
C GLY A 537 25.20 -32.46 -14.20
N GLU A 538 24.36 -31.58 -13.67
CA GLU A 538 24.04 -31.63 -12.26
C GLU A 538 23.06 -32.76 -11.99
N GLN A 539 22.85 -33.03 -10.70
CA GLN A 539 21.93 -34.05 -10.28
C GLN A 539 20.52 -33.49 -10.22
N ALA A 540 19.56 -34.36 -9.93
CA ALA A 540 18.18 -33.96 -9.91
C ALA A 540 17.95 -32.93 -8.81
N ILE A 541 17.24 -31.88 -9.16
CA ILE A 541 17.12 -30.72 -8.29
C ILE A 541 16.34 -31.11 -7.05
N GLY A 542 16.65 -30.45 -5.93
CA GLY A 542 16.07 -30.72 -4.64
C GLY A 542 17.02 -31.41 -3.69
N SER A 543 17.89 -32.27 -4.21
CA SER A 543 18.88 -32.92 -3.36
C SER A 543 19.79 -31.88 -2.72
N ASP A 544 20.17 -30.86 -3.46
CA ASP A 544 21.15 -29.88 -3.01
C ASP A 544 20.46 -28.92 -2.06
N ARG A 545 20.45 -29.27 -0.78
CA ARG A 545 19.73 -28.48 0.22
C ARG A 545 20.19 -27.04 0.25
N ASP A 546 21.50 -26.82 0.25
CA ASP A 546 22.01 -25.46 0.33
C ASP A 546 21.63 -24.66 -0.91
N ARG A 547 21.41 -25.32 -2.04
CA ARG A 547 20.93 -24.62 -3.23
C ARG A 547 19.45 -24.29 -3.12
N VAL A 548 18.71 -25.06 -2.32
CA VAL A 548 17.27 -24.84 -2.20
C VAL A 548 17.02 -23.54 -1.46
N VAL A 549 15.93 -22.89 -1.80
CA VAL A 549 15.58 -21.59 -1.28
C VAL A 549 14.66 -21.75 -0.09
N ARG A 550 14.90 -20.94 0.94
CA ARG A 550 13.98 -20.82 2.06
C ARG A 550 14.03 -19.39 2.57
N ILE A 551 12.86 -18.84 2.84
CA ILE A 551 12.76 -17.48 3.36
C ILE A 551 13.42 -17.45 4.74
N SER A 552 12.84 -18.16 5.65
CA SER A 552 13.36 -18.37 6.99
C SER A 552 13.31 -19.83 7.39
N VAL A 553 12.29 -20.55 6.98
CA VAL A 553 11.99 -21.89 7.46
C VAL A 553 11.96 -22.86 6.29
N LEU A 554 12.40 -24.08 6.57
CA LEU A 554 12.45 -25.15 5.59
C LEU A 554 11.78 -26.38 6.17
N PRO A 555 10.54 -26.68 5.79
CA PRO A 555 9.90 -27.90 6.28
C PRO A 555 10.68 -29.12 5.86
N GLU A 556 10.93 -30.01 6.82
CA GLU A 556 11.80 -31.15 6.61
C GLU A 556 11.32 -32.31 7.45
N THR A 557 11.59 -33.52 6.98
CA THR A 557 11.22 -34.74 7.67
C THR A 557 12.32 -35.76 7.50
N GLY A 558 12.26 -36.79 8.34
CA GLY A 558 13.12 -37.94 8.23
C GLY A 558 12.29 -39.17 8.00
N ALA A 559 12.83 -40.35 8.27
CA ALA A 559 11.99 -41.52 8.32
C ALA A 559 11.01 -41.38 9.47
N ARG A 560 10.00 -42.24 9.47
CA ARG A 560 8.88 -42.05 10.38
C ARG A 560 8.15 -43.37 10.54
N GLY A 561 8.26 -43.98 11.71
CA GLY A 561 7.60 -45.25 11.96
C GLY A 561 8.06 -46.37 11.06
N GLY A 562 9.31 -46.34 10.65
CA GLY A 562 9.81 -47.33 9.72
C GLY A 562 9.40 -47.12 8.28
N ASN A 563 8.65 -46.06 7.99
CA ASN A 563 8.33 -45.70 6.62
C ASN A 563 9.54 -44.99 6.02
N HIS A 564 9.35 -44.37 4.86
CA HIS A 564 10.32 -43.47 4.30
C HIS A 564 9.54 -42.33 3.68
N PRO A 565 10.03 -41.10 3.75
CA PRO A 565 9.43 -40.04 2.93
C PRO A 565 9.82 -40.19 1.48
N ILE A 566 9.36 -39.29 0.62
CA ILE A 566 9.60 -39.37 -0.81
C ILE A 566 9.58 -38.00 -1.43
N PHE A 567 10.08 -37.94 -2.65
CA PHE A 567 9.77 -36.92 -3.63
C PHE A 567 8.96 -37.55 -4.74
N TYR A 568 8.50 -36.71 -5.66
CA TYR A 568 7.82 -37.13 -6.87
C TYR A 568 8.65 -36.65 -8.04
N LYS A 569 9.01 -37.55 -8.94
CA LYS A 569 9.94 -37.23 -10.00
C LYS A 569 9.19 -36.93 -11.27
N ASN A 570 9.32 -35.70 -11.74
CA ASN A 570 9.00 -35.31 -13.08
C ASN A 570 10.31 -35.00 -13.79
N SER A 571 10.20 -34.47 -15.00
CA SER A 571 11.35 -34.13 -15.81
C SER A 571 11.39 -32.62 -16.02
N ILE A 572 12.52 -32.16 -16.52
CA ILE A 572 12.66 -30.78 -16.94
C ILE A 572 13.72 -30.75 -18.03
N LYS A 573 13.67 -29.71 -18.84
CA LYS A 573 14.39 -29.66 -20.10
C LYS A 573 15.58 -28.73 -20.00
N LEU A 574 16.61 -29.04 -20.77
CA LEU A 574 17.88 -28.35 -20.71
C LEU A 574 17.92 -27.26 -21.77
N GLY A 575 19.03 -26.52 -21.79
CA GLY A 575 19.17 -25.40 -22.70
C GLY A 575 19.77 -25.74 -24.03
N TYR A 576 20.92 -26.40 -24.02
CA TYR A 576 21.70 -26.59 -25.24
C TYR A 576 21.35 -27.90 -25.93
N VAL A 577 21.58 -29.02 -25.25
CA VAL A 577 21.26 -30.33 -25.79
C VAL A 577 19.76 -30.52 -25.71
N ILE A 578 19.27 -31.54 -26.39
CA ILE A 578 17.85 -31.83 -26.46
C ILE A 578 17.33 -32.46 -25.17
N ARG A 579 18.23 -32.95 -24.33
CA ARG A 579 17.91 -33.90 -23.27
C ARG A 579 17.15 -33.22 -22.13
N SER A 580 16.93 -33.99 -21.07
CA SER A 580 16.08 -33.59 -19.96
C SER A 580 16.64 -34.18 -18.68
N ILE A 581 16.82 -33.33 -17.68
CA ILE A 581 17.31 -33.74 -16.38
C ILE A 581 16.12 -33.96 -15.47
N ASP A 582 16.33 -34.77 -14.44
CA ASP A 582 15.26 -35.10 -13.51
C ASP A 582 15.08 -33.99 -12.49
N VAL A 583 13.87 -33.92 -11.95
CA VAL A 583 13.49 -32.95 -10.93
C VAL A 583 12.67 -33.65 -9.89
N PHE A 584 12.88 -33.29 -8.63
CA PHE A 584 12.11 -33.78 -7.52
C PHE A 584 10.97 -32.83 -7.16
N ASN A 585 10.00 -33.36 -6.43
CA ASN A 585 8.80 -32.65 -6.04
C ASN A 585 8.27 -33.25 -4.76
N SER A 586 7.80 -32.41 -3.85
CA SER A 586 7.23 -32.89 -2.60
C SER A 586 5.75 -33.24 -2.70
N GLN A 587 5.03 -32.67 -3.65
CA GLN A 587 3.60 -32.86 -3.75
C GLN A 587 3.16 -32.79 -5.19
N ILE A 588 2.06 -33.48 -5.49
CA ILE A 588 1.33 -33.21 -6.70
C ILE A 588 0.67 -31.85 -6.56
N LEU A 589 0.43 -31.18 -7.68
CA LEU A 589 -0.12 -29.83 -7.59
C LEU A 589 -1.55 -29.87 -7.05
N HIS A 590 -2.38 -30.80 -7.53
CA HIS A 590 -3.75 -30.88 -7.03
C HIS A 590 -3.77 -31.18 -5.54
N THR A 591 -2.75 -31.85 -5.02
CA THR A 591 -2.61 -32.00 -3.58
C THR A 591 -2.37 -30.66 -2.91
N SER A 592 -1.83 -29.69 -3.62
CA SER A 592 -1.49 -28.40 -3.05
C SER A 592 -2.56 -27.34 -3.24
N ARG A 593 -3.32 -27.39 -4.34
CA ARG A 593 -4.41 -26.45 -4.50
C ARG A 593 -5.45 -26.65 -3.41
N GLN A 594 -5.77 -27.91 -3.12
CA GLN A 594 -6.85 -28.19 -2.19
C GLN A 594 -6.48 -27.75 -0.79
N LEU A 595 -5.20 -27.78 -0.44
CA LEU A 595 -4.79 -27.47 0.92
C LEU A 595 -4.63 -25.99 1.16
N SER A 596 -4.26 -25.24 0.13
CA SER A 596 -4.34 -23.79 0.23
C SER A 596 -5.77 -23.36 0.48
N LEU A 597 -6.72 -24.07 -0.12
CA LEU A 597 -8.11 -23.68 -0.08
C LEU A 597 -8.83 -24.28 1.12
N ASN A 598 -8.89 -25.59 1.17
CA ASN A 598 -9.89 -26.29 1.97
C ASN A 598 -9.31 -26.73 3.29
N HIS A 599 -10.21 -26.89 4.26
CA HIS A 599 -9.86 -27.16 5.65
C HIS A 599 -10.06 -28.64 5.92
N TYR A 600 -9.04 -29.43 5.60
CA TYR A 600 -9.07 -30.84 5.84
C TYR A 600 -8.72 -31.17 7.29
N LEU A 601 -8.89 -32.42 7.64
CA LEU A 601 -8.68 -32.92 8.99
C LEU A 601 -7.61 -34.00 8.97
N LEU A 602 -6.65 -33.89 9.87
CA LEU A 602 -5.78 -35.01 10.17
C LEU A 602 -5.02 -34.73 11.48
N PRO A 603 -5.04 -35.61 12.47
CA PRO A 603 -4.18 -35.42 13.61
C PRO A 603 -2.73 -35.64 13.24
N PRO A 604 -1.78 -35.06 13.97
CA PRO A 604 -0.38 -35.11 13.54
C PRO A 604 0.20 -36.50 13.50
N ASP A 605 -0.30 -37.41 14.34
CA ASP A 605 0.24 -38.76 14.43
C ASP A 605 -0.38 -39.70 13.41
N SER A 606 -0.95 -39.17 12.34
CA SER A 606 -1.73 -39.95 11.39
C SER A 606 -1.36 -39.55 9.98
N PHE A 607 -1.73 -40.42 9.06
CA PHE A 607 -1.55 -40.20 7.63
C PHE A 607 -2.91 -40.27 6.94
N ALA A 608 -2.90 -39.90 5.67
CA ALA A 608 -3.99 -40.16 4.74
C ALA A 608 -3.51 -41.22 3.77
N VAL A 609 -4.08 -42.41 3.88
CA VAL A 609 -3.60 -43.57 3.14
C VAL A 609 -4.27 -43.61 1.79
N TYR A 610 -3.49 -43.38 0.74
CA TYR A 610 -3.93 -43.52 -0.64
C TYR A 610 -3.19 -44.68 -1.27
N ARG A 611 -3.94 -45.54 -1.95
CA ARG A 611 -3.40 -46.75 -2.55
C ARG A 611 -3.11 -46.48 -4.02
N ILE A 612 -1.90 -46.80 -4.44
CA ILE A 612 -1.43 -46.54 -5.80
C ILE A 612 -1.30 -47.85 -6.54
N ILE A 613 -1.90 -47.91 -7.72
CA ILE A 613 -1.99 -49.13 -8.52
C ILE A 613 -1.49 -48.81 -9.91
N ASP A 614 -0.66 -49.70 -10.47
CA ASP A 614 -0.21 -49.56 -11.85
C ASP A 614 -1.19 -50.26 -12.77
N SER A 615 -0.81 -50.40 -14.04
CA SER A 615 -1.66 -51.13 -14.97
C SER A 615 -1.68 -52.63 -14.65
N ASN A 616 -0.65 -53.11 -13.98
CA ASN A 616 -0.67 -54.45 -13.41
C ASN A 616 -1.45 -54.40 -12.09
N GLY A 617 -1.42 -55.49 -11.35
CA GLY A 617 -1.93 -55.49 -9.99
C GLY A 617 -0.85 -55.25 -8.96
N SER A 618 0.28 -54.67 -9.38
CA SER A 618 1.33 -54.27 -8.46
C SER A 618 0.95 -52.93 -7.85
N TRP A 619 0.90 -52.86 -6.53
CA TRP A 619 0.41 -51.67 -5.87
C TRP A 619 1.06 -51.51 -4.51
N PHE A 620 0.80 -50.35 -3.94
CA PHE A 620 1.28 -49.99 -2.61
C PHE A 620 0.43 -48.85 -2.11
N ASP A 621 0.87 -48.23 -1.02
CA ASP A 621 0.09 -47.22 -0.33
C ASP A 621 0.98 -46.04 0.00
N ILE A 622 0.40 -44.84 -0.12
CA ILE A 622 1.04 -43.61 0.29
C ILE A 622 0.30 -43.05 1.48
N GLY A 623 1.05 -42.71 2.52
CA GLY A 623 0.56 -41.89 3.61
C GLY A 623 1.00 -40.45 3.40
N ILE A 624 0.26 -39.53 4.00
CA ILE A 624 0.55 -38.11 3.92
C ILE A 624 0.35 -37.51 5.30
N ASP A 625 1.39 -36.89 5.84
CA ASP A 625 1.31 -36.30 7.16
C ASP A 625 0.58 -34.96 7.09
N SER A 626 0.56 -34.25 8.21
CA SER A 626 -0.09 -32.93 8.24
C SER A 626 0.69 -31.93 7.38
N ASP A 627 2.01 -31.99 7.42
CA ASP A 627 2.83 -31.03 6.68
C ASP A 627 2.69 -31.08 5.18
N GLY A 628 2.17 -32.19 4.67
CA GLY A 628 2.03 -32.38 3.24
C GLY A 628 3.04 -33.34 2.66
N PHE A 629 4.12 -33.64 3.38
CA PHE A 629 5.11 -34.56 2.89
C PHE A 629 4.55 -35.97 2.84
N SER A 630 4.79 -36.63 1.72
CA SER A 630 4.32 -37.99 1.52
C SER A 630 5.24 -38.97 2.21
N PHE A 631 4.74 -40.17 2.44
CA PHE A 631 5.51 -41.23 3.05
C PHE A 631 5.14 -42.56 2.42
N VAL A 632 6.06 -43.52 2.53
CA VAL A 632 5.91 -44.84 1.93
C VAL A 632 6.53 -45.87 2.86
N GLY A 633 5.94 -47.07 2.86
CA GLY A 633 6.33 -48.12 3.77
C GLY A 633 7.32 -49.13 3.23
N VAL A 634 8.14 -48.75 2.25
CA VAL A 634 9.19 -49.59 1.72
C VAL A 634 10.44 -48.74 1.49
N SER A 635 11.46 -49.36 0.89
CA SER A 635 12.70 -48.69 0.55
C SER A 635 13.00 -48.74 -0.94
N SER A 636 12.05 -49.17 -1.76
CA SER A 636 12.27 -49.19 -3.20
C SER A 636 10.94 -49.36 -3.91
N ILE A 637 10.94 -49.05 -5.20
CA ILE A 637 9.80 -49.28 -6.06
C ILE A 637 10.19 -50.06 -7.29
N GLY A 638 11.32 -49.72 -7.91
CA GLY A 638 11.66 -50.22 -9.21
C GLY A 638 10.97 -49.41 -10.27
N LYS A 639 10.39 -50.09 -11.25
CA LYS A 639 9.64 -49.46 -12.33
C LYS A 639 8.30 -50.15 -12.42
N LEU A 640 7.28 -49.48 -12.95
CA LEU A 640 5.95 -50.08 -13.05
C LEU A 640 5.11 -49.46 -14.15
N GLU A 641 4.07 -50.18 -14.57
CA GLU A 641 3.15 -49.70 -15.60
C GLU A 641 2.60 -48.38 -15.10
N PHE A 642 3.13 -47.31 -15.66
CA PHE A 642 2.80 -45.96 -15.23
C PHE A 642 1.34 -45.54 -15.38
N PRO A 643 0.57 -46.10 -16.32
CA PRO A 643 -0.81 -45.61 -16.27
C PRO A 643 -1.41 -45.98 -14.93
N LEU A 644 -1.07 -45.23 -13.87
CA LEU A 644 -1.52 -45.56 -12.51
C LEU A 644 -2.72 -44.75 -12.02
N THR A 645 -3.38 -45.26 -10.97
CA THR A 645 -4.55 -44.62 -10.38
C THR A 645 -4.36 -44.29 -8.90
N ALA A 646 -5.47 -44.15 -8.17
CA ALA A 646 -5.42 -43.83 -6.76
C ALA A 646 -6.77 -44.10 -6.14
N SER A 647 -6.79 -44.12 -4.82
CA SER A 647 -8.03 -44.26 -4.07
C SER A 647 -7.72 -44.04 -2.60
N TYR A 648 -8.63 -43.35 -1.91
CA TYR A 648 -8.49 -43.14 -0.49
C TYR A 648 -8.87 -44.39 0.26
N MET A 649 -8.20 -44.64 1.38
CA MET A 649 -8.37 -45.88 2.12
C MET A 649 -8.47 -45.70 3.62
N GLY A 650 -8.18 -44.52 4.17
CA GLY A 650 -8.48 -44.25 5.55
C GLY A 650 -7.38 -43.44 6.20
N ILE A 651 -7.20 -43.71 7.49
CA ILE A 651 -6.36 -42.92 8.37
C ILE A 651 -5.51 -43.90 9.16
N GLN A 652 -4.28 -44.12 8.73
CA GLN A 652 -3.33 -44.92 9.49
C GLN A 652 -2.36 -44.03 10.24
N LEU A 653 -1.88 -44.55 11.36
CA LEU A 653 -0.93 -43.87 12.22
C LEU A 653 0.38 -43.65 11.47
N ALA A 654 1.26 -42.88 12.11
CA ALA A 654 2.57 -42.65 11.54
C ALA A 654 3.54 -43.77 11.91
N LYS A 655 3.37 -44.34 13.11
CA LYS A 655 4.22 -45.43 13.56
C LYS A 655 4.19 -46.61 12.61
N ILE A 656 3.08 -46.81 11.96
CA ILE A 656 2.77 -48.07 11.33
C ILE A 656 3.38 -48.12 9.93
N ARG A 657 3.73 -49.31 9.50
CA ARG A 657 4.22 -49.49 8.13
C ARG A 657 3.04 -49.62 7.19
N LEU A 658 3.25 -49.14 5.97
CA LEU A 658 2.22 -49.13 4.95
C LEU A 658 2.26 -50.45 4.17
N ALA A 659 1.39 -50.57 3.18
CA ALA A 659 1.32 -51.77 2.36
C ALA A 659 2.32 -51.72 1.21
N SER A 660 2.60 -52.88 0.65
CA SER A 660 3.45 -52.99 -0.51
C SER A 660 3.23 -54.34 -1.17
N ASN A 661 2.50 -54.34 -2.28
CA ASN A 661 2.20 -55.55 -3.03
C ASN A 661 2.82 -55.37 -4.40
N ILE A 662 4.07 -55.77 -4.54
CA ILE A 662 4.85 -55.50 -5.73
C ILE A 662 5.79 -56.66 -6.02
N ARG A 663 5.65 -57.25 -7.21
CA ARG A 663 6.51 -58.31 -7.69
C ARG A 663 6.63 -59.48 -6.70
N PRO B 134 -27.10 -69.05 5.11
CA PRO B 134 -25.97 -69.21 6.02
C PRO B 134 -24.65 -68.74 5.42
N GLU B 135 -24.33 -67.47 5.67
CA GLU B 135 -23.13 -66.87 5.09
C GLU B 135 -21.89 -67.54 5.65
N GLN B 136 -20.82 -67.50 4.85
CA GLN B 136 -19.60 -68.20 5.22
C GLN B 136 -18.90 -67.51 6.39
N GLY B 137 -18.53 -68.30 7.38
CA GLY B 137 -17.78 -67.77 8.50
C GLY B 137 -17.85 -68.69 9.70
N THR B 138 -17.10 -68.29 10.72
CA THR B 138 -16.95 -69.06 11.95
C THR B 138 -16.87 -68.08 13.11
N PRO B 139 -18.01 -67.53 13.54
CA PRO B 139 -17.96 -66.44 14.50
C PRO B 139 -17.36 -66.87 15.82
N VAL B 140 -16.84 -65.88 16.55
CA VAL B 140 -16.08 -66.13 17.77
C VAL B 140 -16.51 -65.12 18.83
N GLY B 141 -16.71 -65.60 20.05
CA GLY B 141 -16.96 -64.74 21.19
C GLY B 141 -15.68 -64.42 21.94
N GLY B 142 -14.55 -64.39 21.22
CA GLY B 142 -13.29 -64.07 21.86
C GLY B 142 -13.28 -62.69 22.48
N VAL B 143 -13.93 -61.73 21.83
CA VAL B 143 -14.04 -60.38 22.35
C VAL B 143 -14.93 -60.40 23.58
N ILE B 144 -15.01 -59.27 24.29
CA ILE B 144 -15.43 -59.23 25.68
C ILE B 144 -16.77 -58.53 25.86
N ALA B 145 -16.95 -57.33 25.31
CA ALA B 145 -18.03 -56.48 25.81
C ALA B 145 -19.38 -56.85 25.24
N GLU B 146 -19.58 -56.61 23.94
CA GLU B 146 -20.91 -56.60 23.34
C GLU B 146 -21.87 -55.82 24.22
N PRO B 147 -21.73 -54.49 24.31
CA PRO B 147 -22.56 -53.73 25.26
C PRO B 147 -24.02 -53.77 24.88
N SER B 148 -24.81 -53.13 25.73
CA SER B 148 -26.26 -53.14 25.60
C SER B 148 -26.70 -52.46 24.31
N ALA B 149 -27.87 -52.87 23.83
CA ALA B 149 -28.62 -52.08 22.86
C ALA B 149 -29.64 -51.19 23.58
N GLN B 150 -29.15 -50.51 24.61
CA GLN B 150 -29.83 -49.41 25.25
C GLN B 150 -29.21 -48.09 24.90
N MET B 151 -27.92 -48.11 24.55
CA MET B 151 -27.26 -46.93 24.01
C MET B 151 -27.97 -46.46 22.74
N SER B 152 -28.34 -47.40 21.87
CA SER B 152 -28.94 -47.04 20.60
C SER B 152 -30.26 -46.29 20.78
N ALA B 153 -30.89 -46.45 21.93
CA ALA B 153 -31.97 -45.54 22.31
C ALA B 153 -31.41 -44.25 22.84
N ALA B 154 -30.35 -44.33 23.64
CA ALA B 154 -29.77 -43.12 24.22
C ALA B 154 -29.03 -42.30 23.17
N ALA B 155 -28.82 -42.82 21.98
CA ALA B 155 -28.47 -41.99 20.86
C ALA B 155 -29.72 -41.32 20.30
N ASP B 156 -30.80 -42.10 20.16
CA ASP B 156 -32.07 -41.57 19.74
C ASP B 156 -32.71 -40.67 20.79
N MET B 157 -32.17 -40.64 22.01
CA MET B 157 -32.71 -39.78 23.05
C MET B 157 -32.23 -38.36 22.90
N ALA B 158 -30.99 -38.19 22.44
CA ALA B 158 -30.47 -36.86 22.18
C ALA B 158 -30.94 -36.37 20.82
N THR B 159 -30.58 -37.10 19.78
CA THR B 159 -31.04 -36.81 18.44
C THR B 159 -32.41 -37.44 18.25
N GLY B 160 -33.39 -36.64 17.87
CA GLY B 160 -34.72 -37.15 17.69
C GLY B 160 -34.85 -37.94 16.41
N LYS B 161 -34.12 -39.04 16.30
CA LYS B 161 -34.07 -39.82 15.08
C LYS B 161 -35.45 -40.36 14.77
N SER B 162 -35.95 -41.26 15.62
CA SER B 162 -37.34 -41.72 15.59
C SER B 162 -37.76 -42.30 14.24
N VAL B 163 -36.81 -42.54 13.33
CA VAL B 163 -37.09 -42.76 11.91
C VAL B 163 -35.94 -43.59 11.36
N ASP B 164 -36.18 -44.24 10.22
CA ASP B 164 -35.12 -44.86 9.43
C ASP B 164 -34.56 -43.87 8.41
N SER B 165 -35.42 -43.39 7.51
CA SER B 165 -35.05 -42.43 6.48
C SER B 165 -35.94 -41.21 6.58
N GLU B 166 -35.32 -40.04 6.52
CA GLU B 166 -36.03 -38.78 6.71
C GLU B 166 -36.54 -38.20 5.42
N TRP B 167 -35.79 -38.35 4.34
CA TRP B 167 -36.17 -37.76 3.05
C TRP B 167 -37.49 -38.29 2.51
N GLU B 168 -38.04 -39.34 3.09
CA GLU B 168 -39.37 -39.80 2.75
C GLU B 168 -40.47 -39.09 3.53
N ALA B 169 -40.12 -38.05 4.29
CA ALA B 169 -41.08 -37.40 5.18
C ALA B 169 -40.90 -35.90 5.24
N PHE B 170 -40.42 -35.31 4.17
CA PHE B 170 -40.42 -33.85 4.04
C PHE B 170 -40.10 -33.51 2.59
N PHE B 171 -40.00 -32.21 2.32
CA PHE B 171 -39.79 -31.72 0.97
C PHE B 171 -38.39 -31.13 0.81
N SER B 172 -37.88 -31.27 -0.40
CA SER B 172 -36.50 -30.99 -0.72
C SER B 172 -36.45 -30.09 -1.94
N PHE B 173 -35.63 -29.05 -1.87
CA PHE B 173 -35.50 -28.12 -2.98
C PHE B 173 -34.95 -28.82 -4.20
N HIS B 174 -35.44 -28.43 -5.37
CA HIS B 174 -34.94 -28.93 -6.65
C HIS B 174 -34.36 -27.82 -7.51
N THR B 175 -35.14 -26.78 -7.80
CA THR B 175 -34.69 -25.76 -8.73
C THR B 175 -35.61 -24.55 -8.60
N SER B 176 -35.46 -23.62 -9.54
CA SER B 176 -36.18 -22.35 -9.51
C SER B 176 -36.16 -21.76 -10.90
N VAL B 177 -37.17 -20.96 -11.20
CA VAL B 177 -37.43 -20.46 -12.55
C VAL B 177 -37.76 -18.97 -12.47
N ASN B 178 -38.07 -18.40 -13.62
CA ASN B 178 -38.45 -16.99 -13.73
C ASN B 178 -39.61 -16.90 -14.71
N TRP B 179 -40.82 -16.99 -14.19
CA TRP B 179 -42.02 -16.81 -15.00
C TRP B 179 -42.24 -15.32 -15.25
N SER B 180 -41.39 -14.77 -16.10
CA SER B 180 -41.37 -13.33 -16.33
C SER B 180 -42.55 -12.91 -17.19
N THR B 181 -42.64 -11.60 -17.41
CA THR B 181 -43.79 -11.02 -18.08
C THR B 181 -43.85 -11.43 -19.54
N SER B 182 -42.71 -11.65 -20.17
CA SER B 182 -42.65 -11.89 -21.61
C SER B 182 -42.89 -13.34 -21.99
N GLU B 183 -43.50 -14.12 -21.09
CA GLU B 183 -43.88 -15.49 -21.38
C GLU B 183 -45.38 -15.58 -21.50
N THR B 184 -45.84 -16.45 -22.39
CA THR B 184 -47.16 -16.36 -22.95
C THR B 184 -47.92 -17.67 -22.76
N GLN B 185 -49.12 -17.71 -23.31
CA GLN B 185 -50.05 -18.81 -23.12
C GLN B 185 -49.62 -19.97 -23.98
N GLY B 186 -48.78 -20.83 -23.43
CA GLY B 186 -48.35 -22.04 -24.10
C GLY B 186 -46.92 -22.43 -23.82
N LYS B 187 -46.13 -21.50 -23.31
CA LYS B 187 -44.78 -21.82 -22.88
C LYS B 187 -44.78 -22.93 -21.84
N ILE B 188 -43.63 -23.52 -21.63
CA ILE B 188 -43.40 -24.47 -20.55
C ILE B 188 -42.42 -23.86 -19.57
N LEU B 189 -42.74 -24.01 -18.29
CA LEU B 189 -41.87 -23.57 -17.21
C LEU B 189 -41.10 -24.72 -16.59
N PHE B 190 -41.61 -25.94 -16.69
CA PHE B 190 -40.98 -27.06 -16.03
C PHE B 190 -41.45 -28.35 -16.71
N LYS B 191 -40.50 -29.25 -16.90
CA LYS B 191 -40.77 -30.51 -17.58
C LYS B 191 -39.66 -31.46 -17.18
N GLN B 192 -40.00 -32.49 -16.41
CA GLN B 192 -39.04 -33.50 -16.01
C GLN B 192 -39.72 -34.85 -16.01
N SER B 193 -39.16 -35.78 -16.76
CA SER B 193 -39.58 -37.16 -16.65
C SER B 193 -39.35 -37.66 -15.24
N LEU B 194 -40.03 -38.76 -14.91
CA LEU B 194 -39.94 -39.27 -13.56
C LEU B 194 -38.59 -39.91 -13.32
N GLY B 195 -38.20 -39.93 -12.04
CA GLY B 195 -36.98 -40.56 -11.63
C GLY B 195 -36.51 -40.03 -10.30
N PRO B 196 -35.41 -40.59 -9.80
CA PRO B 196 -34.81 -40.07 -8.58
C PRO B 196 -34.34 -38.64 -8.71
N LEU B 197 -34.07 -38.19 -9.92
CA LEU B 197 -33.43 -36.90 -10.14
C LEU B 197 -34.28 -35.74 -9.68
N LEU B 198 -35.53 -35.96 -9.35
CA LEU B 198 -36.38 -34.95 -8.76
C LEU B 198 -36.15 -34.77 -7.27
N ASN B 199 -35.11 -35.37 -6.70
CA ASN B 199 -34.79 -35.13 -5.30
C ASN B 199 -33.32 -35.39 -5.05
N PRO B 200 -32.50 -34.39 -4.67
CA PRO B 200 -31.06 -34.61 -4.61
C PRO B 200 -30.61 -35.57 -3.52
N TYR B 201 -31.51 -36.03 -2.66
CA TYR B 201 -31.17 -37.16 -1.81
C TYR B 201 -31.20 -38.45 -2.61
N LEU B 202 -32.31 -38.69 -3.31
CA LEU B 202 -32.50 -39.95 -4.00
C LEU B 202 -31.44 -40.15 -5.08
N GLU B 203 -31.08 -39.07 -5.75
CA GLU B 203 -30.04 -39.14 -6.76
C GLU B 203 -28.73 -39.63 -6.16
N HIS B 204 -28.46 -39.25 -4.92
CA HIS B 204 -27.27 -39.75 -4.25
C HIS B 204 -27.38 -41.23 -3.92
N LEU B 205 -28.59 -41.79 -3.93
CA LEU B 205 -28.81 -43.20 -3.65
C LEU B 205 -29.04 -44.04 -4.89
N ALA B 206 -29.42 -43.42 -6.01
CA ALA B 206 -29.57 -44.20 -7.23
C ALA B 206 -28.24 -44.81 -7.67
N LYS B 207 -27.13 -44.30 -7.17
CA LYS B 207 -25.84 -44.93 -7.37
C LYS B 207 -25.74 -46.28 -6.67
N LEU B 208 -26.62 -46.56 -5.72
CA LEU B 208 -26.61 -47.80 -4.97
C LEU B 208 -27.69 -48.76 -5.42
N TYR B 209 -28.37 -48.48 -6.50
CA TYR B 209 -29.41 -49.36 -7.00
C TYR B 209 -29.50 -49.23 -8.51
N VAL B 210 -30.28 -50.13 -9.10
CA VAL B 210 -30.49 -50.17 -10.54
C VAL B 210 -32.00 -50.21 -10.80
N ALA B 211 -32.76 -49.56 -9.94
CA ALA B 211 -34.19 -49.74 -10.04
C ALA B 211 -34.91 -48.72 -9.17
N TRP B 212 -36.20 -48.61 -9.40
CA TRP B 212 -37.08 -47.80 -8.61
C TRP B 212 -38.50 -48.08 -9.04
N SER B 213 -39.44 -47.79 -8.16
CA SER B 213 -40.84 -47.93 -8.48
C SER B 213 -41.70 -47.19 -7.47
N GLY B 214 -42.57 -46.32 -7.97
CA GLY B 214 -43.50 -45.60 -7.14
C GLY B 214 -43.55 -44.12 -7.50
N SER B 215 -44.57 -43.47 -6.95
CA SER B 215 -44.80 -42.08 -7.19
C SER B 215 -43.74 -41.22 -6.53
N ILE B 216 -43.70 -39.96 -6.97
CA ILE B 216 -42.98 -38.90 -6.29
C ILE B 216 -43.95 -37.74 -6.10
N ASP B 217 -43.76 -37.02 -5.02
CA ASP B 217 -44.57 -35.87 -4.70
C ASP B 217 -43.81 -34.62 -5.13
N VAL B 218 -44.53 -33.51 -5.24
CA VAL B 218 -43.96 -32.25 -5.68
C VAL B 218 -44.64 -31.15 -4.89
N ARG B 219 -43.96 -30.00 -4.77
CA ARG B 219 -44.56 -28.84 -4.15
C ARG B 219 -44.02 -27.59 -4.81
N PHE B 220 -44.89 -26.59 -4.93
CA PHE B 220 -44.59 -25.34 -5.58
C PHE B 220 -44.86 -24.19 -4.62
N SER B 221 -44.31 -23.03 -4.94
CA SER B 221 -44.51 -21.82 -4.15
C SER B 221 -44.04 -20.64 -4.98
N ILE B 222 -44.91 -19.66 -5.17
CA ILE B 222 -44.86 -18.80 -6.35
C ILE B 222 -44.29 -17.41 -6.10
N SER B 223 -44.23 -16.96 -4.85
CA SER B 223 -43.69 -15.69 -4.38
C SER B 223 -44.64 -14.52 -4.60
N GLY B 224 -45.71 -14.69 -5.35
CA GLY B 224 -46.72 -13.65 -5.40
C GLY B 224 -47.63 -13.86 -4.22
N SER B 225 -47.36 -13.13 -3.13
CA SER B 225 -48.06 -13.38 -1.89
C SER B 225 -49.54 -13.10 -2.03
N GLY B 226 -49.86 -11.95 -2.61
CA GLY B 226 -51.22 -11.65 -3.01
C GLY B 226 -51.28 -10.76 -4.24
N VAL B 227 -50.14 -10.53 -4.87
CA VAL B 227 -50.02 -9.46 -5.86
C VAL B 227 -50.19 -9.99 -7.27
N PHE B 228 -49.23 -10.82 -7.68
CA PHE B 228 -49.09 -11.19 -9.07
C PHE B 228 -50.30 -11.98 -9.54
N GLY B 229 -51.06 -11.38 -10.43
CA GLY B 229 -52.07 -12.13 -11.13
C GLY B 229 -51.44 -13.16 -12.05
N GLY B 230 -52.28 -14.05 -12.55
CA GLY B 230 -51.87 -15.04 -13.52
C GLY B 230 -51.73 -16.41 -12.92
N LYS B 231 -52.16 -17.41 -13.67
CA LYS B 231 -52.16 -18.80 -13.21
C LYS B 231 -51.42 -19.67 -14.22
N LEU B 232 -51.27 -20.90 -13.81
CA LEU B 232 -50.54 -21.91 -14.55
C LEU B 232 -51.47 -23.08 -14.79
N ALA B 233 -50.94 -24.10 -15.46
CA ALA B 233 -51.70 -25.32 -15.69
C ALA B 233 -50.74 -26.48 -15.76
N ALA B 234 -51.15 -27.59 -15.15
CA ALA B 234 -50.32 -28.76 -14.99
C ALA B 234 -50.96 -29.95 -15.70
N ILE B 235 -50.12 -30.83 -16.22
CA ILE B 235 -50.54 -32.05 -16.88
C ILE B 235 -49.63 -33.18 -16.44
N VAL B 236 -50.22 -34.37 -16.32
CA VAL B 236 -49.46 -35.59 -16.15
C VAL B 236 -49.52 -36.35 -17.46
N VAL B 237 -48.55 -36.12 -18.33
CA VAL B 237 -48.52 -36.81 -19.60
C VAL B 237 -48.14 -38.26 -19.35
N PRO B 238 -48.50 -39.20 -20.22
CA PRO B 238 -48.18 -40.59 -19.96
C PRO B 238 -46.80 -40.95 -20.47
N PRO B 239 -46.39 -42.21 -20.30
CA PRO B 239 -45.10 -42.65 -20.82
C PRO B 239 -45.15 -43.03 -22.28
N GLY B 240 -44.37 -42.35 -23.11
CA GLY B 240 -44.23 -42.67 -24.51
C GLY B 240 -44.33 -41.42 -25.35
N VAL B 241 -45.14 -40.48 -24.87
CA VAL B 241 -45.28 -39.19 -25.51
C VAL B 241 -44.12 -38.31 -25.12
N ASP B 242 -43.98 -37.18 -25.81
CA ASP B 242 -42.92 -36.22 -25.56
C ASP B 242 -43.55 -34.86 -25.81
N PRO B 243 -44.02 -34.18 -24.77
CA PRO B 243 -44.97 -33.08 -24.98
C PRO B 243 -44.34 -31.91 -25.69
N VAL B 244 -45.21 -31.05 -26.20
CA VAL B 244 -44.81 -29.95 -27.06
C VAL B 244 -45.21 -28.64 -26.40
N GLN B 245 -44.80 -27.55 -27.04
CA GLN B 245 -44.85 -26.21 -26.47
C GLN B 245 -46.06 -25.42 -26.93
N SER B 246 -47.20 -26.09 -27.09
CA SER B 246 -48.42 -25.49 -27.60
C SER B 246 -49.54 -25.65 -26.58
N THR B 247 -50.71 -25.15 -26.95
CA THR B 247 -51.90 -25.27 -26.14
C THR B 247 -52.56 -26.63 -26.27
N SER B 248 -52.29 -27.36 -27.36
CA SER B 248 -53.01 -28.58 -27.67
C SER B 248 -52.96 -29.58 -26.55
N MET B 249 -51.87 -29.58 -25.76
CA MET B 249 -51.81 -30.42 -24.58
C MET B 249 -52.92 -30.13 -23.57
N LEU B 250 -53.60 -28.99 -23.68
CA LEU B 250 -54.71 -28.65 -22.82
C LEU B 250 -56.04 -29.14 -23.37
N GLN B 251 -56.01 -30.08 -24.31
CA GLN B 251 -57.16 -30.89 -24.68
C GLN B 251 -57.18 -32.19 -23.89
N TYR B 252 -56.65 -32.16 -22.69
CA TYR B 252 -56.30 -33.30 -21.86
C TYR B 252 -56.61 -32.93 -20.42
N PRO B 253 -56.81 -33.89 -19.52
CA PRO B 253 -57.09 -33.51 -18.14
C PRO B 253 -55.94 -32.73 -17.53
N HIS B 254 -56.26 -31.52 -17.09
CA HIS B 254 -55.26 -30.59 -16.57
C HIS B 254 -55.79 -29.88 -15.35
N VAL B 255 -54.86 -29.52 -14.49
CA VAL B 255 -55.13 -28.80 -13.25
C VAL B 255 -54.47 -27.45 -13.33
N LEU B 256 -55.14 -26.45 -12.77
CA LEU B 256 -54.67 -25.08 -12.77
C LEU B 256 -54.52 -24.62 -11.34
N PHE B 257 -53.64 -23.65 -11.14
CA PHE B 257 -53.54 -22.98 -9.85
C PHE B 257 -53.01 -21.58 -10.07
N ASP B 258 -53.49 -20.66 -9.27
CA ASP B 258 -53.21 -19.25 -9.42
C ASP B 258 -52.03 -18.86 -8.54
N ALA B 259 -51.59 -17.62 -8.70
CA ALA B 259 -50.50 -17.08 -7.91
C ALA B 259 -50.96 -16.44 -6.61
N ARG B 260 -52.20 -15.97 -6.53
CA ARG B 260 -52.74 -15.46 -5.26
C ARG B 260 -53.07 -16.65 -4.36
N GLN B 261 -52.01 -17.28 -3.87
CA GLN B 261 -52.12 -18.43 -2.99
C GLN B 261 -51.95 -18.05 -1.53
N VAL B 262 -52.49 -18.92 -0.68
CA VAL B 262 -52.15 -18.97 0.72
C VAL B 262 -51.47 -20.29 1.07
N GLU B 263 -51.91 -21.36 0.42
CA GLU B 263 -51.50 -22.72 0.68
C GLU B 263 -50.95 -23.31 -0.61
N PRO B 264 -49.69 -23.73 -0.67
CA PRO B 264 -49.16 -24.26 -1.93
C PRO B 264 -49.80 -25.56 -2.37
N VAL B 265 -49.33 -26.08 -3.50
CA VAL B 265 -49.95 -27.21 -4.18
C VAL B 265 -49.05 -28.43 -4.06
N ILE B 266 -49.65 -29.59 -4.30
CA ILE B 266 -48.91 -30.84 -4.37
C ILE B 266 -49.49 -31.69 -5.49
N PHE B 267 -48.60 -32.30 -6.28
CA PHE B 267 -48.95 -33.18 -7.37
C PHE B 267 -48.28 -34.52 -7.16
N SER B 268 -49.09 -35.57 -7.02
CA SER B 268 -48.56 -36.91 -6.83
C SER B 268 -48.39 -37.54 -8.20
N ILE B 269 -47.20 -37.39 -8.76
CA ILE B 269 -46.85 -38.02 -10.02
C ILE B 269 -46.93 -39.54 -9.85
N PRO B 270 -47.88 -40.22 -10.47
CA PRO B 270 -47.89 -41.68 -10.36
C PRO B 270 -46.81 -42.26 -11.25
N ASP B 271 -46.66 -43.58 -11.17
CA ASP B 271 -45.76 -44.32 -12.03
C ASP B 271 -46.61 -45.22 -12.91
N LEU B 272 -46.39 -45.12 -14.21
CA LEU B 272 -47.17 -45.82 -15.21
C LEU B 272 -46.19 -46.48 -16.16
N ARG B 273 -46.36 -47.77 -16.38
CA ARG B 273 -45.35 -48.48 -17.13
C ARG B 273 -45.88 -49.84 -17.51
N SER B 274 -45.33 -50.37 -18.61
CA SER B 274 -45.61 -51.72 -19.03
C SER B 274 -44.81 -52.75 -18.26
N THR B 275 -43.83 -52.32 -17.46
CA THR B 275 -42.90 -53.22 -16.80
C THR B 275 -43.23 -53.32 -15.32
N LEU B 276 -42.38 -54.01 -14.58
CA LEU B 276 -42.48 -54.10 -13.14
C LEU B 276 -41.55 -53.13 -12.42
N TYR B 277 -40.42 -52.76 -13.02
CA TYR B 277 -39.52 -51.81 -12.41
C TYR B 277 -38.55 -51.25 -13.43
N HIS B 278 -38.33 -49.95 -13.37
CA HIS B 278 -37.41 -49.30 -14.28
C HIS B 278 -35.96 -49.63 -13.89
N LEU B 279 -35.00 -49.03 -14.61
CA LEU B 279 -33.61 -49.44 -14.54
C LEU B 279 -32.64 -48.27 -14.47
N MET B 280 -33.10 -47.11 -14.00
CA MET B 280 -32.33 -45.87 -14.00
C MET B 280 -31.93 -45.42 -15.40
N SER B 281 -32.50 -46.02 -16.44
CA SER B 281 -32.23 -45.65 -17.81
C SER B 281 -33.48 -45.58 -18.66
N ASP B 282 -34.61 -46.12 -18.20
CA ASP B 282 -35.87 -46.01 -18.93
C ASP B 282 -36.39 -44.59 -18.70
N THR B 283 -35.93 -43.68 -19.55
CA THR B 283 -36.38 -42.31 -19.48
C THR B 283 -37.84 -42.16 -19.86
N ASP B 284 -38.41 -43.14 -20.56
CA ASP B 284 -39.79 -43.09 -21.00
C ASP B 284 -40.70 -43.42 -19.83
N THR B 285 -41.10 -42.39 -19.09
CA THR B 285 -41.91 -42.55 -17.89
C THR B 285 -43.00 -41.49 -17.88
N THR B 286 -43.73 -41.46 -16.78
CA THR B 286 -44.83 -40.53 -16.61
C THR B 286 -44.31 -39.12 -16.37
N SER B 287 -43.99 -38.42 -17.44
CA SER B 287 -43.45 -37.09 -17.29
C SER B 287 -44.50 -36.14 -16.77
N LEU B 288 -44.02 -35.08 -16.14
CA LEU B 288 -44.83 -33.97 -15.69
C LEU B 288 -44.65 -32.81 -16.65
N VAL B 289 -45.68 -31.97 -16.73
CA VAL B 289 -45.65 -30.79 -17.57
C VAL B 289 -46.34 -29.67 -16.83
N ILE B 290 -45.85 -28.46 -17.03
CA ILE B 290 -46.52 -27.25 -16.64
C ILE B 290 -46.47 -26.30 -17.82
N MET B 291 -47.59 -25.67 -18.15
CA MET B 291 -47.60 -24.58 -19.09
C MET B 291 -48.52 -23.47 -18.59
N VAL B 292 -48.27 -22.31 -19.13
CA VAL B 292 -49.00 -21.11 -18.74
C VAL B 292 -50.37 -21.14 -19.38
N TYR B 293 -51.35 -20.67 -18.63
CA TYR B 293 -52.75 -20.63 -19.01
C TYR B 293 -53.25 -19.20 -19.09
N ASN B 294 -53.04 -18.45 -18.01
CA ASN B 294 -53.18 -17.00 -17.98
C ASN B 294 -51.81 -16.41 -17.73
N ASP B 295 -51.43 -15.44 -18.55
CA ASP B 295 -50.16 -14.78 -18.35
C ASP B 295 -50.18 -14.03 -17.02
N LEU B 296 -49.01 -13.60 -16.59
CA LEU B 296 -48.96 -12.88 -15.33
C LEU B 296 -49.51 -11.48 -15.52
N ILE B 297 -49.47 -10.72 -14.44
CA ILE B 297 -49.49 -9.27 -14.48
C ILE B 297 -48.58 -8.81 -13.36
N ASN B 298 -47.64 -7.94 -13.66
CA ASN B 298 -46.74 -7.38 -12.67
C ASN B 298 -47.17 -5.93 -12.49
N PRO B 299 -47.95 -5.62 -11.45
CA PRO B 299 -48.56 -4.29 -11.34
C PRO B 299 -47.59 -3.14 -11.46
N TYR B 300 -46.45 -3.21 -10.80
CA TYR B 300 -45.57 -2.04 -10.83
C TYR B 300 -44.17 -2.23 -11.41
N ALA B 301 -43.78 -3.45 -11.72
CA ALA B 301 -42.42 -3.66 -12.21
C ALA B 301 -42.45 -3.93 -13.71
N ASN B 302 -42.38 -2.84 -14.48
CA ASN B 302 -42.05 -2.96 -15.90
C ASN B 302 -40.65 -3.58 -16.07
N ASP B 303 -39.61 -2.94 -15.52
CA ASP B 303 -38.26 -3.46 -15.55
C ASP B 303 -37.52 -3.14 -14.25
N SER B 304 -38.25 -3.08 -13.14
CA SER B 304 -37.64 -2.66 -11.88
C SER B 304 -36.87 -3.80 -11.23
N ASN B 305 -37.58 -4.87 -10.86
CA ASN B 305 -36.95 -6.10 -10.40
C ASN B 305 -36.62 -6.96 -11.61
N SER B 306 -36.27 -8.22 -11.37
CA SER B 306 -35.93 -9.13 -12.47
C SER B 306 -37.19 -9.64 -13.16
N SER B 307 -37.94 -10.45 -12.44
CA SER B 307 -39.22 -10.97 -12.92
C SER B 307 -40.29 -11.00 -11.85
N GLY B 308 -39.94 -11.03 -10.57
CA GLY B 308 -40.91 -11.13 -9.51
C GLY B 308 -41.48 -12.53 -9.42
N CYS B 309 -42.24 -12.93 -10.43
CA CYS B 309 -42.85 -14.24 -10.43
C CYS B 309 -41.74 -15.26 -10.58
N ILE B 310 -41.32 -15.84 -9.46
CA ILE B 310 -40.38 -16.93 -9.45
C ILE B 310 -40.93 -17.99 -8.53
N VAL B 311 -40.86 -19.25 -8.96
CA VAL B 311 -41.59 -20.32 -8.33
C VAL B 311 -40.64 -21.50 -8.15
N THR B 312 -40.65 -22.05 -6.94
CA THR B 312 -39.78 -23.14 -6.61
C THR B 312 -40.41 -24.46 -6.97
N VAL B 313 -39.61 -25.51 -6.86
CA VAL B 313 -40.03 -26.87 -7.16
C VAL B 313 -39.43 -27.75 -6.09
N GLU B 314 -40.25 -28.15 -5.13
CA GLU B 314 -39.83 -28.95 -4.01
C GLU B 314 -40.48 -30.32 -4.09
N THR B 315 -39.73 -31.35 -3.77
CA THR B 315 -40.14 -32.71 -4.04
C THR B 315 -39.95 -33.59 -2.82
N LYS B 316 -40.51 -34.79 -2.93
CA LYS B 316 -40.49 -35.78 -1.89
C LYS B 316 -40.93 -37.08 -2.54
N PRO B 317 -40.36 -38.22 -2.17
CA PRO B 317 -40.84 -39.48 -2.75
C PRO B 317 -42.15 -39.90 -2.13
N GLY B 318 -42.99 -40.48 -2.97
CA GLY B 318 -44.19 -41.10 -2.46
C GLY B 318 -43.87 -42.28 -1.57
N ALA B 319 -44.83 -42.62 -0.72
CA ALA B 319 -44.63 -43.73 0.21
C ALA B 319 -44.41 -45.03 -0.53
N ASP B 320 -44.96 -45.16 -1.73
CA ASP B 320 -44.75 -46.35 -2.54
C ASP B 320 -43.42 -46.34 -3.27
N PHE B 321 -42.63 -45.28 -3.15
CA PHE B 321 -41.35 -45.23 -3.83
C PHE B 321 -40.39 -46.20 -3.18
N LYS B 322 -39.74 -47.01 -4.01
CA LYS B 322 -38.97 -48.15 -3.52
C LYS B 322 -37.85 -48.43 -4.50
N PHE B 323 -36.62 -48.30 -4.04
CA PHE B 323 -35.50 -48.80 -4.82
C PHE B 323 -35.50 -50.31 -4.78
N HIS B 324 -34.73 -50.89 -5.70
CA HIS B 324 -34.52 -52.34 -5.72
C HIS B 324 -33.13 -52.62 -6.23
N LEU B 325 -32.66 -53.85 -5.97
CA LEU B 325 -31.47 -54.41 -6.62
C LEU B 325 -30.23 -53.57 -6.34
N LEU B 326 -29.78 -53.70 -5.10
CA LEU B 326 -28.49 -53.15 -4.68
C LEU B 326 -27.41 -53.49 -5.70
N LYS B 327 -26.45 -52.58 -5.81
CA LYS B 327 -25.32 -52.73 -6.71
C LYS B 327 -24.05 -52.29 -6.01
N PRO B 328 -22.89 -52.62 -6.55
CA PRO B 328 -21.64 -52.06 -6.05
C PRO B 328 -21.31 -50.76 -6.76
N PRO B 329 -21.04 -49.68 -6.04
CA PRO B 329 -20.48 -48.48 -6.69
C PRO B 329 -19.15 -48.78 -7.35
N GLY B 330 -19.07 -48.44 -8.63
CA GLY B 330 -17.88 -48.69 -9.43
C GLY B 330 -18.17 -49.52 -10.66
N SER B 331 -19.33 -50.19 -10.67
CA SER B 331 -19.68 -51.11 -11.74
C SER B 331 -20.43 -50.41 -12.87
N MET B 332 -21.59 -49.82 -12.55
CA MET B 332 -22.35 -49.01 -13.48
C MET B 332 -22.63 -47.68 -12.80
N LEU B 333 -22.14 -46.61 -13.40
CA LEU B 333 -22.16 -45.29 -12.81
C LEU B 333 -21.91 -44.29 -13.94
N THR B 334 -21.58 -43.06 -13.58
CA THR B 334 -21.29 -42.01 -14.55
C THR B 334 -22.53 -41.71 -15.38
N HIS B 335 -23.70 -41.92 -14.79
CA HIS B 335 -24.97 -41.63 -15.44
C HIS B 335 -25.40 -40.19 -15.16
N GLY B 336 -25.62 -39.87 -13.89
CA GLY B 336 -26.30 -38.66 -13.48
C GLY B 336 -25.46 -37.73 -12.64
N SER B 337 -24.20 -37.56 -12.99
CA SER B 337 -23.38 -36.57 -12.30
C SER B 337 -23.98 -35.19 -12.52
N VAL B 338 -23.99 -34.38 -11.46
CA VAL B 338 -24.80 -33.17 -11.43
C VAL B 338 -23.96 -31.96 -11.82
N PRO B 339 -24.49 -31.00 -12.58
CA PRO B 339 -23.75 -29.76 -12.80
C PRO B 339 -23.78 -28.85 -11.58
N SER B 340 -22.81 -29.03 -10.70
CA SER B 340 -22.66 -28.22 -9.51
C SER B 340 -21.28 -27.61 -9.38
N ASP B 341 -20.27 -28.14 -10.06
CA ASP B 341 -18.91 -27.64 -10.02
C ASP B 341 -18.43 -27.23 -11.40
N LEU B 342 -19.35 -26.72 -12.21
CA LEU B 342 -18.98 -26.20 -13.52
C LEU B 342 -18.27 -24.88 -13.40
N ILE B 343 -18.55 -24.13 -12.34
CA ILE B 343 -17.91 -22.86 -12.07
C ILE B 343 -17.45 -22.90 -10.63
N PRO B 344 -16.38 -22.21 -10.26
CA PRO B 344 -16.08 -22.03 -8.85
C PRO B 344 -17.15 -21.22 -8.15
N LYS B 345 -16.94 -21.02 -6.86
CA LYS B 345 -17.74 -20.12 -6.06
C LYS B 345 -17.05 -18.79 -5.82
N SER B 346 -15.93 -18.55 -6.48
CA SER B 346 -15.29 -17.25 -6.51
C SER B 346 -14.94 -16.94 -7.94
N SER B 347 -14.25 -15.82 -8.12
CA SER B 347 -13.82 -15.38 -9.43
C SER B 347 -12.41 -14.81 -9.44
N SER B 348 -11.71 -14.83 -8.32
CA SER B 348 -10.29 -14.49 -8.34
C SER B 348 -9.46 -15.54 -9.02
N LEU B 349 -10.02 -16.74 -9.23
CA LEU B 349 -9.31 -17.86 -9.84
C LEU B 349 -9.95 -18.32 -11.14
N TRP B 350 -10.83 -17.52 -11.73
CA TRP B 350 -11.33 -17.80 -13.06
C TRP B 350 -10.30 -17.43 -14.11
N ILE B 351 -10.37 -18.11 -15.25
CA ILE B 351 -9.54 -17.82 -16.41
C ILE B 351 -10.29 -18.24 -17.66
N GLY B 352 -9.82 -17.74 -18.79
CA GLY B 352 -10.45 -17.99 -20.05
C GLY B 352 -10.02 -19.29 -20.70
N ASN B 353 -10.83 -19.74 -21.66
CA ASN B 353 -10.52 -20.92 -22.45
C ASN B 353 -9.65 -20.63 -23.65
N ARG B 354 -9.13 -19.41 -23.77
CA ARG B 354 -8.31 -18.99 -24.89
C ARG B 354 -7.04 -18.31 -24.47
N HIS B 355 -6.96 -17.79 -23.25
CA HIS B 355 -5.75 -17.21 -22.74
C HIS B 355 -5.78 -17.28 -21.24
N TRP B 356 -4.61 -17.50 -20.65
CA TRP B 356 -4.50 -17.85 -19.24
C TRP B 356 -4.93 -16.74 -18.30
N THR B 357 -5.14 -15.52 -18.78
CA THR B 357 -5.30 -14.39 -17.89
C THR B 357 -6.64 -14.44 -17.16
N ASP B 358 -6.67 -13.83 -15.98
CA ASP B 358 -7.88 -13.78 -15.17
C ASP B 358 -8.95 -12.93 -15.83
N ILE B 359 -10.20 -13.30 -15.56
CA ILE B 359 -11.34 -12.56 -16.08
C ILE B 359 -11.37 -11.17 -15.48
N THR B 360 -12.03 -10.23 -16.16
CA THR B 360 -12.27 -8.89 -15.66
C THR B 360 -13.75 -8.50 -15.70
N ASP B 361 -14.48 -8.87 -16.74
CA ASP B 361 -15.93 -8.71 -16.77
C ASP B 361 -16.44 -9.51 -17.96
N PHE B 362 -17.71 -9.33 -18.27
CA PHE B 362 -18.42 -10.15 -19.24
C PHE B 362 -18.79 -9.32 -20.45
N VAL B 363 -19.17 -10.02 -21.51
CA VAL B 363 -19.53 -9.38 -22.77
C VAL B 363 -20.65 -10.18 -23.40
N ILE B 364 -21.73 -9.51 -23.71
CA ILE B 364 -22.82 -10.10 -24.45
C ILE B 364 -22.53 -9.99 -25.94
N ARG B 365 -22.98 -10.97 -26.69
CA ARG B 365 -23.12 -10.85 -28.13
C ARG B 365 -24.40 -11.56 -28.54
N PRO B 366 -24.93 -11.28 -29.72
CA PRO B 366 -26.02 -12.12 -30.22
C PRO B 366 -25.53 -13.47 -30.66
N PHE B 367 -24.35 -13.51 -31.25
CA PHE B 367 -23.71 -14.74 -31.70
C PHE B 367 -22.44 -14.98 -30.91
N VAL B 368 -22.10 -16.26 -30.82
CA VAL B 368 -20.90 -16.71 -30.14
C VAL B 368 -20.25 -17.76 -31.01
N PHE B 369 -18.93 -17.89 -30.86
CA PHE B 369 -18.20 -18.88 -31.63
C PHE B 369 -16.81 -19.15 -31.08
N GLN B 370 -16.48 -20.43 -30.95
CA GLN B 370 -15.18 -20.88 -30.53
C GLN B 370 -15.12 -22.38 -30.73
N ALA B 371 -13.93 -22.86 -31.04
CA ALA B 371 -13.64 -24.29 -31.15
C ALA B 371 -12.63 -24.75 -30.13
N ASN B 372 -11.50 -24.06 -30.02
CA ASN B 372 -10.46 -24.45 -29.09
C ASN B 372 -10.95 -24.39 -27.65
N ARG B 373 -10.73 -25.48 -26.92
CA ARG B 373 -11.08 -25.59 -25.51
C ARG B 373 -12.54 -25.24 -25.27
N HIS B 374 -13.41 -25.85 -26.07
CA HIS B 374 -14.85 -25.70 -25.94
C HIS B 374 -15.45 -27.10 -25.81
N PHE B 375 -15.51 -27.60 -24.59
CA PHE B 375 -15.98 -28.94 -24.32
C PHE B 375 -17.45 -28.92 -23.91
N ASP B 376 -18.23 -29.82 -24.50
CA ASP B 376 -19.67 -29.86 -24.35
C ASP B 376 -20.05 -30.84 -23.26
N PHE B 377 -21.35 -31.11 -23.12
CA PHE B 377 -21.81 -32.15 -22.20
C PHE B 377 -21.94 -33.48 -22.91
N ASN B 378 -20.90 -33.81 -23.67
CA ASN B 378 -20.77 -35.13 -24.25
C ASN B 378 -19.30 -35.55 -24.30
N GLN B 379 -18.42 -34.87 -23.57
CA GLN B 379 -16.99 -35.09 -23.61
C GLN B 379 -16.45 -35.01 -25.04
N GLU B 380 -16.70 -33.88 -25.68
CA GLU B 380 -16.31 -33.69 -27.07
C GLU B 380 -16.02 -32.23 -27.37
N THR B 381 -15.31 -32.03 -28.47
CA THR B 381 -15.09 -30.71 -29.05
C THR B 381 -14.47 -30.90 -30.42
N ALA B 382 -14.80 -29.97 -31.33
CA ALA B 382 -14.09 -29.89 -32.59
C ALA B 382 -12.68 -29.36 -32.42
N GLY B 383 -12.35 -28.82 -31.26
CA GLY B 383 -11.04 -28.29 -31.03
C GLY B 383 -9.96 -29.35 -31.05
N TRP B 384 -8.74 -28.86 -31.22
CA TRP B 384 -7.56 -29.71 -31.29
C TRP B 384 -6.86 -29.90 -29.96
N SER B 385 -7.23 -29.15 -28.94
CA SER B 385 -6.39 -28.95 -27.77
C SER B 385 -7.02 -29.58 -26.53
N THR B 386 -6.31 -29.43 -25.44
CA THR B 386 -6.71 -29.84 -24.12
C THR B 386 -7.15 -28.64 -23.31
N PRO B 387 -7.89 -28.84 -22.24
CA PRO B 387 -8.35 -27.72 -21.41
C PRO B 387 -7.32 -27.37 -20.33
N ARG B 388 -6.20 -26.83 -20.78
CA ARG B 388 -5.09 -26.50 -19.90
C ARG B 388 -4.10 -25.67 -20.69
N TYR B 389 -3.26 -24.93 -19.96
CA TYR B 389 -2.28 -24.05 -20.55
C TYR B 389 -0.90 -24.52 -20.10
N ARG B 390 -0.35 -25.47 -20.83
CA ARG B 390 1.05 -25.84 -20.73
C ARG B 390 1.77 -25.44 -22.00
N PRO B 391 3.08 -25.48 -22.02
CA PRO B 391 3.79 -25.13 -23.25
C PRO B 391 3.58 -26.11 -24.36
N ILE B 392 4.24 -25.85 -25.49
CA ILE B 392 3.98 -26.51 -26.76
C ILE B 392 5.31 -26.92 -27.36
N THR B 393 5.59 -28.22 -27.35
CA THR B 393 6.82 -28.72 -27.95
C THR B 393 6.60 -29.01 -29.41
N ILE B 394 7.47 -28.46 -30.26
CA ILE B 394 7.50 -28.77 -31.67
C ILE B 394 8.96 -28.82 -32.13
N THR B 395 9.14 -29.12 -33.41
CA THR B 395 10.44 -29.15 -34.04
C THR B 395 10.29 -28.54 -35.42
N ILE B 396 11.33 -27.85 -35.88
CA ILE B 396 11.31 -27.24 -37.21
C ILE B 396 12.63 -27.48 -37.90
N SER B 397 12.59 -28.24 -38.99
CA SER B 397 13.77 -28.53 -39.78
C SER B 397 13.85 -27.50 -40.90
N GLU B 398 14.88 -26.65 -40.86
CA GLU B 398 15.01 -25.57 -41.80
C GLU B 398 16.46 -25.40 -42.22
N LYS B 399 16.63 -24.80 -43.40
CA LYS B 399 17.91 -24.68 -44.06
C LYS B 399 17.97 -23.32 -44.75
N ASN B 400 19.05 -23.10 -45.50
CA ASN B 400 19.27 -21.83 -46.20
C ASN B 400 19.21 -20.65 -45.23
N GLY B 401 19.62 -20.87 -43.99
CA GLY B 401 19.66 -19.80 -43.01
C GLY B 401 18.33 -19.11 -42.78
N ALA B 402 17.24 -19.84 -43.01
CA ALA B 402 15.91 -19.24 -42.90
C ALA B 402 15.31 -19.26 -41.51
N LYS B 403 14.29 -18.44 -41.34
CA LYS B 403 13.54 -18.31 -40.10
C LYS B 403 12.14 -18.88 -40.22
N LEU B 404 11.39 -18.39 -41.20
CA LEU B 404 10.03 -18.84 -41.41
C LEU B 404 10.00 -20.32 -41.75
N GLY B 405 9.13 -21.06 -41.06
CA GLY B 405 9.07 -22.48 -41.29
C GLY B 405 7.78 -23.07 -40.80
N ILE B 406 7.71 -24.40 -40.89
CA ILE B 406 6.53 -25.18 -40.52
C ILE B 406 6.87 -26.00 -39.30
N GLY B 407 5.88 -26.16 -38.44
CA GLY B 407 6.02 -26.91 -37.20
C GLY B 407 5.35 -28.25 -37.33
N VAL B 408 6.03 -29.28 -36.86
CA VAL B 408 5.49 -30.63 -36.82
C VAL B 408 5.15 -30.95 -35.38
N ALA B 409 4.28 -31.93 -35.22
CA ALA B 409 3.67 -32.23 -33.95
C ALA B 409 4.36 -33.39 -33.27
N THR B 410 4.46 -33.30 -31.95
CA THR B 410 4.94 -34.38 -31.11
C THR B 410 4.06 -34.62 -29.90
N ASP B 411 3.30 -33.63 -29.44
CA ASP B 411 2.33 -33.77 -28.37
C ASP B 411 0.97 -33.37 -28.94
N TYR B 412 0.23 -34.37 -29.42
CA TYR B 412 -1.02 -34.12 -30.12
C TYR B 412 -2.12 -35.03 -29.58
N ILE B 413 -3.36 -34.57 -29.74
CA ILE B 413 -4.52 -35.42 -29.63
C ILE B 413 -5.25 -35.53 -30.97
N VAL B 414 -5.22 -34.49 -31.77
CA VAL B 414 -5.62 -34.55 -33.17
C VAL B 414 -4.35 -34.64 -34.00
N PRO B 415 -4.21 -35.61 -34.90
CA PRO B 415 -2.91 -35.84 -35.55
C PRO B 415 -2.45 -34.65 -36.37
N GLY B 416 -1.31 -34.09 -35.96
CA GLY B 416 -0.65 -33.02 -36.66
C GLY B 416 -0.55 -31.73 -35.87
N ILE B 417 -1.37 -31.56 -34.85
CA ILE B 417 -1.47 -30.28 -34.14
C ILE B 417 -0.79 -30.41 -32.78
N PRO B 418 -0.07 -29.39 -32.28
CA PRO B 418 0.69 -29.57 -31.05
C PRO B 418 -0.08 -29.46 -29.75
N ASP B 419 -1.42 -29.48 -29.74
CA ASP B 419 -2.19 -29.62 -28.49
C ASP B 419 -1.91 -28.47 -27.52
N GLY B 420 -2.41 -27.31 -27.93
CA GLY B 420 -2.13 -26.06 -27.25
C GLY B 420 -2.00 -24.91 -28.22
N TRP B 421 -1.97 -25.24 -29.51
CA TRP B 421 -1.90 -24.24 -30.56
C TRP B 421 -3.11 -23.30 -30.47
N PRO B 422 -2.93 -22.00 -30.71
CA PRO B 422 -4.03 -21.05 -30.53
C PRO B 422 -4.95 -21.03 -31.74
N ASP B 423 -6.01 -20.21 -31.61
CA ASP B 423 -7.09 -20.16 -32.57
C ASP B 423 -7.26 -18.73 -33.08
N THR B 424 -6.46 -18.38 -34.08
CA THR B 424 -6.68 -17.17 -34.86
C THR B 424 -5.65 -17.14 -35.98
N THR B 425 -6.05 -16.58 -37.11
CA THR B 425 -5.18 -16.37 -38.25
C THR B 425 -4.78 -14.92 -38.39
N ILE B 426 -3.74 -14.72 -39.17
CA ILE B 426 -3.28 -13.40 -39.59
C ILE B 426 -4.40 -12.69 -40.33
N PRO B 427 -4.39 -11.36 -40.40
CA PRO B 427 -5.39 -10.70 -41.25
C PRO B 427 -5.09 -10.81 -42.73
N GLU B 428 -3.83 -10.60 -43.11
CA GLU B 428 -3.46 -10.38 -44.49
C GLU B 428 -2.29 -11.27 -44.87
N LYS B 429 -1.96 -11.21 -46.16
CA LYS B 429 -0.69 -11.74 -46.62
C LYS B 429 0.44 -11.02 -45.92
N LEU B 430 1.53 -11.74 -45.70
CA LEU B 430 2.68 -11.15 -45.02
C LEU B 430 3.96 -11.78 -45.55
N THR B 431 5.07 -11.07 -45.36
CA THR B 431 6.38 -11.58 -45.75
C THR B 431 7.26 -11.23 -44.57
N PRO B 432 7.25 -12.10 -43.54
CA PRO B 432 7.99 -11.81 -42.29
C PRO B 432 9.49 -11.71 -42.52
N ALA B 433 10.04 -10.54 -42.19
CA ALA B 433 11.48 -10.32 -42.25
C ALA B 433 12.06 -9.58 -41.06
N GLY B 434 11.28 -8.80 -40.33
CA GLY B 434 11.85 -7.73 -39.51
C GLY B 434 11.27 -7.48 -38.14
N ASP B 435 10.84 -6.25 -37.93
CA ASP B 435 10.68 -5.68 -36.59
C ASP B 435 9.40 -4.84 -36.56
N TYR B 436 9.25 -4.03 -35.53
CA TYR B 436 8.01 -3.33 -35.20
C TYR B 436 7.99 -1.90 -35.77
N ALA B 437 6.78 -1.33 -35.81
CA ALA B 437 6.54 0.01 -36.34
C ALA B 437 5.08 0.39 -36.12
N ILE B 438 4.82 1.70 -36.06
CA ILE B 438 3.50 2.23 -35.74
C ILE B 438 3.03 3.31 -36.72
N THR B 439 3.87 4.30 -36.95
CA THR B 439 3.86 5.29 -38.04
C THR B 439 2.80 6.39 -37.98
N ASN B 440 1.80 6.26 -37.10
CA ASN B 440 0.88 7.35 -36.77
C ASN B 440 0.23 7.98 -38.00
N LYS B 441 -0.13 7.15 -38.98
CA LYS B 441 -0.93 7.56 -40.15
C LYS B 441 -0.18 8.43 -41.16
N SER B 442 0.99 8.95 -40.79
CA SER B 442 1.68 9.93 -41.61
C SER B 442 3.14 9.54 -41.82
N GLY B 443 3.74 8.86 -40.84
CA GLY B 443 5.13 8.52 -40.90
C GLY B 443 5.81 8.65 -39.55
N ASN B 444 5.27 9.51 -38.71
CA ASN B 444 5.84 9.72 -37.39
C ASN B 444 5.66 8.46 -36.55
N ASP B 445 6.76 7.85 -36.13
CA ASP B 445 6.68 6.65 -35.31
C ASP B 445 6.20 7.01 -33.92
N ILE B 446 6.08 6.00 -33.07
CA ILE B 446 5.39 6.11 -31.79
C ILE B 446 6.20 5.41 -30.71
N THR B 447 6.75 6.20 -29.80
CA THR B 447 7.35 5.70 -28.56
C THR B 447 7.00 6.52 -27.34
N THR B 448 6.27 7.62 -27.48
CA THR B 448 6.30 8.68 -26.47
C THR B 448 5.17 8.59 -25.46
N ALA B 449 4.93 7.42 -24.89
CA ALA B 449 4.19 7.27 -23.64
C ALA B 449 2.85 8.01 -23.67
N ALA B 450 1.92 7.45 -24.45
CA ALA B 450 0.72 8.10 -25.01
C ALA B 450 1.01 8.75 -26.35
N GLY B 451 2.15 8.43 -26.95
CA GLY B 451 2.21 8.49 -28.40
C GLY B 451 1.30 7.44 -29.01
N TYR B 452 1.22 6.28 -28.37
CA TYR B 452 0.24 5.27 -28.75
C TYR B 452 -1.17 5.80 -28.60
N ASP B 453 -1.37 6.72 -27.66
CA ASP B 453 -2.69 7.29 -27.40
C ASP B 453 -2.89 8.59 -28.14
N GLY B 454 -1.83 9.40 -28.27
CA GLY B 454 -1.89 10.64 -29.01
C GLY B 454 -1.63 10.42 -30.48
N ALA B 455 -2.40 9.54 -31.09
CA ALA B 455 -2.24 9.18 -32.48
C ALA B 455 -3.60 8.83 -33.06
N ASP B 456 -3.89 9.36 -34.24
CA ASP B 456 -5.20 9.17 -34.83
C ASP B 456 -5.47 7.70 -35.14
N VAL B 457 -4.51 7.02 -35.78
CA VAL B 457 -4.60 5.59 -35.99
C VAL B 457 -3.19 4.99 -35.91
N ILE B 458 -3.18 3.67 -35.75
CA ILE B 458 -2.03 2.96 -35.21
C ILE B 458 -1.65 1.89 -36.23
N VAL B 459 -1.64 2.29 -37.49
CA VAL B 459 -1.34 1.38 -38.59
C VAL B 459 0.00 0.70 -38.37
N ASN B 460 -0.03 -0.60 -38.14
CA ASN B 460 1.18 -1.36 -37.84
C ASN B 460 1.87 -1.71 -39.15
N ASN B 461 3.02 -1.09 -39.39
CA ASN B 461 3.84 -1.38 -40.56
C ASN B 461 4.99 -2.31 -40.20
N THR B 462 4.62 -3.49 -39.74
CA THR B 462 5.55 -4.57 -39.51
C THR B 462 5.11 -5.76 -40.35
N ASN B 463 6.01 -6.74 -40.49
CA ASN B 463 5.86 -7.80 -41.48
C ASN B 463 5.45 -9.13 -40.88
N PHE B 464 5.36 -9.23 -39.56
CA PHE B 464 4.81 -10.38 -38.87
C PHE B 464 3.70 -9.92 -37.95
N LYS B 465 2.85 -9.08 -38.50
CA LYS B 465 1.77 -8.46 -37.78
C LYS B 465 0.64 -9.45 -37.55
N GLY B 466 -0.06 -9.29 -36.43
CA GLY B 466 -1.28 -10.02 -36.19
C GLY B 466 -1.14 -11.40 -35.62
N MET B 467 0.08 -11.93 -35.48
CA MET B 467 0.29 -13.28 -35.01
C MET B 467 0.66 -13.30 -33.53
N TYR B 468 0.41 -14.44 -32.89
CA TYR B 468 0.65 -14.61 -31.47
C TYR B 468 2.14 -14.56 -31.17
N ILE B 469 2.45 -14.67 -29.88
CA ILE B 469 3.81 -14.51 -29.36
C ILE B 469 4.07 -15.65 -28.40
N CYS B 470 5.34 -16.04 -28.27
CA CYS B 470 5.71 -17.13 -27.39
C CYS B 470 7.12 -16.91 -26.86
N GLY B 471 7.58 -17.85 -26.01
CA GLY B 471 8.86 -17.76 -25.34
C GLY B 471 9.98 -18.48 -26.07
N SER B 472 9.71 -19.71 -26.50
CA SER B 472 10.51 -20.42 -27.49
C SER B 472 11.94 -20.66 -27.00
N LEU B 473 12.04 -21.52 -26.00
CA LEU B 473 13.29 -22.21 -25.74
C LEU B 473 13.60 -23.13 -26.91
N GLN B 474 14.86 -23.15 -27.34
CA GLN B 474 15.26 -23.79 -28.58
C GLN B 474 16.47 -24.68 -28.31
N ARG B 475 16.22 -25.97 -28.17
CA ARG B 475 17.26 -26.96 -28.01
C ARG B 475 17.70 -27.45 -29.38
N ALA B 476 19.01 -27.62 -29.55
CA ALA B 476 19.53 -28.16 -30.80
C ALA B 476 21.00 -28.47 -30.66
N TRP B 477 21.42 -29.55 -31.30
CA TRP B 477 22.82 -29.84 -31.43
C TRP B 477 23.45 -28.83 -32.38
N GLY B 478 24.46 -28.12 -31.90
CA GLY B 478 24.92 -26.93 -32.61
C GLY B 478 24.94 -25.71 -31.71
N ASP B 479 23.97 -24.83 -31.92
CA ASP B 479 23.97 -23.46 -31.41
C ASP B 479 24.28 -23.38 -29.92
N LYS B 480 25.47 -22.85 -29.61
CA LYS B 480 25.85 -22.52 -28.23
C LYS B 480 25.40 -21.10 -27.90
N LYS B 481 24.13 -20.83 -28.17
CA LYS B 481 23.59 -19.48 -28.15
C LYS B 481 22.24 -19.48 -27.46
N ILE B 482 21.83 -18.28 -27.08
CA ILE B 482 20.50 -18.09 -26.54
C ILE B 482 19.47 -18.52 -27.57
N SER B 483 18.26 -18.69 -27.09
CA SER B 483 17.14 -19.16 -27.90
C SER B 483 16.11 -18.05 -27.97
N ASN B 484 16.09 -17.33 -29.08
CA ASN B 484 15.23 -16.18 -29.21
C ASN B 484 13.76 -16.58 -29.16
N THR B 485 12.92 -15.59 -28.94
CA THR B 485 11.49 -15.82 -28.86
C THR B 485 10.96 -16.07 -30.26
N ALA B 486 9.64 -16.20 -30.37
CA ALA B 486 9.01 -16.67 -31.58
C ALA B 486 7.73 -15.89 -31.83
N PHE B 487 7.07 -16.25 -32.91
CA PHE B 487 5.81 -15.64 -33.30
C PHE B 487 5.06 -16.67 -34.14
N ILE B 488 3.82 -16.97 -33.76
CA ILE B 488 3.11 -18.11 -34.32
C ILE B 488 1.69 -17.74 -34.71
N THR B 489 1.16 -18.50 -35.66
CA THR B 489 -0.17 -18.32 -36.20
C THR B 489 -0.38 -19.41 -37.23
N THR B 490 -1.61 -19.49 -37.71
CA THR B 490 -2.03 -20.55 -38.61
C THR B 490 -2.17 -19.97 -40.02
N ALA B 491 -1.43 -20.53 -40.97
CA ALA B 491 -1.35 -19.91 -42.28
C ALA B 491 -0.55 -20.80 -43.22
N THR B 492 -0.61 -20.47 -44.50
CA THR B 492 0.07 -21.19 -45.55
C THR B 492 1.39 -20.50 -45.87
N LYS B 493 2.01 -20.89 -46.97
CA LYS B 493 3.21 -20.25 -47.49
C LYS B 493 3.03 -19.90 -48.96
N VAL B 494 3.88 -18.97 -49.41
CA VAL B 494 4.12 -18.74 -50.84
C VAL B 494 5.63 -18.87 -51.05
N ASP B 495 6.23 -19.80 -50.31
CA ASP B 495 7.64 -20.17 -50.29
C ASP B 495 8.55 -19.18 -49.56
N ASN B 496 8.07 -17.98 -49.30
CA ASN B 496 8.63 -17.17 -48.22
C ASN B 496 7.60 -16.28 -47.55
N ALA B 497 6.33 -16.38 -47.92
CA ALA B 497 5.31 -15.42 -47.55
C ALA B 497 4.05 -16.18 -47.22
N ILE B 498 3.32 -15.68 -46.22
CA ILE B 498 2.24 -16.42 -45.61
C ILE B 498 0.91 -15.79 -45.98
N GLU B 499 -0.16 -16.57 -45.84
CA GLU B 499 -1.51 -16.14 -46.14
C GLU B 499 -2.45 -16.76 -45.12
N PRO B 500 -3.50 -16.05 -44.71
CA PRO B 500 -4.45 -16.64 -43.79
C PRO B 500 -5.30 -17.69 -44.46
N SER B 501 -5.54 -18.77 -43.73
CA SER B 501 -6.47 -19.81 -44.18
C SER B 501 -6.92 -20.54 -42.93
N ASN B 502 -8.14 -20.25 -42.49
CA ASN B 502 -8.56 -20.58 -41.14
C ASN B 502 -8.52 -22.08 -40.87
N VAL B 503 -8.70 -22.92 -41.90
CA VAL B 503 -8.62 -24.35 -41.69
C VAL B 503 -7.18 -24.70 -41.32
N ILE B 504 -7.01 -25.81 -40.62
CA ILE B 504 -5.75 -26.18 -40.00
C ILE B 504 -5.38 -27.62 -40.32
N ASP B 505 -4.09 -27.87 -40.47
CA ASP B 505 -3.53 -29.23 -40.49
C ASP B 505 -2.05 -29.12 -40.16
N MET B 506 -1.28 -30.16 -40.50
CA MET B 506 0.17 -30.11 -40.33
C MET B 506 0.76 -28.91 -41.07
N THR B 507 0.20 -28.58 -42.22
CA THR B 507 0.82 -27.60 -43.11
C THR B 507 0.54 -26.18 -42.66
N LYS B 508 -0.66 -25.92 -42.18
CA LYS B 508 -1.10 -24.58 -41.86
C LYS B 508 -0.37 -23.98 -40.67
N ILE B 509 0.36 -24.79 -39.92
CA ILE B 509 1.19 -24.30 -38.84
C ILE B 509 2.24 -23.34 -39.40
N ALA B 510 2.66 -22.38 -38.57
CA ALA B 510 3.72 -21.47 -38.96
C ALA B 510 4.42 -20.94 -37.72
N VAL B 511 5.67 -20.54 -37.89
CA VAL B 511 6.47 -19.94 -36.84
C VAL B 511 7.31 -18.83 -37.45
N TYR B 512 8.04 -18.14 -36.59
CA TYR B 512 9.01 -17.16 -37.02
C TYR B 512 10.00 -16.97 -35.88
N GLN B 513 11.15 -17.63 -35.98
CA GLN B 513 12.21 -17.56 -34.98
C GLN B 513 13.52 -17.19 -35.66
N ASP B 514 14.36 -16.47 -34.92
CA ASP B 514 15.73 -16.29 -35.34
C ASP B 514 16.40 -17.64 -35.59
N THR B 515 16.46 -18.46 -34.56
CA THR B 515 16.83 -19.87 -34.56
C THR B 515 18.33 -20.08 -34.76
N HIS B 516 19.11 -19.06 -35.11
CA HIS B 516 20.55 -19.13 -35.19
C HIS B 516 21.00 -20.28 -36.12
N VAL B 517 20.66 -20.11 -37.39
CA VAL B 517 20.77 -21.17 -38.38
C VAL B 517 21.84 -20.81 -39.41
N GLY B 518 22.09 -21.74 -40.31
CA GLY B 518 23.02 -21.55 -41.40
C GLY B 518 22.52 -22.25 -42.65
N LYS B 519 23.42 -22.87 -43.41
CA LYS B 519 22.98 -23.64 -44.57
C LYS B 519 22.32 -24.94 -44.15
N GLU B 520 23.02 -25.73 -43.35
CA GLU B 520 22.65 -27.12 -43.13
C GLU B 520 21.29 -27.22 -42.45
N VAL B 521 20.54 -28.25 -42.83
CA VAL B 521 19.25 -28.49 -42.22
C VAL B 521 19.43 -28.74 -40.73
N GLN B 522 18.91 -27.82 -39.92
CA GLN B 522 19.04 -27.87 -38.48
C GLN B 522 17.72 -28.33 -37.87
N THR B 523 17.79 -29.37 -37.04
CA THR B 523 16.58 -30.02 -36.56
C THR B 523 15.75 -29.07 -35.69
N SER B 524 16.40 -28.46 -34.69
CA SER B 524 15.82 -27.38 -33.91
C SER B 524 14.54 -27.83 -33.20
N ASP B 525 14.72 -28.75 -32.27
CA ASP B 525 13.67 -29.04 -31.31
C ASP B 525 13.40 -27.78 -30.49
N ASP B 526 12.17 -27.70 -29.99
CA ASP B 526 11.64 -26.41 -29.58
C ASP B 526 10.52 -26.63 -28.58
N THR B 527 10.23 -25.59 -27.81
CA THR B 527 9.13 -25.63 -26.86
C THR B 527 8.66 -24.20 -26.60
N LEU B 528 7.35 -24.02 -26.66
CA LEU B 528 6.73 -22.72 -26.83
C LEU B 528 5.71 -22.50 -25.73
N SER B 529 5.66 -21.27 -25.20
CA SER B 529 4.67 -20.91 -24.20
C SER B 529 4.21 -19.51 -24.50
N LEU B 530 2.90 -19.32 -24.50
CA LEU B 530 2.29 -18.16 -25.12
C LEU B 530 2.24 -17.00 -24.15
N LEU B 531 2.45 -15.81 -24.68
CA LEU B 531 2.59 -14.59 -23.88
C LEU B 531 1.78 -13.43 -24.39
N GLY B 532 1.66 -13.26 -25.70
CA GLY B 532 1.10 -12.04 -26.23
C GLY B 532 0.64 -12.16 -27.67
N TYR B 533 0.22 -11.02 -28.20
CA TYR B 533 -0.36 -10.92 -29.54
C TYR B 533 0.24 -9.71 -30.20
N THR B 534 1.01 -9.92 -31.27
CA THR B 534 1.81 -8.86 -31.83
C THR B 534 0.97 -7.76 -32.45
N GLY B 535 -0.25 -8.07 -32.88
CA GLY B 535 -1.06 -7.08 -33.56
C GLY B 535 -1.44 -5.96 -32.61
N ILE B 536 -1.38 -4.74 -33.10
CA ILE B 536 -1.31 -3.55 -32.26
C ILE B 536 -2.60 -2.73 -32.32
N GLY B 537 -2.92 -2.23 -33.50
CA GLY B 537 -3.90 -1.17 -33.61
C GLY B 537 -5.33 -1.62 -33.78
N GLU B 538 -5.64 -2.87 -33.51
CA GLU B 538 -6.98 -3.42 -33.72
C GLU B 538 -7.58 -3.84 -32.40
N GLN B 539 -8.87 -4.15 -32.45
CA GLN B 539 -9.55 -4.89 -31.39
C GLN B 539 -10.33 -5.97 -32.14
N ALA B 540 -9.62 -7.03 -32.51
CA ALA B 540 -10.05 -7.98 -33.53
C ALA B 540 -9.72 -9.40 -33.07
N ILE B 541 -10.04 -9.69 -31.82
CA ILE B 541 -9.45 -10.82 -31.10
C ILE B 541 -10.51 -11.88 -30.79
N GLY B 542 -11.47 -12.06 -31.69
CA GLY B 542 -12.49 -13.07 -31.53
C GLY B 542 -13.86 -12.58 -31.92
N SER B 543 -13.97 -11.33 -32.34
CA SER B 543 -15.20 -10.85 -32.97
C SER B 543 -15.24 -11.21 -34.45
N ASP B 544 -14.09 -11.47 -35.07
CA ASP B 544 -14.04 -11.81 -36.48
C ASP B 544 -14.30 -13.29 -36.64
N ARG B 545 -15.54 -13.63 -36.96
CA ARG B 545 -15.94 -15.02 -37.17
C ARG B 545 -15.09 -15.71 -38.22
N ASP B 546 -14.60 -14.95 -39.20
CA ASP B 546 -13.87 -15.54 -40.31
C ASP B 546 -12.41 -15.78 -39.99
N ARG B 547 -11.85 -15.07 -39.01
CA ARG B 547 -10.44 -15.17 -38.66
C ARG B 547 -10.20 -16.16 -37.53
N VAL B 548 -11.14 -17.06 -37.28
CA VAL B 548 -11.04 -18.05 -36.22
C VAL B 548 -10.67 -19.39 -36.83
N VAL B 549 -9.69 -20.03 -36.23
CA VAL B 549 -9.19 -21.31 -36.72
C VAL B 549 -10.17 -22.40 -36.32
N ARG B 550 -10.35 -23.37 -37.20
CA ARG B 550 -11.27 -24.46 -36.97
C ARG B 550 -10.86 -25.64 -37.83
N ILE B 551 -11.20 -26.82 -37.37
CA ILE B 551 -10.90 -28.04 -38.11
C ILE B 551 -11.72 -28.04 -39.40
N SER B 552 -13.01 -28.16 -39.24
CA SER B 552 -14.00 -27.98 -40.29
C SER B 552 -15.17 -27.12 -39.86
N VAL B 553 -15.61 -27.27 -38.61
CA VAL B 553 -16.86 -26.71 -38.14
C VAL B 553 -16.59 -25.67 -37.07
N LEU B 554 -17.61 -24.87 -36.78
CA LEU B 554 -17.50 -23.70 -35.91
C LEU B 554 -18.75 -23.66 -35.04
N PRO B 555 -18.69 -24.20 -33.82
CA PRO B 555 -19.88 -24.19 -32.97
C PRO B 555 -20.36 -22.79 -32.66
N GLU B 556 -21.66 -22.57 -32.84
CA GLU B 556 -22.27 -21.28 -32.60
C GLU B 556 -23.58 -21.44 -31.85
N THR B 557 -24.04 -20.32 -31.30
CA THR B 557 -25.38 -20.22 -30.75
C THR B 557 -25.93 -18.84 -31.04
N GLY B 558 -27.25 -18.75 -30.94
CA GLY B 558 -27.94 -17.48 -30.95
C GLY B 558 -28.80 -17.39 -29.72
N ALA B 559 -29.69 -16.41 -29.69
CA ALA B 559 -30.56 -16.28 -28.55
C ALA B 559 -31.52 -17.47 -28.47
N ARG B 560 -32.07 -17.66 -27.28
CA ARG B 560 -33.07 -18.70 -27.04
C ARG B 560 -34.02 -18.17 -25.98
N GLY B 561 -35.30 -18.43 -26.15
CA GLY B 561 -36.30 -17.81 -25.30
C GLY B 561 -36.21 -16.31 -25.45
N GLY B 562 -35.67 -15.68 -24.41
CA GLY B 562 -35.12 -14.35 -24.55
C GLY B 562 -33.74 -14.27 -23.95
N ASN B 563 -33.09 -15.42 -23.78
CA ASN B 563 -31.76 -15.47 -23.24
C ASN B 563 -30.73 -15.27 -24.34
N HIS B 564 -29.72 -14.47 -24.05
CA HIS B 564 -28.65 -14.18 -24.96
C HIS B 564 -27.36 -14.85 -24.53
N PRO B 565 -26.41 -15.02 -25.43
CA PRO B 565 -25.14 -15.64 -25.07
C PRO B 565 -24.12 -14.62 -24.63
N ILE B 566 -22.90 -15.06 -24.33
CA ILE B 566 -21.89 -14.18 -23.77
C ILE B 566 -20.51 -14.60 -24.27
N PHE B 567 -19.55 -13.72 -24.04
CA PHE B 567 -18.14 -14.03 -23.97
C PHE B 567 -17.67 -13.71 -22.56
N TYR B 568 -16.78 -14.54 -22.04
CA TYR B 568 -16.05 -14.17 -20.84
C TYR B 568 -14.83 -13.38 -21.28
N LYS B 569 -14.83 -12.08 -21.02
CA LYS B 569 -13.71 -11.27 -21.41
C LYS B 569 -12.50 -11.61 -20.55
N ASN B 570 -11.33 -11.25 -21.07
CA ASN B 570 -10.07 -11.50 -20.44
C ASN B 570 -9.16 -10.33 -20.83
N SER B 571 -7.85 -10.50 -20.70
CA SER B 571 -6.92 -9.44 -21.07
C SER B 571 -5.59 -10.07 -21.47
N ILE B 572 -5.07 -9.65 -22.63
CA ILE B 572 -3.84 -10.20 -23.19
C ILE B 572 -2.92 -9.05 -23.55
N LYS B 573 -1.64 -9.36 -23.65
CA LYS B 573 -0.59 -8.38 -23.82
C LYS B 573 -0.10 -8.35 -25.26
N LEU B 574 0.68 -7.31 -25.55
CA LEU B 574 1.17 -7.01 -26.88
C LEU B 574 2.67 -7.25 -26.93
N GLY B 575 3.29 -6.88 -28.06
CA GLY B 575 4.67 -7.23 -28.32
C GLY B 575 5.65 -6.10 -28.06
N TYR B 576 5.28 -4.89 -28.48
CA TYR B 576 6.17 -3.75 -28.44
C TYR B 576 5.97 -2.93 -27.18
N VAL B 577 4.75 -2.48 -26.98
CA VAL B 577 4.46 -1.46 -26.01
C VAL B 577 3.85 -2.11 -24.77
N ILE B 578 3.94 -1.40 -23.64
CA ILE B 578 3.54 -1.94 -22.36
C ILE B 578 2.05 -2.20 -22.28
N ARG B 579 1.26 -1.65 -23.19
CA ARG B 579 -0.19 -1.77 -23.12
C ARG B 579 -0.66 -3.21 -23.26
N SER B 580 -1.96 -3.40 -23.13
CA SER B 580 -2.60 -4.69 -23.29
C SER B 580 -3.84 -4.48 -24.15
N ILE B 581 -4.71 -5.48 -24.23
CA ILE B 581 -5.88 -5.39 -25.09
C ILE B 581 -6.96 -6.34 -24.60
N ASP B 582 -8.19 -6.02 -24.98
CA ASP B 582 -9.34 -6.87 -24.75
C ASP B 582 -9.09 -8.26 -25.32
N VAL B 583 -9.91 -9.21 -24.86
CA VAL B 583 -9.78 -10.62 -25.22
C VAL B 583 -11.19 -11.17 -25.18
N PHE B 584 -11.39 -12.32 -25.81
CA PHE B 584 -12.62 -13.05 -25.75
C PHE B 584 -12.40 -14.49 -25.32
N ASN B 585 -13.48 -15.08 -24.85
CA ASN B 585 -13.53 -16.49 -24.52
C ASN B 585 -14.93 -16.98 -24.86
N SER B 586 -15.19 -18.24 -24.51
CA SER B 586 -16.52 -18.80 -24.49
C SER B 586 -16.81 -19.61 -23.25
N GLN B 587 -15.78 -19.98 -22.50
CA GLN B 587 -15.93 -20.84 -21.35
C GLN B 587 -14.81 -20.50 -20.38
N ILE B 588 -15.12 -20.58 -19.10
CA ILE B 588 -14.06 -20.64 -18.11
C ILE B 588 -13.31 -21.95 -18.29
N LEU B 589 -12.00 -21.90 -18.11
CA LEU B 589 -11.21 -23.10 -18.28
C LEU B 589 -11.59 -24.17 -17.28
N HIS B 590 -11.79 -23.77 -16.02
CA HIS B 590 -12.22 -24.71 -15.01
C HIS B 590 -13.58 -25.31 -15.34
N THR B 591 -14.38 -24.59 -16.12
CA THR B 591 -15.62 -25.15 -16.61
C THR B 591 -15.40 -26.09 -17.77
N SER B 592 -14.30 -25.94 -18.50
CA SER B 592 -14.09 -26.68 -19.72
C SER B 592 -13.33 -27.98 -19.52
N ARG B 593 -12.58 -28.12 -18.43
CA ARG B 593 -11.86 -29.37 -18.19
C ARG B 593 -12.72 -30.38 -17.47
N GLN B 594 -13.62 -29.93 -16.60
CA GLN B 594 -14.52 -30.86 -15.94
C GLN B 594 -15.35 -31.63 -16.94
N LEU B 595 -15.66 -31.00 -18.07
CA LEU B 595 -16.43 -31.63 -19.13
C LEU B 595 -15.60 -32.57 -19.97
N SER B 596 -14.27 -32.38 -19.95
CA SER B 596 -13.39 -33.34 -20.59
C SER B 596 -13.53 -34.72 -19.98
N LEU B 597 -13.80 -34.78 -18.68
CA LEU B 597 -13.55 -35.98 -17.90
C LEU B 597 -14.67 -36.31 -16.92
N ASN B 598 -15.87 -35.79 -17.14
CA ASN B 598 -17.03 -36.15 -16.33
C ASN B 598 -18.27 -36.12 -17.20
N HIS B 599 -19.19 -37.04 -16.91
CA HIS B 599 -20.44 -37.14 -17.65
C HIS B 599 -21.53 -36.41 -16.86
N TYR B 600 -21.46 -35.09 -16.90
CA TYR B 600 -22.51 -34.28 -16.29
C TYR B 600 -23.78 -34.46 -17.09
N LEU B 601 -24.79 -35.05 -16.46
CA LEU B 601 -26.04 -35.30 -17.16
C LEU B 601 -26.81 -34.01 -17.37
N LEU B 602 -27.37 -33.88 -18.57
CA LEU B 602 -28.32 -32.82 -18.85
C LEU B 602 -29.00 -33.12 -20.18
N PRO B 603 -30.26 -32.73 -20.38
CA PRO B 603 -30.84 -32.82 -21.70
C PRO B 603 -30.29 -31.74 -22.61
N PRO B 604 -30.74 -31.68 -23.86
CA PRO B 604 -30.32 -30.56 -24.71
C PRO B 604 -31.06 -29.29 -24.37
N ASP B 605 -32.36 -29.40 -24.09
CA ASP B 605 -33.22 -28.23 -23.95
C ASP B 605 -33.30 -27.89 -22.46
N SER B 606 -32.16 -27.51 -21.92
CA SER B 606 -32.07 -27.11 -20.53
C SER B 606 -30.70 -26.49 -20.32
N PHE B 607 -30.61 -25.72 -19.25
CA PHE B 607 -29.37 -25.09 -18.83
C PHE B 607 -28.88 -25.76 -17.56
N ALA B 608 -27.82 -25.20 -17.00
CA ALA B 608 -27.38 -25.50 -15.65
C ALA B 608 -27.16 -24.14 -15.01
N VAL B 609 -28.15 -23.69 -14.25
CA VAL B 609 -28.16 -22.33 -13.76
C VAL B 609 -27.01 -22.12 -12.78
N TYR B 610 -26.52 -20.89 -12.73
CA TYR B 610 -25.61 -20.45 -11.67
C TYR B 610 -25.92 -19.01 -11.34
N ARG B 611 -26.09 -18.74 -10.05
CA ARG B 611 -26.58 -17.45 -9.57
C ARG B 611 -25.40 -16.64 -9.11
N ILE B 612 -24.89 -15.86 -9.99
CA ILE B 612 -23.79 -14.95 -9.70
C ILE B 612 -24.31 -13.75 -8.94
N ILE B 613 -23.52 -13.29 -7.97
CA ILE B 613 -23.68 -11.96 -7.40
C ILE B 613 -22.34 -11.25 -7.53
N ASP B 614 -22.31 -10.01 -7.04
CA ASP B 614 -21.07 -9.25 -6.96
C ASP B 614 -20.89 -8.75 -5.53
N SER B 615 -19.94 -7.84 -5.34
CA SER B 615 -19.75 -7.16 -4.06
C SER B 615 -20.53 -5.87 -3.98
N ASN B 616 -21.66 -5.79 -4.69
CA ASN B 616 -22.53 -4.63 -4.65
C ASN B 616 -23.99 -5.02 -4.61
N GLY B 617 -24.32 -6.31 -4.55
CA GLY B 617 -25.68 -6.77 -4.56
C GLY B 617 -26.24 -7.01 -5.95
N SER B 618 -25.68 -6.35 -6.95
CA SER B 618 -26.13 -6.55 -8.32
C SER B 618 -25.82 -7.96 -8.74
N TRP B 619 -26.87 -8.76 -8.87
CA TRP B 619 -26.75 -10.17 -9.21
C TRP B 619 -27.45 -10.45 -10.51
N PHE B 620 -27.16 -11.64 -11.04
CA PHE B 620 -27.83 -12.12 -12.22
C PHE B 620 -27.56 -13.62 -12.34
N ASP B 621 -27.95 -14.18 -13.47
CA ASP B 621 -27.93 -15.61 -13.69
C ASP B 621 -27.09 -15.94 -14.90
N ILE B 622 -26.69 -17.20 -14.97
CA ILE B 622 -26.10 -17.76 -16.18
C ILE B 622 -26.63 -19.17 -16.34
N GLY B 623 -27.00 -19.52 -17.56
CA GLY B 623 -27.24 -20.89 -17.94
C GLY B 623 -26.12 -21.38 -18.81
N ILE B 624 -26.07 -22.70 -18.96
CA ILE B 624 -25.07 -23.35 -19.77
C ILE B 624 -25.76 -24.40 -20.63
N ASP B 625 -25.76 -24.19 -21.93
CA ASP B 625 -26.35 -25.14 -22.83
C ASP B 625 -25.49 -26.40 -22.88
N SER B 626 -26.06 -27.46 -23.44
CA SER B 626 -25.34 -28.73 -23.57
C SER B 626 -24.05 -28.55 -24.35
N ASP B 627 -24.03 -27.62 -25.29
CA ASP B 627 -22.83 -27.42 -26.10
C ASP B 627 -21.65 -26.89 -25.30
N GLY B 628 -21.95 -26.25 -24.19
CA GLY B 628 -20.93 -25.64 -23.37
C GLY B 628 -20.90 -24.13 -23.43
N PHE B 629 -21.76 -23.52 -24.22
CA PHE B 629 -21.86 -22.08 -24.27
C PHE B 629 -22.67 -21.58 -23.08
N SER B 630 -22.36 -20.36 -22.68
CA SER B 630 -22.99 -19.72 -21.54
C SER B 630 -24.03 -18.73 -22.05
N PHE B 631 -25.23 -18.80 -21.50
CA PHE B 631 -26.30 -17.89 -21.87
C PHE B 631 -26.74 -17.11 -20.64
N VAL B 632 -27.39 -15.98 -20.92
CA VAL B 632 -27.81 -15.03 -19.89
C VAL B 632 -29.08 -14.35 -20.37
N GLY B 633 -29.87 -13.85 -19.42
CA GLY B 633 -31.21 -13.39 -19.70
C GLY B 633 -31.43 -11.89 -19.68
N VAL B 634 -30.38 -11.12 -19.50
CA VAL B 634 -30.49 -9.67 -19.39
C VAL B 634 -29.97 -9.02 -20.66
N SER B 635 -30.49 -7.83 -20.93
CA SER B 635 -30.09 -7.07 -22.10
C SER B 635 -28.66 -6.56 -21.98
N SER B 636 -28.33 -5.98 -20.83
CA SER B 636 -27.03 -5.38 -20.61
C SER B 636 -26.54 -5.71 -19.21
N ILE B 637 -25.32 -5.25 -18.94
CA ILE B 637 -24.66 -5.46 -17.66
C ILE B 637 -24.29 -4.14 -17.00
N GLY B 638 -23.83 -3.19 -17.80
CA GLY B 638 -23.16 -2.04 -17.24
C GLY B 638 -21.75 -2.42 -16.83
N LYS B 639 -21.50 -2.33 -15.53
CA LYS B 639 -20.21 -2.69 -14.93
C LYS B 639 -20.51 -3.11 -13.51
N LEU B 640 -19.67 -3.96 -12.91
CA LEU B 640 -19.98 -4.43 -11.56
C LEU B 640 -18.76 -4.76 -10.71
N GLU B 641 -18.95 -4.76 -9.38
CA GLU B 641 -17.88 -5.10 -8.47
C GLU B 641 -17.56 -6.54 -8.78
N PHE B 642 -16.41 -6.74 -9.41
CA PHE B 642 -15.99 -8.06 -9.86
C PHE B 642 -15.73 -9.10 -8.77
N PRO B 643 -15.35 -8.76 -7.52
CA PRO B 643 -15.05 -9.84 -6.56
C PRO B 643 -16.28 -10.64 -6.21
N LEU B 644 -16.75 -11.42 -7.18
CA LEU B 644 -18.03 -12.11 -7.06
C LEU B 644 -18.02 -13.64 -6.99
N THR B 645 -19.12 -14.19 -6.50
CA THR B 645 -19.30 -15.63 -6.35
C THR B 645 -20.21 -16.20 -7.44
N ALA B 646 -20.45 -17.50 -7.36
CA ALA B 646 -21.26 -18.21 -8.34
C ALA B 646 -21.81 -19.45 -7.67
N SER B 647 -23.09 -19.41 -7.33
CA SER B 647 -23.77 -20.50 -6.65
C SER B 647 -24.70 -21.22 -7.61
N TYR B 648 -24.82 -22.52 -7.42
CA TYR B 648 -25.72 -23.31 -8.21
C TYR B 648 -27.14 -23.16 -7.68
N MET B 649 -28.09 -23.31 -8.57
CA MET B 649 -29.51 -23.17 -8.25
C MET B 649 -30.33 -24.35 -8.69
N GLY B 650 -30.04 -24.91 -9.85
CA GLY B 650 -30.83 -25.98 -10.36
C GLY B 650 -30.76 -26.01 -11.87
N ILE B 651 -31.75 -26.68 -12.45
CA ILE B 651 -31.89 -26.82 -13.88
C ILE B 651 -33.05 -25.96 -14.32
N GLN B 652 -33.02 -25.53 -15.58
CA GLN B 652 -34.01 -24.61 -16.08
C GLN B 652 -34.13 -24.75 -17.57
N LEU B 653 -35.37 -24.71 -18.05
CA LEU B 653 -35.62 -24.77 -19.49
C LEU B 653 -34.95 -23.59 -20.16
N ALA B 654 -34.58 -23.80 -21.42
CA ALA B 654 -33.81 -22.78 -22.11
C ALA B 654 -34.67 -21.58 -22.46
N LYS B 655 -35.93 -21.81 -22.77
CA LYS B 655 -36.80 -20.78 -23.33
C LYS B 655 -37.43 -19.91 -22.26
N ILE B 656 -36.58 -19.38 -21.39
CA ILE B 656 -37.01 -18.61 -20.22
C ILE B 656 -36.07 -17.44 -20.02
N ARG B 657 -36.63 -16.28 -19.70
CA ARG B 657 -35.82 -15.13 -19.35
C ARG B 657 -35.11 -15.40 -18.03
N LEU B 658 -33.79 -15.50 -18.06
CA LEU B 658 -33.03 -15.59 -16.84
C LEU B 658 -32.95 -14.23 -16.15
N ALA B 659 -32.79 -14.25 -14.84
CA ALA B 659 -33.09 -13.10 -14.00
C ALA B 659 -31.87 -12.26 -13.66
N SER B 660 -32.15 -11.02 -13.29
CA SER B 660 -31.19 -10.06 -12.79
C SER B 660 -31.93 -8.84 -12.30
N ASN B 661 -31.45 -8.26 -11.20
CA ASN B 661 -31.90 -6.96 -10.73
C ASN B 661 -30.71 -6.09 -10.41
N ILE B 662 -29.78 -6.04 -11.34
CA ILE B 662 -28.56 -5.30 -11.12
C ILE B 662 -28.82 -3.81 -11.00
N ARG B 663 -27.90 -3.12 -10.35
CA ARG B 663 -28.05 -1.71 -10.04
C ARG B 663 -27.64 -0.82 -11.20
N SER C 130 -51.16 -8.45 15.40
CA SER C 130 -52.01 -7.30 15.64
C SER C 130 -51.49 -6.48 16.82
N ILE C 131 -51.74 -6.99 18.02
CA ILE C 131 -51.31 -6.36 19.27
C ILE C 131 -50.67 -7.47 20.08
N THR C 132 -49.36 -7.60 19.97
CA THR C 132 -48.66 -8.75 20.51
C THR C 132 -47.96 -8.41 21.82
N ALA C 133 -47.98 -9.37 22.73
CA ALA C 133 -47.61 -9.22 24.12
C ALA C 133 -46.17 -9.68 24.36
N PRO C 134 -45.65 -9.59 25.58
CA PRO C 134 -44.23 -9.93 25.81
C PRO C 134 -43.89 -11.40 25.61
N GLU C 135 -44.88 -12.26 25.42
CA GLU C 135 -44.67 -13.67 25.22
C GLU C 135 -45.44 -14.23 24.03
N GLN C 136 -46.39 -13.46 23.50
CA GLN C 136 -47.25 -13.95 22.42
C GLN C 136 -46.43 -14.26 21.19
N GLY C 137 -46.78 -15.35 20.54
CA GLY C 137 -46.11 -15.80 19.34
C GLY C 137 -46.59 -17.18 18.96
N THR C 138 -46.89 -17.39 17.70
CA THR C 138 -47.37 -18.69 17.29
C THR C 138 -46.19 -19.64 17.29
N PRO C 139 -46.24 -20.77 18.01
CA PRO C 139 -45.10 -21.68 17.98
C PRO C 139 -45.13 -22.60 16.78
N VAL C 140 -43.94 -23.05 16.42
CA VAL C 140 -43.78 -24.11 15.43
C VAL C 140 -42.91 -25.24 15.92
N GLY C 141 -42.07 -25.00 16.92
CA GLY C 141 -41.23 -26.03 17.47
C GLY C 141 -39.96 -26.23 16.67
N GLY C 142 -38.97 -26.84 17.32
CA GLY C 142 -37.85 -27.37 16.58
C GLY C 142 -38.32 -28.26 15.47
N VAL C 143 -37.75 -28.07 14.29
CA VAL C 143 -38.33 -28.68 13.10
C VAL C 143 -37.91 -30.14 12.97
N ILE C 144 -36.73 -30.49 13.47
CA ILE C 144 -36.21 -31.86 13.37
C ILE C 144 -36.40 -32.55 14.70
N ALA C 145 -36.27 -31.79 15.79
CA ALA C 145 -36.40 -32.30 17.14
C ALA C 145 -37.23 -31.33 17.95
N GLU C 146 -37.40 -31.66 19.21
CA GLU C 146 -37.97 -30.74 20.18
C GLU C 146 -37.19 -30.91 21.48
N PRO C 147 -37.35 -30.00 22.43
CA PRO C 147 -36.64 -30.19 23.70
C PRO C 147 -37.13 -31.44 24.41
N SER C 148 -36.25 -32.44 24.49
CA SER C 148 -36.59 -33.74 25.06
C SER C 148 -36.28 -33.69 26.55
N ALA C 149 -37.30 -33.46 27.36
CA ALA C 149 -37.11 -33.37 28.80
C ALA C 149 -36.58 -34.67 29.40
N GLN C 150 -36.74 -35.79 28.69
CA GLN C 150 -36.05 -37.01 29.07
C GLN C 150 -34.54 -36.78 29.10
N MET C 151 -34.04 -35.92 28.22
CA MET C 151 -32.63 -35.61 28.17
C MET C 151 -32.17 -34.86 29.42
N SER C 152 -32.77 -33.69 29.66
CA SER C 152 -32.21 -32.73 30.61
C SER C 152 -32.13 -33.31 32.02
N ALA C 153 -32.96 -34.29 32.34
CA ALA C 153 -32.83 -34.97 33.61
C ALA C 153 -31.47 -35.64 33.74
N ALA C 154 -30.93 -36.13 32.62
CA ALA C 154 -29.62 -36.76 32.64
C ALA C 154 -28.57 -35.79 33.12
N ALA C 155 -28.69 -34.51 32.76
CA ALA C 155 -27.81 -33.51 33.33
C ALA C 155 -28.04 -33.39 34.82
N ASP C 156 -29.32 -33.35 35.22
CA ASP C 156 -29.65 -33.34 36.63
C ASP C 156 -29.27 -34.65 37.31
N MET C 157 -29.02 -35.70 36.54
CA MET C 157 -28.61 -36.98 37.10
C MET C 157 -27.12 -36.98 37.40
N ALA C 158 -26.33 -36.39 36.50
CA ALA C 158 -24.90 -36.27 36.73
C ALA C 158 -24.64 -35.43 37.97
N THR C 159 -25.18 -34.23 37.98
CA THR C 159 -25.00 -33.29 39.07
C THR C 159 -26.08 -33.48 40.11
N GLY C 160 -26.03 -32.64 41.15
CA GLY C 160 -27.04 -32.63 42.18
C GLY C 160 -28.09 -31.58 41.92
N LYS C 161 -28.16 -31.13 40.67
CA LYS C 161 -29.05 -30.03 40.31
C LYS C 161 -30.49 -30.52 40.37
N SER C 162 -31.12 -30.31 41.51
CA SER C 162 -32.54 -30.48 41.68
C SER C 162 -33.22 -29.19 42.13
N VAL C 163 -32.48 -28.10 42.21
CA VAL C 163 -32.98 -26.89 42.85
C VAL C 163 -32.17 -25.70 42.37
N ASP C 164 -32.86 -24.60 42.07
CA ASP C 164 -32.23 -23.34 41.75
C ASP C 164 -32.09 -22.48 42.99
N SER C 165 -31.33 -21.39 42.84
CA SER C 165 -31.08 -20.46 43.93
C SER C 165 -30.46 -21.17 45.13
N GLU C 166 -29.29 -21.77 44.88
CA GLU C 166 -28.57 -22.47 45.94
C GLU C 166 -28.18 -21.53 47.07
N TRP C 167 -27.82 -20.28 46.75
CA TRP C 167 -27.35 -19.34 47.75
C TRP C 167 -28.33 -19.10 48.88
N GLU C 168 -29.59 -19.47 48.72
CA GLU C 168 -30.54 -19.39 49.82
C GLU C 168 -30.42 -20.56 50.78
N ALA C 169 -29.52 -21.51 50.56
CA ALA C 169 -29.41 -22.67 51.43
C ALA C 169 -27.97 -23.12 51.63
N PHE C 170 -27.01 -22.20 51.60
CA PHE C 170 -25.68 -22.52 52.05
C PHE C 170 -24.97 -21.25 52.43
N PHE C 171 -24.19 -21.31 53.49
CA PHE C 171 -23.57 -20.10 54.00
C PHE C 171 -22.43 -19.67 53.09
N SER C 172 -21.83 -18.54 53.42
CA SER C 172 -20.82 -17.93 52.58
C SER C 172 -19.95 -17.04 53.45
N PHE C 173 -18.64 -17.18 53.28
CA PHE C 173 -17.69 -16.31 53.96
C PHE C 173 -17.96 -14.86 53.64
N HIS C 174 -17.76 -14.02 54.63
CA HIS C 174 -17.81 -12.56 54.47
C HIS C 174 -16.60 -11.89 55.06
N THR C 175 -16.11 -12.37 56.20
CA THR C 175 -14.90 -11.85 56.83
C THR C 175 -14.60 -12.71 58.04
N SER C 176 -13.49 -12.41 58.68
CA SER C 176 -13.03 -13.13 59.85
C SER C 176 -12.39 -12.13 60.79
N VAL C 177 -12.33 -12.51 62.07
CA VAL C 177 -11.86 -11.60 63.11
C VAL C 177 -10.96 -12.36 64.06
N ASN C 178 -9.98 -11.66 64.60
CA ASN C 178 -9.15 -12.13 65.68
C ASN C 178 -9.58 -11.47 66.97
N TRP C 179 -9.55 -12.22 68.06
CA TRP C 179 -9.94 -11.72 69.36
C TRP C 179 -8.94 -12.19 70.38
N SER C 180 -8.27 -11.24 71.02
CA SER C 180 -7.12 -11.51 71.86
C SER C 180 -7.27 -10.78 73.17
N THR C 181 -6.42 -11.15 74.12
CA THR C 181 -6.55 -10.65 75.47
C THR C 181 -6.28 -9.15 75.53
N SER C 182 -5.44 -8.64 74.64
CA SER C 182 -5.17 -7.21 74.62
C SER C 182 -6.39 -6.41 74.21
N GLU C 183 -7.32 -7.01 73.48
CA GLU C 183 -8.57 -6.35 73.11
C GLU C 183 -9.49 -6.39 74.32
N THR C 184 -9.75 -5.23 74.89
CA THR C 184 -10.36 -5.13 76.19
C THR C 184 -11.88 -5.15 76.08
N GLN C 185 -12.52 -4.88 77.21
CA GLN C 185 -13.96 -4.85 77.29
C GLN C 185 -14.52 -3.64 76.57
N GLY C 186 -15.73 -3.78 76.07
CA GLY C 186 -16.39 -2.71 75.35
C GLY C 186 -15.91 -2.51 73.94
N LYS C 187 -14.90 -3.24 73.48
CA LYS C 187 -14.45 -3.08 72.12
C LYS C 187 -15.46 -3.67 71.15
N ILE C 188 -15.54 -3.07 69.98
CA ILE C 188 -16.39 -3.54 68.90
C ILE C 188 -15.52 -4.25 67.89
N LEU C 189 -15.80 -5.53 67.68
CA LEU C 189 -15.06 -6.34 66.72
C LEU C 189 -15.70 -6.26 65.35
N PHE C 190 -16.95 -6.67 65.26
CA PHE C 190 -17.69 -6.78 64.02
C PHE C 190 -18.70 -5.66 63.94
N LYS C 191 -18.88 -5.12 62.74
CA LYS C 191 -19.87 -4.07 62.53
C LYS C 191 -20.21 -4.03 61.06
N GLN C 192 -21.39 -4.53 60.71
CA GLN C 192 -21.84 -4.57 59.33
C GLN C 192 -23.32 -4.28 59.28
N SER C 193 -23.71 -3.54 58.26
CA SER C 193 -25.09 -3.13 58.06
C SER C 193 -25.80 -4.11 57.15
N LEU C 194 -27.11 -4.12 57.25
CA LEU C 194 -27.90 -4.96 56.37
C LEU C 194 -27.70 -4.52 54.93
N GLY C 195 -27.79 -5.48 54.03
CA GLY C 195 -27.70 -5.21 52.63
C GLY C 195 -27.45 -6.47 51.84
N PRO C 196 -27.46 -6.34 50.55
CA PRO C 196 -27.23 -7.49 49.69
C PRO C 196 -25.76 -7.86 49.66
N LEU C 197 -24.90 -6.87 49.85
CA LEU C 197 -23.45 -7.06 49.72
C LEU C 197 -22.89 -8.06 50.71
N LEU C 198 -23.64 -8.46 51.73
CA LEU C 198 -23.16 -9.43 52.68
C LEU C 198 -23.16 -10.86 52.16
N ASN C 199 -23.45 -11.05 50.88
CA ASN C 199 -23.28 -12.36 50.26
C ASN C 199 -23.05 -12.13 48.78
N PRO C 200 -21.82 -12.31 48.28
CA PRO C 200 -21.46 -11.75 46.97
C PRO C 200 -22.28 -12.27 45.82
N TYR C 201 -22.92 -13.42 45.98
CA TYR C 201 -23.92 -13.84 45.00
C TYR C 201 -24.95 -12.74 44.82
N LEU C 202 -25.49 -12.24 45.93
CA LEU C 202 -26.47 -11.17 45.87
C LEU C 202 -25.86 -9.90 45.32
N GLU C 203 -24.59 -9.63 45.63
CA GLU C 203 -23.91 -8.50 45.05
C GLU C 203 -23.83 -8.62 43.54
N HIS C 204 -23.85 -9.84 43.02
CA HIS C 204 -23.79 -10.05 41.59
C HIS C 204 -25.15 -9.95 40.93
N LEU C 205 -26.21 -10.30 41.64
CA LEU C 205 -27.55 -10.26 41.08
C LEU C 205 -28.21 -8.90 41.19
N ALA C 206 -27.78 -8.08 42.14
CA ALA C 206 -28.37 -6.76 42.30
C ALA C 206 -28.17 -5.91 41.05
N LYS C 207 -27.20 -6.24 40.22
CA LYS C 207 -26.97 -5.46 39.01
C LYS C 207 -28.12 -5.56 38.04
N LEU C 208 -28.85 -6.67 38.07
CA LEU C 208 -30.05 -6.79 37.26
C LEU C 208 -31.14 -5.90 37.78
N TYR C 209 -31.24 -5.75 39.09
CA TYR C 209 -32.42 -5.21 39.74
C TYR C 209 -32.08 -3.89 40.42
N VAL C 210 -33.09 -3.33 41.08
CA VAL C 210 -33.04 -1.99 41.63
C VAL C 210 -33.15 -2.02 43.14
N ALA C 211 -33.98 -2.93 43.66
CA ALA C 211 -34.47 -2.85 45.01
C ALA C 211 -34.24 -4.16 45.76
N TRP C 212 -34.51 -4.10 47.05
CA TRP C 212 -34.38 -5.29 47.90
C TRP C 212 -35.16 -5.07 49.17
N SER C 213 -35.66 -6.18 49.71
CA SER C 213 -36.35 -6.17 50.98
C SER C 213 -36.21 -7.53 51.64
N GLY C 214 -36.17 -7.53 52.96
CA GLY C 214 -36.13 -8.73 53.76
C GLY C 214 -34.85 -8.81 54.55
N SER C 215 -34.67 -9.96 55.18
CA SER C 215 -33.67 -10.15 56.22
C SER C 215 -32.41 -10.79 55.68
N ILE C 216 -31.47 -11.03 56.59
CA ILE C 216 -30.23 -11.73 56.32
C ILE C 216 -29.85 -12.48 57.58
N ASP C 217 -29.13 -13.58 57.38
CA ASP C 217 -28.60 -14.42 58.44
C ASP C 217 -27.09 -14.22 58.44
N VAL C 218 -26.46 -14.29 59.59
CA VAL C 218 -25.04 -14.02 59.72
C VAL C 218 -24.46 -15.07 60.67
N ARG C 219 -23.92 -16.14 60.12
CA ARG C 219 -23.43 -17.21 60.99
C ARG C 219 -22.17 -16.77 61.72
N PHE C 220 -22.08 -17.19 62.98
CA PHE C 220 -20.89 -17.01 63.79
C PHE C 220 -20.43 -18.36 64.28
N SER C 221 -19.15 -18.62 64.11
CA SER C 221 -18.54 -19.86 64.55
C SER C 221 -17.24 -19.54 65.24
N ILE C 222 -16.93 -20.36 66.25
CA ILE C 222 -15.81 -20.09 67.13
C ILE C 222 -15.42 -21.39 67.80
N SER C 223 -14.13 -21.53 68.04
CA SER C 223 -13.60 -22.69 68.72
C SER C 223 -12.53 -22.23 69.69
N GLY C 224 -12.81 -22.40 70.98
CA GLY C 224 -11.87 -22.13 72.03
C GLY C 224 -11.53 -23.43 72.73
N SER C 225 -10.52 -23.36 73.58
CA SER C 225 -9.92 -24.58 74.08
C SER C 225 -10.83 -25.38 74.98
N GLY C 226 -11.75 -24.72 75.68
CA GLY C 226 -12.46 -25.32 76.79
C GLY C 226 -11.90 -24.90 78.13
N VAL C 227 -10.62 -24.56 78.16
CA VAL C 227 -10.03 -23.98 79.37
C VAL C 227 -10.24 -22.48 79.38
N PHE C 228 -10.28 -21.86 78.20
CA PHE C 228 -10.60 -20.44 78.10
C PHE C 228 -11.99 -20.15 78.66
N GLY C 229 -12.22 -18.87 78.85
CA GLY C 229 -13.50 -18.35 79.25
C GLY C 229 -13.87 -17.18 78.37
N GLY C 230 -14.39 -16.13 78.97
CA GLY C 230 -14.73 -14.95 78.22
C GLY C 230 -16.06 -15.12 77.55
N LYS C 231 -16.94 -14.14 77.73
CA LYS C 231 -18.24 -14.12 77.09
C LYS C 231 -18.27 -12.96 76.11
N LEU C 232 -18.99 -13.17 75.03
CA LEU C 232 -18.96 -12.28 73.89
C LEU C 232 -20.38 -11.99 73.45
N ALA C 233 -20.66 -10.72 73.21
CA ALA C 233 -22.02 -10.26 73.04
C ALA C 233 -22.41 -10.25 71.57
N ALA C 234 -23.62 -9.78 71.33
CA ALA C 234 -24.11 -9.59 69.97
C ALA C 234 -25.38 -8.75 70.03
N ILE C 235 -25.43 -7.70 69.23
CA ILE C 235 -26.53 -6.74 69.27
C ILE C 235 -26.90 -6.40 67.84
N VAL C 236 -28.17 -6.60 67.51
CA VAL C 236 -28.77 -5.86 66.41
C VAL C 236 -29.13 -4.49 66.93
N VAL C 237 -28.71 -3.47 66.20
CA VAL C 237 -29.08 -2.09 66.52
C VAL C 237 -30.09 -1.63 65.47
N PRO C 238 -30.87 -0.60 65.74
CA PRO C 238 -31.79 -0.13 64.75
C PRO C 238 -31.10 0.80 63.78
N PRO C 239 -31.79 1.26 62.76
CA PRO C 239 -31.19 2.23 61.85
C PRO C 239 -30.96 3.60 62.47
N GLY C 240 -30.31 4.47 61.72
CA GLY C 240 -30.12 5.83 62.13
C GLY C 240 -28.98 6.06 63.09
N VAL C 241 -28.37 5.00 63.61
CA VAL C 241 -27.36 5.10 64.64
C VAL C 241 -26.00 4.76 64.06
N ASP C 242 -24.98 4.96 64.88
CA ASP C 242 -23.60 4.71 64.53
C ASP C 242 -22.91 4.29 65.82
N PRO C 243 -22.68 2.99 66.04
CA PRO C 243 -22.36 2.53 67.39
C PRO C 243 -21.06 3.11 67.93
N VAL C 244 -20.80 2.77 69.18
CA VAL C 244 -19.73 3.37 69.97
C VAL C 244 -19.08 2.29 70.82
N GLN C 245 -17.75 2.31 70.87
CA GLN C 245 -17.00 1.33 71.65
C GLN C 245 -17.08 1.65 73.13
N SER C 246 -18.26 1.47 73.74
CA SER C 246 -18.43 1.73 75.15
C SER C 246 -19.57 0.88 75.68
N THR C 247 -19.50 0.59 76.97
CA THR C 247 -20.44 -0.33 77.59
C THR C 247 -21.87 0.17 77.54
N SER C 248 -22.09 1.46 77.34
CA SER C 248 -23.44 1.99 77.24
C SER C 248 -24.21 1.35 76.09
N MET C 249 -23.50 0.79 75.12
CA MET C 249 -24.12 -0.02 74.09
C MET C 249 -24.74 -1.29 74.65
N LEU C 250 -24.26 -1.76 75.80
CA LEU C 250 -24.82 -2.95 76.42
C LEU C 250 -26.02 -2.64 77.29
N GLN C 251 -26.33 -1.37 77.50
CA GLN C 251 -27.56 -0.99 78.20
C GLN C 251 -28.75 -1.10 77.26
N TYR C 252 -28.92 -2.30 76.70
CA TYR C 252 -29.73 -2.55 75.53
C TYR C 252 -29.77 -4.06 75.40
N PRO C 253 -30.83 -4.65 74.84
CA PRO C 253 -30.89 -6.11 74.75
C PRO C 253 -29.74 -6.68 73.95
N HIS C 254 -29.04 -7.62 74.58
CA HIS C 254 -27.84 -8.23 74.04
C HIS C 254 -27.88 -9.72 74.30
N VAL C 255 -27.38 -10.47 73.33
CA VAL C 255 -27.19 -11.91 73.48
C VAL C 255 -25.71 -12.18 73.62
N LEU C 256 -25.38 -13.06 74.54
CA LEU C 256 -24.01 -13.41 74.86
C LEU C 256 -23.70 -14.79 74.34
N PHE C 257 -22.43 -15.06 74.13
CA PHE C 257 -21.99 -16.44 74.02
C PHE C 257 -20.52 -16.54 74.34
N ASP C 258 -20.12 -17.73 74.73
CA ASP C 258 -18.82 -18.01 75.32
C ASP C 258 -17.86 -18.51 74.26
N ALA C 259 -16.57 -18.35 74.54
CA ALA C 259 -15.55 -18.90 73.67
C ALA C 259 -15.49 -20.42 73.73
N ARG C 260 -16.14 -21.02 74.72
CA ARG C 260 -16.32 -22.46 74.73
C ARG C 260 -17.45 -22.92 73.81
N GLN C 261 -18.10 -22.00 73.13
CA GLN C 261 -19.23 -22.37 72.28
C GLN C 261 -18.77 -23.30 71.18
N VAL C 262 -19.67 -24.18 70.78
CA VAL C 262 -19.32 -25.30 69.93
C VAL C 262 -20.15 -25.21 68.66
N GLU C 263 -21.46 -25.30 68.81
CA GLU C 263 -22.33 -25.19 67.65
C GLU C 263 -22.34 -23.73 67.19
N PRO C 264 -22.19 -23.48 65.89
CA PRO C 264 -22.27 -22.09 65.42
C PRO C 264 -23.62 -21.46 65.71
N VAL C 265 -23.66 -20.16 65.46
CA VAL C 265 -24.73 -19.28 65.88
C VAL C 265 -25.13 -18.46 64.65
N ILE C 266 -26.34 -17.90 64.68
CA ILE C 266 -27.05 -17.47 63.47
C ILE C 266 -27.31 -15.97 63.45
N PHE C 267 -28.14 -15.48 64.37
CA PHE C 267 -28.45 -14.05 64.49
C PHE C 267 -29.05 -13.50 63.19
N SER C 268 -30.28 -13.94 62.92
CA SER C 268 -31.03 -13.39 61.79
C SER C 268 -31.21 -11.90 61.96
N ILE C 269 -30.76 -11.14 60.98
CA ILE C 269 -30.83 -9.68 61.00
C ILE C 269 -32.12 -9.25 60.30
N PRO C 270 -33.11 -8.72 61.01
CA PRO C 270 -34.34 -8.30 60.36
C PRO C 270 -34.14 -6.99 59.60
N ASP C 271 -35.16 -6.64 58.83
CA ASP C 271 -35.22 -5.38 58.10
C ASP C 271 -36.24 -4.51 58.81
N LEU C 272 -35.75 -3.48 59.47
CA LEU C 272 -36.56 -2.57 60.26
C LEU C 272 -36.50 -1.23 59.55
N ARG C 273 -37.47 -1.02 58.68
CA ARG C 273 -37.42 0.08 57.74
C ARG C 273 -38.71 0.88 57.80
N SER C 274 -38.60 2.14 57.40
CA SER C 274 -39.72 3.05 57.34
C SER C 274 -40.44 3.02 56.00
N THR C 275 -39.83 2.43 54.99
CA THR C 275 -40.36 2.40 53.64
C THR C 275 -40.80 0.99 53.27
N LEU C 276 -41.57 0.91 52.19
CA LEU C 276 -42.02 -0.39 51.73
C LEU C 276 -40.88 -1.23 51.21
N TYR C 277 -39.80 -0.60 50.76
CA TYR C 277 -38.63 -1.33 50.32
C TYR C 277 -37.48 -0.36 50.20
N HIS C 278 -36.33 -0.90 49.84
CA HIS C 278 -35.09 -0.16 49.72
C HIS C 278 -34.61 -0.17 48.29
N LEU C 279 -33.78 0.81 47.98
CA LEU C 279 -32.95 0.77 46.80
C LEU C 279 -31.63 0.12 47.17
N MET C 280 -30.65 0.17 46.28
CA MET C 280 -29.32 -0.31 46.57
C MET C 280 -28.43 0.75 47.19
N SER C 281 -28.85 2.01 47.13
CA SER C 281 -28.08 3.13 47.69
C SER C 281 -28.63 3.55 49.05
N ASP C 282 -29.05 2.58 49.85
CA ASP C 282 -29.64 2.82 51.16
C ASP C 282 -28.71 2.27 52.22
N THR C 283 -28.07 3.17 52.97
CA THR C 283 -27.23 2.81 54.10
C THR C 283 -27.96 2.85 55.42
N ASP C 284 -29.01 3.66 55.53
CA ASP C 284 -29.78 3.80 56.77
C ASP C 284 -30.60 2.53 56.96
N THR C 285 -29.93 1.50 57.46
CA THR C 285 -30.51 0.19 57.63
C THR C 285 -30.18 -0.35 59.01
N THR C 286 -30.79 -1.49 59.30
CA THR C 286 -30.42 -2.26 60.46
C THR C 286 -28.97 -2.71 60.32
N SER C 287 -28.35 -3.02 61.46
CA SER C 287 -26.97 -3.43 61.47
C SER C 287 -26.72 -4.26 62.72
N LEU C 288 -25.52 -4.81 62.80
CA LEU C 288 -25.15 -5.78 63.82
C LEU C 288 -23.82 -5.38 64.41
N VAL C 289 -23.58 -5.78 65.65
CA VAL C 289 -22.27 -5.62 66.27
C VAL C 289 -22.03 -6.78 67.21
N ILE C 290 -20.77 -7.19 67.26
CA ILE C 290 -20.23 -8.00 68.35
C ILE C 290 -19.43 -7.07 69.22
N MET C 291 -19.40 -7.33 70.51
CA MET C 291 -18.50 -6.59 71.37
C MET C 291 -18.10 -7.43 72.56
N VAL C 292 -16.91 -7.13 73.07
CA VAL C 292 -16.24 -7.97 74.05
C VAL C 292 -16.88 -7.70 75.40
N TYR C 293 -17.86 -8.52 75.75
CA TYR C 293 -18.57 -8.36 77.01
C TYR C 293 -17.63 -8.59 78.18
N ASN C 294 -17.02 -9.76 78.22
CA ASN C 294 -15.99 -10.09 79.19
C ASN C 294 -14.79 -10.63 78.47
N ASP C 295 -13.62 -10.12 78.85
CA ASP C 295 -12.41 -10.31 78.08
C ASP C 295 -12.02 -11.77 78.06
N LEU C 296 -10.97 -12.06 77.31
CA LEU C 296 -10.49 -13.42 77.14
C LEU C 296 -9.47 -13.76 78.21
N ILE C 297 -9.43 -15.04 78.57
CA ILE C 297 -8.64 -15.53 79.68
C ILE C 297 -7.89 -16.77 79.23
N ASN C 298 -6.57 -16.69 79.25
CA ASN C 298 -5.71 -17.86 79.18
C ASN C 298 -5.06 -18.00 80.55
N PRO C 299 -5.58 -18.87 81.42
CA PRO C 299 -5.00 -18.98 82.76
C PRO C 299 -3.53 -19.31 82.77
N TYR C 300 -3.09 -20.18 81.86
CA TYR C 300 -1.70 -20.54 81.84
C TYR C 300 -0.81 -19.39 81.39
N ALA C 301 -1.33 -18.51 80.55
CA ALA C 301 -0.50 -17.47 79.99
C ALA C 301 -0.04 -16.49 81.05
N ASN C 302 1.19 -16.03 80.91
CA ASN C 302 1.61 -14.84 81.61
C ASN C 302 0.86 -13.64 81.06
N ASP C 303 0.90 -12.53 81.81
CA ASP C 303 0.30 -11.31 81.33
C ASP C 303 1.14 -10.66 80.23
N SER C 304 2.42 -11.04 80.11
CA SER C 304 3.26 -10.47 79.08
C SER C 304 2.89 -11.04 77.72
N ASN C 305 3.08 -12.35 77.55
CA ASN C 305 2.64 -13.00 76.32
C ASN C 305 1.11 -12.94 76.23
N SER C 306 0.61 -12.92 75.00
CA SER C 306 -0.80 -12.68 74.75
C SER C 306 -1.23 -13.54 73.58
N SER C 307 -2.20 -14.41 73.82
CA SER C 307 -2.79 -15.26 72.80
C SER C 307 -4.17 -14.72 72.43
N GLY C 308 -4.85 -15.44 71.56
CA GLY C 308 -6.19 -15.05 71.20
C GLY C 308 -6.83 -15.97 70.17
N CYS C 309 -8.09 -16.34 70.40
CA CYS C 309 -8.84 -17.08 69.42
C CYS C 309 -9.31 -16.12 68.33
N ILE C 310 -10.05 -16.68 67.39
CA ILE C 310 -10.55 -15.95 66.25
C ILE C 310 -12.07 -16.12 66.21
N VAL C 311 -12.67 -15.49 65.21
CA VAL C 311 -14.10 -15.60 64.97
C VAL C 311 -14.29 -15.52 63.47
N THR C 312 -14.95 -16.54 62.92
CA THR C 312 -15.26 -16.56 61.50
C THR C 312 -16.74 -16.26 61.33
N VAL C 313 -17.05 -15.47 60.31
CA VAL C 313 -18.39 -15.01 60.02
C VAL C 313 -18.80 -15.51 58.67
N GLU C 314 -20.05 -15.95 58.56
CA GLU C 314 -20.63 -16.26 57.28
C GLU C 314 -22.07 -15.77 57.27
N THR C 315 -22.64 -15.73 56.07
CA THR C 315 -23.94 -15.15 55.85
C THR C 315 -24.79 -16.06 55.00
N LYS C 316 -26.05 -15.65 54.84
CA LYS C 316 -27.00 -16.33 53.98
C LYS C 316 -28.20 -15.42 53.82
N PRO C 317 -28.84 -15.40 52.65
CA PRO C 317 -29.84 -14.36 52.40
C PRO C 317 -31.04 -14.42 53.28
N GLY C 318 -31.36 -15.57 53.84
CA GLY C 318 -32.57 -15.71 54.62
C GLY C 318 -33.68 -16.33 53.83
N ALA C 319 -34.91 -15.92 54.12
CA ALA C 319 -36.10 -16.52 53.54
C ALA C 319 -37.04 -15.48 52.96
N ASP C 320 -37.20 -14.34 53.62
CA ASP C 320 -38.05 -13.28 53.14
C ASP C 320 -37.32 -12.30 52.26
N PHE C 321 -36.14 -12.67 51.76
CA PHE C 321 -35.26 -11.73 51.09
C PHE C 321 -35.52 -11.78 49.59
N LYS C 322 -36.33 -10.85 49.11
CA LYS C 322 -36.64 -10.71 47.71
C LYS C 322 -36.06 -9.41 47.18
N PHE C 323 -35.54 -9.46 45.98
CA PHE C 323 -35.31 -8.25 45.23
C PHE C 323 -36.61 -7.81 44.58
N HIS C 324 -36.56 -6.68 43.89
CA HIS C 324 -37.73 -6.10 43.24
C HIS C 324 -37.28 -5.30 42.04
N LEU C 325 -38.26 -4.91 41.21
CA LEU C 325 -38.15 -3.82 40.25
C LEU C 325 -36.96 -4.01 39.30
N LEU C 326 -37.15 -5.01 38.44
CA LEU C 326 -36.15 -5.34 37.44
C LEU C 326 -35.77 -4.13 36.61
N LYS C 327 -34.47 -4.01 36.32
CA LYS C 327 -33.94 -2.87 35.62
C LYS C 327 -33.76 -3.23 34.15
N PRO C 328 -34.23 -2.43 33.20
CA PRO C 328 -33.89 -2.68 31.82
C PRO C 328 -32.51 -2.15 31.50
N PRO C 329 -31.55 -3.00 31.16
CA PRO C 329 -30.27 -2.47 30.69
C PRO C 329 -30.42 -1.90 29.29
N GLY C 330 -29.54 -1.01 28.87
CA GLY C 330 -28.51 -0.33 29.66
C GLY C 330 -29.04 0.98 30.18
N SER C 331 -29.92 0.92 31.18
CA SER C 331 -30.55 2.11 31.70
C SER C 331 -29.51 3.02 32.35
N MET C 332 -29.98 4.18 32.78
CA MET C 332 -29.16 5.14 33.50
C MET C 332 -30.00 5.61 34.68
N LEU C 333 -29.65 5.12 35.87
CA LEU C 333 -30.43 5.39 37.06
C LEU C 333 -30.49 6.89 37.30
N THR C 334 -31.69 7.38 37.60
CA THR C 334 -32.00 8.80 37.45
C THR C 334 -31.17 9.66 38.38
N HIS C 335 -31.00 9.24 39.63
CA HIS C 335 -30.14 9.97 40.54
C HIS C 335 -28.68 9.88 40.13
N GLY C 336 -28.31 8.84 39.40
CA GLY C 336 -26.96 8.64 38.91
C GLY C 336 -26.52 7.20 39.11
N SER C 337 -25.48 6.86 38.38
CA SER C 337 -24.91 5.53 38.51
C SER C 337 -23.98 5.51 39.72
N VAL C 338 -23.41 4.33 39.97
CA VAL C 338 -22.55 4.11 41.12
C VAL C 338 -21.11 4.25 40.66
N PRO C 339 -20.29 5.07 41.32
CA PRO C 339 -18.96 5.32 40.77
C PRO C 339 -18.04 4.13 40.90
N SER C 340 -17.77 3.46 39.78
CA SER C 340 -16.86 2.32 39.76
C SER C 340 -15.96 2.34 38.53
N ASP C 341 -15.82 3.49 37.88
CA ASP C 341 -14.96 3.64 36.73
C ASP C 341 -14.18 4.95 36.75
N LEU C 342 -14.19 5.67 37.87
CA LEU C 342 -13.42 6.91 37.98
C LEU C 342 -11.94 6.64 37.76
N ILE C 343 -11.40 5.62 38.43
CA ILE C 343 -10.01 5.22 38.31
C ILE C 343 -9.96 3.99 37.41
N PRO C 344 -9.19 4.00 36.33
CA PRO C 344 -8.91 2.74 35.65
C PRO C 344 -8.09 1.84 36.53
N LYS C 345 -8.34 0.54 36.41
CA LYS C 345 -7.73 -0.45 37.29
C LYS C 345 -6.22 -0.41 37.20
N SER C 346 -5.69 -0.66 36.01
CA SER C 346 -4.25 -0.66 35.83
C SER C 346 -3.72 0.76 35.96
N SER C 347 -2.39 0.89 35.82
CA SER C 347 -1.71 2.16 36.00
C SER C 347 -1.49 2.89 34.69
N SER C 348 -1.12 2.15 33.65
CA SER C 348 -0.72 2.76 32.39
C SER C 348 -1.79 3.66 31.79
N LEU C 349 -3.03 3.49 32.20
CA LEU C 349 -4.12 4.34 31.78
C LEU C 349 -4.20 5.65 32.56
N TRP C 350 -3.28 5.88 33.49
CA TRP C 350 -3.37 7.01 34.40
C TRP C 350 -2.49 8.15 33.94
N ILE C 351 -3.07 9.34 33.85
CA ILE C 351 -2.32 10.58 33.70
C ILE C 351 -3.04 11.66 34.47
N GLY C 352 -2.32 12.69 34.83
CA GLY C 352 -2.86 13.70 35.69
C GLY C 352 -3.61 14.78 34.95
N ASN C 353 -4.33 15.57 35.74
CA ASN C 353 -5.21 16.60 35.22
C ASN C 353 -4.52 17.94 35.04
N ARG C 354 -3.20 17.95 34.99
CA ARG C 354 -2.42 19.17 34.84
C ARG C 354 -1.36 19.02 33.77
N HIS C 355 -0.82 17.81 33.61
CA HIS C 355 0.15 17.53 32.57
C HIS C 355 0.05 16.07 32.20
N TRP C 356 0.25 15.81 30.91
CA TRP C 356 -0.07 14.51 30.31
C TRP C 356 0.83 13.38 30.77
N THR C 357 1.85 13.61 31.58
CA THR C 357 2.80 12.54 31.84
C THR C 357 2.26 11.56 32.87
N ASP C 358 2.73 10.33 32.76
CA ASP C 358 2.18 9.24 33.54
C ASP C 358 2.40 9.44 35.03
N ILE C 359 1.50 8.87 35.81
CA ILE C 359 1.66 8.89 37.24
C ILE C 359 2.90 8.07 37.57
N THR C 360 3.54 8.40 38.69
CA THR C 360 4.55 7.54 39.26
C THR C 360 4.45 7.38 40.76
N ASP C 361 3.86 8.33 41.47
CA ASP C 361 3.87 8.27 42.93
C ASP C 361 2.81 9.22 43.46
N PHE C 362 2.35 8.92 44.66
CA PHE C 362 1.37 9.73 45.37
C PHE C 362 2.07 10.69 46.32
N VAL C 363 1.39 11.79 46.62
CA VAL C 363 1.95 12.87 47.41
C VAL C 363 0.89 13.35 48.37
N ILE C 364 1.21 13.35 49.66
CA ILE C 364 0.29 13.83 50.68
C ILE C 364 0.54 15.32 50.88
N ARG C 365 -0.55 16.06 51.08
CA ARG C 365 -0.48 17.40 51.61
C ARG C 365 -1.68 17.62 52.52
N PRO C 366 -1.56 18.48 53.53
CA PRO C 366 -2.74 18.82 54.32
C PRO C 366 -3.77 19.57 53.50
N PHE C 367 -3.33 20.45 52.62
CA PHE C 367 -4.19 21.22 51.74
C PHE C 367 -3.94 20.84 50.29
N VAL C 368 -5.00 20.92 49.50
CA VAL C 368 -4.93 20.67 48.07
C VAL C 368 -5.79 21.71 47.37
N PHE C 369 -5.48 21.94 46.11
CA PHE C 369 -6.20 22.97 45.37
C PHE C 369 -5.83 22.90 43.91
N GLN C 370 -6.82 23.13 43.07
CA GLN C 370 -6.69 23.09 41.62
C GLN C 370 -8.01 23.53 41.03
N ALA C 371 -7.95 24.09 39.82
CA ALA C 371 -9.16 24.50 39.12
C ALA C 371 -9.18 24.14 37.65
N ASN C 372 -8.05 23.76 37.05
CA ASN C 372 -7.97 23.67 35.59
C ASN C 372 -8.92 22.63 35.04
N ARG C 373 -8.97 21.46 35.67
CA ARG C 373 -9.81 20.36 35.19
C ARG C 373 -10.50 19.63 36.34
N HIS C 374 -10.63 20.26 37.50
CA HIS C 374 -11.20 19.60 38.67
C HIS C 374 -12.71 19.63 38.57
N PHE C 375 -13.27 18.53 38.08
CA PHE C 375 -14.71 18.38 37.92
C PHE C 375 -15.28 17.59 39.09
N ASP C 376 -16.32 18.14 39.70
CA ASP C 376 -16.97 17.52 40.84
C ASP C 376 -18.08 16.60 40.35
N PHE C 377 -18.82 16.01 41.30
CA PHE C 377 -19.90 15.11 40.93
C PHE C 377 -21.16 15.85 40.52
N ASN C 378 -21.18 17.18 40.61
CA ASN C 378 -22.18 17.99 39.97
C ASN C 378 -21.84 18.30 38.52
N GLN C 379 -20.83 17.64 37.98
CA GLN C 379 -20.30 17.83 36.63
C GLN C 379 -20.19 19.32 36.26
N GLU C 380 -19.34 20.01 37.03
CA GLU C 380 -18.98 21.38 36.74
C GLU C 380 -17.67 21.69 37.45
N THR C 381 -17.28 22.96 37.39
CA THR C 381 -16.06 23.41 38.05
C THR C 381 -16.05 24.94 38.06
N ALA C 382 -14.90 25.49 38.43
CA ALA C 382 -14.59 26.89 38.25
C ALA C 382 -13.52 27.13 37.20
N GLY C 383 -12.98 26.07 36.60
CA GLY C 383 -11.95 26.21 35.61
C GLY C 383 -12.40 26.76 34.28
N TRP C 384 -11.56 26.54 33.28
CA TRP C 384 -11.82 26.93 31.92
C TRP C 384 -11.56 25.82 30.92
N SER C 385 -10.91 24.76 31.32
CA SER C 385 -10.35 23.79 30.40
C SER C 385 -11.23 22.57 30.31
N THR C 386 -10.74 21.57 29.58
CA THR C 386 -11.44 20.33 29.35
C THR C 386 -10.46 19.17 29.53
N PRO C 387 -10.97 17.94 29.66
CA PRO C 387 -10.10 16.77 29.82
C PRO C 387 -9.59 16.21 28.50
N ARG C 388 -9.04 17.08 27.66
CA ARG C 388 -8.36 16.67 26.44
C ARG C 388 -7.09 17.47 26.29
N TYR C 389 -5.98 16.77 26.13
CA TYR C 389 -4.68 17.40 25.97
C TYR C 389 -4.38 17.64 24.49
N ARG C 390 -5.22 18.45 23.87
CA ARG C 390 -4.99 18.85 22.50
C ARG C 390 -4.10 20.07 22.44
N PRO C 391 -3.66 20.44 21.24
CA PRO C 391 -3.06 21.76 21.06
C PRO C 391 -4.02 22.90 21.33
N ILE C 392 -3.49 24.12 21.21
CA ILE C 392 -4.15 25.32 21.70
C ILE C 392 -4.03 26.36 20.59
N THR C 393 -5.03 26.43 19.72
CA THR C 393 -5.01 27.44 18.68
C THR C 393 -5.29 28.81 19.26
N ILE C 394 -4.50 29.80 18.84
CA ILE C 394 -4.68 31.18 19.23
C ILE C 394 -4.23 32.06 18.07
N THR C 395 -4.48 33.36 18.21
CA THR C 395 -3.99 34.34 17.26
C THR C 395 -3.35 35.49 18.04
N ILE C 396 -2.53 36.26 17.34
CA ILE C 396 -1.57 37.14 18.00
C ILE C 396 -1.11 38.16 16.97
N SER C 397 -1.09 39.43 17.37
CA SER C 397 -1.14 40.57 16.46
C SER C 397 0.03 41.52 16.68
N GLU C 398 1.23 40.96 16.62
CA GLU C 398 2.43 41.68 17.01
C GLU C 398 2.88 42.66 15.94
N LYS C 399 3.40 43.82 16.37
CA LYS C 399 3.73 44.90 15.44
C LYS C 399 5.17 45.00 14.97
N ASN C 400 6.07 45.33 15.89
CA ASN C 400 7.35 45.95 15.49
C ASN C 400 8.52 44.99 15.56
N GLY C 401 8.83 44.52 16.76
CA GLY C 401 9.77 43.44 16.95
C GLY C 401 9.29 42.61 18.13
N ALA C 402 8.00 42.66 18.39
CA ALA C 402 7.44 42.14 19.63
C ALA C 402 7.54 40.63 19.59
N LYS C 403 8.54 40.09 20.28
CA LYS C 403 8.59 38.66 20.50
C LYS C 403 7.33 38.17 21.20
N LEU C 404 6.84 38.97 22.15
CA LEU C 404 5.67 38.63 22.93
C LEU C 404 4.45 39.36 22.38
N GLY C 405 3.34 39.23 23.09
CA GLY C 405 2.08 39.80 22.65
C GLY C 405 1.01 39.47 23.67
N ILE C 406 -0.21 39.31 23.18
CA ILE C 406 -1.30 38.79 24.00
C ILE C 406 -2.11 37.88 23.10
N GLY C 407 -2.03 36.58 23.36
CA GLY C 407 -2.80 35.64 22.58
C GLY C 407 -4.26 35.68 22.98
N VAL C 408 -5.13 35.54 21.98
CA VAL C 408 -6.56 35.64 22.17
C VAL C 408 -7.18 34.27 21.96
N ALA C 409 -8.40 34.13 22.47
CA ALA C 409 -9.09 32.86 22.44
C ALA C 409 -9.54 32.54 21.03
N THR C 410 -9.54 31.26 20.70
CA THR C 410 -10.16 30.78 19.47
C THR C 410 -11.08 29.59 19.72
N ASP C 411 -10.73 28.71 20.65
CA ASP C 411 -11.58 27.60 21.07
C ASP C 411 -11.53 27.51 22.58
N TYR C 412 -12.68 27.26 23.19
CA TYR C 412 -12.83 27.51 24.61
C TYR C 412 -14.12 26.88 25.10
N ILE C 413 -14.39 27.06 26.39
CA ILE C 413 -15.72 26.91 26.96
C ILE C 413 -16.09 28.18 27.71
N VAL C 414 -15.09 28.91 28.19
CA VAL C 414 -15.28 30.23 28.81
C VAL C 414 -14.79 31.27 27.80
N PRO C 415 -15.50 32.38 27.59
CA PRO C 415 -15.04 33.34 26.58
C PRO C 415 -13.71 33.98 26.97
N GLY C 416 -12.79 34.00 26.01
CA GLY C 416 -11.53 34.68 26.20
C GLY C 416 -10.47 33.87 26.89
N ILE C 417 -10.63 32.55 26.96
CA ILE C 417 -9.61 31.68 27.54
C ILE C 417 -9.46 30.46 26.63
N PRO C 418 -8.29 30.19 26.06
CA PRO C 418 -8.13 28.97 25.27
C PRO C 418 -8.27 27.72 26.12
N ASP C 419 -8.95 26.74 25.56
CA ASP C 419 -9.12 25.46 26.23
C ASP C 419 -7.77 24.80 26.44
N GLY C 420 -7.66 24.03 27.51
CA GLY C 420 -6.43 23.35 27.83
C GLY C 420 -5.30 24.25 28.28
N TRP C 421 -5.56 25.55 28.45
CA TRP C 421 -4.52 26.46 28.90
C TRP C 421 -4.07 26.08 30.30
N PRO C 422 -2.76 26.19 30.62
CA PRO C 422 -2.31 25.78 31.95
C PRO C 422 -2.69 26.76 33.05
N ASP C 423 -2.39 26.41 34.30
CA ASP C 423 -2.69 27.24 35.46
C ASP C 423 -1.42 27.38 36.29
N THR C 424 -0.60 28.37 35.95
CA THR C 424 0.53 28.73 36.79
C THR C 424 1.12 30.06 36.36
N THR C 425 1.27 30.98 37.30
CA THR C 425 1.88 32.26 37.03
C THR C 425 3.41 32.16 37.05
N ILE C 426 4.01 33.21 36.52
CA ILE C 426 5.43 33.49 36.74
C ILE C 426 5.62 33.65 38.25
N PRO C 427 6.75 33.27 38.82
CA PRO C 427 6.94 33.53 40.25
C PRO C 427 7.06 35.02 40.54
N GLU C 428 7.85 35.70 39.70
CA GLU C 428 8.14 37.11 39.88
C GLU C 428 8.07 37.83 38.55
N LYS C 429 8.10 39.15 38.63
CA LYS C 429 8.19 39.98 37.45
C LYS C 429 9.51 39.76 36.75
N LEU C 430 9.49 39.86 35.41
CA LEU C 430 10.71 39.62 34.65
C LEU C 430 10.54 40.15 33.23
N THR C 431 11.66 40.25 32.54
CA THR C 431 11.75 40.82 31.19
C THR C 431 12.10 39.73 30.20
N PRO C 432 11.17 39.26 29.36
CA PRO C 432 11.53 38.20 28.41
C PRO C 432 12.46 38.70 27.32
N ALA C 433 13.72 38.31 27.37
CA ALA C 433 14.75 38.90 26.53
C ALA C 433 15.49 37.89 25.65
N GLY C 434 16.01 36.82 26.22
CA GLY C 434 16.94 35.95 25.50
C GLY C 434 16.96 34.54 26.00
N ASP C 435 18.15 33.97 26.07
CA ASP C 435 18.34 32.54 26.17
C ASP C 435 18.56 32.13 27.63
N TYR C 436 18.75 30.83 27.85
CA TYR C 436 18.76 30.27 29.18
C TYR C 436 19.90 30.83 30.01
N ALA C 437 19.75 30.74 31.33
CA ALA C 437 20.81 31.12 32.24
C ALA C 437 20.61 30.43 33.58
N ILE C 438 21.71 29.88 34.10
CA ILE C 438 21.76 29.22 35.39
C ILE C 438 22.99 29.72 36.13
N THR C 439 23.33 29.10 37.26
CA THR C 439 24.53 29.48 37.99
C THR C 439 24.86 28.41 39.02
N ASN C 440 25.97 28.62 39.71
CA ASN C 440 26.38 27.85 40.88
C ASN C 440 26.86 28.79 41.97
N LYS C 441 26.03 29.79 42.28
CA LYS C 441 26.35 30.78 43.30
C LYS C 441 27.63 31.53 42.97
N SER C 442 27.53 32.39 41.95
CA SER C 442 28.58 33.36 41.66
C SER C 442 29.88 32.67 41.26
N GLY C 443 29.92 32.12 40.03
CA GLY C 443 28.83 32.08 39.06
C GLY C 443 28.92 30.89 38.15
N ASN C 444 29.64 29.87 38.60
CA ASN C 444 30.18 28.88 37.68
C ASN C 444 29.06 28.06 37.06
N ASP C 445 28.60 28.50 35.88
CA ASP C 445 27.49 27.87 35.19
C ASP C 445 27.73 26.39 34.94
N ILE C 446 26.73 25.57 35.25
CA ILE C 446 26.76 24.16 34.85
C ILE C 446 26.54 24.04 33.36
N THR C 447 27.20 23.07 32.76
CA THR C 447 26.98 22.68 31.37
C THR C 447 27.06 21.17 31.23
N THR C 448 26.66 20.46 32.28
CA THR C 448 26.79 19.01 32.33
C THR C 448 25.96 18.51 33.50
N ALA C 449 26.16 17.24 33.83
CA ALA C 449 25.38 16.61 34.89
C ALA C 449 26.07 16.71 36.24
N ALA C 450 27.39 16.61 36.27
CA ALA C 450 28.11 16.60 37.53
C ALA C 450 27.95 17.92 38.26
N GLY C 451 28.09 19.03 37.53
CA GLY C 451 27.86 20.32 38.14
C GLY C 451 26.44 20.48 38.62
N TYR C 452 25.48 20.17 37.75
CA TYR C 452 24.06 20.29 38.11
C TYR C 452 23.72 19.41 39.30
N ASP C 453 23.87 18.10 39.14
CA ASP C 453 23.53 17.19 40.21
C ASP C 453 24.42 17.41 41.42
N GLY C 454 25.63 17.90 41.22
CA GLY C 454 26.52 18.25 42.30
C GLY C 454 26.35 19.65 42.85
N ALA C 455 25.61 20.51 42.15
CA ALA C 455 25.48 21.89 42.58
C ALA C 455 24.67 21.98 43.88
N ASP C 456 24.78 23.14 44.51
CA ASP C 456 24.06 23.43 45.74
C ASP C 456 22.71 24.07 45.42
N VAL C 457 22.73 25.16 44.65
CA VAL C 457 21.53 25.82 44.19
C VAL C 457 21.70 26.19 42.73
N ILE C 458 20.57 26.31 42.05
CA ILE C 458 20.51 26.32 40.60
C ILE C 458 19.78 27.60 40.20
N VAL C 459 20.15 28.71 40.84
CA VAL C 459 19.33 29.90 41.04
C VAL C 459 18.60 30.41 39.80
N ASN C 460 19.06 30.02 38.61
CA ASN C 460 18.28 30.27 37.39
C ASN C 460 18.14 31.77 37.11
N ASN C 461 19.26 32.36 36.71
CA ASN C 461 19.30 33.76 36.26
C ASN C 461 18.55 34.01 34.95
N THR C 462 17.92 32.98 34.37
CA THR C 462 17.23 33.10 33.10
C THR C 462 16.13 34.16 33.16
N ASN C 463 15.80 34.71 32.00
CA ASN C 463 14.89 35.83 31.86
C ASN C 463 13.53 35.45 31.29
N PHE C 464 13.23 34.15 31.19
CA PHE C 464 11.92 33.65 30.77
C PHE C 464 11.54 32.48 31.68
N LYS C 465 11.69 32.68 32.98
CA LYS C 465 11.71 31.61 33.98
C LYS C 465 10.50 30.68 34.01
N GLY C 466 9.34 31.21 34.42
CA GLY C 466 8.26 30.35 34.85
C GLY C 466 7.24 30.01 33.79
N MET C 467 7.70 29.70 32.59
CA MET C 467 6.83 29.51 31.44
C MET C 467 7.01 28.11 30.86
N TYR C 468 5.99 27.67 30.14
CA TYR C 468 5.97 26.41 29.43
C TYR C 468 6.66 26.62 28.09
N ILE C 469 6.62 25.65 27.17
CA ILE C 469 7.58 25.59 26.06
C ILE C 469 6.91 25.47 24.69
N CYS C 470 5.71 24.90 24.61
CA CYS C 470 4.78 25.26 23.52
C CYS C 470 5.28 25.14 22.07
N GLY C 471 5.26 23.92 21.50
CA GLY C 471 5.81 23.61 20.18
C GLY C 471 5.68 24.56 19.00
N SER C 472 4.70 25.47 18.97
CA SER C 472 4.81 26.71 18.20
C SER C 472 4.85 26.49 16.68
N LEU C 473 3.68 26.21 16.10
CA LEU C 473 3.59 26.22 14.65
C LEU C 473 3.89 27.60 14.05
N GLN C 474 3.21 28.63 14.54
CA GLN C 474 3.47 30.03 14.17
C GLN C 474 3.42 30.24 12.66
N ARG C 475 2.21 30.18 12.12
CA ARG C 475 1.98 30.51 10.72
C ARG C 475 1.62 31.98 10.54
N ALA C 476 1.82 32.47 9.32
CA ALA C 476 1.35 33.76 8.88
C ALA C 476 1.73 33.90 7.41
N TRP C 477 1.24 34.97 6.79
CA TRP C 477 1.60 35.29 5.41
C TRP C 477 2.92 36.05 5.41
N GLY C 478 3.95 35.45 4.81
CA GLY C 478 5.24 36.06 4.65
C GLY C 478 6.32 35.44 5.52
N ASP C 479 5.95 34.92 6.69
CA ASP C 479 6.93 34.31 7.59
C ASP C 479 7.35 32.96 7.01
N LYS C 480 8.20 33.03 6.00
CA LYS C 480 8.84 31.85 5.43
C LYS C 480 10.03 31.44 6.31
N LYS C 481 9.72 31.07 7.55
CA LYS C 481 10.75 30.74 8.53
C LYS C 481 10.42 29.38 9.13
N ILE C 482 11.12 29.01 10.19
CA ILE C 482 11.03 27.67 10.76
C ILE C 482 10.39 27.71 12.15
N SER C 483 9.55 28.71 12.40
CA SER C 483 8.55 28.67 13.46
C SER C 483 9.18 28.44 14.83
N ASN C 484 9.89 29.47 15.30
CA ASN C 484 10.61 29.43 16.55
C ASN C 484 9.68 29.09 17.73
N THR C 485 10.24 28.69 18.86
CA THR C 485 9.47 28.08 19.93
C THR C 485 9.05 29.08 21.00
N ALA C 486 7.99 28.72 21.70
CA ALA C 486 7.16 29.64 22.46
C ALA C 486 7.30 29.41 23.96
N PHE C 487 6.79 30.40 24.70
CA PHE C 487 6.79 30.38 26.15
C PHE C 487 5.58 31.18 26.61
N ILE C 488 4.86 30.67 27.62
CA ILE C 488 3.59 31.27 28.04
C ILE C 488 3.39 31.26 29.55
N THR C 489 2.48 32.12 29.98
CA THR C 489 2.03 32.26 31.36
C THR C 489 0.85 33.22 31.39
N THR C 490 0.23 33.32 32.55
CA THR C 490 -0.85 34.27 32.82
C THR C 490 -0.26 35.46 33.55
N ALA C 491 -0.39 36.64 32.95
CA ALA C 491 0.19 37.84 33.54
C ALA C 491 -0.14 39.09 32.74
N THR C 492 -0.14 40.23 33.41
CA THR C 492 -0.35 41.52 32.77
C THR C 492 0.94 42.01 32.16
N LYS C 493 0.87 42.41 30.89
CA LYS C 493 2.00 43.06 30.27
C LYS C 493 2.16 44.48 30.82
N VAL C 494 3.42 44.92 30.93
CA VAL C 494 3.71 46.33 31.11
C VAL C 494 4.74 46.74 30.08
N ASP C 495 4.27 46.97 28.85
CA ASP C 495 4.96 47.64 27.74
C ASP C 495 6.27 47.01 27.26
N ASN C 496 6.95 46.21 28.08
CA ASN C 496 8.02 45.34 27.64
C ASN C 496 8.06 44.03 28.40
N ALA C 497 7.39 43.96 29.54
CA ALA C 497 7.61 42.93 30.53
C ALA C 497 6.28 42.55 31.13
N ILE C 498 6.30 41.64 32.10
CA ILE C 498 5.11 41.01 32.62
C ILE C 498 5.17 40.93 34.13
N GLU C 499 4.04 41.18 34.76
CA GLU C 499 3.87 41.13 36.19
C GLU C 499 3.02 39.92 36.56
N PRO C 500 3.35 39.20 37.64
CA PRO C 500 2.51 38.05 38.01
C PRO C 500 1.11 38.49 38.38
N SER C 501 0.15 37.64 38.05
CA SER C 501 -1.24 37.85 38.44
C SER C 501 -1.91 36.50 38.43
N ASN C 502 -2.34 36.04 39.59
CA ASN C 502 -2.85 34.68 39.75
C ASN C 502 -4.33 34.57 39.47
N VAL C 503 -4.86 35.44 38.62
CA VAL C 503 -6.24 35.36 38.15
C VAL C 503 -6.22 35.55 36.65
N ILE C 504 -6.91 34.68 35.94
CA ILE C 504 -6.96 34.76 34.48
C ILE C 504 -8.14 35.61 34.05
N ASP C 505 -7.94 36.33 32.96
CA ASP C 505 -8.96 37.06 32.26
C ASP C 505 -8.70 36.83 30.78
N MET C 506 -9.32 37.64 29.93
CA MET C 506 -9.02 37.62 28.52
C MET C 506 -7.68 38.26 28.19
N THR C 507 -7.03 38.89 29.17
CA THR C 507 -5.84 39.69 28.95
C THR C 507 -4.55 39.06 29.45
N LYS C 508 -4.62 38.30 30.53
CA LYS C 508 -3.41 37.78 31.17
C LYS C 508 -2.60 36.86 30.27
N ILE C 509 -3.21 36.33 29.22
CA ILE C 509 -2.54 35.37 28.36
C ILE C 509 -1.30 36.01 27.77
N ALA C 510 -0.17 35.31 27.89
CA ALA C 510 1.12 35.86 27.55
C ALA C 510 1.92 34.87 26.72
N VAL C 511 2.84 35.39 25.93
CA VAL C 511 3.54 34.65 24.90
C VAL C 511 4.99 35.13 24.86
N TYR C 512 5.87 34.28 24.35
CA TYR C 512 7.19 34.72 23.92
C TYR C 512 7.70 33.68 22.93
N GLN C 513 7.57 33.94 21.61
CA GLN C 513 7.87 32.93 20.62
C GLN C 513 8.55 33.40 19.35
N ASP C 514 8.91 34.68 19.23
CA ASP C 514 9.75 35.13 18.11
C ASP C 514 9.05 34.89 16.77
N THR C 515 7.97 35.64 16.58
CA THR C 515 7.16 35.54 15.37
C THR C 515 7.83 36.16 14.14
N HIS C 516 9.10 36.57 14.21
CA HIS C 516 9.85 37.03 13.04
C HIS C 516 9.25 38.31 12.48
N VAL C 517 9.11 39.30 13.33
CA VAL C 517 8.37 40.51 13.03
C VAL C 517 9.32 41.63 12.62
N GLY C 518 8.83 42.51 11.75
CA GLY C 518 9.63 43.58 11.19
C GLY C 518 8.93 44.91 10.99
N LYS C 519 8.02 45.30 11.90
CA LYS C 519 7.22 46.52 11.74
C LYS C 519 6.34 46.43 10.50
N GLU C 520 5.86 45.21 10.25
CA GLU C 520 5.13 44.86 9.04
C GLU C 520 3.93 44.02 9.46
N VAL C 521 3.07 44.62 10.31
CA VAL C 521 2.22 43.96 11.30
C VAL C 521 1.68 42.63 10.82
N GLN C 522 1.87 41.60 11.62
CA GLN C 522 1.89 40.22 11.16
C GLN C 522 0.54 39.52 11.30
N THR C 523 -0.01 39.49 12.51
CA THR C 523 -1.28 38.82 12.78
C THR C 523 -1.18 37.33 12.44
N SER C 524 -0.35 36.66 13.23
CA SER C 524 -0.05 35.25 13.04
C SER C 524 -1.06 34.38 13.74
N ASP C 525 -1.45 33.30 13.07
CA ASP C 525 -2.16 32.21 13.70
C ASP C 525 -1.15 31.22 14.25
N ASP C 526 -1.55 30.48 15.27
CA ASP C 526 -0.62 29.73 16.09
C ASP C 526 -1.34 28.52 16.67
N THR C 527 -0.55 27.58 17.15
CA THR C 527 -1.08 26.42 17.87
C THR C 527 0.06 25.74 18.61
N LEU C 528 -0.16 25.38 19.86
CA LEU C 528 0.91 25.11 20.80
C LEU C 528 0.73 23.72 21.40
N SER C 529 1.60 23.39 22.37
CA SER C 529 1.56 22.10 23.03
C SER C 529 2.40 22.10 24.30
N LEU C 530 1.79 21.73 25.41
CA LEU C 530 2.49 21.73 26.68
C LEU C 530 3.50 20.60 26.73
N LEU C 531 4.75 20.94 27.03
CA LEU C 531 5.84 19.98 27.02
C LEU C 531 6.58 19.90 28.34
N GLY C 532 7.01 21.01 28.91
CA GLY C 532 7.88 21.00 30.08
C GLY C 532 7.65 22.19 30.97
N TYR C 533 8.73 22.74 31.50
CA TYR C 533 8.70 23.94 32.33
C TYR C 533 10.13 24.46 32.40
N THR C 534 10.27 25.72 32.79
CA THR C 534 11.55 26.40 32.77
C THR C 534 11.97 26.98 34.11
N GLY C 535 11.08 27.04 35.09
CA GLY C 535 11.44 27.53 36.41
C GLY C 535 12.27 26.52 37.17
N ILE C 536 13.52 26.35 36.73
CA ILE C 536 14.40 25.33 37.28
C ILE C 536 14.68 25.60 38.75
N GLY C 537 14.85 24.53 39.51
CA GLY C 537 15.17 24.63 40.91
C GLY C 537 13.98 24.81 41.82
N GLU C 538 12.84 25.16 41.27
CA GLU C 538 11.65 25.37 42.08
C GLU C 538 11.19 24.06 42.70
N GLN C 539 10.25 24.17 43.61
CA GLN C 539 9.56 22.98 44.11
C GLN C 539 8.61 22.49 43.03
N ALA C 540 7.98 21.35 43.29
CA ALA C 540 7.04 20.80 42.34
C ALA C 540 5.85 21.75 42.20
N ILE C 541 5.35 21.83 40.97
CA ILE C 541 4.32 22.80 40.64
C ILE C 541 3.05 22.47 41.40
N GLY C 542 2.32 23.52 41.81
CA GLY C 542 1.01 23.37 42.41
C GLY C 542 0.98 23.46 43.92
N SER C 543 2.12 23.67 44.56
CA SER C 543 2.19 23.76 46.01
C SER C 543 2.16 25.20 46.51
N ASP C 544 1.74 26.15 45.66
CA ASP C 544 1.77 27.57 45.98
C ASP C 544 0.51 28.23 45.41
N ARG C 545 -0.53 28.35 46.23
CA ARG C 545 -1.77 28.95 45.77
C ARG C 545 -1.59 30.43 45.45
N ASP C 546 -0.54 31.06 45.96
CA ASP C 546 -0.22 32.41 45.55
C ASP C 546 0.02 32.48 44.04
N ARG C 547 0.49 31.39 43.44
CA ARG C 547 0.82 31.35 42.02
C ARG C 547 -0.31 30.78 41.17
N VAL C 548 -1.08 29.84 41.70
CA VAL C 548 -2.02 29.08 40.89
C VAL C 548 -3.13 29.98 40.36
N VAL C 549 -3.60 29.65 39.16
CA VAL C 549 -4.45 30.52 38.37
C VAL C 549 -5.88 30.06 38.56
N ARG C 550 -6.56 30.63 39.55
CA ARG C 550 -8.01 30.50 39.63
C ARG C 550 -8.60 31.57 38.73
N ILE C 551 -9.93 31.64 38.72
CA ILE C 551 -10.67 32.76 38.16
C ILE C 551 -11.24 33.62 39.28
N SER C 552 -12.13 33.07 40.05
CA SER C 552 -12.65 33.65 41.27
C SER C 552 -12.57 32.69 42.43
N VAL C 553 -12.79 31.41 42.18
CA VAL C 553 -12.86 30.39 43.22
C VAL C 553 -11.70 29.43 43.03
N LEU C 554 -11.02 29.12 44.13
CA LEU C 554 -10.02 28.09 44.16
C LEU C 554 -10.62 26.88 44.85
N PRO C 555 -11.02 25.83 44.13
CA PRO C 555 -11.47 24.62 44.82
C PRO C 555 -10.38 24.08 45.72
N GLU C 556 -10.79 23.52 46.84
CA GLU C 556 -9.83 23.31 47.92
C GLU C 556 -10.44 22.41 48.96
N THR C 557 -9.58 21.62 49.60
CA THR C 557 -9.93 20.93 50.83
C THR C 557 -8.73 20.89 51.74
N GLY C 558 -8.99 20.95 53.03
CA GLY C 558 -8.04 20.51 54.01
C GLY C 558 -8.23 19.02 54.17
N ALA C 559 -8.14 18.53 55.39
CA ALA C 559 -8.43 17.13 55.68
C ALA C 559 -9.86 16.99 56.17
N ARG C 560 -10.28 15.74 56.34
CA ARG C 560 -11.60 15.41 56.86
C ARG C 560 -11.46 14.13 57.66
N GLY C 561 -11.75 14.21 58.95
CA GLY C 561 -11.44 13.10 59.82
C GLY C 561 -9.94 12.90 59.88
N GLY C 562 -9.55 11.66 60.17
CA GLY C 562 -8.16 11.31 60.10
C GLY C 562 -7.63 11.10 58.70
N ASN C 563 -8.50 11.20 57.70
CA ASN C 563 -8.12 10.95 56.31
C ASN C 563 -7.58 12.24 55.69
N HIS C 564 -6.42 12.13 55.07
CA HIS C 564 -5.71 13.28 54.54
C HIS C 564 -5.81 13.35 53.02
N PRO C 565 -5.70 14.53 52.43
CA PRO C 565 -5.71 14.62 50.96
C PRO C 565 -4.45 14.02 50.37
N ILE C 566 -4.44 13.98 49.04
CA ILE C 566 -3.25 13.64 48.28
C ILE C 566 -3.32 14.29 46.92
N PHE C 567 -2.17 14.75 46.45
CA PHE C 567 -1.94 14.98 45.04
C PHE C 567 -1.45 13.71 44.39
N TYR C 568 -1.43 13.70 43.07
CA TYR C 568 -0.82 12.65 42.28
C TYR C 568 0.38 13.24 41.56
N LYS C 569 1.49 12.54 41.57
CA LYS C 569 2.72 13.10 41.06
C LYS C 569 2.89 12.79 39.58
N ASN C 570 3.55 13.70 38.88
CA ASN C 570 3.89 13.51 37.49
C ASN C 570 5.22 14.17 37.20
N SER C 571 6.13 13.39 36.64
CA SER C 571 7.37 13.96 36.15
C SER C 571 7.09 14.78 34.91
N ILE C 572 7.61 16.00 34.87
CA ILE C 572 7.46 16.89 33.74
C ILE C 572 8.83 17.29 33.25
N LYS C 573 8.89 17.66 31.98
CA LYS C 573 10.11 17.92 31.27
C LYS C 573 10.63 19.32 31.56
N LEU C 574 11.89 19.54 31.19
CA LEU C 574 12.55 20.82 31.37
C LEU C 574 13.33 21.17 30.11
N GLY C 575 13.70 22.43 30.00
CA GLY C 575 14.21 22.95 28.75
C GLY C 575 15.69 22.78 28.53
N TYR C 576 16.49 23.33 29.44
CA TYR C 576 17.93 23.39 29.26
C TYR C 576 18.61 22.14 29.80
N VAL C 577 18.46 21.89 31.08
CA VAL C 577 19.04 20.71 31.69
C VAL C 577 18.11 19.54 31.45
N ILE C 578 18.68 18.41 31.04
CA ILE C 578 17.89 17.29 30.59
C ILE C 578 17.08 16.65 31.71
N ARG C 579 17.38 16.98 32.97
CA ARG C 579 16.63 16.45 34.08
C ARG C 579 15.18 16.93 34.03
N SER C 580 14.38 16.42 34.96
CA SER C 580 12.95 16.63 34.99
C SER C 580 12.48 16.92 36.40
N ILE C 581 11.46 17.76 36.50
CA ILE C 581 10.93 18.21 37.77
C ILE C 581 9.58 17.53 37.99
N ASP C 582 9.07 17.62 39.21
CA ASP C 582 7.84 16.96 39.58
C ASP C 582 6.65 17.90 39.46
N VAL C 583 5.47 17.30 39.31
CA VAL C 583 4.20 18.01 39.21
C VAL C 583 3.28 17.45 40.28
N PHE C 584 2.29 18.24 40.67
CA PHE C 584 1.21 17.80 41.51
C PHE C 584 -0.10 17.85 40.72
N ASN C 585 -0.91 16.81 40.91
CA ASN C 585 -2.17 16.62 40.21
C ASN C 585 -3.23 16.28 41.23
N SER C 586 -4.38 16.96 41.16
CA SER C 586 -5.48 16.62 42.05
C SER C 586 -6.16 15.33 41.63
N GLN C 587 -6.26 15.09 40.33
CA GLN C 587 -7.03 13.98 39.80
C GLN C 587 -6.34 13.37 38.60
N ILE C 588 -6.52 12.05 38.47
CA ILE C 588 -6.30 11.42 37.20
C ILE C 588 -7.23 12.06 36.18
N LEU C 589 -6.79 12.09 34.92
CA LEU C 589 -7.63 12.62 33.85
C LEU C 589 -8.93 11.86 33.76
N HIS C 590 -8.85 10.53 33.63
CA HIS C 590 -10.05 9.72 33.48
C HIS C 590 -11.00 9.89 34.65
N THR C 591 -10.47 10.17 35.83
CA THR C 591 -11.33 10.51 36.96
C THR C 591 -12.08 11.80 36.71
N SER C 592 -11.50 12.70 35.91
CA SER C 592 -12.14 13.97 35.61
C SER C 592 -12.99 13.90 34.36
N ARG C 593 -12.61 13.07 33.39
CA ARG C 593 -13.41 12.92 32.19
C ARG C 593 -14.80 12.40 32.54
N GLN C 594 -14.85 11.35 33.36
CA GLN C 594 -16.13 10.73 33.67
C GLN C 594 -17.06 11.69 34.37
N LEU C 595 -16.52 12.59 35.18
CA LEU C 595 -17.34 13.54 35.90
C LEU C 595 -17.78 14.70 35.05
N SER C 596 -17.13 14.94 33.92
CA SER C 596 -17.68 15.90 32.97
C SER C 596 -19.01 15.41 32.43
N LEU C 597 -19.20 14.10 32.39
CA LEU C 597 -20.31 13.47 31.68
C LEU C 597 -21.33 12.85 32.63
N ASN C 598 -20.88 11.93 33.46
CA ASN C 598 -21.73 10.90 34.02
C ASN C 598 -22.14 11.24 35.44
N HIS C 599 -23.40 11.62 35.59
CA HIS C 599 -23.95 12.03 36.87
C HIS C 599 -24.02 10.83 37.80
N TYR C 600 -23.39 10.97 38.97
CA TYR C 600 -23.23 9.91 39.94
C TYR C 600 -23.90 10.30 41.25
N LEU C 601 -23.93 9.35 42.18
CA LEU C 601 -24.36 9.60 43.54
C LEU C 601 -23.15 9.63 44.46
N LEU C 602 -23.10 10.63 45.30
CA LEU C 602 -22.27 10.55 46.48
C LEU C 602 -22.82 11.54 47.48
N PRO C 603 -23.34 11.11 48.61
CA PRO C 603 -23.66 12.05 49.66
C PRO C 603 -22.38 12.75 50.11
N PRO C 604 -22.41 14.07 50.25
CA PRO C 604 -21.15 14.80 50.44
C PRO C 604 -20.39 14.41 51.68
N ASP C 605 -21.04 13.80 52.67
CA ASP C 605 -20.35 13.30 53.85
C ASP C 605 -19.58 12.02 53.59
N SER C 606 -19.69 11.45 52.39
CA SER C 606 -19.23 10.09 52.11
C SER C 606 -18.10 10.11 51.09
N PHE C 607 -17.51 8.94 50.91
CA PHE C 607 -16.43 8.73 49.97
C PHE C 607 -16.78 7.63 48.99
N ALA C 608 -16.08 7.65 47.87
CA ALA C 608 -16.01 6.52 46.95
C ALA C 608 -14.68 5.83 47.19
N VAL C 609 -14.74 4.61 47.70
CA VAL C 609 -13.56 3.94 48.21
C VAL C 609 -13.00 3.02 47.15
N TYR C 610 -11.80 3.35 46.66
CA TYR C 610 -11.07 2.51 45.72
C TYR C 610 -9.80 2.00 46.40
N ARG C 611 -9.45 0.76 46.09
CA ARG C 611 -8.41 0.03 46.78
C ARG C 611 -7.25 -0.24 45.85
N ILE C 612 -6.05 -0.02 46.36
CA ILE C 612 -4.82 -0.06 45.59
C ILE C 612 -3.99 -1.25 46.02
N ILE C 613 -3.37 -1.91 45.05
CA ILE C 613 -2.47 -3.03 45.33
C ILE C 613 -1.28 -2.93 44.40
N ASP C 614 -0.09 -2.86 44.97
CA ASP C 614 1.14 -2.85 44.19
C ASP C 614 1.47 -4.28 43.77
N SER C 615 2.65 -4.46 43.18
CA SER C 615 3.06 -5.80 42.77
C SER C 615 3.30 -6.69 43.98
N ASN C 616 3.90 -6.15 45.04
CA ASN C 616 4.15 -6.94 46.24
C ASN C 616 2.84 -7.39 46.86
N GLY C 617 2.01 -6.44 47.24
CA GLY C 617 0.78 -6.72 47.96
C GLY C 617 0.42 -5.64 48.96
N SER C 618 1.33 -4.70 49.21
CA SER C 618 1.04 -3.55 50.03
C SER C 618 -0.15 -2.79 49.47
N TRP C 619 -1.22 -2.67 50.26
CA TRP C 619 -2.43 -1.98 49.82
C TRP C 619 -2.76 -0.81 50.72
N PHE C 620 -3.57 0.08 50.16
CA PHE C 620 -4.20 1.16 50.90
C PHE C 620 -5.39 1.65 50.11
N ASP C 621 -6.35 2.22 50.82
CA ASP C 621 -7.61 2.64 50.26
C ASP C 621 -7.60 4.14 50.03
N ILE C 622 -8.08 4.56 48.87
CA ILE C 622 -8.28 5.96 48.54
C ILE C 622 -9.74 6.29 48.74
N GLY C 623 -10.01 7.52 49.16
CA GLY C 623 -11.35 8.05 49.22
C GLY C 623 -11.45 9.22 48.25
N ILE C 624 -12.64 9.40 47.70
CA ILE C 624 -12.92 10.47 46.75
C ILE C 624 -14.20 11.16 47.19
N ASP C 625 -14.15 12.48 47.25
CA ASP C 625 -15.26 13.29 47.73
C ASP C 625 -16.10 13.77 46.56
N SER C 626 -17.28 14.28 46.88
CA SER C 626 -18.15 14.90 45.88
C SER C 626 -17.41 15.95 45.08
N ASP C 627 -16.61 16.77 45.76
CA ASP C 627 -15.85 17.81 45.10
C ASP C 627 -14.92 17.22 44.05
N GLY C 628 -14.32 16.09 44.38
CA GLY C 628 -13.41 15.41 43.49
C GLY C 628 -12.04 15.14 44.08
N PHE C 629 -11.68 15.85 45.15
CA PHE C 629 -10.36 15.69 45.71
C PHE C 629 -10.23 14.35 46.40
N SER C 630 -9.16 13.64 46.09
CA SER C 630 -8.93 12.35 46.68
C SER C 630 -8.58 12.50 48.16
N PHE C 631 -8.64 11.39 48.88
CA PHE C 631 -8.26 11.36 50.28
C PHE C 631 -7.71 9.99 50.60
N VAL C 632 -6.92 9.93 51.66
CA VAL C 632 -6.29 8.69 52.11
C VAL C 632 -6.18 8.72 53.62
N GLY C 633 -6.08 7.53 54.21
CA GLY C 633 -6.14 7.37 55.65
C GLY C 633 -4.84 6.96 56.30
N VAL C 634 -3.73 7.54 55.85
CA VAL C 634 -2.43 7.29 56.47
C VAL C 634 -1.51 8.46 56.16
N SER C 635 -0.50 8.65 57.00
CA SER C 635 0.36 9.81 56.92
C SER C 635 1.47 9.68 55.89
N SER C 636 1.69 8.50 55.33
CA SER C 636 2.75 8.32 54.34
C SER C 636 2.56 6.98 53.65
N ILE C 637 3.34 6.79 52.59
CA ILE C 637 3.27 5.60 51.76
C ILE C 637 4.66 4.98 51.69
N GLY C 638 5.59 5.71 51.11
CA GLY C 638 6.95 5.23 50.93
C GLY C 638 7.13 4.80 49.48
N LYS C 639 7.84 3.71 49.23
CA LYS C 639 8.06 3.23 47.88
C LYS C 639 7.27 1.95 47.62
N LEU C 640 6.91 1.70 46.36
CA LEU C 640 6.14 0.50 46.01
C LEU C 640 6.23 0.16 44.53
N GLU C 641 6.09 -1.13 44.18
CA GLU C 641 6.11 -1.56 42.80
C GLU C 641 4.96 -0.85 42.13
N PHE C 642 5.26 0.11 41.26
CA PHE C 642 4.23 0.91 40.64
C PHE C 642 3.30 0.18 39.66
N PRO C 643 3.74 -0.89 39.01
CA PRO C 643 2.72 -1.48 38.14
C PRO C 643 1.49 -1.87 38.97
N LEU C 644 0.95 -0.92 39.73
CA LEU C 644 -0.17 -1.17 40.62
C LEU C 644 -1.54 -1.09 39.94
N THR C 645 -2.56 -1.61 40.61
CA THR C 645 -3.93 -1.61 40.10
C THR C 645 -4.87 -0.95 41.09
N ALA C 646 -6.10 -0.69 40.66
CA ALA C 646 -7.11 -0.07 41.51
C ALA C 646 -8.44 -0.79 41.41
N SER C 647 -8.99 -1.19 42.56
CA SER C 647 -10.24 -1.92 42.60
C SER C 647 -11.29 -1.17 43.40
N TYR C 648 -12.54 -1.49 43.11
CA TYR C 648 -13.69 -0.90 43.77
C TYR C 648 -13.98 -1.65 45.06
N MET C 649 -14.43 -0.91 46.07
CA MET C 649 -14.92 -1.50 47.31
C MET C 649 -16.34 -1.10 47.63
N GLY C 650 -16.65 0.18 47.60
CA GLY C 650 -17.96 0.64 47.96
C GLY C 650 -17.91 2.07 48.45
N ILE C 651 -18.98 2.44 49.12
CA ILE C 651 -19.09 3.74 49.75
C ILE C 651 -18.64 3.61 51.19
N GLN C 652 -18.06 4.69 51.71
CA GLN C 652 -17.70 4.77 53.10
C GLN C 652 -17.79 6.21 53.53
N LEU C 653 -17.99 6.42 54.81
CA LEU C 653 -18.30 7.73 55.35
C LEU C 653 -17.00 8.46 55.65
N ALA C 654 -16.94 9.74 55.25
CA ALA C 654 -15.72 10.52 55.41
C ALA C 654 -15.34 10.72 56.86
N LYS C 655 -16.29 10.52 57.78
CA LYS C 655 -16.04 10.59 59.21
C LYS C 655 -15.22 9.41 59.72
N ILE C 656 -14.87 8.45 58.86
CA ILE C 656 -14.13 7.26 59.24
C ILE C 656 -12.79 7.27 58.52
N ARG C 657 -11.79 6.67 59.15
CA ARG C 657 -10.48 6.55 58.55
C ARG C 657 -10.47 5.48 57.46
N LEU C 658 -9.64 5.71 56.45
CA LEU C 658 -9.43 4.75 55.39
C LEU C 658 -8.29 3.82 55.77
N ALA C 659 -8.42 2.55 55.40
CA ALA C 659 -7.51 1.53 55.86
C ALA C 659 -6.23 1.53 55.05
N SER C 660 -5.26 0.76 55.55
CA SER C 660 -3.99 0.58 54.86
C SER C 660 -3.19 -0.56 55.47
N ASN C 661 -2.72 -1.46 54.63
CA ASN C 661 -1.71 -2.45 54.99
C ASN C 661 -0.45 -2.13 54.21
N ILE C 662 0.58 -1.68 54.91
CA ILE C 662 1.83 -1.24 54.31
C ILE C 662 2.95 -2.15 54.76
N ARG C 663 3.81 -2.52 53.83
CA ARG C 663 5.00 -3.30 54.13
C ARG C 663 4.60 -4.65 54.72
N SER D 130 -20.24 -32.06 66.92
CA SER D 130 -18.92 -31.68 66.44
C SER D 130 -19.01 -31.04 65.08
N ILE D 131 -19.33 -31.88 64.09
CA ILE D 131 -19.52 -31.42 62.73
C ILE D 131 -20.60 -30.35 62.68
N THR D 132 -20.46 -29.44 61.73
CA THR D 132 -21.54 -28.54 61.35
C THR D 132 -21.58 -28.46 59.83
N ALA D 133 -22.78 -28.53 59.29
CA ALA D 133 -23.04 -28.65 57.86
C ALA D 133 -23.13 -27.27 57.22
N PRO D 134 -23.38 -27.18 55.91
CA PRO D 134 -23.42 -25.87 55.26
C PRO D 134 -24.56 -24.98 55.69
N GLU D 135 -25.49 -25.48 56.48
CA GLU D 135 -26.61 -24.71 57.00
C GLU D 135 -26.75 -24.78 58.50
N GLN D 136 -26.20 -25.79 59.14
CA GLN D 136 -26.36 -25.99 60.57
C GLN D 136 -25.85 -24.79 61.35
N GLY D 137 -26.38 -24.66 62.57
CA GLY D 137 -26.11 -23.52 63.42
C GLY D 137 -27.35 -23.19 64.21
N THR D 138 -27.20 -23.05 65.51
CA THR D 138 -28.37 -22.91 66.37
C THR D 138 -28.92 -21.49 66.26
N PRO D 139 -30.23 -21.31 66.07
CA PRO D 139 -30.76 -19.96 65.91
C PRO D 139 -31.17 -19.32 67.22
N VAL D 140 -31.07 -17.99 67.21
CA VAL D 140 -31.53 -17.16 68.31
C VAL D 140 -32.48 -16.11 67.78
N GLY D 141 -32.31 -15.73 66.52
CA GLY D 141 -33.21 -14.81 65.87
C GLY D 141 -32.89 -13.36 66.20
N GLY D 142 -33.39 -12.48 65.34
CA GLY D 142 -33.34 -11.05 65.62
C GLY D 142 -33.99 -10.77 66.94
N VAL D 143 -33.18 -10.30 67.88
CA VAL D 143 -33.57 -10.34 69.30
C VAL D 143 -34.65 -9.31 69.59
N ILE D 144 -34.51 -8.11 69.04
CA ILE D 144 -35.53 -7.09 69.26
C ILE D 144 -36.77 -7.41 68.44
N ALA D 145 -36.59 -8.02 67.28
CA ALA D 145 -37.72 -8.39 66.45
C ALA D 145 -37.24 -9.36 65.40
N GLU D 146 -38.18 -10.14 64.88
CA GLU D 146 -37.93 -11.12 63.85
C GLU D 146 -38.44 -10.62 62.51
N PRO D 147 -38.05 -11.26 61.41
CA PRO D 147 -38.57 -10.85 60.11
C PRO D 147 -40.03 -11.24 59.98
N SER D 148 -40.87 -10.26 59.69
CA SER D 148 -42.30 -10.47 59.52
C SER D 148 -42.63 -10.65 58.05
N ALA D 149 -43.20 -11.80 57.70
CA ALA D 149 -43.63 -12.02 56.33
C ALA D 149 -44.71 -11.04 55.93
N GLN D 150 -45.49 -10.58 56.91
CA GLN D 150 -46.51 -9.57 56.64
C GLN D 150 -45.90 -8.31 56.06
N MET D 151 -44.69 -7.96 56.51
CA MET D 151 -43.96 -6.85 55.92
C MET D 151 -43.61 -7.15 54.47
N SER D 152 -42.86 -8.23 54.25
CA SER D 152 -42.32 -8.51 52.92
C SER D 152 -43.42 -8.68 51.88
N ALA D 153 -44.60 -9.13 52.30
CA ALA D 153 -45.72 -9.16 51.37
C ALA D 153 -46.08 -7.76 50.92
N ALA D 154 -45.98 -6.78 51.82
CA ALA D 154 -46.30 -5.41 51.47
C ALA D 154 -45.35 -4.88 50.41
N ALA D 155 -44.12 -5.36 50.40
CA ALA D 155 -43.23 -5.02 49.30
C ALA D 155 -43.78 -5.58 47.99
N ASP D 156 -44.15 -6.87 48.01
CA ASP D 156 -44.77 -7.47 46.84
C ASP D 156 -46.10 -6.81 46.52
N MET D 157 -46.74 -6.21 47.51
CA MET D 157 -47.95 -5.43 47.28
C MET D 157 -47.62 -4.13 46.56
N ALA D 158 -46.39 -3.65 46.66
CA ALA D 158 -46.02 -2.43 45.94
C ALA D 158 -45.81 -2.74 44.47
N THR D 159 -44.91 -3.67 44.20
CA THR D 159 -44.67 -4.13 42.85
C THR D 159 -45.77 -5.12 42.46
N GLY D 160 -45.54 -5.80 41.35
CA GLY D 160 -46.39 -6.88 40.91
C GLY D 160 -45.55 -8.13 40.94
N LYS D 161 -44.76 -8.27 42.02
CA LYS D 161 -43.81 -9.34 42.12
C LYS D 161 -44.54 -10.67 42.16
N SER D 162 -44.52 -11.36 41.03
CA SER D 162 -45.11 -12.68 40.91
C SER D 162 -44.10 -13.73 41.37
N VAL D 163 -42.95 -13.76 40.71
CA VAL D 163 -41.96 -14.80 40.97
C VAL D 163 -40.62 -14.30 40.44
N ASP D 164 -39.55 -14.78 41.06
CA ASP D 164 -38.21 -14.54 40.57
C ASP D 164 -38.01 -15.26 39.23
N SER D 165 -36.83 -15.08 38.65
CA SER D 165 -36.51 -15.61 37.33
C SER D 165 -37.50 -15.08 36.30
N GLU D 166 -37.60 -13.75 36.26
CA GLU D 166 -38.51 -13.11 35.31
C GLU D 166 -38.13 -13.45 33.87
N TRP D 167 -36.84 -13.56 33.60
CA TRP D 167 -36.34 -13.77 32.23
C TRP D 167 -36.88 -15.04 31.58
N GLU D 168 -37.43 -15.97 32.36
CA GLU D 168 -38.03 -17.17 31.80
C GLU D 168 -39.48 -16.99 31.38
N ALA D 169 -39.97 -15.74 31.32
CA ALA D 169 -41.37 -15.50 31.06
C ALA D 169 -41.61 -14.34 30.11
N PHE D 170 -40.61 -13.95 29.33
CA PHE D 170 -40.80 -12.92 28.33
C PHE D 170 -39.61 -12.94 27.39
N PHE D 171 -39.60 -11.99 26.45
CA PHE D 171 -38.62 -11.93 25.39
C PHE D 171 -37.68 -10.76 25.57
N SER D 172 -36.58 -10.81 24.81
CA SER D 172 -35.51 -9.85 24.93
C SER D 172 -34.96 -9.56 23.55
N PHE D 173 -34.63 -8.31 23.30
CA PHE D 173 -34.06 -7.94 22.03
C PHE D 173 -32.65 -8.52 21.90
N HIS D 174 -32.33 -8.95 20.69
CA HIS D 174 -31.03 -9.52 20.37
C HIS D 174 -30.34 -8.76 19.25
N THR D 175 -31.04 -8.53 18.15
CA THR D 175 -30.47 -7.82 17.00
C THR D 175 -31.62 -7.49 16.06
N SER D 176 -31.27 -7.00 14.88
CA SER D 176 -32.26 -6.58 13.90
C SER D 176 -31.57 -6.51 12.56
N VAL D 177 -32.05 -7.28 11.59
CA VAL D 177 -31.36 -7.50 10.33
C VAL D 177 -32.17 -6.92 9.19
N ASN D 178 -31.52 -6.11 8.38
CA ASN D 178 -32.13 -5.51 7.21
C ASN D 178 -32.18 -6.53 6.08
N TRP D 179 -33.16 -6.35 5.20
CA TRP D 179 -33.34 -7.27 4.08
C TRP D 179 -33.84 -6.47 2.88
N SER D 180 -32.90 -6.04 2.05
CA SER D 180 -33.19 -5.14 0.96
C SER D 180 -33.74 -5.92 -0.23
N THR D 181 -33.87 -5.22 -1.37
CA THR D 181 -34.30 -5.87 -2.59
C THR D 181 -33.25 -6.83 -3.12
N SER D 182 -31.98 -6.55 -2.86
CA SER D 182 -30.90 -7.23 -3.56
C SER D 182 -30.63 -8.63 -3.05
N GLU D 183 -31.18 -9.00 -1.91
CA GLU D 183 -30.82 -10.27 -1.28
C GLU D 183 -31.52 -11.41 -2.01
N THR D 184 -30.92 -11.76 -3.14
CA THR D 184 -31.26 -12.95 -3.90
C THR D 184 -31.23 -14.18 -2.99
N GLN D 185 -32.03 -15.18 -3.36
CA GLN D 185 -32.16 -16.32 -2.47
C GLN D 185 -30.88 -17.12 -2.43
N GLY D 186 -30.88 -18.13 -1.56
CA GLY D 186 -29.64 -18.77 -1.19
C GLY D 186 -28.66 -17.82 -0.55
N LYS D 187 -29.16 -16.84 0.20
CA LYS D 187 -28.32 -15.86 0.86
C LYS D 187 -28.85 -15.63 2.25
N ILE D 188 -27.97 -15.72 3.22
CA ILE D 188 -28.36 -15.79 4.62
C ILE D 188 -28.53 -14.39 5.18
N LEU D 189 -29.44 -14.29 6.16
CA LEU D 189 -29.63 -13.09 6.96
C LEU D 189 -29.09 -13.27 8.37
N PHE D 190 -29.45 -14.37 8.99
CA PHE D 190 -29.28 -14.59 10.41
C PHE D 190 -28.55 -15.91 10.64
N LYS D 191 -27.73 -15.94 11.67
CA LYS D 191 -26.97 -17.14 11.99
C LYS D 191 -26.47 -17.00 13.41
N GLN D 192 -27.01 -17.82 14.31
CA GLN D 192 -26.60 -17.80 15.70
C GLN D 192 -26.57 -19.21 16.24
N SER D 193 -25.45 -19.58 16.82
CA SER D 193 -25.32 -20.84 17.51
C SER D 193 -26.15 -20.81 18.78
N LEU D 194 -26.16 -21.95 19.47
CA LEU D 194 -26.86 -22.06 20.72
C LEU D 194 -25.99 -21.54 21.85
N GLY D 195 -26.63 -21.15 22.93
CA GLY D 195 -25.93 -20.70 24.10
C GLY D 195 -26.71 -19.69 24.91
N PRO D 196 -26.14 -19.29 26.03
CA PRO D 196 -26.81 -18.33 26.90
C PRO D 196 -26.62 -16.90 26.46
N LEU D 197 -25.56 -16.62 25.73
CA LEU D 197 -25.26 -15.26 25.28
C LEU D 197 -26.39 -14.67 24.44
N LEU D 198 -27.30 -15.48 23.94
CA LEU D 198 -28.47 -15.02 23.23
C LEU D 198 -29.48 -14.33 24.13
N ASN D 199 -29.25 -14.26 25.43
CA ASN D 199 -30.15 -13.54 26.32
C ASN D 199 -29.35 -13.00 27.49
N PRO D 200 -29.13 -11.69 27.59
CA PRO D 200 -28.13 -11.17 28.54
C PRO D 200 -28.41 -11.50 29.98
N TYR D 201 -29.68 -11.65 30.37
CA TYR D 201 -29.99 -12.08 31.72
C TYR D 201 -29.29 -13.39 32.05
N LEU D 202 -29.20 -14.26 31.07
CA LEU D 202 -28.46 -15.50 31.23
C LEU D 202 -26.96 -15.23 31.17
N GLU D 203 -26.56 -14.31 30.30
CA GLU D 203 -25.16 -13.95 30.18
C GLU D 203 -24.61 -13.41 31.49
N HIS D 204 -25.46 -12.81 32.30
CA HIS D 204 -25.02 -12.31 33.59
C HIS D 204 -24.94 -13.41 34.63
N LEU D 205 -25.70 -14.49 34.43
CA LEU D 205 -25.71 -15.61 35.36
C LEU D 205 -24.73 -16.71 34.97
N ALA D 206 -24.34 -16.78 33.71
CA ALA D 206 -23.40 -17.80 33.29
C ALA D 206 -22.05 -17.67 33.97
N LYS D 207 -21.77 -16.52 34.57
CA LYS D 207 -20.55 -16.33 35.30
C LYS D 207 -20.54 -17.07 36.63
N LEU D 208 -21.71 -17.50 37.10
CA LEU D 208 -21.83 -18.19 38.37
C LEU D 208 -21.89 -19.69 38.25
N TYR D 209 -22.21 -20.21 37.07
CA TYR D 209 -22.35 -21.64 36.86
C TYR D 209 -21.39 -22.06 35.76
N VAL D 210 -20.66 -23.14 36.02
CA VAL D 210 -19.72 -23.66 35.05
C VAL D 210 -20.43 -24.08 33.79
N ALA D 211 -21.57 -24.73 33.93
CA ALA D 211 -22.17 -25.48 32.84
C ALA D 211 -23.65 -25.17 32.71
N TRP D 212 -24.16 -25.46 31.53
CA TRP D 212 -25.55 -25.24 31.20
C TRP D 212 -26.08 -26.37 30.36
N SER D 213 -27.38 -26.34 30.14
CA SER D 213 -28.06 -27.29 29.29
C SER D 213 -29.47 -26.81 29.03
N GLY D 214 -29.93 -27.04 27.81
CA GLY D 214 -31.33 -26.93 27.47
C GLY D 214 -31.56 -26.06 26.27
N SER D 215 -32.84 -25.82 26.02
CA SER D 215 -33.32 -25.25 24.79
C SER D 215 -33.24 -23.73 24.81
N ILE D 216 -33.81 -23.11 23.79
CA ILE D 216 -33.85 -21.65 23.70
C ILE D 216 -34.84 -21.25 22.61
N ASP D 217 -35.76 -20.33 22.89
CA ASP D 217 -36.74 -19.92 21.89
C ASP D 217 -36.35 -18.58 21.29
N VAL D 218 -36.28 -18.47 19.97
CA VAL D 218 -35.89 -17.22 19.33
C VAL D 218 -37.03 -16.67 18.50
N ARG D 219 -37.68 -15.61 18.97
CA ARG D 219 -38.79 -15.03 18.25
C ARG D 219 -38.31 -14.32 16.99
N PHE D 220 -39.21 -14.19 16.03
CA PHE D 220 -38.96 -13.45 14.80
C PHE D 220 -40.15 -12.57 14.46
N SER D 221 -39.87 -11.44 13.82
CA SER D 221 -40.93 -10.53 13.43
C SER D 221 -40.47 -9.57 12.34
N ILE D 222 -41.21 -9.51 11.26
CA ILE D 222 -40.83 -8.78 10.06
C ILE D 222 -41.49 -7.42 10.06
N SER D 223 -40.71 -6.40 9.76
CA SER D 223 -41.26 -5.09 9.47
C SER D 223 -41.88 -5.07 8.09
N GLY D 224 -42.84 -4.18 7.92
CA GLY D 224 -43.65 -4.15 6.73
C GLY D 224 -44.93 -4.89 7.07
N SER D 225 -45.96 -4.14 7.43
CA SER D 225 -47.14 -4.74 8.02
C SER D 225 -48.09 -5.13 6.91
N GLY D 226 -47.92 -6.36 6.43
CA GLY D 226 -48.73 -6.88 5.37
C GLY D 226 -48.55 -6.21 4.03
N VAL D 227 -47.54 -5.35 3.89
CA VAL D 227 -47.36 -4.59 2.67
C VAL D 227 -46.55 -5.34 1.64
N PHE D 228 -45.58 -6.12 2.10
CA PHE D 228 -44.55 -6.69 1.24
C PHE D 228 -44.85 -8.13 0.89
N GLY D 229 -44.02 -8.64 -0.02
CA GLY D 229 -43.94 -10.06 -0.30
C GLY D 229 -42.57 -10.57 0.06
N GLY D 230 -42.41 -11.87 -0.10
CA GLY D 230 -41.14 -12.51 0.13
C GLY D 230 -41.16 -13.47 1.29
N LYS D 231 -41.30 -14.76 0.99
CA LYS D 231 -41.12 -15.77 2.00
C LYS D 231 -39.72 -15.70 2.57
N LEU D 232 -39.52 -16.43 3.65
CA LEU D 232 -38.24 -16.44 4.32
C LEU D 232 -38.11 -17.73 5.09
N ALA D 233 -37.01 -18.44 4.87
CA ALA D 233 -36.85 -19.75 5.43
C ALA D 233 -36.39 -19.67 6.87
N ALA D 234 -36.25 -20.84 7.47
CA ALA D 234 -35.76 -20.96 8.83
C ALA D 234 -35.35 -22.39 9.04
N ILE D 235 -34.09 -22.61 9.36
CA ILE D 235 -33.52 -23.93 9.49
C ILE D 235 -32.78 -24.01 10.81
N VAL D 236 -32.94 -25.14 11.49
CA VAL D 236 -32.04 -25.56 12.53
C VAL D 236 -31.12 -26.59 11.91
N VAL D 237 -29.82 -26.45 12.14
CA VAL D 237 -28.84 -27.42 11.65
C VAL D 237 -28.28 -28.16 12.85
N PRO D 238 -27.84 -29.40 12.67
CA PRO D 238 -27.19 -30.08 13.76
C PRO D 238 -25.84 -29.45 14.05
N PRO D 239 -25.14 -29.91 15.07
CA PRO D 239 -23.84 -29.35 15.38
C PRO D 239 -22.76 -29.83 14.43
N GLY D 240 -21.73 -29.02 14.30
CA GLY D 240 -20.54 -29.42 13.58
C GLY D 240 -20.62 -29.10 12.11
N VAL D 241 -20.91 -27.84 11.78
CA VAL D 241 -21.07 -27.43 10.39
C VAL D 241 -20.58 -26.01 10.17
N ASP D 242 -20.36 -25.71 8.89
CA ASP D 242 -19.97 -24.39 8.41
C ASP D 242 -20.96 -24.05 7.30
N PRO D 243 -22.12 -23.48 7.64
CA PRO D 243 -23.16 -23.30 6.64
C PRO D 243 -22.73 -22.45 5.45
N VAL D 244 -23.50 -22.57 4.38
CA VAL D 244 -23.15 -22.03 3.08
C VAL D 244 -24.34 -21.29 2.50
N GLN D 245 -24.05 -20.17 1.83
CA GLN D 245 -25.06 -19.40 1.12
C GLN D 245 -25.34 -20.11 -0.20
N SER D 246 -26.12 -21.18 -0.10
CA SER D 246 -26.47 -21.98 -1.27
C SER D 246 -27.83 -22.62 -1.05
N THR D 247 -28.51 -22.90 -2.15
CA THR D 247 -29.83 -23.52 -2.06
C THR D 247 -29.76 -24.94 -1.57
N SER D 248 -28.58 -25.57 -1.61
CA SER D 248 -28.44 -26.91 -1.07
C SER D 248 -28.76 -26.96 0.40
N MET D 249 -28.64 -25.83 1.09
CA MET D 249 -29.09 -25.74 2.47
C MET D 249 -30.58 -25.94 2.60
N LEU D 250 -31.34 -25.78 1.53
CA LEU D 250 -32.77 -26.05 1.50
C LEU D 250 -33.09 -27.46 1.05
N GLN D 251 -32.08 -28.27 0.74
CA GLN D 251 -32.25 -29.71 0.59
C GLN D 251 -32.27 -30.36 1.98
N TYR D 252 -33.20 -29.90 2.79
CA TYR D 252 -33.21 -30.11 4.22
C TYR D 252 -34.55 -29.61 4.71
N PRO D 253 -35.08 -30.11 5.82
CA PRO D 253 -36.36 -29.58 6.29
C PRO D 253 -36.30 -28.11 6.63
N HIS D 254 -37.03 -27.32 5.85
CA HIS D 254 -37.10 -25.88 6.02
C HIS D 254 -38.51 -25.47 6.33
N VAL D 255 -38.64 -24.56 7.28
CA VAL D 255 -39.89 -23.88 7.56
C VAL D 255 -39.83 -22.53 6.87
N LEU D 256 -40.95 -22.12 6.32
CA LEU D 256 -41.10 -20.86 5.61
C LEU D 256 -42.09 -19.99 6.34
N PHE D 257 -41.92 -18.69 6.21
CA PHE D 257 -42.96 -17.77 6.64
C PHE D 257 -42.87 -16.51 5.81
N ASP D 258 -44.00 -15.84 5.65
CA ASP D 258 -44.15 -14.77 4.70
C ASP D 258 -44.00 -13.41 5.37
N ALA D 259 -43.74 -12.40 4.55
CA ALA D 259 -43.66 -11.03 5.01
C ALA D 259 -45.01 -10.42 5.30
N ARG D 260 -46.09 -11.16 5.07
CA ARG D 260 -47.42 -10.75 5.50
C ARG D 260 -47.80 -11.43 6.81
N GLN D 261 -46.81 -11.62 7.68
CA GLN D 261 -47.01 -12.30 8.94
C GLN D 261 -47.72 -11.38 9.92
N VAL D 262 -48.68 -11.93 10.64
CA VAL D 262 -49.44 -11.21 11.63
C VAL D 262 -48.86 -11.49 13.00
N GLU D 263 -48.91 -12.75 13.42
CA GLU D 263 -48.37 -13.16 14.70
C GLU D 263 -46.89 -13.45 14.55
N PRO D 264 -46.01 -12.92 15.41
CA PRO D 264 -44.60 -13.30 15.33
C PRO D 264 -44.39 -14.79 15.54
N VAL D 265 -43.18 -15.23 15.23
CA VAL D 265 -42.86 -16.64 15.06
C VAL D 265 -41.71 -16.98 15.98
N ILE D 266 -41.63 -18.25 16.37
CA ILE D 266 -40.95 -18.68 17.60
C ILE D 266 -39.67 -19.48 17.32
N PHE D 267 -39.81 -20.68 16.76
CA PHE D 267 -38.68 -21.55 16.44
C PHE D 267 -37.86 -21.90 17.69
N SER D 268 -38.49 -22.69 18.56
CA SER D 268 -37.78 -23.25 19.70
C SER D 268 -36.58 -24.06 19.26
N ILE D 269 -35.39 -23.58 19.54
CA ILE D 269 -34.17 -24.34 19.26
C ILE D 269 -34.02 -25.42 20.32
N PRO D 270 -33.67 -26.65 19.95
CA PRO D 270 -33.31 -27.65 20.95
C PRO D 270 -31.83 -27.68 21.21
N ASP D 271 -31.41 -28.50 22.17
CA ASP D 271 -30.01 -28.70 22.49
C ASP D 271 -29.69 -30.14 22.13
N LEU D 272 -29.11 -30.32 20.95
CA LEU D 272 -28.67 -31.62 20.49
C LEU D 272 -27.19 -31.76 20.79
N ARG D 273 -26.82 -32.85 21.44
CA ARG D 273 -25.45 -32.96 21.90
C ARG D 273 -25.12 -34.41 22.19
N SER D 274 -23.82 -34.66 22.27
CA SER D 274 -23.28 -35.96 22.58
C SER D 274 -22.93 -36.12 24.05
N THR D 275 -22.77 -35.01 24.77
CA THR D 275 -22.42 -35.02 26.17
C THR D 275 -23.61 -34.62 27.02
N LEU D 276 -23.53 -34.99 28.30
CA LEU D 276 -24.66 -34.78 29.19
C LEU D 276 -24.93 -33.29 29.40
N TYR D 277 -23.88 -32.51 29.63
CA TYR D 277 -24.03 -31.08 29.84
C TYR D 277 -22.89 -30.36 29.15
N HIS D 278 -23.23 -29.24 28.51
CA HIS D 278 -22.22 -28.43 27.87
C HIS D 278 -21.41 -27.69 28.92
N LEU D 279 -20.41 -26.98 28.44
CA LEU D 279 -19.72 -25.96 29.20
C LEU D 279 -20.06 -24.62 28.58
N MET D 280 -19.46 -23.56 29.12
CA MET D 280 -19.63 -22.25 28.54
C MET D 280 -18.75 -22.06 27.32
N SER D 281 -17.66 -22.81 27.21
CA SER D 281 -16.72 -22.65 26.13
C SER D 281 -17.11 -23.42 24.88
N ASP D 282 -18.01 -24.39 24.98
CA ASP D 282 -18.36 -25.20 23.83
C ASP D 282 -19.00 -24.37 22.73
N THR D 283 -18.77 -24.80 21.49
CA THR D 283 -19.32 -24.16 20.30
C THR D 283 -20.03 -25.15 19.42
N ASP D 284 -19.62 -26.42 19.48
CA ASP D 284 -20.19 -27.46 18.62
C ASP D 284 -21.61 -27.74 19.09
N THR D 285 -22.51 -26.86 18.69
CA THR D 285 -23.89 -26.85 19.17
C THR D 285 -24.84 -26.67 18.00
N THR D 286 -26.12 -26.83 18.31
CA THR D 286 -27.15 -26.47 17.36
C THR D 286 -27.04 -25.01 17.00
N SER D 287 -27.51 -24.66 15.82
CA SER D 287 -27.43 -23.30 15.33
C SER D 287 -28.59 -23.07 14.38
N LEU D 288 -29.16 -21.88 14.47
CA LEU D 288 -30.29 -21.47 13.66
C LEU D 288 -29.77 -20.63 12.51
N VAL D 289 -30.52 -20.66 11.41
CA VAL D 289 -30.23 -19.79 10.28
C VAL D 289 -31.55 -19.37 9.64
N ILE D 290 -31.58 -18.15 9.16
CA ILE D 290 -32.62 -17.65 8.28
C ILE D 290 -32.00 -17.42 6.93
N MET D 291 -32.70 -17.85 5.89
CA MET D 291 -32.23 -17.61 4.54
C MET D 291 -33.41 -17.35 3.64
N VAL D 292 -33.11 -16.70 2.54
CA VAL D 292 -34.14 -16.15 1.69
C VAL D 292 -34.65 -17.24 0.75
N TYR D 293 -35.94 -17.21 0.52
CA TYR D 293 -36.65 -18.20 -0.28
C TYR D 293 -37.47 -17.58 -1.38
N ASN D 294 -37.91 -16.34 -1.21
CA ASN D 294 -38.48 -15.56 -2.30
C ASN D 294 -38.06 -14.13 -2.08
N ASP D 295 -37.41 -13.54 -3.06
CA ASP D 295 -36.96 -12.17 -2.94
C ASP D 295 -38.16 -11.26 -2.80
N LEU D 296 -37.98 -10.20 -2.02
CA LEU D 296 -39.12 -9.40 -1.60
C LEU D 296 -39.70 -8.65 -2.79
N ILE D 297 -40.71 -7.84 -2.49
CA ILE D 297 -41.25 -6.87 -3.43
C ILE D 297 -41.60 -5.61 -2.67
N ASN D 298 -41.09 -4.48 -3.12
CA ASN D 298 -41.60 -3.22 -2.66
C ASN D 298 -41.31 -2.12 -3.68
N PRO D 299 -42.31 -1.36 -4.13
CA PRO D 299 -42.02 -0.21 -5.00
C PRO D 299 -41.64 1.06 -4.26
N TYR D 300 -41.59 0.98 -2.92
CA TYR D 300 -41.33 2.12 -2.05
C TYR D 300 -39.92 2.28 -1.51
N ALA D 301 -38.92 1.93 -2.31
CA ALA D 301 -37.53 2.09 -1.90
C ALA D 301 -36.72 2.52 -3.11
N ASN D 302 -35.42 2.72 -2.88
CA ASN D 302 -34.54 3.30 -3.88
C ASN D 302 -33.23 2.52 -3.86
N ASP D 303 -32.41 2.75 -4.90
CA ASP D 303 -31.15 2.03 -5.02
C ASP D 303 -30.15 2.48 -3.97
N SER D 304 -30.21 3.74 -3.56
CA SER D 304 -29.25 4.27 -2.59
C SER D 304 -29.64 3.91 -1.17
N ASN D 305 -30.78 4.44 -0.71
CA ASN D 305 -31.23 4.14 0.63
C ASN D 305 -31.90 2.77 0.67
N SER D 306 -31.99 2.20 1.86
CA SER D 306 -32.61 0.89 2.04
C SER D 306 -33.49 0.89 3.28
N SER D 307 -34.27 1.95 3.47
CA SER D 307 -35.28 1.95 4.50
C SER D 307 -36.35 0.94 4.14
N GLY D 308 -36.85 0.23 5.15
CA GLY D 308 -37.83 -0.81 4.92
C GLY D 308 -37.66 -2.02 5.80
N CYS D 309 -37.44 -3.18 5.17
CA CYS D 309 -37.46 -4.43 5.89
C CYS D 309 -36.37 -4.47 6.93
N ILE D 310 -36.75 -4.83 8.14
CA ILE D 310 -35.80 -5.17 9.18
C ILE D 310 -36.40 -6.36 9.91
N VAL D 311 -35.55 -7.31 10.28
CA VAL D 311 -36.01 -8.57 10.82
C VAL D 311 -35.60 -8.65 12.27
N THR D 312 -36.50 -8.27 13.16
CA THR D 312 -36.18 -8.28 14.56
C THR D 312 -36.10 -9.70 15.06
N VAL D 313 -35.15 -9.95 15.94
CA VAL D 313 -34.97 -11.25 16.57
C VAL D 313 -34.96 -11.06 18.07
N GLU D 314 -35.70 -11.92 18.76
CA GLU D 314 -35.73 -11.91 20.20
C GLU D 314 -35.65 -13.34 20.69
N THR D 315 -35.36 -13.48 21.98
CA THR D 315 -34.97 -14.75 22.56
C THR D 315 -35.66 -14.94 23.89
N LYS D 316 -35.56 -16.14 24.39
CA LYS D 316 -36.10 -16.50 25.68
C LYS D 316 -35.53 -17.85 26.05
N PRO D 317 -35.26 -18.12 27.33
CA PRO D 317 -34.47 -19.31 27.66
C PRO D 317 -35.16 -20.62 27.32
N GLY D 318 -36.44 -20.72 27.57
CA GLY D 318 -37.16 -21.97 27.38
C GLY D 318 -37.26 -22.76 28.66
N ALA D 319 -38.20 -23.69 28.67
CA ALA D 319 -38.57 -24.38 29.89
C ALA D 319 -37.41 -25.22 30.43
N ASP D 320 -36.83 -26.05 29.59
CA ASP D 320 -35.83 -27.00 30.05
C ASP D 320 -34.49 -26.37 30.32
N PHE D 321 -34.32 -25.08 30.06
CA PHE D 321 -33.02 -24.46 30.22
C PHE D 321 -32.60 -24.49 31.69
N LYS D 322 -31.36 -24.90 31.92
CA LYS D 322 -30.86 -25.08 33.28
C LYS D 322 -29.37 -24.85 33.27
N PHE D 323 -28.91 -23.97 34.14
CA PHE D 323 -27.50 -23.94 34.44
C PHE D 323 -27.14 -25.15 35.29
N HIS D 324 -25.83 -25.35 35.48
CA HIS D 324 -25.33 -26.49 36.19
C HIS D 324 -23.99 -26.13 36.82
N LEU D 325 -23.68 -26.79 37.94
CA LEU D 325 -22.34 -26.77 38.52
C LEU D 325 -21.91 -25.35 38.90
N LEU D 326 -22.57 -24.87 39.94
CA LEU D 326 -22.20 -23.64 40.64
C LEU D 326 -20.71 -23.52 40.88
N LYS D 327 -20.21 -22.29 40.88
CA LYS D 327 -18.84 -21.98 41.21
C LYS D 327 -18.81 -20.79 42.14
N PRO D 328 -17.79 -20.65 42.98
CA PRO D 328 -17.64 -19.44 43.74
C PRO D 328 -17.15 -18.31 42.86
N PRO D 329 -17.54 -17.07 43.14
CA PRO D 329 -16.92 -15.96 42.44
C PRO D 329 -15.48 -15.79 42.89
N GLY D 330 -14.63 -15.39 41.95
CA GLY D 330 -13.23 -15.67 42.07
C GLY D 330 -13.13 -17.18 42.05
N SER D 331 -13.42 -17.83 40.92
CA SER D 331 -13.39 -17.25 39.58
C SER D 331 -14.67 -16.57 39.08
N MET D 332 -14.50 -15.45 38.36
CA MET D 332 -15.56 -14.77 37.62
C MET D 332 -15.02 -14.31 36.26
N LEU D 333 -14.50 -15.27 35.47
CA LEU D 333 -13.59 -15.06 34.34
C LEU D 333 -13.78 -13.76 33.58
N THR D 334 -15.02 -13.41 33.29
CA THR D 334 -15.38 -12.12 32.70
C THR D 334 -14.79 -11.99 31.30
N HIS D 335 -15.24 -12.87 30.43
CA HIS D 335 -15.05 -12.73 28.99
C HIS D 335 -16.38 -12.98 28.31
N GLY D 336 -16.54 -12.38 27.14
CA GLY D 336 -17.84 -12.24 26.52
C GLY D 336 -18.16 -10.77 26.30
N SER D 337 -17.12 -9.95 26.22
CA SER D 337 -17.32 -8.51 26.08
C SER D 337 -17.96 -8.21 24.75
N VAL D 338 -19.03 -7.42 24.78
CA VAL D 338 -19.88 -7.20 23.63
C VAL D 338 -19.57 -5.81 23.07
N PRO D 339 -19.67 -5.59 21.76
CA PRO D 339 -19.47 -4.23 21.27
C PRO D 339 -20.62 -3.30 21.64
N SER D 340 -20.33 -2.41 22.58
CA SER D 340 -21.28 -1.40 23.01
C SER D 340 -20.64 -0.05 23.27
N ASP D 341 -19.32 0.04 23.38
CA ASP D 341 -18.60 1.27 23.65
C ASP D 341 -17.56 1.56 22.58
N LEU D 342 -17.65 0.87 21.44
CA LEU D 342 -16.66 1.04 20.38
C LEU D 342 -16.67 2.45 19.82
N ILE D 343 -17.80 3.13 19.92
CA ILE D 343 -17.91 4.54 19.53
C ILE D 343 -18.64 5.24 20.66
N PRO D 344 -18.35 6.50 20.94
CA PRO D 344 -19.23 7.24 21.85
C PRO D 344 -20.60 7.48 21.28
N LYS D 345 -21.43 8.23 22.00
CA LYS D 345 -22.76 8.62 21.55
C LYS D 345 -22.80 10.06 21.09
N SER D 346 -21.69 10.58 20.58
CA SER D 346 -21.64 11.95 20.07
C SER D 346 -20.44 12.08 19.17
N SER D 347 -20.36 13.24 18.53
CA SER D 347 -19.26 13.53 17.61
C SER D 347 -18.08 14.13 18.33
N SER D 348 -18.34 15.07 19.23
CA SER D 348 -17.30 15.94 19.74
C SER D 348 -16.20 15.17 20.46
N LEU D 349 -16.46 13.93 20.84
CA LEU D 349 -15.45 13.03 21.37
C LEU D 349 -14.62 12.37 20.29
N TRP D 350 -15.07 12.37 19.04
CA TRP D 350 -14.46 11.58 17.99
C TRP D 350 -13.21 12.24 17.45
N ILE D 351 -12.20 11.42 17.20
CA ILE D 351 -10.94 11.86 16.62
C ILE D 351 -10.35 10.70 15.84
N GLY D 352 -9.82 11.01 14.66
CA GLY D 352 -9.16 10.00 13.86
C GLY D 352 -7.94 9.44 14.57
N ASN D 353 -7.62 8.20 14.21
CA ASN D 353 -6.45 7.57 14.82
C ASN D 353 -5.15 8.13 14.24
N ARG D 354 -5.18 8.59 13.00
CA ARG D 354 -3.98 9.12 12.38
C ARG D 354 -3.66 10.52 12.90
N HIS D 355 -4.68 11.35 13.13
CA HIS D 355 -4.46 12.73 13.52
C HIS D 355 -5.48 13.17 14.54
N TRP D 356 -5.04 14.07 15.42
CA TRP D 356 -5.74 14.37 16.66
C TRP D 356 -7.00 15.19 16.48
N THR D 357 -7.19 15.84 15.34
CA THR D 357 -8.30 16.76 15.21
C THR D 357 -9.62 16.03 15.08
N ASP D 358 -10.71 16.78 15.21
CA ASP D 358 -12.04 16.21 15.25
C ASP D 358 -12.45 15.71 13.88
N ILE D 359 -13.55 14.97 13.87
CA ILE D 359 -14.15 14.53 12.63
C ILE D 359 -15.07 15.63 12.12
N THR D 360 -15.26 15.69 10.81
CA THR D 360 -16.32 16.49 10.24
C THR D 360 -17.03 15.84 9.08
N ASP D 361 -16.62 14.66 8.62
CA ASP D 361 -17.27 14.09 7.45
C ASP D 361 -16.85 12.64 7.31
N PHE D 362 -17.71 11.88 6.64
CA PHE D 362 -17.47 10.49 6.31
C PHE D 362 -17.20 10.37 4.82
N VAL D 363 -16.18 9.58 4.50
CA VAL D 363 -15.69 9.44 3.14
C VAL D 363 -15.69 7.98 2.77
N ILE D 364 -16.07 7.72 1.53
CA ILE D 364 -16.18 6.38 0.98
C ILE D 364 -15.03 6.16 0.03
N ARG D 365 -14.61 4.94 -0.08
CA ARG D 365 -13.62 4.55 -1.06
C ARG D 365 -13.71 3.03 -1.13
N PRO D 366 -13.75 2.42 -2.31
CA PRO D 366 -14.01 0.97 -2.35
C PRO D 366 -12.92 0.18 -1.68
N PHE D 367 -11.71 0.71 -1.70
CA PHE D 367 -10.61 0.18 -0.91
C PHE D 367 -10.39 1.06 0.31
N VAL D 368 -9.48 0.59 1.15
CA VAL D 368 -9.20 1.23 2.42
C VAL D 368 -7.88 0.68 2.92
N PHE D 369 -7.16 1.48 3.70
CA PHE D 369 -5.83 1.04 4.09
C PHE D 369 -5.30 1.91 5.20
N GLN D 370 -4.75 1.27 6.22
CA GLN D 370 -4.03 1.95 7.28
C GLN D 370 -3.34 0.89 8.11
N ALA D 371 -2.24 1.29 8.75
CA ALA D 371 -1.46 0.37 9.56
C ALA D 371 -1.00 0.92 10.89
N ASN D 372 -0.94 2.24 11.06
CA ASN D 372 -0.31 2.84 12.24
C ASN D 372 -0.98 2.40 13.53
N ARG D 373 -2.31 2.49 13.57
CA ARG D 373 -3.08 2.19 14.78
C ARG D 373 -4.27 1.29 14.47
N HIS D 374 -4.26 0.62 13.33
CA HIS D 374 -5.42 -0.14 12.89
C HIS D 374 -5.46 -1.45 13.66
N PHE D 375 -6.33 -1.51 14.66
CA PHE D 375 -6.43 -2.68 15.53
C PHE D 375 -7.64 -3.51 15.17
N ASP D 376 -7.53 -4.80 15.45
CA ASP D 376 -8.56 -5.79 15.17
C ASP D 376 -9.02 -6.42 16.48
N PHE D 377 -10.09 -7.21 16.39
CA PHE D 377 -10.63 -7.82 17.60
C PHE D 377 -9.69 -8.84 18.20
N ASN D 378 -8.69 -9.30 17.44
CA ASN D 378 -7.64 -10.11 18.04
C ASN D 378 -6.65 -9.27 18.85
N GLN D 379 -6.88 -7.96 18.98
CA GLN D 379 -6.13 -7.12 19.90
C GLN D 379 -4.67 -7.03 19.47
N GLU D 380 -4.48 -6.75 18.18
CA GLU D 380 -3.16 -6.73 17.59
C GLU D 380 -3.25 -5.95 16.27
N THR D 381 -2.13 -5.88 15.56
CA THR D 381 -2.03 -5.05 14.38
C THR D 381 -0.68 -5.25 13.71
N ALA D 382 -0.49 -4.51 12.62
CA ALA D 382 0.81 -4.28 12.02
C ALA D 382 1.40 -2.96 12.45
N GLY D 383 0.85 -2.34 13.49
CA GLY D 383 1.15 -0.98 13.83
C GLY D 383 2.19 -0.88 14.93
N TRP D 384 3.23 -0.11 14.64
CA TRP D 384 4.25 0.18 15.64
C TRP D 384 3.74 1.05 16.78
N SER D 385 2.58 1.67 16.64
CA SER D 385 2.12 2.70 17.54
C SER D 385 0.99 2.21 18.44
N THR D 386 0.66 3.04 19.41
CA THR D 386 -0.43 2.84 20.34
C THR D 386 -1.48 3.93 20.14
N PRO D 387 -2.67 3.78 20.70
CA PRO D 387 -3.73 4.79 20.53
C PRO D 387 -3.68 5.87 21.60
N ARG D 388 -2.59 6.63 21.60
CA ARG D 388 -2.45 7.77 22.50
C ARG D 388 -1.66 8.86 21.80
N TYR D 389 -2.31 10.01 21.61
CA TYR D 389 -1.64 11.18 21.06
C TYR D 389 -0.79 11.84 22.14
N ARG D 390 0.30 11.17 22.47
CA ARG D 390 1.36 11.78 23.25
C ARG D 390 2.50 12.19 22.36
N PRO D 391 3.43 12.99 22.87
CA PRO D 391 4.62 13.31 22.08
C PRO D 391 5.55 12.13 21.91
N ILE D 392 6.69 12.41 21.27
CA ILE D 392 7.62 11.40 20.80
C ILE D 392 9.01 11.81 21.25
N THR D 393 9.60 11.04 22.15
CA THR D 393 10.94 11.34 22.65
C THR D 393 11.99 10.54 21.90
N ILE D 394 13.03 11.23 21.44
CA ILE D 394 14.12 10.62 20.69
C ILE D 394 15.41 11.35 21.01
N THR D 395 16.53 10.65 20.87
CA THR D 395 17.86 11.19 21.16
C THR D 395 18.63 11.26 19.86
N ILE D 396 18.42 12.35 19.13
CA ILE D 396 19.18 12.59 17.92
C ILE D 396 20.63 12.90 18.28
N SER D 397 21.52 12.68 17.32
CA SER D 397 22.94 12.95 17.49
C SER D 397 23.53 13.39 16.15
N GLU D 398 24.51 14.27 16.23
CA GLU D 398 25.13 14.91 15.07
C GLU D 398 26.64 14.84 15.23
N LYS D 399 27.36 15.35 14.24
CA LYS D 399 28.80 15.53 14.34
C LYS D 399 29.22 16.99 14.21
N ASN D 400 28.93 17.63 13.07
CA ASN D 400 29.43 18.97 12.78
C ASN D 400 28.31 19.98 12.55
N GLY D 401 27.45 19.79 11.57
CA GLY D 401 26.42 20.77 11.27
C GLY D 401 25.15 20.16 10.77
N ALA D 402 24.96 18.87 11.02
CA ALA D 402 23.85 18.15 10.44
C ALA D 402 22.54 18.65 11.02
N LYS D 403 21.70 19.19 10.15
CA LYS D 403 20.32 19.44 10.53
C LYS D 403 19.60 18.13 10.74
N LEU D 404 19.66 17.26 9.75
CA LEU D 404 18.95 16.00 9.78
C LEU D 404 19.81 14.91 10.39
N GLY D 405 19.12 13.92 10.95
CA GLY D 405 19.77 12.76 11.52
C GLY D 405 18.75 11.66 11.65
N ILE D 406 19.23 10.53 12.14
CA ILE D 406 18.41 9.34 12.31
C ILE D 406 17.92 9.36 13.76
N GLY D 407 16.69 9.82 13.93
CA GLY D 407 16.07 9.74 15.24
C GLY D 407 16.04 8.31 15.74
N VAL D 408 16.16 8.16 17.05
CA VAL D 408 16.26 6.86 17.69
C VAL D 408 15.24 6.81 18.82
N ALA D 409 14.81 5.59 19.12
CA ALA D 409 13.75 5.41 20.09
C ALA D 409 14.21 5.73 21.49
N THR D 410 13.28 6.15 22.29
CA THR D 410 13.41 6.18 23.74
C THR D 410 12.23 5.48 24.41
N ASP D 411 11.08 5.49 23.76
CA ASP D 411 9.93 4.67 24.12
C ASP D 411 9.43 4.00 22.86
N TYR D 412 8.97 2.76 23.00
CA TYR D 412 8.55 2.00 21.84
C TYR D 412 7.75 0.80 22.29
N ILE D 413 7.18 0.10 21.31
CA ILE D 413 6.66 -1.24 21.49
C ILE D 413 7.31 -2.16 20.48
N VAL D 414 7.69 -1.62 19.33
CA VAL D 414 8.50 -2.33 18.34
C VAL D 414 9.93 -1.84 18.49
N PRO D 415 10.95 -2.69 18.39
CA PRO D 415 12.31 -2.19 18.54
C PRO D 415 12.68 -1.22 17.43
N GLY D 416 13.19 -0.06 17.84
CA GLY D 416 13.70 0.92 16.90
C GLY D 416 12.73 2.05 16.63
N ILE D 417 11.46 1.71 16.48
CA ILE D 417 10.47 2.69 16.05
C ILE D 417 9.86 3.36 17.28
N PRO D 418 9.71 4.67 17.31
CA PRO D 418 9.01 5.30 18.42
C PRO D 418 7.51 5.06 18.36
N ASP D 419 6.86 5.25 19.50
CA ASP D 419 5.43 5.21 19.56
C ASP D 419 4.85 6.50 19.00
N GLY D 420 3.64 6.41 18.49
CA GLY D 420 3.00 7.56 17.89
C GLY D 420 3.67 8.10 16.64
N TRP D 421 4.61 7.37 16.09
CA TRP D 421 5.32 7.83 14.90
C TRP D 421 4.41 7.66 13.68
N PRO D 422 4.39 8.63 12.76
CA PRO D 422 3.34 8.64 11.74
C PRO D 422 3.72 7.79 10.54
N ASP D 423 2.86 7.85 9.51
CA ASP D 423 3.01 7.03 8.31
C ASP D 423 2.66 7.86 7.08
N THR D 424 3.66 8.53 6.53
CA THR D 424 3.56 9.08 5.18
C THR D 424 4.96 9.46 4.72
N THR D 425 5.42 8.82 3.65
CA THR D 425 6.71 9.14 3.10
C THR D 425 6.67 10.46 2.33
N ILE D 426 7.87 10.96 2.06
CA ILE D 426 8.08 12.04 1.12
C ILE D 426 7.60 11.60 -0.26
N PRO D 427 7.29 12.51 -1.17
CA PRO D 427 7.03 12.07 -2.55
C PRO D 427 8.28 11.68 -3.30
N GLU D 428 9.38 12.40 -3.06
CA GLU D 428 10.53 12.35 -3.96
C GLU D 428 11.82 12.50 -3.17
N LYS D 429 12.93 12.31 -3.87
CA LYS D 429 14.22 12.69 -3.35
C LYS D 429 14.27 14.20 -3.19
N LEU D 430 14.82 14.66 -2.08
CA LEU D 430 14.98 16.10 -1.88
C LEU D 430 16.00 16.35 -0.79
N THR D 431 16.70 17.47 -0.92
CA THR D 431 17.76 17.88 -0.01
C THR D 431 17.25 18.98 0.92
N PRO D 432 16.71 18.65 2.09
CA PRO D 432 16.22 19.71 2.97
C PRO D 432 17.34 20.62 3.44
N ALA D 433 17.29 21.88 3.00
CA ALA D 433 18.37 22.81 3.25
C ALA D 433 17.94 24.24 3.51
N GLY D 434 16.67 24.57 3.46
CA GLY D 434 16.26 25.95 3.57
C GLY D 434 14.85 26.16 4.03
N ASP D 435 14.25 27.24 3.54
CA ASP D 435 13.01 27.77 4.07
C ASP D 435 11.85 27.40 3.16
N TYR D 436 10.64 27.79 3.60
CA TYR D 436 9.46 27.61 2.79
C TYR D 436 9.56 28.39 1.49
N ALA D 437 8.93 27.85 0.45
CA ALA D 437 8.69 28.61 -0.76
C ALA D 437 7.66 27.92 -1.63
N ILE D 438 6.64 28.67 -2.03
CA ILE D 438 5.62 28.19 -2.94
C ILE D 438 5.42 29.25 -4.00
N THR D 439 5.11 28.80 -5.21
CA THR D 439 4.96 29.69 -6.36
C THR D 439 3.78 29.27 -7.20
N ASN D 440 2.92 30.22 -7.51
CA ASN D 440 1.85 30.00 -8.46
C ASN D 440 2.38 30.15 -9.87
N LYS D 441 1.69 29.52 -10.80
CA LYS D 441 1.86 29.69 -12.24
C LYS D 441 3.19 29.15 -12.75
N SER D 442 4.04 28.61 -11.89
CA SER D 442 5.41 28.27 -12.25
C SER D 442 6.17 29.48 -12.78
N GLY D 443 5.75 30.69 -12.42
CA GLY D 443 6.34 31.91 -12.92
C GLY D 443 6.35 33.07 -11.94
N ASN D 444 6.28 32.79 -10.64
CA ASN D 444 5.94 33.83 -9.68
C ASN D 444 6.43 33.40 -8.29
N ASP D 445 6.14 34.23 -7.30
CA ASP D 445 6.16 33.83 -5.89
C ASP D 445 5.14 34.69 -5.18
N ILE D 446 4.42 34.09 -4.25
CA ILE D 446 3.18 34.67 -3.72
C ILE D 446 3.05 34.33 -2.25
N THR D 447 2.58 35.31 -1.47
CA THR D 447 2.57 35.23 -0.02
C THR D 447 1.30 35.85 0.53
N THR D 448 0.16 35.50 -0.05
CA THR D 448 -1.10 36.07 0.41
C THR D 448 -2.25 35.23 -0.12
N ALA D 449 -3.42 35.50 0.43
CA ALA D 449 -4.57 34.62 0.20
C ALA D 449 -5.08 34.75 -1.22
N ALA D 450 -5.34 35.98 -1.67
CA ALA D 450 -5.86 36.18 -3.01
C ALA D 450 -4.89 35.65 -4.05
N GLY D 451 -3.60 35.74 -3.78
CA GLY D 451 -2.62 35.12 -4.66
C GLY D 451 -2.61 33.61 -4.54
N TYR D 452 -2.94 33.10 -3.36
CA TYR D 452 -3.00 31.66 -3.17
C TYR D 452 -4.15 31.06 -3.96
N ASP D 453 -5.36 31.54 -3.71
CA ASP D 453 -6.50 31.07 -4.47
C ASP D 453 -6.43 31.56 -5.91
N GLY D 454 -5.97 32.79 -6.11
CA GLY D 454 -5.78 33.33 -7.44
C GLY D 454 -4.57 32.70 -8.10
N ALA D 455 -4.73 31.44 -8.48
CA ALA D 455 -3.61 30.61 -8.88
C ALA D 455 -4.02 29.65 -9.97
N ASP D 456 -3.27 29.64 -11.07
CA ASP D 456 -3.37 28.54 -12.01
C ASP D 456 -3.20 27.21 -11.29
N VAL D 457 -2.03 27.00 -10.71
CA VAL D 457 -1.71 25.83 -9.92
C VAL D 457 -0.77 26.26 -8.81
N ILE D 458 -0.34 25.28 -8.00
CA ILE D 458 0.61 25.49 -6.93
C ILE D 458 1.75 24.50 -7.14
N VAL D 459 2.96 24.92 -6.81
CA VAL D 459 4.17 24.29 -7.29
C VAL D 459 5.01 23.73 -6.14
N ASN D 460 5.14 24.48 -5.06
CA ASN D 460 5.89 24.06 -3.87
C ASN D 460 7.36 23.77 -4.22
N ASN D 461 8.06 24.84 -4.61
CA ASN D 461 9.52 24.79 -4.75
C ASN D 461 10.16 24.89 -3.37
N THR D 462 9.98 23.84 -2.58
CA THR D 462 10.50 23.74 -1.24
C THR D 462 11.30 22.45 -1.12
N ASN D 463 12.18 22.41 -0.12
CA ASN D 463 13.10 21.31 0.06
C ASN D 463 12.72 20.37 1.21
N PHE D 464 11.58 20.60 1.86
CA PHE D 464 11.07 19.72 2.92
C PHE D 464 9.57 19.55 2.72
N LYS D 465 9.18 19.23 1.48
CA LYS D 465 7.80 19.34 1.02
C LYS D 465 6.81 18.48 1.80
N GLY D 466 6.91 17.17 1.64
CA GLY D 466 5.97 16.27 2.28
C GLY D 466 6.41 15.87 3.67
N MET D 467 6.39 16.82 4.60
CA MET D 467 6.99 16.64 5.92
C MET D 467 5.97 17.11 6.96
N TYR D 468 6.37 17.05 8.23
CA TYR D 468 5.51 17.37 9.36
C TYR D 468 6.12 18.51 10.19
N ILE D 469 5.41 18.90 11.25
CA ILE D 469 5.58 20.21 11.88
C ILE D 469 5.71 20.08 13.40
N CYS D 470 6.30 18.99 13.88
CA CYS D 470 6.33 18.73 15.31
C CYS D 470 7.01 19.85 16.11
N GLY D 471 6.80 19.82 17.43
CA GLY D 471 7.14 20.92 18.32
C GLY D 471 8.59 21.09 18.73
N SER D 472 9.26 19.99 19.09
CA SER D 472 10.72 19.96 19.26
C SER D 472 11.20 20.88 20.39
N LEU D 473 10.95 20.42 21.61
CA LEU D 473 11.56 21.04 22.78
C LEU D 473 13.06 21.19 22.67
N GLN D 474 13.74 20.27 21.98
CA GLN D 474 15.14 20.43 21.56
C GLN D 474 16.08 20.77 22.71
N ARG D 475 16.19 19.83 23.64
CA ARG D 475 17.12 20.02 24.74
C ARG D 475 18.49 19.47 24.37
N ALA D 476 19.45 19.66 25.28
CA ALA D 476 20.78 19.07 25.23
C ALA D 476 21.53 19.53 26.47
N TRP D 477 22.67 18.91 26.71
CA TRP D 477 23.56 19.37 27.76
C TRP D 477 24.32 20.59 27.25
N GLY D 478 24.31 21.66 28.04
CA GLY D 478 25.08 22.83 27.74
C GLY D 478 24.82 23.42 26.37
N ASP D 479 23.56 23.69 26.05
CA ASP D 479 23.20 24.20 24.71
C ASP D 479 22.07 25.22 24.86
N LYS D 480 22.45 26.49 24.83
CA LYS D 480 21.55 27.63 24.75
C LYS D 480 21.11 27.76 23.29
N LYS D 481 20.62 28.93 22.87
CA LYS D 481 20.09 29.09 21.52
C LYS D 481 18.84 28.23 21.41
N ILE D 482 17.77 28.75 22.00
CA ILE D 482 16.54 28.05 22.35
C ILE D 482 15.98 27.23 21.21
N SER D 483 15.17 26.26 21.60
CA SER D 483 14.57 25.27 20.71
C SER D 483 13.98 25.88 19.46
N ASN D 484 14.03 25.11 18.38
CA ASN D 484 13.45 25.43 17.09
C ASN D 484 12.47 24.33 16.72
N THR D 485 11.84 24.49 15.56
CA THR D 485 10.84 23.55 15.09
C THR D 485 11.50 22.43 14.28
N ALA D 486 10.83 21.30 14.23
CA ALA D 486 11.31 20.10 13.56
C ALA D 486 10.48 19.79 12.33
N PHE D 487 10.95 18.82 11.57
CA PHE D 487 10.27 18.34 10.37
C PHE D 487 10.66 16.89 10.20
N ILE D 488 9.68 15.98 10.15
CA ILE D 488 9.96 14.55 10.23
C ILE D 488 9.14 13.77 9.22
N THR D 489 9.77 12.73 8.67
CA THR D 489 9.09 11.67 7.94
C THR D 489 9.89 10.38 8.13
N THR D 490 9.42 9.33 7.47
CA THR D 490 10.24 8.20 7.13
C THR D 490 10.89 8.42 5.78
N ALA D 491 12.13 7.97 5.65
CA ALA D 491 12.85 8.05 4.41
C ALA D 491 14.22 7.42 4.63
N THR D 492 14.85 7.02 3.53
CA THR D 492 16.20 6.50 3.56
C THR D 492 17.15 7.65 3.29
N LYS D 493 18.14 7.82 4.16
CA LYS D 493 19.04 8.96 4.14
C LYS D 493 20.33 8.56 3.43
N VAL D 494 20.78 9.39 2.49
CA VAL D 494 22.06 9.19 1.83
C VAL D 494 22.91 10.44 1.88
N ASP D 495 23.58 10.64 3.00
CA ASP D 495 24.75 11.50 3.18
C ASP D 495 24.52 12.99 3.04
N ASN D 496 23.47 13.42 2.36
CA ASN D 496 23.03 14.79 2.53
C ASN D 496 21.53 14.98 2.26
N ALA D 497 20.79 13.91 1.98
CA ALA D 497 19.46 14.03 1.42
C ALA D 497 18.64 12.85 1.92
N ILE D 498 17.49 12.64 1.29
CA ILE D 498 16.59 11.56 1.68
C ILE D 498 15.87 11.07 0.44
N GLU D 499 15.33 9.87 0.52
CA GLU D 499 14.52 9.29 -0.54
C GLU D 499 13.40 8.48 0.09
N PRO D 500 12.25 8.37 -0.58
CA PRO D 500 11.11 7.71 0.06
C PRO D 500 11.30 6.22 0.16
N SER D 501 11.26 5.71 1.38
CA SER D 501 11.08 4.29 1.62
C SER D 501 9.96 4.14 2.64
N ASN D 502 9.23 3.04 2.51
CA ASN D 502 7.91 2.88 3.13
C ASN D 502 7.83 1.59 3.94
N VAL D 503 8.97 1.05 4.32
CA VAL D 503 9.10 -0.31 4.85
C VAL D 503 9.73 -0.20 6.22
N ILE D 504 9.33 0.83 6.97
CA ILE D 504 10.08 1.46 8.04
C ILE D 504 10.90 0.52 8.90
N ASP D 505 12.12 0.94 9.19
CA ASP D 505 13.03 0.24 10.08
C ASP D 505 13.69 1.28 10.97
N MET D 506 14.65 0.84 11.78
CA MET D 506 15.32 1.72 12.70
C MET D 506 16.18 2.77 11.99
N THR D 507 16.43 2.61 10.70
CA THR D 507 17.27 3.53 9.94
C THR D 507 16.48 4.59 9.20
N LYS D 508 15.19 4.37 8.98
CA LYS D 508 14.41 5.21 8.08
C LYS D 508 13.90 6.48 8.74
N ILE D 509 14.18 6.67 10.02
CA ILE D 509 13.68 7.85 10.72
C ILE D 509 14.37 9.09 10.18
N ALA D 510 13.69 10.23 10.25
CA ALA D 510 14.15 11.45 9.62
C ALA D 510 13.71 12.67 10.41
N VAL D 511 14.59 13.67 10.45
CA VAL D 511 14.38 14.90 11.20
C VAL D 511 15.05 16.02 10.41
N TYR D 512 14.61 17.26 10.60
CA TYR D 512 15.31 18.41 10.05
C TYR D 512 15.25 19.62 11.00
N GLN D 513 15.55 19.39 12.27
CA GLN D 513 15.61 20.48 13.26
C GLN D 513 17.04 20.92 13.47
N ASP D 514 17.25 22.23 13.57
CA ASP D 514 18.57 22.78 13.81
C ASP D 514 18.83 22.82 15.32
N THR D 515 19.56 21.83 15.81
CA THR D 515 19.92 21.72 17.21
C THR D 515 21.20 22.47 17.57
N HIS D 516 21.63 23.39 16.72
CA HIS D 516 22.81 24.18 16.99
C HIS D 516 24.02 23.29 17.30
N VAL D 517 24.54 22.68 16.26
CA VAL D 517 25.71 21.80 16.35
C VAL D 517 26.85 22.44 15.59
N GLY D 518 27.94 22.76 16.31
CA GLY D 518 29.10 23.36 15.68
C GLY D 518 30.15 22.45 15.07
N LYS D 519 30.94 21.79 15.90
CA LYS D 519 32.01 20.91 15.41
C LYS D 519 32.19 19.76 16.37
N GLU D 520 31.10 19.16 16.83
CA GLU D 520 31.21 18.22 17.92
C GLU D 520 29.89 17.49 18.07
N VAL D 521 29.98 16.26 18.56
CA VAL D 521 28.77 15.50 18.85
C VAL D 521 27.95 16.28 19.89
N GLN D 522 26.63 16.16 19.78
CA GLN D 522 25.70 16.99 20.52
C GLN D 522 24.98 16.23 21.62
N THR D 523 24.50 15.02 21.33
CA THR D 523 23.72 14.23 22.28
C THR D 523 22.45 14.98 22.66
N SER D 524 21.69 15.34 21.62
CA SER D 524 20.50 16.17 21.78
C SER D 524 19.30 15.26 22.03
N ASP D 525 18.88 15.19 23.28
CA ASP D 525 17.57 14.62 23.57
C ASP D 525 16.50 15.57 23.05
N ASP D 526 15.35 14.99 22.72
CA ASP D 526 14.30 15.74 22.06
C ASP D 526 12.97 15.09 22.39
N THR D 527 11.91 15.89 22.25
CA THR D 527 10.55 15.40 22.31
C THR D 527 9.76 16.08 21.20
N LEU D 528 8.78 15.36 20.65
CA LEU D 528 8.09 15.80 19.45
C LEU D 528 6.65 15.38 19.50
N SER D 529 5.76 16.27 19.06
CA SER D 529 4.32 16.04 19.06
C SER D 529 3.76 16.36 17.69
N LEU D 530 3.01 15.43 17.12
CA LEU D 530 2.53 15.60 15.75
C LEU D 530 1.59 16.77 15.67
N LEU D 531 1.90 17.69 14.77
CA LEU D 531 1.32 19.03 14.84
C LEU D 531 0.97 19.63 13.49
N GLY D 532 1.43 19.10 12.37
CA GLY D 532 1.09 19.70 11.10
C GLY D 532 1.65 18.96 9.91
N TYR D 533 1.75 19.69 8.79
CA TYR D 533 2.19 19.15 7.52
C TYR D 533 2.90 20.27 6.78
N THR D 534 3.53 19.94 5.66
CA THR D 534 4.21 20.90 4.80
C THR D 534 3.80 20.82 3.35
N GLY D 535 3.37 19.66 2.89
CA GLY D 535 3.17 19.42 1.47
C GLY D 535 1.97 20.15 0.92
N ILE D 536 2.11 21.46 0.78
CA ILE D 536 1.09 22.23 0.09
C ILE D 536 1.03 21.79 -1.37
N GLY D 537 -0.15 21.89 -1.96
CA GLY D 537 -0.37 21.47 -3.33
C GLY D 537 -1.07 20.14 -3.33
N GLU D 538 -0.69 19.28 -2.39
CA GLU D 538 -1.48 18.11 -2.11
C GLU D 538 -2.87 18.53 -1.67
N GLN D 539 -3.80 17.58 -1.75
CA GLN D 539 -5.19 17.83 -1.39
C GLN D 539 -5.78 16.72 -0.55
N ALA D 540 -5.02 15.69 -0.23
CA ALA D 540 -5.46 14.73 0.76
C ALA D 540 -4.28 13.90 1.23
N ILE D 541 -4.52 13.17 2.31
CA ILE D 541 -3.54 12.28 2.90
C ILE D 541 -4.21 10.92 3.10
N GLY D 542 -3.42 9.86 3.00
CA GLY D 542 -3.98 8.54 3.15
C GLY D 542 -4.79 8.09 1.97
N SER D 543 -4.44 8.57 0.77
CA SER D 543 -5.10 8.16 -0.47
C SER D 543 -4.16 7.45 -1.42
N ASP D 544 -2.87 7.77 -1.39
CA ASP D 544 -1.86 7.03 -2.14
C ASP D 544 -1.28 5.96 -1.22
N ARG D 545 -1.68 4.71 -1.43
CA ARG D 545 -1.20 3.65 -0.57
C ARG D 545 0.29 3.41 -0.74
N ASP D 546 0.82 3.71 -1.92
CA ASP D 546 2.23 3.49 -2.19
C ASP D 546 3.12 4.34 -1.29
N ARG D 547 2.61 5.48 -0.82
CA ARG D 547 3.36 6.33 0.09
C ARG D 547 3.13 6.02 1.55
N VAL D 548 2.22 5.10 1.86
CA VAL D 548 1.91 4.81 3.24
C VAL D 548 3.01 3.97 3.85
N VAL D 549 3.36 4.29 5.09
CA VAL D 549 4.40 3.55 5.79
C VAL D 549 3.78 2.30 6.41
N ARG D 550 4.20 1.14 5.94
CA ARG D 550 3.89 -0.12 6.57
C ARG D 550 5.20 -0.79 6.95
N ILE D 551 5.14 -1.61 7.99
CA ILE D 551 6.34 -2.35 8.38
C ILE D 551 6.67 -3.35 7.29
N SER D 552 5.80 -4.32 7.11
CA SER D 552 5.85 -5.28 6.02
C SER D 552 4.52 -5.46 5.34
N VAL D 553 3.42 -5.45 6.09
CA VAL D 553 2.09 -5.75 5.58
C VAL D 553 1.20 -4.54 5.80
N LEU D 554 0.29 -4.33 4.85
CA LEU D 554 -0.69 -3.26 4.91
C LEU D 554 -2.07 -3.87 5.05
N PRO D 555 -2.78 -3.68 6.16
CA PRO D 555 -4.17 -4.14 6.21
C PRO D 555 -5.02 -3.40 5.20
N GLU D 556 -5.99 -4.10 4.64
CA GLU D 556 -6.71 -3.61 3.48
C GLU D 556 -7.94 -4.46 3.27
N THR D 557 -8.97 -3.86 2.70
CA THR D 557 -10.19 -4.58 2.33
C THR D 557 -10.74 -4.00 1.05
N GLY D 558 -11.88 -4.55 0.64
CA GLY D 558 -12.64 -4.07 -0.48
C GLY D 558 -14.10 -4.09 -0.11
N ALA D 559 -14.98 -3.90 -1.09
CA ALA D 559 -16.40 -4.00 -0.82
C ALA D 559 -16.75 -5.40 -0.35
N ARG D 560 -17.85 -5.50 0.38
CA ARG D 560 -18.35 -6.78 0.88
C ARG D 560 -19.87 -6.74 0.90
N GLY D 561 -20.48 -7.89 0.63
CA GLY D 561 -21.91 -7.97 0.44
C GLY D 561 -22.31 -6.99 -0.64
N GLY D 562 -22.97 -5.93 -0.22
CA GLY D 562 -23.05 -4.72 -1.02
C GLY D 562 -22.52 -3.54 -0.24
N ASN D 563 -21.90 -3.80 0.91
CA ASN D 563 -21.34 -2.77 1.74
C ASN D 563 -19.96 -2.41 1.25
N HIS D 564 -19.54 -1.19 1.56
CA HIS D 564 -18.27 -0.66 1.11
C HIS D 564 -17.52 -0.07 2.29
N PRO D 565 -16.20 0.08 2.18
CA PRO D 565 -15.45 0.70 3.27
C PRO D 565 -15.67 2.18 3.35
N ILE D 566 -15.02 2.83 4.32
CA ILE D 566 -15.07 4.27 4.47
C ILE D 566 -13.79 4.76 5.11
N PHE D 567 -13.63 6.08 5.10
CA PHE D 567 -12.67 6.79 5.93
C PHE D 567 -13.41 7.83 6.74
N TYR D 568 -12.73 8.36 7.74
CA TYR D 568 -13.24 9.44 8.57
C TYR D 568 -12.37 10.65 8.30
N LYS D 569 -12.97 11.69 7.73
CA LYS D 569 -12.19 12.86 7.36
C LYS D 569 -11.84 13.66 8.61
N ASN D 570 -10.72 14.35 8.55
CA ASN D 570 -10.17 15.00 9.71
C ASN D 570 -9.21 16.08 9.22
N SER D 571 -9.59 17.33 9.40
CA SER D 571 -8.77 18.42 8.90
C SER D 571 -7.42 18.46 9.60
N ILE D 572 -6.44 19.07 8.95
CA ILE D 572 -5.09 19.15 9.48
C ILE D 572 -4.41 20.44 9.04
N LYS D 573 -3.46 20.85 9.86
CA LYS D 573 -2.67 22.04 9.64
C LYS D 573 -1.74 21.87 8.44
N LEU D 574 -1.16 22.98 7.99
CA LEU D 574 -0.33 23.01 6.80
C LEU D 574 0.99 23.75 6.93
N GLY D 575 1.13 24.64 7.91
CA GLY D 575 2.37 25.36 8.09
C GLY D 575 2.31 26.79 7.59
N TYR D 576 3.15 27.10 6.60
CA TYR D 576 3.34 28.49 6.18
C TYR D 576 2.05 29.16 5.76
N VAL D 577 1.08 28.40 5.28
CA VAL D 577 -0.16 28.94 4.76
C VAL D 577 -1.29 28.61 5.72
N ILE D 578 -2.25 29.53 5.81
CA ILE D 578 -3.30 29.44 6.81
C ILE D 578 -4.27 28.30 6.53
N ARG D 579 -4.33 27.81 5.30
CA ARG D 579 -5.32 26.83 4.94
C ARG D 579 -5.08 25.51 5.68
N SER D 580 -5.96 24.56 5.44
CA SER D 580 -5.83 23.20 5.93
C SER D 580 -6.01 22.23 4.77
N ILE D 581 -5.96 20.95 5.10
CA ILE D 581 -6.04 19.87 4.12
C ILE D 581 -6.70 18.70 4.81
N ASP D 582 -7.19 17.76 4.02
CA ASP D 582 -8.13 16.75 4.49
C ASP D 582 -7.43 15.40 4.62
N VAL D 583 -7.46 14.85 5.80
CA VAL D 583 -6.90 13.53 6.07
C VAL D 583 -7.98 12.49 5.84
N PHE D 584 -7.53 11.28 5.53
CA PHE D 584 -8.34 10.08 5.59
C PHE D 584 -7.92 9.27 6.81
N ASN D 585 -8.91 8.71 7.51
CA ASN D 585 -8.67 7.92 8.69
C ASN D 585 -9.57 6.69 8.68
N SER D 586 -9.01 5.55 9.09
CA SER D 586 -9.76 4.31 9.12
C SER D 586 -10.53 4.11 10.42
N GLN D 587 -10.10 4.76 11.49
CA GLN D 587 -10.61 4.42 12.82
C GLN D 587 -10.64 5.65 13.69
N ILE D 588 -11.75 5.82 14.40
CA ILE D 588 -11.74 6.69 15.56
C ILE D 588 -10.74 6.14 16.55
N LEU D 589 -10.07 7.04 17.26
CA LEU D 589 -9.13 6.61 18.28
C LEU D 589 -9.84 5.80 19.35
N HIS D 590 -10.95 6.32 19.88
CA HIS D 590 -11.69 5.65 20.94
C HIS D 590 -12.08 4.24 20.54
N THR D 591 -12.38 4.05 19.26
CA THR D 591 -12.56 2.70 18.76
C THR D 591 -11.28 1.91 18.93
N SER D 592 -10.16 2.47 18.49
CA SER D 592 -8.90 1.75 18.48
C SER D 592 -8.33 1.59 19.87
N ARG D 593 -8.71 2.43 20.82
CA ARG D 593 -8.25 2.24 22.18
C ARG D 593 -8.88 1.00 22.80
N GLN D 594 -10.19 0.88 22.67
CA GLN D 594 -10.90 -0.20 23.33
C GLN D 594 -10.50 -1.55 22.78
N LEU D 595 -10.19 -1.61 21.49
CA LEU D 595 -9.73 -2.86 20.90
C LEU D 595 -8.35 -3.24 21.39
N SER D 596 -7.54 -2.25 21.75
CA SER D 596 -6.21 -2.53 22.28
C SER D 596 -6.27 -3.34 23.55
N LEU D 597 -7.37 -3.22 24.30
CA LEU D 597 -7.48 -3.75 25.65
C LEU D 597 -8.47 -4.91 25.72
N ASN D 598 -9.72 -4.65 25.34
CA ASN D 598 -10.82 -5.48 25.75
C ASN D 598 -11.14 -6.53 24.69
N HIS D 599 -11.24 -7.78 25.14
CA HIS D 599 -11.43 -8.92 24.24
C HIS D 599 -12.90 -8.96 23.82
N TYR D 600 -13.22 -8.16 22.81
CA TYR D 600 -14.56 -8.17 22.26
C TYR D 600 -14.78 -9.39 21.40
N LEU D 601 -16.05 -9.79 21.28
CA LEU D 601 -16.44 -11.02 20.62
C LEU D 601 -17.13 -10.72 19.30
N LEU D 602 -16.67 -11.35 18.25
CA LEU D 602 -17.42 -11.34 17.01
C LEU D 602 -16.93 -12.46 16.10
N PRO D 603 -17.79 -13.07 15.29
CA PRO D 603 -17.28 -14.04 14.32
C PRO D 603 -16.46 -13.34 13.25
N PRO D 604 -15.86 -14.10 12.34
CA PRO D 604 -15.05 -13.48 11.28
C PRO D 604 -15.87 -12.78 10.22
N ASP D 605 -17.13 -13.15 10.04
CA ASP D 605 -17.92 -12.73 8.90
C ASP D 605 -19.15 -11.96 9.33
N SER D 606 -18.96 -11.03 10.26
CA SER D 606 -20.07 -10.25 10.78
C SER D 606 -19.58 -8.87 11.17
N PHE D 607 -20.51 -8.02 11.54
CA PHE D 607 -20.23 -6.66 12.00
C PHE D 607 -20.59 -6.52 13.47
N ALA D 608 -20.37 -5.32 13.98
CA ALA D 608 -20.75 -4.90 15.31
C ALA D 608 -21.54 -3.61 15.22
N VAL D 609 -22.59 -3.66 14.41
CA VAL D 609 -23.22 -2.49 13.81
C VAL D 609 -23.52 -1.40 14.82
N TYR D 610 -23.21 -0.17 14.42
CA TYR D 610 -23.62 1.03 15.11
C TYR D 610 -24.40 1.92 14.16
N ARG D 611 -25.22 2.77 14.74
CA ARG D 611 -26.10 3.65 14.00
C ARG D 611 -25.57 5.07 14.05
N ILE D 612 -26.02 5.88 13.11
CA ILE D 612 -25.65 7.28 13.04
C ILE D 612 -26.90 8.09 12.71
N ILE D 613 -27.06 9.22 13.39
CA ILE D 613 -28.19 10.11 13.15
C ILE D 613 -27.69 11.55 13.10
N ASP D 614 -27.52 12.07 11.90
CA ASP D 614 -27.31 13.50 11.74
C ASP D 614 -28.50 14.26 12.32
N SER D 615 -28.28 15.52 12.61
CA SER D 615 -29.29 16.33 13.27
C SER D 615 -30.29 16.95 12.29
N ASN D 616 -30.43 16.37 11.10
CA ASN D 616 -31.57 16.62 10.23
C ASN D 616 -32.61 15.54 10.34
N GLY D 617 -32.39 14.53 11.20
CA GLY D 617 -33.29 13.42 11.34
C GLY D 617 -32.93 12.23 10.48
N SER D 618 -32.08 12.41 9.48
CA SER D 618 -31.65 11.30 8.65
C SER D 618 -30.78 10.34 9.46
N TRP D 619 -30.37 9.26 8.81
CA TRP D 619 -29.55 8.28 9.50
C TRP D 619 -28.97 7.29 8.50
N PHE D 620 -27.90 6.66 8.93
CA PHE D 620 -27.38 5.49 8.26
C PHE D 620 -26.66 4.65 9.29
N ASP D 621 -26.44 3.40 8.95
CA ASP D 621 -25.76 2.47 9.83
C ASP D 621 -24.30 2.35 9.41
N ILE D 622 -23.51 1.79 10.32
CA ILE D 622 -22.11 1.50 10.09
C ILE D 622 -21.82 0.14 10.66
N GLY D 623 -21.00 -0.64 9.97
CA GLY D 623 -20.53 -1.91 10.45
C GLY D 623 -19.06 -1.84 10.75
N ILE D 624 -18.62 -2.77 11.59
CA ILE D 624 -17.22 -2.89 11.97
C ILE D 624 -16.84 -4.36 11.90
N ASP D 625 -15.96 -4.69 10.97
CA ASP D 625 -15.48 -6.04 10.84
C ASP D 625 -14.50 -6.33 11.98
N SER D 626 -14.12 -7.60 12.13
CA SER D 626 -13.13 -7.98 13.12
C SER D 626 -11.82 -7.23 12.91
N ASP D 627 -11.49 -6.95 11.66
CA ASP D 627 -10.24 -6.26 11.36
C ASP D 627 -10.19 -4.86 11.93
N GLY D 628 -11.33 -4.20 11.95
CA GLY D 628 -11.43 -2.83 12.42
C GLY D 628 -11.85 -1.85 11.35
N PHE D 629 -11.74 -2.23 10.09
CA PHE D 629 -12.21 -1.37 9.02
C PHE D 629 -13.70 -1.13 9.15
N SER D 630 -14.07 0.14 9.19
CA SER D 630 -15.47 0.47 9.15
C SER D 630 -16.05 0.10 7.79
N PHE D 631 -17.37 -0.05 7.76
CA PHE D 631 -18.06 -0.35 6.52
C PHE D 631 -19.43 0.31 6.57
N VAL D 632 -20.00 0.51 5.38
CA VAL D 632 -21.24 1.22 5.21
C VAL D 632 -21.97 0.57 4.04
N GLY D 633 -23.25 0.90 3.89
CA GLY D 633 -24.11 0.29 2.90
C GLY D 633 -24.64 1.21 1.83
N VAL D 634 -24.55 2.52 2.04
CA VAL D 634 -25.06 3.48 1.07
C VAL D 634 -24.04 3.68 -0.04
N SER D 635 -24.47 4.38 -1.09
CA SER D 635 -23.60 4.78 -2.18
C SER D 635 -23.04 6.17 -2.01
N SER D 636 -23.75 7.03 -1.27
CA SER D 636 -23.32 8.41 -1.09
C SER D 636 -23.75 8.89 0.28
N ILE D 637 -23.19 10.02 0.69
CA ILE D 637 -23.52 10.67 1.94
C ILE D 637 -23.89 12.11 1.67
N GLY D 638 -22.92 12.86 1.17
CA GLY D 638 -23.13 14.27 0.90
C GLY D 638 -22.93 15.09 2.17
N LYS D 639 -23.60 16.23 2.20
CA LYS D 639 -23.58 17.09 3.37
C LYS D 639 -24.64 16.63 4.36
N LEU D 640 -24.44 16.98 5.62
CA LEU D 640 -25.36 16.53 6.64
C LEU D 640 -25.20 17.38 7.89
N GLU D 641 -26.26 17.40 8.69
CA GLU D 641 -26.24 18.08 9.96
C GLU D 641 -25.32 17.33 10.90
N PHE D 642 -24.07 17.78 10.99
CA PHE D 642 -23.06 17.01 11.71
C PHE D 642 -23.28 16.84 13.20
N PRO D 643 -23.95 17.73 13.95
CA PRO D 643 -24.04 17.51 15.41
C PRO D 643 -24.85 16.28 15.74
N LEU D 644 -24.22 15.13 15.58
CA LEU D 644 -24.91 13.86 15.44
C LEU D 644 -24.62 12.95 16.61
N THR D 645 -25.30 11.81 16.60
CA THR D 645 -25.28 10.83 17.67
C THR D 645 -24.93 9.47 17.10
N ALA D 646 -24.83 8.51 18.01
CA ALA D 646 -24.52 7.14 17.64
C ALA D 646 -25.13 6.21 18.65
N SER D 647 -25.48 5.02 18.20
CA SER D 647 -26.05 4.02 19.08
C SER D 647 -25.79 2.64 18.51
N TYR D 648 -26.08 1.62 19.32
CA TYR D 648 -25.79 0.24 19.01
C TYR D 648 -27.09 -0.50 18.76
N MET D 649 -27.19 -1.11 17.59
CA MET D 649 -28.35 -1.92 17.23
C MET D 649 -28.14 -3.40 17.50
N GLY D 650 -27.00 -3.94 17.12
CA GLY D 650 -26.73 -5.33 17.40
C GLY D 650 -25.59 -5.89 16.59
N ILE D 651 -25.75 -7.15 16.18
CA ILE D 651 -24.80 -7.83 15.32
C ILE D 651 -25.49 -8.07 13.99
N GLN D 652 -24.72 -8.03 12.93
CA GLN D 652 -25.25 -8.26 11.61
C GLN D 652 -24.23 -9.03 10.78
N LEU D 653 -24.75 -9.97 10.01
CA LEU D 653 -23.90 -10.76 9.14
C LEU D 653 -23.24 -9.86 8.12
N ALA D 654 -21.98 -10.14 7.83
CA ALA D 654 -21.13 -9.19 7.12
C ALA D 654 -21.61 -8.93 5.71
N LYS D 655 -22.19 -9.93 5.07
CA LYS D 655 -22.28 -10.00 3.62
C LYS D 655 -23.64 -9.51 3.15
N ILE D 656 -24.17 -8.49 3.82
CA ILE D 656 -25.49 -7.95 3.57
C ILE D 656 -25.40 -6.43 3.51
N ARG D 657 -26.21 -5.82 2.66
CA ARG D 657 -26.31 -4.38 2.63
C ARG D 657 -26.92 -3.87 3.92
N LEU D 658 -26.30 -2.85 4.49
CA LEU D 658 -26.79 -2.24 5.71
C LEU D 658 -28.02 -1.40 5.39
N ALA D 659 -28.50 -0.65 6.38
CA ALA D 659 -29.68 0.17 6.27
C ALA D 659 -29.31 1.64 6.21
N SER D 660 -30.29 2.46 5.85
CA SER D 660 -30.02 3.85 5.61
C SER D 660 -31.31 4.60 5.33
N ASN D 661 -31.23 5.92 5.50
CA ASN D 661 -32.30 6.82 5.10
C ASN D 661 -31.75 8.23 5.10
N ILE D 662 -31.87 8.92 3.97
CA ILE D 662 -31.18 10.19 3.75
C ILE D 662 -32.16 11.24 3.29
N ARG D 663 -31.98 12.45 3.80
CA ARG D 663 -32.86 13.58 3.59
C ARG D 663 -34.25 13.28 4.13
N VAL E 2 11.62 41.36 -6.82
CA VAL E 2 12.60 40.45 -6.28
C VAL E 2 12.53 40.52 -4.76
N TYR E 3 12.89 39.42 -4.10
CA TYR E 3 12.77 39.32 -2.66
C TYR E 3 13.50 38.07 -2.21
N THR E 4 14.03 38.11 -1.00
CA THR E 4 14.78 37.01 -0.42
C THR E 4 14.40 36.86 1.04
N SER E 5 15.05 35.91 1.71
CA SER E 5 14.72 35.56 3.09
C SER E 5 15.92 35.35 4.00
N GLU E 6 17.10 35.06 3.47
CA GLU E 6 18.22 34.67 4.32
C GLU E 6 19.54 34.88 3.57
N PRO E 7 20.10 36.09 3.59
CA PRO E 7 21.34 36.31 2.85
C PRO E 7 22.58 35.79 3.57
N ASP E 8 22.63 35.95 4.89
CA ASP E 8 23.83 35.62 5.66
C ASP E 8 23.78 34.14 6.03
N VAL E 9 24.14 33.33 5.06
CA VAL E 9 24.14 31.88 5.22
C VAL E 9 25.48 31.45 5.78
N ARG E 10 25.46 30.46 6.67
CA ARG E 10 26.66 29.92 7.30
C ARG E 10 26.52 28.41 7.36
N VAL E 11 27.48 27.70 6.77
CA VAL E 11 27.40 26.25 6.61
C VAL E 11 28.79 25.66 6.79
N PRO E 12 28.85 24.39 7.24
CA PRO E 12 30.12 23.65 7.13
C PRO E 12 30.47 23.33 5.69
N GLU E 13 31.56 22.60 5.52
CA GLU E 13 31.92 22.10 4.21
C GLU E 13 31.14 20.82 3.92
N ASP E 14 30.84 20.62 2.65
CA ASP E 14 30.15 19.45 2.08
C ASP E 14 28.64 19.50 2.32
N LYS E 15 28.13 20.40 3.14
CA LYS E 15 26.75 20.40 3.56
C LYS E 15 25.94 21.36 2.70
N PRO E 16 24.60 21.30 2.78
CA PRO E 16 23.77 21.99 1.78
C PRO E 16 23.74 23.50 1.83
N ALA E 17 22.83 24.04 1.03
CA ALA E 17 22.51 25.45 1.04
C ALA E 17 21.16 25.62 0.36
N LYS E 18 20.51 26.73 0.68
CA LYS E 18 19.41 27.23 -0.13
C LYS E 18 19.59 28.72 -0.32
N LEU E 19 19.27 29.18 -1.52
CA LEU E 19 19.52 30.55 -1.95
C LEU E 19 18.22 31.10 -2.53
N SER E 20 17.38 31.64 -1.66
CA SER E 20 16.06 32.08 -2.05
C SER E 20 16.13 33.24 -3.02
N CYS E 21 15.34 33.18 -4.07
CA CYS E 21 15.13 34.29 -5.00
C CYS E 21 13.63 34.39 -5.26
N SER E 22 12.95 35.13 -4.40
CA SER E 22 11.51 35.31 -4.49
C SER E 22 11.22 36.55 -5.31
N TYR E 23 10.62 36.35 -6.49
CA TYR E 23 10.24 37.44 -7.36
C TYR E 23 8.73 37.48 -7.52
N SER E 24 8.25 38.58 -8.10
CA SER E 24 6.82 38.81 -8.22
C SER E 24 6.53 39.78 -9.34
N GLY E 25 5.37 39.59 -9.96
CA GLY E 25 4.86 40.55 -10.92
C GLY E 25 5.20 40.27 -12.36
N PHE E 26 5.65 39.07 -12.68
CA PHE E 26 6.19 38.76 -14.00
C PHE E 26 5.26 37.80 -14.73
N SER E 27 5.47 37.73 -16.05
CA SER E 27 4.71 36.87 -16.95
C SER E 27 5.55 35.77 -17.54
N ASN E 28 6.66 36.12 -18.17
CA ASN E 28 7.60 35.17 -18.76
C ASN E 28 9.00 35.51 -18.27
N PRO E 29 9.28 35.26 -17.00
CA PRO E 29 10.57 35.65 -16.43
C PRO E 29 11.70 34.78 -16.96
N ARG E 30 12.91 35.20 -16.57
CA ARG E 30 14.12 34.47 -16.87
C ARG E 30 15.11 34.80 -15.77
N VAL E 31 15.79 33.77 -15.27
CA VAL E 31 16.57 33.86 -14.04
C VAL E 31 18.05 33.76 -14.38
N GLU E 32 18.86 34.51 -13.64
CA GLU E 32 20.30 34.54 -13.83
C GLU E 32 20.98 34.58 -12.47
N TRP E 33 21.63 33.49 -12.12
CA TRP E 33 22.53 33.42 -10.99
C TRP E 33 23.95 33.62 -11.47
N LYS E 34 24.80 34.19 -10.62
CA LYS E 34 26.21 34.29 -10.96
C LYS E 34 27.06 34.27 -9.70
N PHE E 35 28.16 33.53 -9.77
CA PHE E 35 29.13 33.44 -8.70
C PHE E 35 29.95 34.71 -8.64
N ALA E 36 30.52 34.99 -7.47
CA ALA E 36 31.41 36.13 -7.32
C ALA E 36 32.17 36.04 -6.01
N HIS E 37 33.49 36.18 -6.09
CA HIS E 37 34.31 36.30 -4.88
C HIS E 37 35.59 37.01 -5.29
N GLY E 38 35.72 38.28 -4.89
CA GLY E 38 36.89 39.06 -5.22
C GLY E 38 37.06 39.22 -6.71
N ASP E 39 38.03 38.50 -7.28
CA ASP E 39 38.29 38.54 -8.71
C ASP E 39 37.49 37.53 -9.49
N ILE E 40 37.02 36.47 -8.84
CA ILE E 40 36.40 35.37 -9.55
C ILE E 40 34.96 35.73 -9.89
N THR E 41 34.51 35.24 -11.04
CA THR E 41 33.14 35.41 -11.48
C THR E 41 32.76 34.23 -12.35
N SER E 42 31.52 33.76 -12.19
CA SER E 42 31.02 32.68 -13.02
C SER E 42 29.50 32.73 -13.00
N LEU E 43 28.91 32.06 -13.97
CA LEU E 43 27.46 31.90 -14.05
C LEU E 43 27.07 30.56 -13.47
N VAL E 44 26.13 30.59 -12.54
CA VAL E 44 25.56 29.37 -12.00
C VAL E 44 24.34 28.95 -12.81
N CYS E 45 23.55 29.92 -13.26
CA CYS E 45 22.33 29.66 -14.00
C CYS E 45 22.19 30.65 -15.13
N TYR E 46 21.28 30.31 -16.05
CA TYR E 46 21.00 31.13 -17.21
C TYR E 46 19.73 30.62 -17.88
N LYS E 47 18.74 31.50 -18.06
CA LYS E 47 17.46 31.13 -18.65
C LYS E 47 16.80 29.99 -17.88
N ASN E 48 16.77 30.14 -16.56
CA ASN E 48 16.16 29.16 -15.67
C ASN E 48 16.81 27.79 -15.81
N LYS E 49 18.11 27.78 -16.13
CA LYS E 49 18.82 26.54 -16.41
C LYS E 49 20.21 26.63 -15.81
N ILE E 50 20.60 25.58 -15.08
CA ILE E 50 21.88 25.60 -14.39
C ILE E 50 23.01 25.46 -15.39
N THR E 51 24.11 26.12 -15.09
CA THR E 51 25.29 26.03 -15.94
C THR E 51 26.00 24.70 -15.72
N ALA E 52 26.58 24.18 -16.81
CA ALA E 52 27.17 22.85 -16.79
C ALA E 52 28.31 22.72 -15.81
N SER E 53 28.94 23.82 -15.42
CA SER E 53 30.03 23.75 -14.46
C SER E 53 29.57 23.32 -13.08
N TYR E 54 28.27 23.48 -12.78
CA TYR E 54 27.72 23.24 -11.46
C TYR E 54 26.49 22.35 -11.46
N ALA E 55 25.90 22.06 -12.62
CA ALA E 55 24.67 21.28 -12.64
C ALA E 55 24.86 19.88 -12.10
N ASP E 56 26.07 19.34 -12.19
CA ASP E 56 26.33 17.98 -11.75
C ASP E 56 26.13 17.80 -10.25
N ARG E 57 26.11 18.88 -9.47
CA ARG E 57 25.82 18.82 -8.05
C ARG E 57 24.74 19.77 -7.62
N VAL E 58 24.52 20.86 -8.35
CA VAL E 58 23.58 21.91 -7.96
C VAL E 58 22.24 21.65 -8.62
N THR E 59 21.18 22.00 -7.90
CA THR E 59 19.82 21.82 -8.34
C THR E 59 19.27 23.16 -8.81
N PHE E 60 17.95 23.22 -9.03
CA PHE E 60 17.31 24.45 -9.48
C PHE E 60 15.89 24.52 -8.97
N SER E 61 15.44 25.74 -8.71
CA SER E 61 14.03 26.04 -8.53
C SER E 61 13.89 27.56 -8.51
N HIS E 62 12.92 28.10 -9.24
CA HIS E 62 12.89 29.55 -9.41
C HIS E 62 12.29 30.28 -8.22
N SER E 63 12.13 29.59 -7.08
CA SER E 63 12.12 30.26 -5.79
C SER E 63 13.50 30.41 -5.21
N GLY E 64 14.47 29.67 -5.72
CA GLY E 64 15.83 29.66 -5.20
C GLY E 64 16.42 28.29 -5.41
N ILE E 65 17.74 28.23 -5.38
CA ILE E 65 18.48 27.03 -5.73
C ILE E 65 19.06 26.41 -4.47
N THR E 66 19.68 25.25 -4.62
CA THR E 66 20.27 24.52 -3.52
C THR E 66 21.48 23.75 -4.01
N PHE E 67 22.49 23.67 -3.18
CA PHE E 67 23.67 22.87 -3.46
C PHE E 67 23.54 21.53 -2.74
N HIS E 68 23.67 20.44 -3.49
CA HIS E 68 23.70 19.12 -2.89
C HIS E 68 24.91 18.96 -1.98
N SER E 69 25.96 19.73 -2.19
CA SER E 69 27.16 19.72 -1.37
C SER E 69 28.00 20.91 -1.76
N VAL E 70 28.97 21.24 -0.92
CA VAL E 70 29.71 22.49 -1.04
C VAL E 70 31.19 22.27 -0.77
N THR E 71 31.96 23.28 -1.16
CA THR E 71 33.37 23.41 -0.78
C THR E 71 33.62 24.86 -0.44
N ARG E 72 34.77 25.10 0.19
CA ARG E 72 35.14 26.47 0.54
C ARG E 72 35.24 27.35 -0.69
N LYS E 73 35.62 26.77 -1.83
CA LYS E 73 35.68 27.53 -3.06
C LYS E 73 34.30 28.09 -3.43
N ASP E 74 33.25 27.35 -3.11
CA ASP E 74 31.90 27.81 -3.41
C ASP E 74 31.52 29.06 -2.62
N THR E 75 32.26 29.37 -1.56
CA THR E 75 32.04 30.61 -0.84
C THR E 75 32.21 31.80 -1.78
N GLY E 76 31.53 32.89 -1.47
CA GLY E 76 31.62 34.08 -2.27
C GLY E 76 30.39 34.94 -2.21
N THR E 77 29.88 35.29 -3.38
CA THR E 77 28.69 36.12 -3.49
C THR E 77 27.89 35.67 -4.69
N TYR E 78 26.60 35.46 -4.47
CA TYR E 78 25.66 35.04 -5.48
C TYR E 78 24.62 36.14 -5.69
N THR E 79 24.12 36.21 -6.91
CA THR E 79 23.26 37.32 -7.30
C THR E 79 22.22 36.80 -8.27
N CYS E 80 20.98 36.69 -7.81
CA CYS E 80 19.88 36.22 -8.64
C CYS E 80 19.33 37.41 -9.41
N MET E 81 19.97 37.72 -10.53
CA MET E 81 19.48 38.73 -11.45
C MET E 81 18.30 38.12 -12.18
N VAL E 82 17.18 38.84 -12.21
CA VAL E 82 15.96 38.36 -12.83
C VAL E 82 15.34 39.48 -13.64
N SER E 83 14.77 39.13 -14.79
CA SER E 83 14.15 40.09 -15.67
C SER E 83 12.90 39.48 -16.27
N ASP E 84 11.92 40.35 -16.54
CA ASP E 84 10.82 39.99 -17.42
C ASP E 84 11.37 39.72 -18.81
N ASP E 85 10.52 39.20 -19.70
CA ASP E 85 10.96 38.87 -21.04
C ASP E 85 11.29 40.17 -21.77
N GLY E 86 12.59 40.49 -21.81
CA GLY E 86 13.08 41.66 -22.52
C GLY E 86 13.28 42.89 -21.68
N GLY E 87 13.16 42.80 -20.35
CA GLY E 87 13.39 43.94 -19.50
C GLY E 87 12.22 44.89 -19.36
N ASN E 88 11.00 44.44 -19.66
CA ASN E 88 9.82 45.24 -19.37
C ASN E 88 9.72 45.54 -17.88
N THR E 89 10.16 44.59 -17.06
CA THR E 89 10.26 44.75 -15.63
C THR E 89 11.52 44.06 -15.18
N TYR E 90 12.08 44.48 -14.05
CA TYR E 90 13.40 44.01 -13.66
C TYR E 90 13.60 44.21 -12.17
N GLY E 91 14.43 43.35 -11.60
CA GLY E 91 14.90 43.51 -10.24
C GLY E 91 16.22 42.79 -10.07
N GLU E 92 16.72 42.82 -8.84
CA GLU E 92 17.95 42.13 -8.49
C GLU E 92 17.96 41.79 -7.02
N VAL E 93 18.89 40.93 -6.63
CA VAL E 93 19.26 40.76 -5.23
C VAL E 93 20.57 40.00 -5.16
N SER E 94 21.35 40.31 -4.12
CA SER E 94 22.66 39.74 -3.91
C SER E 94 22.66 38.96 -2.60
N VAL E 95 23.36 37.84 -2.60
CA VAL E 95 23.54 37.01 -1.42
C VAL E 95 25.02 36.67 -1.31
N GLN E 96 25.55 36.70 -0.09
CA GLN E 96 26.92 36.32 0.17
C GLN E 96 26.96 35.25 1.24
N LEU E 97 27.95 34.38 1.13
CA LEU E 97 28.00 33.10 1.80
C LEU E 97 29.31 32.96 2.55
N THR E 98 29.34 32.02 3.49
CA THR E 98 30.60 31.66 4.15
C THR E 98 30.50 30.21 4.58
N VAL E 99 31.21 29.35 3.87
CA VAL E 99 31.40 27.98 4.34
C VAL E 99 32.22 28.04 5.62
N LEU E 100 31.97 27.08 6.51
CA LEU E 100 32.56 27.07 7.85
C LEU E 100 33.63 25.98 7.92
N VAL E 101 34.84 26.36 7.53
CA VAL E 101 36.01 25.56 7.85
C VAL E 101 36.51 26.07 9.19
N PRO E 102 36.57 25.26 10.25
CA PRO E 102 37.18 25.74 11.48
C PRO E 102 38.66 26.00 11.28
N PRO E 103 39.29 26.77 12.15
CA PRO E 103 40.72 27.03 12.00
C PRO E 103 41.53 25.79 12.34
N SER E 104 42.83 25.92 12.14
CA SER E 104 43.80 24.87 12.42
C SER E 104 44.79 25.38 13.47
N LYS E 105 45.71 24.51 13.85
CA LYS E 105 46.79 24.88 14.75
C LYS E 105 47.59 26.01 14.11
N PRO E 106 47.48 27.24 14.59
CA PRO E 106 48.03 28.36 13.82
C PRO E 106 49.53 28.43 13.94
N THR E 107 50.13 29.15 13.00
CA THR E 107 51.55 29.45 13.08
C THR E 107 51.75 30.59 14.08
N VAL E 108 52.86 30.51 14.82
CA VAL E 108 53.15 31.44 15.89
C VAL E 108 54.45 32.16 15.55
N HIS E 109 54.73 33.21 16.32
CA HIS E 109 55.88 34.07 16.04
C HIS E 109 56.35 34.64 17.37
N ILE E 110 57.34 33.98 17.99
CA ILE E 110 57.83 34.38 19.30
C ILE E 110 59.32 34.64 19.21
N PRO E 111 59.79 35.89 19.40
CA PRO E 111 61.17 36.07 19.83
C PRO E 111 61.33 35.60 21.26
N SER E 112 61.98 34.46 21.46
CA SER E 112 62.06 33.84 22.76
C SER E 112 62.91 34.65 23.75
N SER E 113 63.64 35.64 23.28
CA SER E 113 64.42 36.52 24.13
C SER E 113 64.13 37.97 23.78
N ALA E 114 64.23 38.84 24.78
CA ALA E 114 63.93 40.24 24.63
C ALA E 114 64.92 41.07 25.43
N THR E 115 65.12 42.31 24.97
CA THR E 115 65.82 43.31 25.75
C THR E 115 64.78 44.18 26.45
N ILE E 116 65.11 44.61 27.65
CA ILE E 116 64.15 45.24 28.54
C ILE E 116 64.20 46.74 28.33
N GLY E 117 63.04 47.36 28.12
CA GLY E 117 62.96 48.69 27.59
C GLY E 117 62.94 48.75 26.08
N SER E 118 63.39 47.69 25.42
CA SER E 118 63.31 47.58 23.97
C SER E 118 61.90 47.12 23.60
N ARG E 119 61.74 46.65 22.36
CA ARG E 119 60.44 46.31 21.80
C ARG E 119 60.49 44.87 21.26
N ALA E 120 59.48 44.09 21.62
CA ALA E 120 59.27 42.76 21.08
C ALA E 120 57.93 42.74 20.35
N VAL E 121 57.83 41.83 19.37
CA VAL E 121 56.62 41.68 18.58
C VAL E 121 56.21 40.21 18.59
N LEU E 122 54.95 39.96 18.94
CA LEU E 122 54.37 38.63 18.95
C LEU E 122 53.23 38.62 17.95
N THR E 123 53.26 37.67 17.01
CA THR E 123 52.18 37.49 16.06
C THR E 123 51.82 36.01 15.96
N CYS E 124 50.62 35.77 15.46
CA CYS E 124 50.09 34.44 15.22
C CYS E 124 49.48 34.46 13.82
N SER E 125 49.34 33.28 13.23
CA SER E 125 48.91 33.21 11.84
C SER E 125 48.24 31.87 11.57
N GLU E 126 47.19 31.91 10.76
CA GLU E 126 46.33 30.75 10.57
C GLU E 126 45.77 30.77 9.16
N LYS E 127 45.50 29.58 8.63
CA LYS E 127 45.12 29.39 7.23
C LYS E 127 43.62 29.17 7.04
N ASP E 128 43.03 28.26 7.82
CA ASP E 128 41.66 27.81 7.63
C ASP E 128 40.62 28.77 8.20
N GLY E 129 40.98 30.03 8.44
CA GLY E 129 40.00 31.00 8.86
C GLY E 129 38.88 31.12 7.84
N SER E 130 37.72 30.56 8.19
CA SER E 130 36.55 30.61 7.33
C SER E 130 35.34 30.59 8.23
N PRO E 131 34.88 31.76 8.72
CA PRO E 131 35.41 33.13 8.52
C PRO E 131 36.76 33.31 9.19
N PRO E 132 37.40 34.46 8.99
CA PRO E 132 38.75 34.65 9.54
C PRO E 132 38.80 34.46 11.04
N SER E 133 39.72 33.61 11.47
CA SER E 133 39.79 33.19 12.87
C SER E 133 40.54 34.22 13.69
N GLU E 134 39.83 34.88 14.59
CA GLU E 134 40.45 35.82 15.51
C GLU E 134 41.41 35.09 16.44
N TYR E 135 42.27 35.89 17.06
CA TYR E 135 43.31 35.40 17.97
C TYR E 135 43.12 36.07 19.31
N TYR E 136 43.34 35.31 20.38
CA TYR E 136 43.31 35.86 21.73
C TYR E 136 44.49 35.31 22.50
N TRP E 137 45.30 36.22 23.05
CA TRP E 137 46.61 35.87 23.55
C TRP E 137 46.56 35.42 25.00
N PHE E 138 47.51 34.58 25.36
CA PHE E 138 47.69 34.11 26.73
C PHE E 138 49.03 34.57 27.28
N LYS E 139 49.13 34.53 28.61
CA LYS E 139 50.41 34.52 29.30
C LYS E 139 50.27 33.55 30.46
N ASP E 140 51.25 32.65 30.60
CA ASP E 140 51.30 31.72 31.73
C ASP E 140 50.03 30.88 31.84
N GLY E 141 49.38 30.64 30.71
CA GLY E 141 48.12 29.91 30.66
C GLY E 141 46.92 30.83 30.71
N VAL E 142 46.96 31.86 31.57
CA VAL E 142 45.83 32.77 31.64
C VAL E 142 45.79 33.64 30.38
N ARG E 143 44.66 34.32 30.20
CA ARG E 143 44.41 35.07 28.98
C ARG E 143 44.74 36.54 29.19
N MET E 144 45.37 37.11 28.18
CA MET E 144 45.76 38.51 28.23
C MET E 144 44.59 39.39 27.82
N PRO E 145 44.42 40.59 28.44
CA PRO E 145 43.27 41.44 28.08
C PRO E 145 43.27 41.94 26.65
N LEU E 146 42.23 42.71 26.34
CA LEU E 146 42.22 43.52 25.12
C LEU E 146 43.01 44.80 25.32
N GLU E 147 42.86 45.43 26.49
CA GLU E 147 43.72 46.52 26.91
C GLU E 147 44.33 46.19 28.26
N PRO E 148 45.63 46.40 28.49
CA PRO E 148 46.17 46.13 29.83
C PRO E 148 45.73 47.14 30.88
N LYS E 149 45.07 48.22 30.47
CA LYS E 149 44.59 49.23 31.41
C LYS E 149 43.44 48.69 32.23
N GLY E 150 43.52 48.88 33.53
CA GLY E 150 42.48 48.45 34.44
C GLY E 150 43.09 47.75 35.64
N ASN E 151 42.21 47.30 36.53
CA ASN E 151 42.62 46.49 37.67
C ASN E 151 42.92 45.09 37.16
N ARG E 152 44.04 44.98 36.44
CA ARG E 152 44.41 43.79 35.70
C ARG E 152 45.58 43.05 36.31
N ALA E 153 46.34 43.67 37.20
CA ALA E 153 47.70 43.28 37.54
C ALA E 153 48.64 43.40 36.36
N PHE E 154 48.22 44.08 35.28
CA PHE E 154 48.94 44.14 34.02
C PHE E 154 49.21 45.56 33.56
N SER E 155 48.50 46.56 34.10
CA SER E 155 48.64 47.93 33.62
C SER E 155 50.03 48.49 33.87
N ASN E 156 50.81 47.88 34.78
CA ASN E 156 52.20 48.29 34.95
C ASN E 156 53.00 48.08 33.68
N SER E 157 52.79 46.94 33.02
CA SER E 157 53.32 46.72 31.68
C SER E 157 52.44 47.45 30.67
N SER E 158 52.63 47.15 29.38
CA SER E 158 51.88 47.82 28.34
C SER E 158 52.04 47.05 27.03
N TYR E 159 50.97 46.99 26.26
CA TYR E 159 51.05 46.42 24.92
C TYR E 159 49.90 46.97 24.08
N SER E 160 49.87 46.56 22.81
CA SER E 160 48.84 46.94 21.88
C SER E 160 48.57 45.78 20.94
N LEU E 161 47.30 45.57 20.62
CA LEU E 161 46.84 44.35 19.97
C LEU E 161 46.24 44.64 18.59
N ASN E 162 46.24 43.61 17.76
CA ASN E 162 45.32 43.48 16.65
C ASN E 162 44.77 42.06 16.78
N GLU E 163 43.78 41.89 17.67
CA GLU E 163 43.41 40.55 18.14
C GLU E 163 42.90 39.67 17.01
N LYS E 164 42.29 40.26 15.98
CA LYS E 164 41.93 39.49 14.82
C LYS E 164 43.16 39.02 14.04
N THR E 165 44.25 39.77 14.14
CA THR E 165 45.47 39.49 13.38
C THR E 165 46.58 38.85 14.22
N GLY E 166 46.69 39.24 15.49
CA GLY E 166 47.72 38.73 16.38
C GLY E 166 48.82 39.71 16.71
N GLU E 167 48.78 40.92 16.16
CA GLU E 167 49.91 41.85 16.31
C GLU E 167 49.96 42.33 17.75
N LEU E 168 50.73 41.61 18.55
CA LEU E 168 50.97 41.95 19.95
C LEU E 168 52.38 42.48 20.08
N VAL E 169 52.52 43.62 20.74
CA VAL E 169 53.80 44.33 20.87
C VAL E 169 53.99 44.73 22.31
N PHE E 170 55.13 44.36 22.89
CA PHE E 170 55.52 44.86 24.21
C PHE E 170 56.16 46.22 24.00
N ASP E 171 55.34 47.27 24.05
CA ASP E 171 55.75 48.63 23.75
C ASP E 171 55.76 49.45 25.04
N PRO E 172 56.86 49.44 25.82
CA PRO E 172 58.10 48.67 25.72
C PRO E 172 58.06 47.37 26.51
N VAL E 173 59.14 46.60 26.40
CA VAL E 173 59.32 45.41 27.22
C VAL E 173 59.68 45.84 28.64
N SER E 174 59.32 45.00 29.61
CA SER E 174 59.73 45.17 30.99
C SER E 174 60.34 43.87 31.48
N ALA E 175 61.17 43.98 32.53
CA ALA E 175 61.69 42.78 33.18
C ALA E 175 60.57 41.94 33.75
N TRP E 176 59.48 42.58 34.16
CA TRP E 176 58.32 41.90 34.70
C TRP E 176 57.62 41.05 33.65
N ASP E 177 57.82 41.34 32.36
CA ASP E 177 56.98 40.79 31.30
C ASP E 177 57.25 39.33 30.97
N THR E 178 58.24 38.70 31.59
CA THR E 178 58.60 37.34 31.20
C THR E 178 57.48 36.37 31.56
N GLY E 179 57.28 35.38 30.68
CA GLY E 179 56.28 34.35 30.94
C GLY E 179 56.11 33.46 29.74
N GLU E 180 54.98 32.75 29.71
CA GLU E 180 54.70 31.70 28.74
C GLU E 180 53.47 32.10 27.94
N TYR E 181 53.67 32.43 26.66
CA TYR E 181 52.68 33.09 25.84
C TYR E 181 52.13 32.16 24.77
N THR E 182 50.90 32.43 24.32
CA THR E 182 50.23 31.61 23.34
C THR E 182 49.14 32.43 22.66
N CYS E 183 48.87 32.12 21.39
CA CYS E 183 47.70 32.63 20.68
C CYS E 183 46.62 31.57 20.64
N GLU E 184 45.37 32.02 20.74
CA GLU E 184 44.21 31.15 20.81
C GLU E 184 43.35 31.47 19.59
N ALA E 185 43.34 30.56 18.62
CA ALA E 185 42.70 30.81 17.34
C ALA E 185 41.24 30.35 17.37
N GLN E 186 40.36 31.17 16.81
CA GLN E 186 38.96 30.79 16.67
C GLN E 186 38.26 31.79 15.75
N ASN E 187 37.35 31.27 14.92
CA ASN E 187 36.48 32.09 14.08
C ASN E 187 35.05 32.08 14.58
N GLY E 188 34.87 31.95 15.90
CA GLY E 188 33.54 31.83 16.46
C GLY E 188 32.79 30.61 15.99
N TYR E 189 33.50 29.60 15.48
CA TYR E 189 32.90 28.35 15.03
C TYR E 189 33.85 27.22 15.37
N GLY E 190 33.29 26.10 15.78
CA GLY E 190 34.10 24.98 16.17
C GLY E 190 34.91 25.28 17.41
N MET E 191 35.82 24.39 17.70
CA MET E 191 36.65 24.55 18.88
C MET E 191 37.69 25.64 18.64
N PRO E 192 38.10 26.36 19.68
CA PRO E 192 39.25 27.25 19.52
C PRO E 192 40.55 26.45 19.44
N MET E 193 41.35 26.75 18.42
CA MET E 193 42.61 26.07 18.21
C MET E 193 43.70 26.81 18.96
N ARG E 194 44.00 26.35 20.17
CA ARG E 194 45.11 26.88 20.93
C ARG E 194 46.42 26.43 20.28
N SER E 195 47.41 27.31 20.34
CA SER E 195 48.65 27.15 19.60
C SER E 195 49.76 26.68 20.53
N GLU E 196 50.97 26.61 19.99
CA GLU E 196 52.12 26.26 20.79
C GLU E 196 52.46 27.40 21.75
N ALA E 197 52.78 27.04 22.99
CA ALA E 197 53.17 28.00 24.00
C ALA E 197 54.68 28.15 24.03
N VAL E 198 55.14 29.39 24.22
CA VAL E 198 56.57 29.69 24.15
C VAL E 198 56.90 30.73 25.21
N ARG E 199 58.13 30.68 25.70
CA ARG E 199 58.63 31.64 26.68
C ARG E 199 58.92 32.97 26.01
N MET E 200 59.24 33.96 26.85
CA MET E 200 59.73 35.26 26.38
C MET E 200 60.74 35.73 27.41
N GLU E 201 62.02 35.47 27.16
CA GLU E 201 63.07 35.82 28.11
C GLU E 201 63.32 37.32 28.06
N ALA E 202 63.07 38.00 29.16
CA ALA E 202 63.29 39.43 29.24
C ALA E 202 64.77 39.74 29.45
N ALA F 1 35.90 30.15 32.90
CA ALA F 1 36.19 30.75 31.62
C ALA F 1 34.94 31.33 30.98
N VAL F 2 35.08 32.47 30.32
CA VAL F 2 33.93 33.17 29.78
C VAL F 2 33.33 32.37 28.64
N TYR F 3 32.00 32.35 28.59
CA TYR F 3 31.28 31.74 27.49
C TYR F 3 30.02 32.54 27.24
N THR F 4 29.74 32.81 25.97
CA THR F 4 28.58 33.59 25.57
C THR F 4 27.86 32.87 24.43
N SER F 5 26.79 33.51 23.96
CA SER F 5 25.87 32.89 23.03
C SER F 5 25.44 33.79 21.88
N GLU F 6 25.74 35.09 21.92
CA GLU F 6 25.04 36.04 21.08
C GLU F 6 25.87 37.31 20.94
N PRO F 7 26.92 37.30 20.12
CA PRO F 7 27.75 38.49 20.00
C PRO F 7 27.07 39.62 19.25
N ASP F 8 26.17 39.29 18.33
CA ASP F 8 25.36 40.29 17.63
C ASP F 8 23.93 40.22 18.12
N VAL F 9 23.34 41.38 18.34
CA VAL F 9 21.95 41.49 18.76
C VAL F 9 21.30 42.58 17.92
N ARG F 10 20.04 42.36 17.57
CA ARG F 10 19.31 43.25 16.67
C ARG F 10 17.91 43.42 17.23
N VAL F 11 17.60 44.64 17.66
CA VAL F 11 16.32 44.93 18.33
C VAL F 11 15.83 46.29 17.87
N PRO F 12 14.51 46.51 17.86
CA PRO F 12 14.03 47.87 17.60
C PRO F 12 14.19 48.79 18.78
N GLU F 13 13.60 49.96 18.67
CA GLU F 13 13.68 50.96 19.73
C GLU F 13 12.72 50.62 20.85
N ASP F 14 13.16 50.93 22.07
CA ASP F 14 12.39 50.88 23.31
C ASP F 14 12.25 49.47 23.86
N LYS F 15 12.60 48.44 23.12
CA LYS F 15 12.34 47.08 23.54
C LYS F 15 13.46 46.57 24.44
N PRO F 16 13.29 45.40 25.05
CA PRO F 16 14.36 44.84 25.87
C PRO F 16 15.53 44.32 25.07
N ALA F 17 16.50 43.77 25.78
CA ALA F 17 17.67 43.14 25.19
C ALA F 17 18.46 42.48 26.29
N LYS F 18 19.03 41.31 25.99
CA LYS F 18 19.87 40.57 26.91
C LYS F 18 21.27 40.49 26.35
N LEU F 19 22.24 40.44 27.27
CA LEU F 19 23.66 40.50 26.93
C LEU F 19 24.37 39.49 27.81
N SER F 20 24.82 38.39 27.21
CA SER F 20 25.29 37.25 27.97
C SER F 20 26.72 37.41 28.42
N CYS F 21 26.98 37.02 29.66
CA CYS F 21 28.34 36.84 30.15
C CYS F 21 28.27 35.77 31.24
N SER F 22 28.47 34.52 30.83
CA SER F 22 28.43 33.37 31.72
C SER F 22 29.81 32.75 31.75
N TYR F 23 30.29 32.43 32.94
CA TYR F 23 31.67 32.07 33.17
C TYR F 23 31.75 30.84 34.05
N SER F 24 32.97 30.36 34.24
CA SER F 24 33.19 29.10 34.94
C SER F 24 34.57 29.10 35.59
N GLY F 25 34.73 28.19 36.56
CA GLY F 25 36.03 27.92 37.13
C GLY F 25 36.58 28.99 38.04
N PHE F 26 35.71 29.80 38.64
CA PHE F 26 36.12 30.90 39.50
C PHE F 26 35.63 30.65 40.93
N SER F 27 36.16 31.46 41.84
CA SER F 27 35.82 31.40 43.26
C SER F 27 35.24 32.70 43.79
N ASN F 28 35.89 33.82 43.48
CA ASN F 28 35.44 35.15 43.93
C ASN F 28 35.44 36.07 42.71
N PRO F 29 34.54 35.83 41.76
CA PRO F 29 34.54 36.60 40.53
C PRO F 29 34.03 38.02 40.73
N ARG F 30 34.35 38.86 39.76
CA ARG F 30 33.85 40.22 39.68
C ARG F 30 33.59 40.54 38.22
N VAL F 31 32.78 41.56 37.98
CA VAL F 31 32.26 41.86 36.66
C VAL F 31 32.35 43.36 36.40
N GLU F 32 32.62 43.71 35.16
CA GLU F 32 32.56 45.07 34.69
C GLU F 32 31.98 45.11 33.29
N TRP F 33 30.99 45.98 33.11
CA TRP F 33 30.41 46.27 31.82
C TRP F 33 30.63 47.72 31.48
N LYS F 34 30.80 48.01 30.20
CA LYS F 34 31.00 49.37 29.78
C LYS F 34 30.46 49.58 28.37
N PHE F 35 29.76 50.68 28.18
CA PHE F 35 29.42 51.15 26.85
C PHE F 35 30.70 51.40 26.07
N ALA F 36 30.60 51.28 24.76
CA ALA F 36 31.73 51.63 23.89
C ALA F 36 31.20 51.80 22.49
N HIS F 37 31.38 53.00 21.92
CA HIS F 37 30.91 53.28 20.57
C HIS F 37 31.82 54.36 19.99
N GLY F 38 32.79 53.95 19.20
CA GLY F 38 33.72 54.89 18.60
C GLY F 38 34.48 55.67 19.64
N ASP F 39 34.10 56.94 19.82
CA ASP F 39 34.81 57.81 20.74
C ASP F 39 34.44 57.56 22.20
N ILE F 40 33.21 57.17 22.46
CA ILE F 40 32.68 57.13 23.81
C ILE F 40 33.08 55.82 24.47
N THR F 41 33.24 55.89 25.79
CA THR F 41 33.34 54.70 26.62
C THR F 41 32.85 55.09 28.01
N SER F 42 32.07 54.23 28.63
CA SER F 42 31.47 54.55 29.92
C SER F 42 31.08 53.27 30.63
N LEU F 43 31.53 53.13 31.88
CA LEU F 43 31.17 51.98 32.69
C LEU F 43 29.66 51.92 32.86
N VAL F 44 29.13 50.69 32.79
CA VAL F 44 27.75 50.43 33.09
C VAL F 44 27.61 49.58 34.34
N CYS F 45 28.51 48.61 34.52
CA CYS F 45 28.55 47.78 35.71
C CYS F 45 29.94 47.84 36.33
N TYR F 46 30.00 47.43 37.60
CA TYR F 46 31.25 47.43 38.35
C TYR F 46 31.07 46.65 39.64
N LYS F 47 31.96 45.69 39.89
CA LYS F 47 31.89 44.82 41.05
C LYS F 47 30.52 44.17 41.18
N ASN F 48 30.12 43.50 40.11
CA ASN F 48 28.87 42.74 40.08
C ASN F 48 27.67 43.62 40.36
N LYS F 49 27.75 44.89 39.96
CA LYS F 49 26.77 45.88 40.35
C LYS F 49 26.73 47.00 39.32
N ILE F 50 25.52 47.51 39.08
CA ILE F 50 25.31 48.49 38.02
C ILE F 50 25.78 49.86 38.47
N THR F 51 26.39 50.59 37.55
CA THR F 51 26.71 51.99 37.79
C THR F 51 25.44 52.82 37.76
N ALA F 52 25.41 53.85 38.58
CA ALA F 52 24.20 54.65 38.74
C ALA F 52 23.80 55.38 37.47
N SER F 53 24.70 55.52 36.50
CA SER F 53 24.37 56.22 35.27
C SER F 53 23.23 55.54 34.53
N TYR F 54 23.27 54.20 34.46
CA TYR F 54 22.27 53.41 33.75
C TYR F 54 21.43 52.56 34.69
N ALA F 55 21.55 52.77 36.00
CA ALA F 55 20.93 51.87 36.96
C ALA F 55 19.41 51.92 36.95
N ASP F 56 18.81 52.93 36.34
CA ASP F 56 17.36 53.04 36.37
C ASP F 56 16.69 52.04 35.43
N ARG F 57 17.20 51.92 34.21
CA ARG F 57 16.55 51.14 33.16
C ARG F 57 17.26 49.82 32.89
N VAL F 58 18.14 49.39 33.80
CA VAL F 58 19.01 48.25 33.56
C VAL F 58 19.07 47.40 34.81
N THR F 59 19.16 46.10 34.60
CA THR F 59 19.22 45.11 35.65
C THR F 59 20.58 44.43 35.62
N PHE F 60 20.76 43.45 36.49
CA PHE F 60 22.00 42.69 36.54
C PHE F 60 21.75 41.27 36.99
N SER F 61 22.39 40.35 36.31
CA SER F 61 22.66 39.02 36.84
C SER F 61 24.06 38.64 36.41
N HIS F 62 24.83 38.06 37.32
CA HIS F 62 26.22 37.74 37.01
C HIS F 62 26.35 36.70 35.90
N SER F 63 25.26 36.02 35.56
CA SER F 63 25.23 35.19 34.37
C SER F 63 24.89 35.97 33.10
N GLY F 64 24.72 37.28 33.19
CA GLY F 64 24.40 38.11 32.05
C GLY F 64 23.40 39.17 32.45
N ILE F 65 23.41 40.27 31.71
CA ILE F 65 22.62 41.44 32.04
C ILE F 65 21.50 41.60 31.03
N THR F 66 20.62 42.56 31.29
CA THR F 66 19.48 42.85 30.43
C THR F 66 19.20 44.33 30.48
N PHE F 67 18.47 44.81 29.49
CA PHE F 67 17.87 46.13 29.50
C PHE F 67 16.37 45.99 29.50
N HIS F 68 15.70 46.66 30.45
CA HIS F 68 14.26 46.73 30.41
C HIS F 68 13.77 47.55 29.23
N SER F 69 14.61 48.40 28.67
CA SER F 69 14.27 49.18 27.48
C SER F 69 15.55 49.79 26.94
N VAL F 70 15.46 50.29 25.72
CA VAL F 70 16.61 50.80 24.99
C VAL F 70 16.22 52.06 24.23
N THR F 71 17.19 52.63 23.54
CA THR F 71 16.99 53.65 22.54
C THR F 71 17.98 53.36 21.43
N ARG F 72 17.89 54.15 20.36
CA ARG F 72 18.91 54.10 19.33
C ARG F 72 20.29 54.43 19.87
N LYS F 73 20.36 55.22 20.94
CA LYS F 73 21.64 55.68 21.46
C LYS F 73 22.43 54.54 22.08
N ASP F 74 21.75 53.51 22.61
CA ASP F 74 22.45 52.44 23.29
C ASP F 74 23.21 51.52 22.34
N THR F 75 23.11 51.73 21.05
CA THR F 75 23.88 50.96 20.09
C THR F 75 25.37 51.11 20.34
N GLY F 76 26.12 50.06 20.03
CA GLY F 76 27.56 50.10 20.13
C GLY F 76 28.22 48.76 20.31
N THR F 77 29.13 48.69 21.27
CA THR F 77 29.89 47.47 21.52
C THR F 77 30.26 47.43 23.00
N TYR F 78 29.82 46.38 23.69
CA TYR F 78 30.03 46.26 25.12
C TYR F 78 31.10 45.20 25.37
N THR F 79 31.41 45.01 26.65
CA THR F 79 32.43 44.06 27.05
C THR F 79 32.14 43.63 28.48
N CYS F 80 32.50 42.38 28.80
CA CYS F 80 32.35 41.83 30.14
C CYS F 80 33.76 41.55 30.64
N MET F 81 34.37 42.58 31.25
CA MET F 81 35.75 42.48 31.73
C MET F 81 35.75 41.71 33.04
N VAL F 82 35.70 40.41 32.91
CA VAL F 82 35.61 39.53 34.06
C VAL F 82 36.98 39.37 34.69
N SER F 83 36.99 39.13 36.00
CA SER F 83 38.21 38.72 36.69
C SER F 83 37.83 38.05 37.99
N ASP F 84 38.78 37.28 38.51
CA ASP F 84 38.69 36.81 39.89
C ASP F 84 39.14 37.92 40.81
N ASP F 85 38.50 38.00 41.98
CA ASP F 85 38.83 39.09 42.90
C ASP F 85 40.16 38.78 43.57
N GLY F 86 41.23 39.35 43.02
CA GLY F 86 42.58 39.07 43.50
C GLY F 86 43.60 38.91 42.39
N GLY F 87 43.21 39.13 41.13
CA GLY F 87 44.11 38.94 40.02
C GLY F 87 44.46 37.50 39.75
N ASN F 88 43.73 36.54 40.33
CA ASN F 88 44.09 35.15 40.20
C ASN F 88 43.83 34.64 38.78
N THR F 89 42.65 34.96 38.24
CA THR F 89 42.22 34.44 36.95
C THR F 89 41.38 35.52 36.28
N TYR F 90 41.27 35.42 34.95
CA TYR F 90 40.78 36.53 34.15
C TYR F 90 40.10 35.99 32.90
N GLY F 91 39.23 36.81 32.33
CA GLY F 91 38.57 36.50 31.07
C GLY F 91 37.89 37.72 30.53
N GLU F 92 37.40 37.59 29.30
CA GLU F 92 36.71 38.69 28.62
C GLU F 92 35.77 38.13 27.57
N VAL F 93 34.91 39.02 27.07
CA VAL F 93 34.13 38.77 25.87
C VAL F 93 33.52 40.09 25.46
N SER F 94 33.42 40.31 24.15
CA SER F 94 32.84 41.52 23.59
C SER F 94 31.51 41.19 22.93
N VAL F 95 30.63 42.18 22.91
CA VAL F 95 29.30 42.05 22.33
C VAL F 95 28.96 43.33 21.61
N GLN F 96 28.55 43.21 20.35
CA GLN F 96 28.16 44.36 19.55
C GLN F 96 26.66 44.35 19.34
N LEU F 97 26.11 45.55 19.25
CA LEU F 97 24.68 45.78 19.15
C LEU F 97 24.41 46.67 17.95
N THR F 98 23.19 46.57 17.42
CA THR F 98 22.76 47.46 16.36
C THR F 98 21.25 47.54 16.44
N VAL F 99 20.74 48.64 17.00
CA VAL F 99 19.31 48.85 17.09
C VAL F 99 18.72 48.93 15.69
N LEU F 100 17.50 48.44 15.55
CA LEU F 100 16.85 48.30 14.26
C LEU F 100 15.92 49.48 14.02
N VAL F 101 16.52 50.62 13.70
CA VAL F 101 15.75 51.79 13.29
C VAL F 101 15.58 51.70 11.78
N PRO F 102 14.42 52.03 11.21
CA PRO F 102 14.30 51.96 9.77
C PRO F 102 15.07 53.07 9.10
N PRO F 103 15.01 53.18 7.78
CA PRO F 103 15.44 54.41 7.13
C PRO F 103 14.37 55.47 7.27
N SER F 104 14.81 56.70 7.50
CA SER F 104 13.94 57.83 7.28
C SER F 104 13.80 58.05 5.79
N LYS F 105 12.94 58.98 5.43
CA LYS F 105 12.85 59.33 4.02
C LYS F 105 14.17 59.97 3.61
N PRO F 106 14.89 59.43 2.63
CA PRO F 106 16.27 59.86 2.43
C PRO F 106 16.38 61.14 1.61
N THR F 107 17.45 61.86 1.86
CA THR F 107 17.82 63.01 1.04
C THR F 107 18.39 62.54 -0.28
N VAL F 108 18.33 63.40 -1.28
CA VAL F 108 18.91 63.15 -2.59
C VAL F 108 19.56 64.43 -3.10
N HIS F 109 20.22 64.32 -4.24
CA HIS F 109 20.67 65.50 -4.98
C HIS F 109 20.74 65.13 -6.45
N ILE F 110 20.05 65.90 -7.30
CA ILE F 110 19.91 65.59 -8.71
C ILE F 110 20.08 66.87 -9.52
N PRO F 111 20.97 66.92 -10.50
CA PRO F 111 20.82 67.93 -11.56
C PRO F 111 19.71 67.50 -12.51
N SER F 112 18.73 68.40 -12.68
CA SER F 112 17.57 68.07 -13.50
C SER F 112 17.91 67.83 -14.96
N SER F 113 19.09 68.26 -15.42
CA SER F 113 19.46 68.07 -16.81
C SER F 113 20.96 68.19 -16.93
N ALA F 114 21.59 67.20 -17.56
CA ALA F 114 23.01 67.23 -17.87
C ALA F 114 23.20 67.25 -19.38
N THR F 115 24.42 67.56 -19.80
CA THR F 115 24.72 67.65 -21.22
C THR F 115 24.99 66.26 -21.77
N ILE F 116 24.65 66.09 -23.04
CA ILE F 116 24.82 64.80 -23.69
C ILE F 116 26.30 64.45 -23.74
N GLY F 117 26.61 63.20 -23.44
CA GLY F 117 28.01 62.79 -23.41
C GLY F 117 28.82 63.41 -22.29
N SER F 118 28.17 64.01 -21.30
CA SER F 118 28.85 64.63 -20.19
C SER F 118 29.06 63.61 -19.08
N ARG F 119 29.39 64.10 -17.89
CA ARG F 119 29.40 63.31 -16.67
C ARG F 119 28.35 63.85 -15.72
N ALA F 120 27.75 62.95 -14.93
CA ALA F 120 26.75 63.33 -13.97
C ALA F 120 26.77 62.34 -12.81
N VAL F 121 26.31 62.81 -11.65
CA VAL F 121 26.34 62.04 -10.42
C VAL F 121 25.03 62.25 -9.68
N LEU F 122 24.51 61.18 -9.08
CA LEU F 122 23.30 61.24 -8.29
C LEU F 122 23.54 60.51 -6.98
N THR F 123 23.10 61.12 -5.90
CA THR F 123 23.30 60.59 -4.55
C THR F 123 21.96 60.51 -3.84
N CYS F 124 21.93 59.67 -2.81
CA CYS F 124 20.76 59.51 -1.96
C CYS F 124 21.29 59.26 -0.55
N SER F 125 20.87 60.09 0.40
CA SER F 125 21.42 60.09 1.74
C SER F 125 20.30 59.93 2.77
N GLU F 126 20.64 59.28 3.89
CA GLU F 126 19.69 59.01 4.94
C GLU F 126 20.42 59.11 6.29
N LYS F 127 19.66 59.46 7.32
CA LYS F 127 20.22 59.76 8.63
C LYS F 127 19.95 58.66 9.66
N ASP F 128 18.71 58.20 9.78
CA ASP F 128 18.30 57.29 10.84
C ASP F 128 18.64 55.83 10.56
N GLY F 129 19.47 55.55 9.56
CA GLY F 129 19.81 54.17 9.27
C GLY F 129 20.55 53.50 10.39
N SER F 130 19.87 52.58 11.07
CA SER F 130 20.48 51.72 12.08
C SER F 130 19.90 50.33 11.88
N PRO F 131 20.64 49.40 11.24
CA PRO F 131 21.96 49.55 10.61
C PRO F 131 21.93 50.49 9.42
N PRO F 132 23.09 50.84 8.87
CA PRO F 132 23.13 51.86 7.81
C PRO F 132 22.28 51.47 6.62
N SER F 133 21.36 52.36 6.26
CA SER F 133 20.46 52.10 5.15
C SER F 133 21.23 52.15 3.84
N GLU F 134 20.97 51.15 2.99
CA GLU F 134 21.54 51.13 1.66
C GLU F 134 20.70 52.02 0.75
N TYR F 135 21.03 52.01 -0.54
CA TYR F 135 20.36 52.86 -1.51
C TYR F 135 20.30 52.12 -2.83
N TYR F 136 19.13 52.08 -3.44
CA TYR F 136 18.96 51.45 -4.75
C TYR F 136 18.03 52.31 -5.59
N TRP F 137 18.43 52.52 -6.84
CA TRP F 137 17.86 53.56 -7.68
C TRP F 137 16.80 53.00 -8.62
N PHE F 138 15.92 53.89 -9.04
CA PHE F 138 14.90 53.60 -10.02
C PHE F 138 15.19 54.36 -11.31
N LYS F 139 14.42 54.04 -12.34
CA LYS F 139 14.39 54.84 -13.56
C LYS F 139 13.05 54.54 -14.23
N ASP F 140 12.16 55.51 -14.21
CA ASP F 140 10.77 55.31 -14.63
C ASP F 140 10.14 54.19 -13.82
N GLY F 141 10.47 54.14 -12.55
CA GLY F 141 9.92 53.17 -11.62
C GLY F 141 10.73 51.91 -11.48
N VAL F 142 11.14 51.30 -12.59
CA VAL F 142 11.84 50.02 -12.53
C VAL F 142 13.20 50.22 -11.88
N ARG F 143 13.52 49.34 -10.94
CA ARG F 143 14.74 49.44 -10.18
C ARG F 143 15.95 49.26 -11.09
N MET F 144 16.99 50.03 -10.80
CA MET F 144 18.19 50.06 -11.62
C MET F 144 19.08 48.85 -11.32
N PRO F 145 19.74 48.27 -12.34
CA PRO F 145 20.69 47.19 -12.05
C PRO F 145 21.86 47.65 -11.20
N LEU F 146 22.69 46.69 -10.80
CA LEU F 146 23.91 47.02 -10.09
C LEU F 146 24.99 47.48 -11.06
N GLU F 147 24.95 46.99 -12.29
CA GLU F 147 25.81 47.48 -13.36
C GLU F 147 25.03 47.57 -14.66
N PRO F 148 25.39 48.48 -15.56
CA PRO F 148 24.78 48.46 -16.89
C PRO F 148 25.24 47.30 -17.75
N LYS F 149 26.24 46.54 -17.30
CA LYS F 149 26.83 45.49 -18.12
C LYS F 149 25.97 44.24 -18.11
N GLY F 150 25.00 44.19 -19.03
CA GLY F 150 24.13 43.05 -19.17
C GLY F 150 23.00 43.34 -20.12
N ASN F 151 22.27 42.31 -20.54
CA ASN F 151 21.08 42.50 -21.36
C ASN F 151 20.01 43.09 -20.45
N ARG F 152 20.08 44.42 -20.33
CA ARG F 152 19.28 45.16 -19.37
C ARG F 152 18.53 46.32 -20.01
N ALA F 153 18.71 46.54 -21.31
CA ALA F 153 18.46 47.80 -22.02
C ALA F 153 19.48 48.87 -21.66
N PHE F 154 20.41 48.60 -20.74
CA PHE F 154 21.38 49.58 -20.27
C PHE F 154 22.79 49.26 -20.74
N SER F 155 22.93 48.33 -21.68
CA SER F 155 24.25 48.02 -22.22
C SER F 155 24.88 49.23 -22.88
N ASN F 156 24.06 50.12 -23.44
CA ASN F 156 24.59 51.34 -24.03
C ASN F 156 25.06 52.32 -22.98
N SER F 157 24.39 52.36 -21.83
CA SER F 157 24.69 53.33 -20.80
C SER F 157 25.97 52.95 -20.06
N SER F 158 26.29 53.69 -19.00
CA SER F 158 27.55 53.54 -18.30
C SER F 158 27.44 54.21 -16.95
N TYR F 159 27.68 53.45 -15.88
CA TYR F 159 27.63 54.00 -14.53
C TYR F 159 28.19 52.99 -13.54
N SER F 160 28.16 53.37 -12.27
CA SER F 160 28.49 52.50 -11.15
C SER F 160 27.60 52.92 -9.99
N LEU F 161 27.70 52.18 -8.90
CA LEU F 161 26.91 52.44 -7.71
C LEU F 161 27.75 52.33 -6.45
N ASN F 162 27.37 53.14 -5.47
CA ASN F 162 27.82 53.00 -4.08
C ASN F 162 26.54 52.81 -3.29
N GLU F 163 26.04 51.57 -3.28
CA GLU F 163 24.67 51.33 -2.83
C GLU F 163 24.47 51.69 -1.37
N LYS F 164 25.52 51.52 -0.56
CA LYS F 164 25.50 52.02 0.80
C LYS F 164 25.41 53.54 0.85
N THR F 165 25.85 54.22 -0.21
CA THR F 165 25.82 55.67 -0.29
C THR F 165 24.85 56.18 -1.35
N GLY F 166 24.39 55.32 -2.27
CA GLY F 166 23.58 55.78 -3.36
C GLY F 166 24.30 56.64 -4.37
N GLU F 167 25.62 56.67 -4.33
CA GLU F 167 26.39 57.55 -5.19
C GLU F 167 26.35 56.98 -6.59
N LEU F 168 25.26 57.27 -7.29
CA LEU F 168 25.09 56.81 -8.66
C LEU F 168 25.81 57.73 -9.62
N VAL F 169 26.48 57.13 -10.60
CA VAL F 169 27.28 57.84 -11.58
C VAL F 169 26.53 57.82 -12.90
N PHE F 170 26.93 58.72 -13.80
CA PHE F 170 26.68 58.57 -15.23
C PHE F 170 27.92 59.17 -15.91
N ASP F 171 28.89 58.33 -16.22
CA ASP F 171 30.18 58.77 -16.73
C ASP F 171 30.61 57.84 -17.86
N PRO F 172 30.33 58.20 -19.12
CA PRO F 172 29.68 59.41 -19.66
C PRO F 172 28.18 59.40 -19.43
N VAL F 173 27.50 60.46 -19.87
CA VAL F 173 26.06 60.55 -19.84
C VAL F 173 25.59 60.38 -21.27
N SER F 174 25.00 59.21 -21.57
CA SER F 174 24.48 58.98 -22.91
C SER F 174 23.26 59.86 -23.15
N ALA F 175 22.77 59.82 -24.39
CA ALA F 175 21.59 60.59 -24.74
C ALA F 175 20.34 59.96 -24.14
N TRP F 176 20.25 58.64 -24.21
CA TRP F 176 19.06 57.93 -23.76
C TRP F 176 18.96 57.86 -22.24
N ASP F 177 20.00 58.24 -21.50
CA ASP F 177 20.01 58.15 -20.05
C ASP F 177 18.96 59.02 -19.35
N THR F 178 18.19 59.80 -20.11
CA THR F 178 17.00 60.45 -19.58
C THR F 178 16.12 59.44 -18.85
N GLY F 179 15.60 59.86 -17.71
CA GLY F 179 14.68 59.00 -16.97
C GLY F 179 14.21 59.65 -15.70
N GLU F 180 13.22 59.01 -15.10
CA GLU F 180 12.67 59.41 -13.80
C GLU F 180 13.41 58.61 -12.73
N TYR F 181 14.49 59.19 -12.21
CA TYR F 181 15.34 58.49 -11.27
C TYR F 181 14.88 58.73 -9.85
N THR F 182 14.90 57.68 -9.04
CA THR F 182 14.60 57.81 -7.62
C THR F 182 15.25 56.67 -6.86
N CYS F 183 15.69 56.99 -5.64
CA CYS F 183 16.36 56.04 -4.77
C CYS F 183 15.37 55.44 -3.79
N GLU F 184 15.74 54.29 -3.25
CA GLU F 184 14.90 53.53 -2.32
C GLU F 184 15.78 53.11 -1.15
N ALA F 185 15.64 53.81 -0.04
CA ALA F 185 16.50 53.57 1.11
C ALA F 185 16.00 52.38 1.90
N GLN F 186 16.94 51.53 2.32
CA GLN F 186 16.57 50.37 3.11
C GLN F 186 17.78 49.82 3.83
N ASN F 187 17.63 49.63 5.14
CA ASN F 187 18.58 48.87 5.94
C ASN F 187 18.14 47.42 6.09
N GLY F 188 17.26 46.96 5.21
CA GLY F 188 16.70 45.63 5.34
C GLY F 188 15.82 45.44 6.56
N TYR F 189 15.33 46.53 7.14
CA TYR F 189 14.41 46.45 8.26
C TYR F 189 13.27 47.44 8.05
N GLY F 190 12.12 47.11 8.60
CA GLY F 190 10.96 47.97 8.51
C GLY F 190 10.35 47.91 7.13
N MET F 191 10.51 48.99 6.38
CA MET F 191 10.00 49.09 5.03
C MET F 191 11.01 49.91 4.24
N PRO F 192 11.27 49.57 2.97
CA PRO F 192 12.11 50.45 2.16
C PRO F 192 11.41 51.78 1.91
N MET F 193 12.05 52.85 2.37
CA MET F 193 11.53 54.18 2.17
C MET F 193 12.11 54.79 0.91
N ARG F 194 11.30 55.59 0.24
CA ARG F 194 11.60 56.14 -1.07
C ARG F 194 11.67 57.65 -1.01
N SER F 195 12.52 58.22 -1.86
CA SER F 195 12.70 59.67 -1.92
C SER F 195 11.71 60.27 -2.91
N GLU F 196 11.92 61.54 -3.24
CA GLU F 196 11.02 62.23 -4.13
C GLU F 196 11.16 61.71 -5.55
N ALA F 197 10.16 62.03 -6.36
CA ALA F 197 10.22 61.75 -7.79
C ALA F 197 10.97 62.87 -8.50
N VAL F 198 12.00 62.49 -9.27
CA VAL F 198 12.88 63.45 -9.93
C VAL F 198 13.29 62.92 -11.28
N ARG F 199 13.48 63.84 -12.22
CA ARG F 199 13.92 63.52 -13.58
C ARG F 199 15.41 63.81 -13.75
N MET F 200 15.90 63.43 -14.93
CA MET F 200 17.21 63.83 -15.42
C MET F 200 17.13 63.79 -16.93
N GLU F 201 17.89 64.67 -17.58
CA GLU F 201 17.75 64.88 -19.03
C GLU F 201 19.12 65.03 -19.66
N ALA F 202 19.27 64.46 -20.85
CA ALA F 202 20.50 64.52 -21.61
C ALA F 202 20.41 65.65 -22.64
N VAL G 2 14.38 10.86 -37.92
CA VAL G 2 14.94 9.71 -38.61
C VAL G 2 15.63 8.82 -37.60
N TYR G 3 15.54 7.51 -37.82
CA TYR G 3 15.96 6.52 -36.85
C TYR G 3 15.81 5.16 -37.47
N THR G 4 16.62 4.21 -37.02
CA THR G 4 16.57 2.84 -37.50
C THR G 4 16.72 1.90 -36.31
N SER G 5 16.76 0.60 -36.62
CA SER G 5 16.94 -0.44 -35.62
C SER G 5 17.88 -1.53 -36.11
N GLU G 6 18.52 -1.36 -37.26
CA GLU G 6 19.30 -2.43 -37.85
C GLU G 6 20.27 -1.81 -38.86
N PRO G 7 21.34 -1.17 -38.40
CA PRO G 7 22.20 -0.44 -39.34
C PRO G 7 22.91 -1.34 -40.33
N ASP G 8 23.06 -2.62 -40.02
CA ASP G 8 23.67 -3.58 -40.92
C ASP G 8 22.84 -4.86 -40.91
N VAL G 9 22.84 -5.54 -42.04
CA VAL G 9 21.97 -6.68 -42.28
C VAL G 9 22.77 -7.79 -42.95
N ARG G 10 22.51 -9.02 -42.55
CA ARG G 10 23.14 -10.20 -43.13
C ARG G 10 22.04 -11.20 -43.43
N VAL G 11 21.94 -11.62 -44.69
CA VAL G 11 20.82 -12.44 -45.15
C VAL G 11 21.34 -13.51 -46.10
N PRO G 12 20.67 -14.65 -46.19
CA PRO G 12 20.97 -15.59 -47.28
C PRO G 12 20.56 -15.06 -48.62
N GLU G 13 20.69 -15.91 -49.63
CA GLU G 13 20.20 -15.61 -50.97
C GLU G 13 18.79 -16.16 -51.13
N ASP G 14 18.00 -15.47 -51.92
CA ASP G 14 16.64 -15.83 -52.34
C ASP G 14 15.61 -15.60 -51.23
N LYS G 15 16.01 -15.25 -50.01
CA LYS G 15 15.09 -15.11 -48.90
C LYS G 15 14.74 -13.65 -48.66
N PRO G 16 13.67 -13.36 -47.93
CA PRO G 16 13.26 -11.96 -47.76
C PRO G 16 14.22 -11.14 -46.92
N ALA G 17 13.91 -9.87 -46.77
CA ALA G 17 14.65 -8.98 -45.89
C ALA G 17 13.87 -7.67 -45.78
N LYS G 18 14.10 -6.97 -44.66
CA LYS G 18 13.47 -5.70 -44.37
C LYS G 18 14.52 -4.62 -44.30
N LEU G 19 14.09 -3.39 -44.53
CA LEU G 19 14.92 -2.21 -44.36
C LEU G 19 14.11 -1.17 -43.60
N SER G 20 14.67 -0.71 -42.48
CA SER G 20 13.95 0.11 -41.53
C SER G 20 14.36 1.56 -41.63
N CYS G 21 13.35 2.44 -41.63
CA CYS G 21 13.60 3.88 -41.56
C CYS G 21 12.42 4.48 -40.79
N SER G 22 12.61 4.60 -39.49
CA SER G 22 11.62 5.17 -38.60
C SER G 22 11.99 6.62 -38.33
N TYR G 23 11.03 7.52 -38.51
CA TYR G 23 11.27 8.94 -38.39
C TYR G 23 10.11 9.61 -37.66
N SER G 24 10.37 10.83 -37.22
CA SER G 24 9.36 11.65 -36.57
C SER G 24 9.61 13.11 -36.91
N GLY G 25 8.64 13.95 -36.56
CA GLY G 25 8.74 15.36 -36.83
C GLY G 25 8.62 15.68 -38.30
N PHE G 26 7.63 15.08 -38.96
CA PHE G 26 7.38 15.30 -40.38
C PHE G 26 5.88 15.39 -40.60
N SER G 27 5.42 16.59 -40.95
CA SER G 27 4.00 16.80 -41.17
C SER G 27 3.54 16.18 -42.49
N ASN G 28 4.16 16.60 -43.58
CA ASN G 28 3.80 16.15 -44.93
C ASN G 28 5.05 15.57 -45.58
N PRO G 29 5.45 14.38 -45.18
CA PRO G 29 6.74 13.84 -45.61
C PRO G 29 6.74 13.39 -47.06
N ARG G 30 7.96 13.29 -47.58
CA ARG G 30 8.24 12.58 -48.82
C ARG G 30 9.44 11.70 -48.55
N VAL G 31 9.53 10.61 -49.29
CA VAL G 31 10.58 9.63 -49.11
C VAL G 31 11.07 9.17 -50.47
N GLU G 32 12.37 8.90 -50.57
CA GLU G 32 12.90 8.20 -51.71
C GLU G 32 13.98 7.24 -51.24
N TRP G 33 14.16 6.18 -52.00
CA TRP G 33 15.08 5.11 -51.69
C TRP G 33 15.92 4.83 -52.92
N LYS G 34 17.16 4.42 -52.69
CA LYS G 34 18.06 4.15 -53.78
C LYS G 34 19.07 3.09 -53.39
N PHE G 35 19.48 2.32 -54.39
CA PHE G 35 20.58 1.39 -54.25
C PHE G 35 21.88 2.13 -54.51
N ALA G 36 22.94 1.68 -53.85
CA ALA G 36 24.25 2.29 -54.00
C ALA G 36 25.29 1.25 -53.64
N HIS G 37 26.20 1.00 -54.56
CA HIS G 37 27.22 -0.04 -54.38
C HIS G 37 28.34 0.24 -55.36
N GLY G 38 29.51 0.56 -54.84
CA GLY G 38 30.64 0.91 -55.68
C GLY G 38 30.34 2.04 -56.64
N ASP G 39 30.19 1.70 -57.92
CA ASP G 39 29.89 2.68 -58.95
C ASP G 39 28.40 2.92 -59.13
N ILE G 40 27.58 2.01 -58.68
CA ILE G 40 26.20 1.92 -59.12
C ILE G 40 25.32 2.82 -58.26
N THR G 41 24.30 3.37 -58.91
CA THR G 41 23.23 4.08 -58.23
C THR G 41 21.93 3.72 -58.94
N SER G 42 20.86 3.60 -58.17
CA SER G 42 19.56 3.25 -58.73
C SER G 42 18.48 3.59 -57.73
N LEU G 43 17.56 4.46 -58.13
CA LEU G 43 16.41 4.76 -57.30
C LEU G 43 15.57 3.51 -57.06
N VAL G 44 14.77 3.57 -56.01
CA VAL G 44 13.80 2.53 -55.72
C VAL G 44 12.45 3.19 -55.50
N CYS G 45 12.39 4.12 -54.56
CA CYS G 45 11.19 4.88 -54.26
C CYS G 45 11.28 6.29 -54.82
N TYR G 46 10.23 6.71 -55.50
CA TYR G 46 10.07 8.09 -55.97
C TYR G 46 8.78 8.63 -55.37
N LYS G 47 8.91 9.54 -54.41
CA LYS G 47 7.77 10.19 -53.77
C LYS G 47 6.84 9.16 -53.12
N ASN G 48 7.39 8.48 -52.11
CA ASN G 48 6.61 7.54 -51.29
C ASN G 48 6.03 6.41 -52.11
N LYS G 49 6.66 6.11 -53.25
CA LYS G 49 6.12 5.12 -54.17
C LYS G 49 7.25 4.54 -55.00
N ILE G 50 7.09 3.29 -55.37
CA ILE G 50 8.17 2.48 -55.90
C ILE G 50 8.11 2.47 -57.42
N THR G 51 9.29 2.32 -58.03
CA THR G 51 9.42 2.21 -59.47
C THR G 51 9.08 0.80 -59.94
N ALA G 52 8.88 0.68 -61.26
CA ALA G 52 8.73 -0.63 -61.88
C ALA G 52 10.04 -1.39 -61.96
N SER G 53 11.17 -0.75 -61.61
CA SER G 53 12.44 -1.46 -61.59
C SER G 53 12.45 -2.56 -60.54
N TYR G 54 11.75 -2.34 -59.43
CA TYR G 54 11.80 -3.23 -58.28
C TYR G 54 10.43 -3.59 -57.72
N ALA G 55 9.35 -2.95 -58.18
CA ALA G 55 8.02 -3.25 -57.66
C ALA G 55 7.65 -4.71 -57.83
N ASP G 56 8.24 -5.38 -58.81
CA ASP G 56 7.99 -6.80 -59.04
C ASP G 56 8.28 -7.66 -57.82
N ARG G 57 9.20 -7.22 -56.94
CA ARG G 57 9.60 -8.04 -55.80
C ARG G 57 9.79 -7.23 -54.53
N VAL G 58 9.17 -6.06 -54.43
CA VAL G 58 9.40 -5.13 -53.33
C VAL G 58 8.07 -4.55 -52.89
N THR G 59 7.97 -4.29 -51.58
CA THR G 59 6.76 -3.78 -50.96
C THR G 59 7.15 -2.62 -50.06
N PHE G 60 6.33 -1.57 -50.09
CA PHE G 60 6.68 -0.30 -49.49
C PHE G 60 5.84 -0.02 -48.26
N SER G 61 6.49 0.59 -47.27
CA SER G 61 5.81 1.32 -46.23
C SER G 61 6.52 2.66 -46.12
N HIS G 62 5.81 3.66 -45.60
CA HIS G 62 6.47 4.90 -45.23
C HIS G 62 7.02 4.84 -43.81
N SER G 63 7.28 3.63 -43.31
CA SER G 63 8.22 3.37 -42.23
C SER G 63 9.38 2.47 -42.65
N GLY G 64 9.25 1.75 -43.75
CA GLY G 64 10.33 0.89 -44.21
C GLY G 64 9.94 0.21 -45.50
N ILE G 65 10.86 -0.64 -45.99
CA ILE G 65 10.66 -1.37 -47.23
C ILE G 65 11.20 -2.78 -47.07
N THR G 66 10.69 -3.68 -47.91
CA THR G 66 11.00 -5.10 -47.81
C THR G 66 11.20 -5.69 -49.19
N PHE G 67 11.88 -6.83 -49.22
CA PHE G 67 12.08 -7.61 -50.43
C PHE G 67 11.36 -8.93 -50.25
N HIS G 68 10.46 -9.24 -51.19
CA HIS G 68 9.85 -10.56 -51.22
C HIS G 68 10.90 -11.64 -51.31
N SER G 69 11.88 -11.44 -52.19
CA SER G 69 13.04 -12.31 -52.29
C SER G 69 14.20 -11.48 -52.80
N VAL G 70 15.39 -12.09 -52.84
CA VAL G 70 16.62 -11.36 -53.05
C VAL G 70 17.55 -12.11 -53.98
N THR G 71 18.55 -11.39 -54.47
CA THR G 71 19.65 -11.94 -55.23
C THR G 71 20.91 -11.22 -54.79
N ARG G 72 22.06 -11.83 -55.10
CA ARG G 72 23.33 -11.25 -54.67
C ARG G 72 23.57 -9.86 -55.24
N LYS G 73 22.94 -9.54 -56.37
CA LYS G 73 23.03 -8.18 -56.90
C LYS G 73 22.48 -7.18 -55.89
N ASP G 74 21.44 -7.56 -55.16
CA ASP G 74 20.81 -6.65 -54.22
C ASP G 74 21.75 -6.22 -53.11
N THR G 75 22.81 -6.98 -52.87
CA THR G 75 23.84 -6.58 -51.92
C THR G 75 24.41 -5.23 -52.29
N GLY G 76 24.57 -4.39 -51.29
CA GLY G 76 25.11 -3.07 -51.50
C GLY G 76 24.86 -2.15 -50.34
N THR G 77 24.37 -0.95 -50.63
CA THR G 77 24.10 0.03 -49.59
C THR G 77 22.91 0.88 -50.00
N TYR G 78 21.87 0.85 -49.19
CA TYR G 78 20.67 1.65 -49.40
C TYR G 78 20.70 2.87 -48.48
N THR G 79 19.81 3.81 -48.76
CA THR G 79 19.74 5.01 -47.94
C THR G 79 18.33 5.58 -48.00
N CYS G 80 17.94 6.23 -46.92
CA CYS G 80 16.56 6.68 -46.70
C CYS G 80 16.52 8.19 -46.89
N MET G 81 16.21 8.62 -48.12
CA MET G 81 16.15 10.04 -48.44
C MET G 81 14.78 10.54 -48.02
N VAL G 82 14.72 11.14 -46.83
CA VAL G 82 13.50 11.69 -46.27
C VAL G 82 13.54 13.19 -46.38
N SER G 83 12.37 13.80 -46.52
CA SER G 83 12.24 15.24 -46.35
C SER G 83 10.77 15.59 -46.18
N ASP G 84 10.55 16.79 -45.66
CA ASP G 84 9.21 17.35 -45.55
C ASP G 84 8.80 17.98 -46.86
N ASP G 85 7.49 18.03 -47.09
CA ASP G 85 6.94 18.74 -48.24
C ASP G 85 6.77 20.20 -47.84
N GLY G 86 7.68 21.06 -48.31
CA GLY G 86 7.68 22.46 -47.97
C GLY G 86 9.05 23.01 -47.60
N GLY G 87 10.11 22.24 -47.84
CA GLY G 87 11.46 22.69 -47.53
C GLY G 87 11.66 23.03 -46.06
N ASN G 88 11.12 22.21 -45.17
CA ASN G 88 11.01 22.54 -43.76
C ASN G 88 11.92 21.69 -42.87
N THR G 89 12.02 20.40 -43.16
CA THR G 89 12.62 19.44 -42.25
C THR G 89 13.24 18.32 -43.08
N TYR G 90 14.22 17.63 -42.49
CA TYR G 90 15.05 16.72 -43.25
C TYR G 90 15.78 15.77 -42.33
N GLY G 91 16.19 14.65 -42.89
CA GLY G 91 17.07 13.71 -42.22
C GLY G 91 17.42 12.60 -43.19
N GLU G 92 18.34 11.75 -42.76
CA GLU G 92 18.73 10.60 -43.57
C GLU G 92 19.23 9.50 -42.66
N VAL G 93 19.40 8.32 -43.25
CA VAL G 93 20.14 7.23 -42.66
C VAL G 93 20.42 6.21 -43.74
N SER G 94 21.58 5.58 -43.66
CA SER G 94 22.04 4.64 -44.67
C SER G 94 22.16 3.24 -44.07
N VAL G 95 22.02 2.25 -44.94
CA VAL G 95 21.99 0.85 -44.55
C VAL G 95 22.78 0.04 -45.55
N GLN G 96 23.68 -0.80 -45.06
CA GLN G 96 24.40 -1.74 -45.91
C GLN G 96 23.72 -3.09 -45.83
N LEU G 97 23.34 -3.62 -46.98
CA LEU G 97 22.82 -4.97 -47.10
C LEU G 97 23.92 -5.87 -47.59
N THR G 98 23.84 -7.14 -47.22
CA THR G 98 24.86 -8.12 -47.59
C THR G 98 24.19 -9.47 -47.68
N VAL G 99 24.30 -10.10 -48.82
CA VAL G 99 23.75 -11.43 -49.03
C VAL G 99 24.82 -12.45 -48.67
N LEU G 100 24.39 -13.51 -48.00
CA LEU G 100 25.30 -14.49 -47.43
C LEU G 100 25.42 -15.69 -48.38
N VAL G 101 26.07 -15.45 -49.51
CA VAL G 101 26.42 -16.54 -50.41
C VAL G 101 27.66 -17.21 -49.82
N PRO G 102 27.83 -18.52 -49.94
CA PRO G 102 29.05 -19.12 -49.47
C PRO G 102 30.18 -18.87 -50.46
N PRO G 103 31.33 -19.49 -50.25
CA PRO G 103 32.32 -19.59 -51.32
C PRO G 103 32.10 -20.85 -52.14
N SER G 104 32.55 -20.77 -53.39
CA SER G 104 32.74 -21.97 -54.18
C SER G 104 34.09 -22.57 -53.79
N LYS G 105 34.49 -23.63 -54.47
CA LYS G 105 35.81 -24.18 -54.22
C LYS G 105 36.86 -23.22 -54.76
N PRO G 106 37.90 -22.88 -54.00
CA PRO G 106 38.82 -21.85 -54.46
C PRO G 106 39.71 -22.33 -55.58
N THR G 107 40.25 -21.37 -56.33
CA THR G 107 41.32 -21.63 -57.27
C THR G 107 42.64 -21.62 -56.50
N VAL G 108 43.55 -22.51 -56.90
CA VAL G 108 44.83 -22.66 -56.23
C VAL G 108 45.92 -22.84 -57.27
N HIS G 109 47.14 -22.50 -56.86
CA HIS G 109 48.34 -22.76 -57.67
C HIS G 109 49.47 -23.10 -56.74
N ILE G 110 50.01 -24.31 -56.86
CA ILE G 110 51.10 -24.78 -56.03
C ILE G 110 52.12 -25.48 -56.93
N PRO G 111 53.36 -25.00 -57.02
CA PRO G 111 54.41 -25.84 -57.60
C PRO G 111 54.79 -26.95 -56.62
N SER G 112 54.90 -28.17 -57.14
CA SER G 112 55.16 -29.33 -56.30
C SER G 112 56.59 -29.39 -55.77
N SER G 113 57.46 -28.48 -56.20
CA SER G 113 58.83 -28.44 -55.71
C SER G 113 59.45 -27.11 -56.11
N ALA G 114 60.20 -26.52 -55.20
CA ALA G 114 60.69 -25.16 -55.37
C ALA G 114 62.16 -25.09 -54.97
N THR G 115 62.78 -23.96 -55.29
CA THR G 115 64.17 -23.72 -54.95
C THR G 115 64.29 -23.57 -53.44
N ILE G 116 65.08 -24.44 -52.82
CA ILE G 116 65.21 -24.43 -51.38
C ILE G 116 66.07 -23.24 -50.96
N GLY G 117 65.62 -22.52 -49.94
CA GLY G 117 66.25 -21.30 -49.51
C GLY G 117 65.80 -20.04 -50.25
N SER G 118 65.05 -20.19 -51.34
CA SER G 118 64.61 -19.06 -52.15
C SER G 118 63.24 -18.58 -51.67
N ARG G 119 62.61 -17.72 -52.47
CA ARG G 119 61.26 -17.25 -52.23
C ARG G 119 60.25 -18.13 -52.96
N ALA G 120 59.04 -18.21 -52.41
CA ALA G 120 57.97 -18.93 -53.05
C ALA G 120 56.63 -18.31 -52.64
N VAL G 121 55.63 -18.52 -53.49
CA VAL G 121 54.29 -17.99 -53.25
C VAL G 121 53.28 -19.06 -53.63
N LEU G 122 52.19 -19.14 -52.86
CA LEU G 122 51.11 -20.08 -53.09
C LEU G 122 49.80 -19.33 -53.01
N THR G 123 48.88 -19.65 -53.91
CA THR G 123 47.62 -18.93 -54.05
C THR G 123 46.45 -19.78 -53.58
N CYS G 124 45.43 -19.09 -53.08
CA CYS G 124 44.13 -19.70 -52.79
C CYS G 124 43.10 -18.60 -52.99
N SER G 125 42.46 -18.61 -54.15
CA SER G 125 41.58 -17.53 -54.57
C SER G 125 40.17 -18.06 -54.83
N GLU G 126 39.19 -17.22 -54.55
CA GLU G 126 37.80 -17.60 -54.74
C GLU G 126 36.96 -16.34 -54.89
N LYS G 127 35.84 -16.48 -55.59
CA LYS G 127 35.00 -15.36 -56.00
C LYS G 127 33.66 -15.33 -55.29
N ASP G 128 32.91 -16.45 -55.30
CA ASP G 128 31.51 -16.43 -54.89
C ASP G 128 31.31 -16.07 -53.43
N GLY G 129 32.37 -16.06 -52.63
CA GLY G 129 32.28 -15.66 -51.24
C GLY G 129 31.68 -14.27 -51.09
N SER G 130 30.53 -14.20 -50.42
CA SER G 130 29.85 -12.94 -50.15
C SER G 130 29.35 -13.02 -48.71
N PRO G 131 30.05 -12.40 -47.75
CA PRO G 131 31.22 -11.52 -47.82
C PRO G 131 32.45 -12.24 -48.36
N PRO G 132 33.50 -11.49 -48.73
CA PRO G 132 34.66 -12.13 -49.37
C PRO G 132 35.27 -13.19 -48.49
N SER G 133 35.24 -14.43 -48.98
CA SER G 133 35.63 -15.56 -48.18
C SER G 133 37.09 -15.49 -47.82
N GLU G 134 37.39 -15.64 -46.53
CA GLU G 134 38.75 -15.73 -46.09
C GLU G 134 39.36 -17.04 -46.57
N TYR G 135 40.63 -17.24 -46.24
CA TYR G 135 41.41 -18.36 -46.75
C TYR G 135 42.32 -18.85 -45.64
N TYR G 136 42.29 -20.16 -45.40
CA TYR G 136 43.11 -20.79 -44.37
C TYR G 136 43.90 -21.91 -45.03
N TRP G 137 45.21 -21.91 -44.79
CA TRP G 137 46.11 -22.89 -45.39
C TRP G 137 46.32 -24.08 -44.45
N PHE G 138 46.63 -25.21 -45.04
CA PHE G 138 46.90 -26.46 -44.34
C PHE G 138 48.33 -26.92 -44.62
N LYS G 139 48.69 -28.01 -43.95
CA LYS G 139 49.96 -28.70 -44.21
C LYS G 139 49.81 -30.13 -43.71
N ASP G 140 49.71 -31.08 -44.63
CA ASP G 140 49.58 -32.50 -44.29
C ASP G 140 48.33 -32.78 -43.44
N GLY G 141 47.34 -31.90 -43.52
CA GLY G 141 46.08 -32.07 -42.84
C GLY G 141 45.79 -31.00 -41.81
N VAL G 142 46.79 -30.61 -41.04
CA VAL G 142 46.58 -29.64 -39.97
C VAL G 142 46.51 -28.25 -40.59
N ARG G 143 46.11 -27.28 -39.79
CA ARG G 143 46.00 -25.89 -40.22
C ARG G 143 47.28 -25.16 -39.87
N MET G 144 47.61 -24.16 -40.68
CA MET G 144 48.84 -23.42 -40.53
C MET G 144 48.65 -22.22 -39.60
N PRO G 145 49.60 -21.90 -38.72
CA PRO G 145 49.45 -20.70 -37.88
C PRO G 145 49.33 -19.42 -38.68
N LEU G 146 48.93 -18.37 -37.97
CA LEU G 146 48.92 -17.03 -38.54
C LEU G 146 50.32 -16.44 -38.51
N GLU G 147 50.89 -16.28 -37.31
CA GLU G 147 52.31 -15.98 -37.19
C GLU G 147 53.10 -17.28 -37.24
N PRO G 148 54.21 -17.34 -37.98
CA PRO G 148 54.85 -18.64 -38.23
C PRO G 148 55.79 -19.11 -37.12
N LYS G 149 55.77 -18.44 -35.96
CA LYS G 149 56.66 -18.76 -34.85
C LYS G 149 55.86 -19.41 -33.72
N GLY G 150 56.60 -19.93 -32.77
CA GLY G 150 56.02 -20.64 -31.64
C GLY G 150 56.56 -22.05 -31.60
N ASN G 151 56.19 -22.77 -30.53
CA ASN G 151 56.41 -24.22 -30.46
C ASN G 151 55.35 -24.89 -31.33
N ARG G 152 55.51 -24.66 -32.63
CA ARG G 152 54.54 -25.03 -33.65
C ARG G 152 55.11 -26.05 -34.61
N ALA G 153 56.31 -26.55 -34.36
CA ALA G 153 57.19 -27.20 -35.32
C ALA G 153 57.74 -26.24 -36.38
N PHE G 154 57.33 -24.97 -36.35
CA PHE G 154 57.55 -24.03 -37.44
C PHE G 154 58.51 -22.92 -37.06
N SER G 155 59.08 -22.95 -35.85
CA SER G 155 60.16 -22.04 -35.52
C SER G 155 61.35 -22.23 -36.45
N ASN G 156 61.55 -23.44 -36.98
CA ASN G 156 62.62 -23.71 -37.93
C ASN G 156 62.25 -23.34 -39.36
N SER G 157 61.20 -22.54 -39.56
CA SER G 157 60.89 -21.98 -40.87
C SER G 157 60.16 -20.67 -40.65
N SER G 158 59.63 -20.11 -41.74
CA SER G 158 58.90 -18.86 -41.66
C SER G 158 58.10 -18.66 -42.94
N TYR G 159 57.09 -17.82 -42.84
CA TYR G 159 56.22 -17.49 -43.96
C TYR G 159 55.39 -16.26 -43.57
N SER G 160 54.39 -15.95 -44.41
CA SER G 160 53.49 -14.84 -44.15
C SER G 160 52.21 -15.11 -44.92
N LEU G 161 51.16 -14.37 -44.57
CA LEU G 161 49.81 -14.71 -45.00
C LEU G 161 49.00 -13.48 -45.36
N ASN G 162 48.02 -13.72 -46.24
CA ASN G 162 46.90 -12.81 -46.48
C ASN G 162 45.70 -13.74 -46.46
N GLU G 163 45.14 -13.96 -45.27
CA GLU G 163 44.08 -14.94 -45.10
C GLU G 163 42.83 -14.56 -45.88
N LYS G 164 42.65 -13.28 -46.18
CA LYS G 164 41.52 -12.84 -46.98
C LYS G 164 41.86 -12.75 -48.46
N THR G 165 43.11 -12.98 -48.85
CA THR G 165 43.49 -13.21 -50.23
C THR G 165 43.99 -14.62 -50.48
N GLY G 166 44.35 -15.36 -49.43
CA GLY G 166 44.96 -16.65 -49.59
C GLY G 166 46.41 -16.61 -49.98
N GLU G 167 47.01 -15.42 -50.06
CA GLU G 167 48.42 -15.31 -50.39
C GLU G 167 49.26 -16.00 -49.33
N LEU G 168 50.38 -16.56 -49.75
CA LEU G 168 51.28 -17.27 -48.87
C LEU G 168 52.70 -17.09 -49.37
N VAL G 169 53.65 -17.36 -48.48
CA VAL G 169 55.04 -17.00 -48.67
C VAL G 169 55.92 -18.14 -48.18
N PHE G 170 57.13 -18.25 -48.74
CA PHE G 170 58.22 -18.96 -48.08
C PHE G 170 59.49 -18.18 -48.39
N ASP G 171 59.81 -17.22 -47.51
CA ASP G 171 60.93 -16.31 -47.70
C ASP G 171 61.84 -16.44 -46.48
N PRO G 172 62.78 -17.39 -46.47
CA PRO G 172 63.13 -18.38 -47.49
C PRO G 172 62.26 -19.63 -47.47
N VAL G 173 62.51 -20.53 -48.41
CA VAL G 173 62.05 -21.90 -48.33
C VAL G 173 63.03 -22.67 -47.45
N SER G 174 62.53 -23.68 -46.74
CA SER G 174 63.36 -24.65 -46.06
C SER G 174 63.12 -26.03 -46.67
N ALA G 175 64.12 -26.89 -46.57
CA ALA G 175 63.95 -28.26 -47.00
C ALA G 175 63.00 -29.01 -46.09
N TRP G 176 62.91 -28.59 -44.83
CA TRP G 176 61.92 -29.19 -43.93
C TRP G 176 60.51 -28.80 -44.32
N ASP G 177 60.33 -27.64 -44.96
CA ASP G 177 59.00 -27.18 -45.33
C ASP G 177 58.32 -28.05 -46.38
N THR G 178 59.01 -29.05 -46.92
CA THR G 178 58.39 -30.08 -47.73
C THR G 178 57.17 -30.65 -47.02
N GLY G 179 56.09 -30.80 -47.77
CA GLY G 179 54.88 -31.39 -47.24
C GLY G 179 53.68 -31.07 -48.08
N GLU G 180 52.69 -31.96 -48.01
CA GLU G 180 51.42 -31.76 -48.70
C GLU G 180 50.73 -30.53 -48.15
N TYR G 181 50.33 -29.62 -49.05
CA TYR G 181 49.65 -28.39 -48.69
C TYR G 181 48.25 -28.37 -49.27
N THR G 182 47.41 -27.52 -48.69
CA THR G 182 46.01 -27.38 -49.06
C THR G 182 45.48 -26.12 -48.40
N CYS G 183 44.51 -25.48 -49.04
CA CYS G 183 43.88 -24.28 -48.51
C CYS G 183 42.38 -24.50 -48.34
N GLU G 184 41.78 -23.61 -47.55
CA GLU G 184 40.39 -23.74 -47.15
C GLU G 184 39.77 -22.35 -47.14
N ALA G 185 38.62 -22.21 -47.81
CA ALA G 185 37.93 -20.94 -47.93
C ALA G 185 36.63 -20.98 -47.15
N GLN G 186 36.27 -19.87 -46.52
CA GLN G 186 35.02 -19.77 -45.80
C GLN G 186 34.71 -18.30 -45.52
N ASN G 187 33.42 -18.01 -45.39
CA ASN G 187 32.95 -16.67 -45.06
C ASN G 187 31.98 -16.69 -43.88
N GLY G 188 32.19 -17.63 -42.96
CA GLY G 188 31.37 -17.70 -41.77
C GLY G 188 29.91 -17.97 -42.04
N TYR G 189 29.58 -18.55 -43.20
CA TYR G 189 28.22 -18.92 -43.55
C TYR G 189 28.19 -20.41 -43.85
N GLY G 190 27.54 -21.16 -42.98
CA GLY G 190 27.43 -22.59 -43.15
C GLY G 190 28.76 -23.28 -43.00
N MET G 191 29.31 -23.76 -44.11
CA MET G 191 30.45 -24.67 -44.12
C MET G 191 31.62 -24.09 -44.89
N PRO G 192 32.87 -24.43 -44.52
CA PRO G 192 34.00 -24.07 -45.39
C PRO G 192 34.01 -24.83 -46.70
N MET G 193 35.03 -24.57 -47.51
CA MET G 193 35.22 -25.26 -48.78
C MET G 193 36.70 -25.61 -48.90
N ARG G 194 37.01 -26.89 -48.84
CA ARG G 194 38.39 -27.34 -48.89
C ARG G 194 38.86 -27.47 -50.33
N SER G 195 40.05 -26.95 -50.59
CA SER G 195 40.59 -26.90 -51.94
C SER G 195 41.24 -28.24 -52.29
N GLU G 196 41.98 -28.24 -53.40
CA GLU G 196 42.79 -29.39 -53.76
C GLU G 196 44.04 -29.45 -52.90
N ALA G 197 44.83 -30.50 -53.11
CA ALA G 197 46.03 -30.76 -52.34
C ALA G 197 47.21 -30.92 -53.28
N VAL G 198 48.32 -30.26 -52.96
CA VAL G 198 49.53 -30.32 -53.77
C VAL G 198 50.75 -30.30 -52.84
N ARG G 199 51.84 -30.91 -53.29
CA ARG G 199 53.07 -31.00 -52.51
C ARG G 199 53.91 -29.74 -52.67
N MET G 200 55.08 -29.75 -52.05
CA MET G 200 56.05 -28.67 -52.18
C MET G 200 57.38 -29.18 -51.63
N GLU G 201 58.46 -28.50 -52.01
CA GLU G 201 59.81 -28.88 -51.55
C GLU G 201 60.65 -27.66 -51.20
N ALA H 1 40.30 -28.77 -34.62
CA ALA H 1 39.06 -28.08 -34.94
C ALA H 1 38.77 -27.02 -33.92
N VAL H 2 38.81 -25.76 -34.34
CA VAL H 2 38.62 -24.62 -33.46
C VAL H 2 37.58 -23.71 -34.09
N TYR H 3 36.75 -23.12 -33.25
CA TYR H 3 35.78 -22.14 -33.69
C TYR H 3 35.27 -21.39 -32.46
N THR H 4 34.24 -20.57 -32.66
CA THR H 4 33.67 -19.77 -31.60
C THR H 4 32.16 -19.71 -31.77
N SER H 5 31.52 -19.05 -30.83
CA SER H 5 30.12 -18.71 -30.87
C SER H 5 29.88 -17.25 -31.19
N GLU H 6 30.92 -16.42 -31.20
CA GLU H 6 30.76 -14.99 -31.23
C GLU H 6 32.07 -14.35 -31.72
N PRO H 7 32.28 -14.25 -33.03
CA PRO H 7 33.58 -13.80 -33.51
C PRO H 7 33.89 -12.35 -33.17
N ASP H 8 32.85 -11.53 -33.02
CA ASP H 8 33.01 -10.13 -32.67
C ASP H 8 32.07 -9.77 -31.54
N VAL H 9 32.49 -8.82 -30.71
CA VAL H 9 31.84 -8.54 -29.44
C VAL H 9 31.79 -7.04 -29.25
N ARG H 10 30.73 -6.57 -28.59
CA ARG H 10 30.52 -5.16 -28.35
C ARG H 10 29.97 -5.01 -26.94
N VAL H 11 30.71 -4.27 -26.10
CA VAL H 11 30.36 -4.11 -24.69
C VAL H 11 30.71 -2.70 -24.27
N PRO H 12 30.02 -2.17 -23.25
CA PRO H 12 30.49 -0.90 -22.67
C PRO H 12 31.73 -1.09 -21.82
N GLU H 13 32.16 -0.03 -21.17
CA GLU H 13 33.30 -0.10 -20.29
C GLU H 13 32.85 -0.58 -18.92
N ASP H 14 33.77 -1.20 -18.19
CA ASP H 14 33.62 -1.69 -16.83
C ASP H 14 32.85 -3.00 -16.77
N LYS H 15 32.24 -3.45 -17.86
CA LYS H 15 31.33 -4.58 -17.83
C LYS H 15 32.05 -5.86 -18.20
N PRO H 16 31.41 -7.02 -17.98
CA PRO H 16 32.07 -8.29 -18.28
C PRO H 16 32.28 -8.54 -19.76
N ALA H 17 32.85 -9.70 -20.06
CA ALA H 17 33.05 -10.14 -21.42
C ALA H 17 33.50 -11.59 -21.40
N LYS H 18 32.98 -12.38 -22.33
CA LYS H 18 33.36 -13.77 -22.48
C LYS H 18 33.86 -14.00 -23.90
N LEU H 19 34.88 -14.84 -24.00
CA LEU H 19 35.61 -15.04 -25.24
C LEU H 19 35.91 -16.52 -25.37
N SER H 20 35.39 -17.12 -26.43
CA SER H 20 35.36 -18.57 -26.56
C SER H 20 36.54 -19.07 -27.38
N CYS H 21 36.96 -20.29 -27.06
CA CYS H 21 37.90 -21.05 -27.88
C CYS H 21 37.38 -22.47 -27.84
N SER H 22 36.51 -22.79 -28.79
CA SER H 22 35.86 -24.10 -28.86
C SER H 22 36.74 -25.05 -29.65
N TYR H 23 37.64 -25.74 -28.94
CA TYR H 23 38.52 -26.69 -29.58
C TYR H 23 37.83 -28.05 -29.68
N SER H 24 38.51 -28.97 -30.36
CA SER H 24 38.00 -30.32 -30.56
C SER H 24 39.06 -31.13 -31.28
N GLY H 25 38.96 -32.44 -31.16
CA GLY H 25 39.92 -33.35 -31.75
C GLY H 25 41.32 -33.21 -31.17
N PHE H 26 41.40 -33.09 -29.84
CA PHE H 26 42.68 -33.02 -29.14
C PHE H 26 42.66 -34.02 -28.00
N SER H 27 43.85 -34.24 -27.43
CA SER H 27 44.07 -35.22 -26.37
C SER H 27 44.50 -34.57 -25.07
N ASN H 28 45.58 -33.79 -25.10
CA ASN H 28 46.09 -33.09 -23.90
C ASN H 28 46.53 -31.69 -24.32
N PRO H 29 45.60 -30.88 -24.79
CA PRO H 29 45.98 -29.60 -25.39
C PRO H 29 46.58 -28.62 -24.40
N ARG H 30 47.43 -27.76 -24.94
CA ARG H 30 47.94 -26.59 -24.24
C ARG H 30 47.47 -25.36 -25.00
N VAL H 31 47.15 -24.30 -24.28
CA VAL H 31 46.36 -23.20 -24.81
C VAL H 31 47.02 -21.88 -24.45
N GLU H 32 46.82 -20.89 -25.32
CA GLU H 32 47.33 -19.55 -25.11
C GLU H 32 46.34 -18.53 -25.62
N TRP H 33 46.27 -17.41 -24.92
CA TRP H 33 45.57 -16.22 -25.34
C TRP H 33 46.57 -15.09 -25.48
N LYS H 34 46.47 -14.34 -26.56
CA LYS H 34 47.36 -13.22 -26.80
C LYS H 34 46.56 -11.98 -27.18
N PHE H 35 46.84 -10.89 -26.47
CA PHE H 35 46.33 -9.59 -26.81
C PHE H 35 46.84 -9.18 -28.19
N ALA H 36 46.12 -8.28 -28.84
CA ALA H 36 46.60 -7.69 -30.09
C ALA H 36 45.80 -6.42 -30.35
N HIS H 37 46.49 -5.29 -30.46
CA HIS H 37 45.84 -4.02 -30.75
C HIS H 37 46.88 -3.13 -31.41
N GLY H 38 46.67 -2.82 -32.68
CA GLY H 38 47.69 -2.14 -33.45
C GLY H 38 48.94 -3.00 -33.54
N ASP H 39 49.98 -2.59 -32.81
CA ASP H 39 51.18 -3.38 -32.65
C ASP H 39 51.41 -3.81 -31.21
N ILE H 40 50.52 -3.47 -30.30
CA ILE H 40 50.65 -3.81 -28.89
C ILE H 40 50.16 -5.23 -28.69
N THR H 41 50.83 -5.95 -27.80
CA THR H 41 50.63 -7.39 -27.70
C THR H 41 51.01 -7.83 -26.29
N SER H 42 50.36 -8.89 -25.83
CA SER H 42 50.66 -9.50 -24.55
C SER H 42 49.98 -10.86 -24.43
N LEU H 43 50.70 -11.85 -23.92
CA LEU H 43 50.14 -13.16 -23.68
C LEU H 43 49.30 -13.12 -22.43
N VAL H 44 48.02 -13.49 -22.55
CA VAL H 44 47.11 -13.44 -21.42
C VAL H 44 47.06 -14.79 -20.71
N CYS H 45 46.99 -15.86 -21.47
CA CYS H 45 47.10 -17.21 -20.94
C CYS H 45 48.40 -17.85 -21.39
N TYR H 46 48.73 -18.95 -20.74
CA TYR H 46 49.89 -19.75 -21.09
C TYR H 46 49.82 -21.10 -20.40
N LYS H 47 49.87 -22.18 -21.18
CA LYS H 47 49.74 -23.53 -20.66
C LYS H 47 48.47 -23.68 -19.85
N ASN H 48 47.34 -23.31 -20.47
CA ASN H 48 46.04 -23.43 -19.84
C ASN H 48 45.98 -22.64 -18.53
N LYS H 49 46.70 -21.51 -18.48
CA LYS H 49 46.82 -20.78 -17.23
C LYS H 49 47.05 -19.30 -17.52
N ILE H 50 46.45 -18.46 -16.69
CA ILE H 50 46.50 -17.02 -16.85
C ILE H 50 47.80 -16.47 -16.30
N THR H 51 48.27 -15.38 -16.90
CA THR H 51 49.44 -14.67 -16.40
C THR H 51 49.16 -14.07 -15.04
N ALA H 52 50.24 -13.57 -14.42
CA ALA H 52 50.10 -12.83 -13.17
C ALA H 52 49.63 -11.40 -13.39
N SER H 53 49.62 -10.92 -14.65
CA SER H 53 49.28 -9.53 -14.90
C SER H 53 47.77 -9.31 -14.97
N TYR H 54 47.02 -10.34 -15.35
CA TYR H 54 45.59 -10.23 -15.56
C TYR H 54 44.78 -11.19 -14.70
N ALA H 55 45.42 -11.97 -13.84
CA ALA H 55 44.69 -12.99 -13.08
C ALA H 55 43.62 -12.40 -12.17
N ASP H 56 43.75 -11.13 -11.79
CA ASP H 56 42.79 -10.55 -10.86
C ASP H 56 41.44 -10.34 -11.52
N ARG H 57 41.42 -9.81 -12.74
CA ARG H 57 40.20 -9.44 -13.42
C ARG H 57 39.81 -10.43 -14.50
N VAL H 58 40.49 -11.57 -14.59
CA VAL H 58 40.28 -12.53 -15.67
C VAL H 58 40.20 -13.93 -15.10
N THR H 59 39.42 -14.77 -15.76
CA THR H 59 39.19 -16.16 -15.40
C THR H 59 39.77 -17.04 -16.50
N PHE H 60 39.46 -18.33 -16.43
CA PHE H 60 39.83 -19.22 -17.52
C PHE H 60 38.90 -20.43 -17.58
N SER H 61 38.64 -20.88 -18.79
CA SER H 61 38.05 -22.18 -19.05
C SER H 61 38.71 -22.77 -20.27
N HIS H 62 38.59 -24.09 -20.40
CA HIS H 62 39.01 -24.73 -21.63
C HIS H 62 38.12 -24.34 -22.81
N SER H 63 36.86 -24.00 -22.53
CA SER H 63 35.92 -23.60 -23.56
C SER H 63 35.84 -22.09 -23.75
N GLY H 64 36.68 -21.34 -23.06
CA GLY H 64 36.72 -19.90 -23.25
C GLY H 64 37.31 -19.23 -22.03
N ILE H 65 37.20 -17.91 -22.02
CA ILE H 65 37.60 -17.11 -20.87
C ILE H 65 36.53 -16.07 -20.61
N THR H 66 36.50 -15.59 -19.37
CA THR H 66 35.50 -14.65 -18.91
C THR H 66 36.20 -13.59 -18.09
N PHE H 67 36.02 -12.33 -18.47
CA PHE H 67 36.57 -11.22 -17.71
C PHE H 67 35.58 -10.75 -16.67
N HIS H 68 36.06 -10.58 -15.44
CA HIS H 68 35.24 -10.02 -14.39
C HIS H 68 34.82 -8.59 -14.71
N SER H 69 35.61 -7.90 -15.52
CA SER H 69 35.30 -6.54 -15.96
C SER H 69 36.30 -6.19 -17.06
N VAL H 70 36.18 -4.99 -17.60
CA VAL H 70 37.02 -4.54 -18.70
C VAL H 70 37.27 -3.05 -18.58
N THR H 71 38.21 -2.59 -19.39
CA THR H 71 38.44 -1.17 -19.64
C THR H 71 38.49 -0.99 -21.15
N ARG H 72 38.56 0.28 -21.57
CA ARG H 72 38.74 0.56 -22.99
C ARG H 72 40.09 0.07 -23.50
N LYS H 73 41.05 -0.16 -22.60
CA LYS H 73 42.36 -0.64 -23.01
C LYS H 73 42.26 -1.99 -23.72
N ASP H 74 41.33 -2.83 -23.29
CA ASP H 74 41.16 -4.15 -23.91
C ASP H 74 40.56 -4.08 -25.31
N THR H 75 40.22 -2.88 -25.79
CA THR H 75 39.85 -2.69 -27.18
C THR H 75 40.93 -3.24 -28.08
N GLY H 76 40.54 -4.10 -29.02
CA GLY H 76 41.46 -4.61 -30.00
C GLY H 76 41.14 -5.97 -30.55
N THR H 77 42.11 -6.86 -30.50
CA THR H 77 41.99 -8.18 -31.10
C THR H 77 42.69 -9.18 -30.21
N TYR H 78 42.00 -10.27 -29.89
CA TYR H 78 42.59 -11.40 -29.18
C TYR H 78 42.67 -12.58 -30.12
N THR H 79 43.30 -13.65 -29.63
CA THR H 79 43.47 -14.83 -30.45
C THR H 79 43.74 -16.02 -29.53
N CYS H 80 43.12 -17.14 -29.85
CA CYS H 80 43.32 -18.39 -29.14
C CYS H 80 44.21 -19.29 -29.97
N MET H 81 45.22 -19.86 -29.33
CA MET H 81 46.15 -20.79 -29.97
C MET H 81 46.10 -22.09 -29.21
N VAL H 82 45.86 -23.18 -29.92
CA VAL H 82 45.79 -24.51 -29.35
C VAL H 82 46.93 -25.33 -29.91
N SER H 83 47.34 -26.34 -29.15
CA SER H 83 48.29 -27.33 -29.68
C SER H 83 48.24 -28.55 -28.79
N ASP H 84 48.13 -29.72 -29.40
CA ASP H 84 48.20 -30.95 -28.66
C ASP H 84 49.58 -31.10 -28.04
N ASP H 85 49.62 -31.67 -26.84
CA ASP H 85 50.89 -31.93 -26.19
C ASP H 85 51.62 -32.96 -27.03
N GLY H 86 52.62 -32.49 -27.78
CA GLY H 86 53.27 -33.29 -28.80
C GLY H 86 53.48 -32.51 -30.09
N GLY H 87 52.90 -31.31 -30.19
CA GLY H 87 52.91 -30.59 -31.44
C GLY H 87 52.15 -31.27 -32.54
N ASN H 88 51.27 -32.21 -32.21
CA ASN H 88 50.61 -33.03 -33.21
C ASN H 88 49.60 -32.21 -34.01
N THR H 89 48.58 -31.70 -33.32
CA THR H 89 47.42 -31.10 -33.95
C THR H 89 47.31 -29.65 -33.51
N TYR H 90 46.62 -28.86 -34.33
CA TYR H 90 46.69 -27.41 -34.21
C TYR H 90 45.39 -26.79 -34.71
N GLY H 91 45.15 -25.58 -34.21
CA GLY H 91 44.01 -24.79 -34.63
C GLY H 91 44.10 -23.44 -33.96
N GLU H 92 43.27 -22.52 -34.44
CA GLU H 92 43.27 -21.16 -33.92
C GLU H 92 41.93 -20.51 -34.19
N VAL H 93 41.73 -19.36 -33.56
CA VAL H 93 40.67 -18.45 -33.94
C VAL H 93 41.00 -17.09 -33.34
N SER H 94 40.66 -16.05 -34.09
CA SER H 94 41.02 -14.68 -33.76
C SER H 94 39.75 -13.88 -33.56
N VAL H 95 39.73 -13.09 -32.50
CA VAL H 95 38.54 -12.40 -32.02
C VAL H 95 38.86 -10.93 -31.84
N GLN H 96 37.93 -10.08 -32.25
CA GLN H 96 38.03 -8.64 -32.04
C GLN H 96 37.03 -8.23 -30.97
N LEU H 97 37.53 -7.53 -29.97
CA LEU H 97 36.71 -6.98 -28.89
C LEU H 97 36.78 -5.47 -28.95
N THR H 98 35.64 -4.85 -29.22
CA THR H 98 35.52 -3.40 -29.24
C THR H 98 34.67 -2.97 -28.06
N VAL H 99 35.20 -2.10 -27.23
CA VAL H 99 34.45 -1.53 -26.13
C VAL H 99 33.63 -0.37 -26.65
N LEU H 100 32.44 -0.19 -26.08
CA LEU H 100 31.49 0.79 -26.56
C LEU H 100 31.55 2.07 -25.72
N VAL H 101 32.69 2.73 -25.76
CA VAL H 101 32.82 3.98 -25.04
C VAL H 101 32.10 5.04 -25.86
N PRO H 102 31.31 5.93 -25.27
CA PRO H 102 30.61 6.90 -26.08
C PRO H 102 31.55 7.96 -26.59
N PRO H 103 31.06 8.90 -27.39
CA PRO H 103 31.85 10.08 -27.72
C PRO H 103 31.74 11.16 -26.66
N SER H 104 32.86 11.83 -26.43
CA SER H 104 32.81 13.10 -25.71
C SER H 104 32.08 14.12 -26.56
N LYS H 105 31.83 15.28 -25.98
CA LYS H 105 31.32 16.39 -26.77
C LYS H 105 32.36 16.73 -27.82
N PRO H 106 32.04 16.69 -29.11
CA PRO H 106 33.09 16.83 -30.11
C PRO H 106 33.60 18.26 -30.21
N THR H 107 34.82 18.37 -30.73
CA THR H 107 35.49 19.65 -30.88
C THR H 107 35.46 20.07 -32.34
N VAL H 108 35.29 21.36 -32.58
CA VAL H 108 35.05 21.90 -33.90
C VAL H 108 35.94 23.13 -34.10
N HIS H 109 35.89 23.67 -35.31
CA HIS H 109 36.42 24.99 -35.61
C HIS H 109 35.79 25.47 -36.91
N ILE H 110 35.09 26.59 -36.84
CA ILE H 110 34.35 27.14 -37.97
C ILE H 110 34.64 28.63 -38.04
N PRO H 111 35.05 29.19 -39.19
CA PRO H 111 35.28 30.63 -39.24
C PRO H 111 33.98 31.40 -39.12
N SER H 112 34.13 32.72 -38.94
CA SER H 112 32.98 33.61 -38.90
C SER H 112 32.58 34.12 -40.27
N SER H 113 33.36 33.83 -41.30
CA SER H 113 32.98 34.11 -42.68
C SER H 113 34.09 33.58 -43.58
N ALA H 114 33.77 33.46 -44.87
CA ALA H 114 34.75 33.12 -45.89
C ALA H 114 34.47 33.97 -47.11
N THR H 115 35.36 33.87 -48.09
CA THR H 115 35.24 34.66 -49.30
C THR H 115 34.39 33.93 -50.31
N ILE H 116 33.53 34.67 -50.99
CA ILE H 116 32.57 34.07 -51.90
C ILE H 116 33.28 33.60 -53.16
N GLY H 117 32.94 32.41 -53.62
CA GLY H 117 33.67 31.75 -54.69
C GLY H 117 34.90 31.03 -54.24
N SER H 118 35.48 31.38 -53.10
CA SER H 118 36.63 30.70 -52.54
C SER H 118 36.15 29.43 -51.85
N ARG H 119 37.02 28.83 -51.04
CA ARG H 119 36.79 27.53 -50.42
C ARG H 119 36.84 27.66 -48.90
N ALA H 120 36.02 26.85 -48.22
CA ALA H 120 35.96 26.81 -46.77
C ALA H 120 36.02 25.37 -46.31
N VAL H 121 36.66 25.17 -45.15
CA VAL H 121 36.88 23.85 -44.57
C VAL H 121 36.51 23.92 -43.10
N LEU H 122 35.87 22.86 -42.61
CA LEU H 122 35.30 22.85 -41.27
C LEU H 122 35.66 21.55 -40.57
N THR H 123 35.53 21.57 -39.25
CA THR H 123 36.02 20.49 -38.40
C THR H 123 34.97 20.07 -37.38
N CYS H 124 34.89 18.76 -37.16
CA CYS H 124 34.18 18.21 -36.00
C CYS H 124 34.90 16.93 -35.62
N SER H 125 35.74 17.01 -34.59
CA SER H 125 36.62 15.92 -34.21
C SER H 125 36.42 15.57 -32.73
N GLU H 126 36.73 14.33 -32.41
CA GLU H 126 36.49 13.80 -31.07
C GLU H 126 37.24 12.49 -30.94
N LYS H 127 37.64 12.18 -29.70
CA LYS H 127 38.53 11.06 -29.42
C LYS H 127 37.84 9.91 -28.70
N ASP H 128 37.18 10.19 -27.57
CA ASP H 128 36.72 9.14 -26.67
C ASP H 128 35.74 8.18 -27.30
N GLY H 129 35.14 8.53 -28.43
CA GLY H 129 34.26 7.63 -29.14
C GLY H 129 34.97 6.35 -29.55
N SER H 130 34.52 5.23 -29.01
CA SER H 130 35.03 3.91 -29.37
C SER H 130 33.82 3.04 -29.70
N PRO H 131 33.59 2.68 -30.98
CA PRO H 131 34.32 2.93 -32.22
C PRO H 131 34.35 4.40 -32.59
N PRO H 132 35.08 4.75 -33.64
CA PRO H 132 35.18 6.17 -34.05
C PRO H 132 33.81 6.78 -34.30
N SER H 133 33.50 7.82 -33.53
CA SER H 133 32.23 8.50 -33.64
C SER H 133 32.05 9.09 -35.03
N GLU H 134 31.12 8.54 -35.80
CA GLU H 134 30.87 9.05 -37.14
C GLU H 134 30.03 10.30 -37.06
N TYR H 135 30.49 11.35 -37.73
CA TYR H 135 30.01 12.70 -37.50
C TYR H 135 28.87 13.04 -38.45
N TYR H 136 28.09 14.05 -38.06
CA TYR H 136 26.95 14.49 -38.86
C TYR H 136 26.78 15.99 -38.66
N TRP H 137 26.44 16.68 -39.74
CA TRP H 137 26.46 18.13 -39.79
C TRP H 137 25.05 18.71 -39.89
N PHE H 138 24.88 19.87 -39.27
CA PHE H 138 23.61 20.59 -39.24
C PHE H 138 23.76 21.97 -39.87
N LYS H 139 22.61 22.64 -39.98
CA LYS H 139 22.54 24.03 -40.41
C LYS H 139 21.21 24.58 -39.97
N ASP H 140 21.23 25.61 -39.12
CA ASP H 140 20.01 26.22 -38.58
C ASP H 140 19.14 25.19 -37.87
N GLY H 141 19.77 24.15 -37.30
CA GLY H 141 19.06 23.13 -36.56
C GLY H 141 18.81 21.89 -37.37
N VAL H 142 18.49 22.03 -38.65
CA VAL H 142 18.20 20.88 -39.49
C VAL H 142 19.51 20.25 -39.92
N ARG H 143 19.42 19.07 -40.50
CA ARG H 143 20.58 18.25 -40.81
C ARG H 143 20.98 18.43 -42.27
N MET H 144 22.25 18.22 -42.52
CA MET H 144 22.86 18.42 -43.82
C MET H 144 22.83 17.13 -44.62
N PRO H 145 22.40 17.15 -45.89
CA PRO H 145 22.42 15.91 -46.67
C PRO H 145 23.82 15.34 -46.80
N LEU H 146 23.89 14.02 -46.97
CA LEU H 146 25.17 13.38 -47.21
C LEU H 146 25.66 13.73 -48.61
N GLU H 147 24.91 13.34 -49.62
CA GLU H 147 25.07 13.96 -50.93
C GLU H 147 24.25 15.25 -50.96
N PRO H 148 24.83 16.39 -51.34
CA PRO H 148 24.08 17.64 -51.26
C PRO H 148 23.05 17.83 -52.35
N LYS H 149 22.89 16.87 -53.26
CA LYS H 149 21.95 16.98 -54.35
C LYS H 149 20.53 16.66 -53.88
N GLY H 150 19.58 16.83 -54.78
CA GLY H 150 18.17 16.68 -54.48
C GLY H 150 17.50 18.04 -54.29
N ASN H 151 16.18 17.99 -54.13
CA ASN H 151 15.42 19.19 -53.83
C ASN H 151 15.66 19.59 -52.39
N ARG H 152 16.88 20.02 -52.09
CA ARG H 152 17.35 20.24 -50.73
C ARG H 152 17.47 21.71 -50.40
N ALA H 153 17.24 22.60 -51.36
CA ALA H 153 17.75 23.97 -51.39
C ALA H 153 19.26 24.01 -51.54
N PHE H 154 19.92 22.86 -51.75
CA PHE H 154 21.36 22.76 -51.77
C PHE H 154 21.92 22.27 -53.10
N SER H 155 21.08 21.70 -53.96
CA SER H 155 21.56 21.31 -55.28
C SER H 155 21.99 22.51 -56.10
N ASN H 156 21.43 23.69 -55.79
CA ASN H 156 21.99 24.93 -56.32
C ASN H 156 23.30 25.29 -55.64
N SER H 157 23.40 24.99 -54.35
CA SER H 157 24.66 25.16 -53.61
C SER H 157 25.55 23.94 -53.88
N SER H 158 26.62 23.80 -53.09
CA SER H 158 27.47 22.63 -53.19
C SER H 158 28.43 22.61 -52.01
N TYR H 159 28.83 21.41 -51.63
CA TYR H 159 29.87 21.20 -50.61
C TYR H 159 30.27 19.73 -50.66
N SER H 160 31.11 19.31 -49.70
CA SER H 160 31.59 17.94 -49.62
C SER H 160 31.59 17.49 -48.17
N LEU H 161 31.70 16.18 -47.96
CA LEU H 161 31.63 15.59 -46.63
C LEU H 161 32.54 14.39 -46.51
N ASN H 162 32.94 14.13 -45.28
CA ASN H 162 33.58 12.88 -44.89
C ASN H 162 33.10 12.62 -43.46
N GLU H 163 31.99 11.89 -43.35
CA GLU H 163 31.28 11.79 -42.08
C GLU H 163 32.12 11.09 -41.01
N LYS H 164 32.88 10.07 -41.41
CA LYS H 164 33.76 9.40 -40.46
C LYS H 164 34.89 10.32 -40.00
N THR H 165 35.31 11.23 -40.88
CA THR H 165 36.35 12.19 -40.54
C THR H 165 35.80 13.41 -39.83
N GLY H 166 34.54 13.73 -40.02
CA GLY H 166 33.97 14.93 -39.42
C GLY H 166 34.63 16.17 -39.96
N GLU H 167 34.63 16.32 -41.28
CA GLU H 167 35.27 17.43 -41.96
C GLU H 167 34.36 17.89 -43.10
N LEU H 168 33.65 18.98 -42.86
CA LEU H 168 32.77 19.59 -43.85
C LEU H 168 33.52 20.64 -44.63
N VAL H 169 33.29 20.67 -45.94
CA VAL H 169 34.10 21.44 -46.88
C VAL H 169 33.20 22.06 -47.93
N PHE H 170 33.17 23.38 -47.97
CA PHE H 170 32.42 24.11 -48.99
C PHE H 170 33.36 24.43 -50.14
N ASP H 171 33.01 23.97 -51.34
CA ASP H 171 33.87 24.10 -52.52
C ASP H 171 33.00 24.42 -53.73
N PRO H 172 32.80 25.70 -54.06
CA PRO H 172 33.24 26.96 -53.43
C PRO H 172 32.32 27.40 -52.29
N VAL H 173 32.61 28.55 -51.72
CA VAL H 173 31.75 29.15 -50.72
C VAL H 173 30.64 29.93 -51.42
N SER H 174 29.54 29.25 -51.73
CA SER H 174 28.36 29.96 -52.20
C SER H 174 27.88 30.91 -51.11
N ALA H 175 27.77 32.19 -51.47
CA ALA H 175 27.38 33.21 -50.51
C ALA H 175 26.04 32.90 -49.86
N TRP H 176 25.15 32.23 -50.60
CA TRP H 176 23.86 31.84 -50.04
C TRP H 176 24.01 30.97 -48.81
N ASP H 177 25.07 30.16 -48.74
CA ASP H 177 25.22 29.17 -47.69
C ASP H 177 25.43 29.77 -46.31
N THR H 178 25.67 31.07 -46.19
CA THR H 178 25.99 31.66 -44.90
C THR H 178 24.85 31.47 -43.93
N GLY H 179 25.20 31.11 -42.69
CA GLY H 179 24.22 30.89 -41.66
C GLY H 179 24.82 30.10 -40.51
N GLU H 180 23.94 29.52 -39.72
CA GLU H 180 24.34 28.71 -38.57
C GLU H 180 24.86 27.37 -39.04
N TYR H 181 25.77 26.80 -38.25
CA TYR H 181 26.34 25.49 -38.54
C TYR H 181 26.70 24.79 -37.24
N THR H 182 26.48 23.49 -37.21
CA THR H 182 26.79 22.67 -36.03
C THR H 182 26.90 21.23 -36.48
N CYS H 183 27.71 20.46 -35.74
CA CYS H 183 27.94 19.05 -36.03
C CYS H 183 27.35 18.17 -34.95
N GLU H 184 27.30 16.88 -35.24
CA GLU H 184 26.75 15.87 -34.35
C GLU H 184 27.63 14.64 -34.44
N ALA H 185 27.95 14.05 -33.30
CA ALA H 185 28.86 12.92 -33.21
C ALA H 185 28.15 11.74 -32.59
N GLN H 186 28.49 10.54 -33.06
CA GLN H 186 27.98 9.31 -32.47
C GLN H 186 28.74 8.13 -33.02
N ASN H 187 28.97 7.15 -32.15
CA ASN H 187 29.65 5.90 -32.49
C ASN H 187 28.68 4.72 -32.50
N GLY H 188 27.41 5.00 -32.77
CA GLY H 188 26.41 3.95 -32.72
C GLY H 188 26.22 3.39 -31.33
N TYR H 189 26.10 4.26 -30.33
CA TYR H 189 25.95 3.83 -28.95
C TYR H 189 25.55 5.02 -28.10
N GLY H 190 24.81 4.74 -27.05
CA GLY H 190 24.49 5.76 -26.08
C GLY H 190 23.58 6.83 -26.62
N MET H 191 24.13 8.03 -26.78
CA MET H 191 23.43 9.18 -27.32
C MET H 191 24.34 9.88 -28.32
N PRO H 192 23.78 10.52 -29.34
CA PRO H 192 24.60 11.44 -30.15
C PRO H 192 24.84 12.74 -29.42
N MET H 193 26.07 12.93 -28.96
CA MET H 193 26.45 14.21 -28.42
C MET H 193 26.56 15.22 -29.56
N ARG H 194 26.65 16.50 -29.20
CA ARG H 194 26.51 17.56 -30.17
C ARG H 194 27.38 18.75 -29.76
N SER H 195 27.85 19.47 -30.77
CA SER H 195 28.80 20.55 -30.58
C SER H 195 28.07 21.87 -30.37
N GLU H 196 28.81 22.96 -30.37
CA GLU H 196 28.27 24.28 -30.09
C GLU H 196 27.55 24.84 -31.31
N ALA H 197 26.90 25.98 -31.09
CA ALA H 197 26.23 26.72 -32.15
C ALA H 197 27.19 27.75 -32.71
N VAL H 198 27.36 27.75 -34.04
CA VAL H 198 28.34 28.59 -34.70
C VAL H 198 27.79 29.04 -36.04
N ARG H 199 28.06 30.29 -36.39
CA ARG H 199 27.71 30.86 -37.68
C ARG H 199 28.93 30.84 -38.59
N MET H 200 28.79 31.44 -39.77
CA MET H 200 29.86 31.42 -40.76
C MET H 200 29.88 32.73 -41.53
N GLN I 19 24.96 62.44 -57.12
CA GLN I 19 25.14 61.68 -55.89
C GLN I 19 23.82 61.07 -55.40
N GLN I 20 22.90 60.83 -56.32
CA GLN I 20 21.64 60.17 -56.00
C GLN I 20 21.77 58.65 -56.03
N ILE I 21 22.98 58.12 -56.18
CA ILE I 21 23.18 56.69 -56.39
C ILE I 21 23.44 55.97 -55.09
N GLU I 22 24.26 56.53 -54.21
CA GLU I 22 24.54 55.88 -52.93
C GLU I 22 23.30 55.80 -52.07
N LEU I 23 22.40 56.77 -52.18
CA LEU I 23 21.14 56.72 -51.46
C LEU I 23 20.19 55.71 -52.08
N ASP I 24 20.22 55.57 -53.41
CA ASP I 24 19.39 54.56 -54.07
C ASP I 24 20.01 53.18 -53.95
N LYS I 25 21.35 53.11 -53.90
CA LYS I 25 22.02 51.85 -53.66
C LYS I 25 21.68 51.26 -52.30
N ALA I 26 21.37 52.12 -51.32
CA ALA I 26 20.95 51.70 -50.01
C ALA I 26 19.43 51.67 -49.88
N ALA I 27 18.73 52.60 -50.52
CA ALA I 27 17.28 52.65 -50.48
C ALA I 27 16.62 51.72 -51.49
N LEU I 28 17.37 50.77 -52.05
CA LEU I 28 16.76 49.76 -52.91
C LEU I 28 15.66 48.98 -52.18
N GLY I 29 15.97 48.32 -51.04
CA GLY I 29 17.21 48.27 -50.28
C GLY I 29 16.87 48.50 -48.82
N GLN I 30 15.87 49.37 -48.63
CA GLN I 30 15.13 49.48 -47.38
C GLN I 30 13.70 49.01 -47.55
N GLN I 31 13.14 49.18 -48.75
CA GLN I 31 12.00 48.37 -49.15
C GLN I 31 12.32 46.89 -49.06
N ARG I 32 13.57 46.53 -49.29
CA ARG I 32 13.94 45.14 -49.54
C ARG I 32 13.97 44.34 -48.24
N GLU I 33 14.83 44.75 -47.31
CA GLU I 33 15.00 44.00 -46.08
C GLU I 33 13.92 44.31 -45.05
N LEU I 34 13.15 45.38 -45.26
CA LEU I 34 11.95 45.58 -44.46
C LEU I 34 10.87 44.59 -44.88
N ALA I 35 10.48 44.65 -46.16
CA ALA I 35 9.46 43.75 -46.69
C ALA I 35 9.89 42.30 -46.55
N LEU I 36 11.19 42.05 -46.53
CA LEU I 36 11.71 40.76 -46.11
C LEU I 36 11.12 40.36 -44.76
N LYS I 37 11.40 41.16 -43.72
CA LYS I 37 10.90 40.87 -42.38
C LYS I 37 9.38 40.76 -42.37
N ARG I 38 8.71 41.66 -43.09
CA ARG I 38 7.27 41.56 -43.26
C ARG I 38 6.89 40.18 -43.79
N MET I 39 7.56 39.76 -44.87
CA MET I 39 7.29 38.44 -45.40
C MET I 39 7.72 37.36 -44.43
N LYS I 40 8.81 37.59 -43.70
CA LYS I 40 9.23 36.61 -42.70
C LYS I 40 8.20 36.52 -41.58
N LEU I 41 7.75 37.67 -41.08
CA LEU I 41 6.88 37.67 -39.92
C LEU I 41 5.52 37.07 -40.25
N ASP I 42 5.07 37.26 -41.49
CA ASP I 42 3.85 36.59 -41.93
C ASP I 42 4.03 35.08 -42.03
N HIS I 43 5.27 34.60 -42.07
CA HIS I 43 5.48 33.15 -41.97
C HIS I 43 5.22 32.66 -40.56
N GLN I 44 5.74 33.38 -39.56
CA GLN I 44 5.41 33.03 -38.19
C GLN I 44 3.98 33.38 -37.84
N ALA I 45 3.31 34.20 -38.64
CA ALA I 45 1.89 34.41 -38.43
C ALA I 45 1.10 33.13 -38.59
N LEU I 46 1.57 32.24 -39.48
CA LEU I 46 0.92 30.97 -39.74
C LEU I 46 1.72 29.78 -39.28
N ASN I 47 3.05 29.87 -39.28
CA ASN I 47 3.85 28.78 -38.75
C ASN I 47 3.59 28.60 -37.27
N ASN I 48 3.32 29.70 -36.57
CA ASN I 48 2.88 29.64 -35.19
C ASN I 48 1.44 29.18 -35.10
N GLN I 49 0.64 29.51 -36.11
CA GLN I 49 -0.77 29.14 -36.10
C GLN I 49 -0.95 27.63 -36.19
N VAL I 50 -0.18 26.97 -37.04
CA VAL I 50 -0.36 25.54 -37.23
C VAL I 50 -0.04 24.80 -35.95
N GLU I 51 1.08 25.12 -35.33
CA GLU I 51 1.37 24.54 -34.02
C GLU I 51 0.47 25.10 -32.93
N GLN I 52 -0.26 26.18 -33.21
CA GLN I 52 -1.38 26.59 -32.37
C GLN I 52 -2.65 25.82 -32.67
N PHE I 53 -2.62 24.95 -33.69
CA PHE I 53 -3.75 24.11 -34.10
C PHE I 53 -3.43 22.63 -33.98
N ASN I 54 -2.32 22.20 -34.58
CA ASN I 54 -1.90 20.81 -34.46
C ASN I 54 -1.70 20.41 -33.00
N LYS I 55 -1.39 21.39 -32.14
CA LYS I 55 -1.41 21.15 -30.70
C LYS I 55 -2.78 20.67 -30.23
N ILE I 56 -3.85 21.12 -30.87
CA ILE I 56 -5.20 20.80 -30.41
C ILE I 56 -5.42 19.30 -30.45
N LEU I 57 -5.07 18.68 -31.58
CA LEU I 57 -5.41 17.28 -31.80
C LEU I 57 -4.64 16.35 -30.87
N GLU I 58 -3.58 16.83 -30.24
CA GLU I 58 -2.96 16.10 -29.14
C GLU I 58 -3.74 16.31 -27.85
N GLN I 59 -3.90 17.58 -27.45
CA GLN I 59 -4.70 17.90 -26.29
C GLN I 59 -6.14 17.49 -26.44
N ARG I 60 -6.61 17.29 -27.68
CA ARG I 60 -7.91 16.71 -27.93
C ARG I 60 -8.07 15.38 -27.21
N VAL I 61 -6.97 14.66 -27.01
CA VAL I 61 -6.96 13.37 -26.33
C VAL I 61 -6.05 13.42 -25.11
N GLN I 62 -5.02 14.26 -25.16
CA GLN I 62 -3.95 14.16 -24.16
C GLN I 62 -4.29 14.91 -22.89
N GLY I 63 -4.94 16.06 -23.00
CA GLY I 63 -5.34 16.84 -21.86
C GLY I 63 -6.18 16.05 -20.88
N PRO I 64 -7.31 15.51 -21.36
CA PRO I 64 -8.14 14.65 -20.51
C PRO I 64 -7.38 13.50 -19.90
N ILE I 65 -6.49 12.87 -20.65
CA ILE I 65 -5.66 11.80 -20.12
C ILE I 65 -4.84 12.28 -18.94
N GLN I 66 -4.40 13.54 -18.99
CA GLN I 66 -3.56 14.07 -17.92
C GLN I 66 -4.40 14.58 -16.77
N SER I 67 -5.54 15.19 -17.07
CA SER I 67 -6.45 15.66 -16.03
C SER I 67 -6.90 14.50 -15.16
N VAL I 68 -7.24 13.37 -15.79
CA VAL I 68 -7.67 12.21 -15.03
C VAL I 68 -6.47 11.55 -14.36
N ARG I 69 -5.32 11.59 -15.01
CA ARG I 69 -4.09 11.15 -14.35
C ARG I 69 -3.72 12.07 -13.20
N LEU I 70 -4.24 13.30 -13.18
CA LEU I 70 -3.99 14.22 -12.09
C LEU I 70 -4.91 13.95 -10.93
N ALA I 71 -6.22 13.99 -11.18
CA ALA I 71 -7.18 13.91 -10.09
C ALA I 71 -7.13 12.58 -9.39
N ARG I 72 -6.76 11.52 -10.11
CA ARG I 72 -6.59 10.21 -9.48
C ARG I 72 -5.52 10.24 -8.41
N ALA I 73 -4.58 11.17 -8.49
CA ALA I 73 -3.56 11.29 -7.45
C ALA I 73 -4.18 11.62 -6.11
N ALA I 74 -5.07 12.61 -6.08
CA ALA I 74 -5.72 12.97 -4.84
C ALA I 74 -6.63 11.86 -4.34
N GLY I 75 -7.54 11.40 -5.20
CA GLY I 75 -8.49 10.36 -4.87
C GLY I 75 -9.92 10.72 -5.23
N PHE I 76 -10.10 11.78 -6.00
CA PHE I 76 -11.41 12.28 -6.35
C PHE I 76 -12.24 11.24 -7.08
N ARG I 77 -13.53 11.55 -7.24
CA ARG I 77 -14.30 11.01 -8.33
C ARG I 77 -13.66 11.40 -9.65
N VAL I 78 -14.15 10.77 -10.72
CA VAL I 78 -13.60 10.98 -12.05
C VAL I 78 -14.69 11.40 -13.02
N ASP I 79 -15.92 10.94 -12.78
CA ASP I 79 -17.06 11.34 -13.61
C ASP I 79 -16.81 10.96 -15.05
N PRO I 80 -16.90 9.67 -15.41
CA PRO I 80 -16.39 9.22 -16.71
C PRO I 80 -17.29 9.52 -17.90
N TYR I 81 -17.89 10.70 -17.93
CA TYR I 81 -18.66 11.23 -19.04
C TYR I 81 -18.25 12.64 -19.40
N SER I 82 -17.76 13.42 -18.43
CA SER I 82 -17.42 14.83 -18.60
C SER I 82 -15.94 15.06 -18.77
N TYR I 83 -15.10 14.03 -18.60
CA TYR I 83 -13.68 14.18 -18.85
C TYR I 83 -13.41 14.66 -20.27
N THR I 84 -14.15 14.14 -21.23
CA THR I 84 -13.99 14.55 -22.62
C THR I 84 -14.80 15.83 -22.84
N ASP I 85 -14.08 16.93 -23.02
CA ASP I 85 -14.70 18.22 -23.24
C ASP I 85 -15.52 18.25 -24.52
N GLN I 86 -14.84 18.19 -25.67
CA GLN I 86 -15.43 18.08 -26.99
C GLN I 86 -16.16 19.33 -27.46
N ASN I 87 -16.40 20.25 -26.53
CA ASN I 87 -17.09 21.52 -26.78
C ASN I 87 -16.06 22.64 -26.77
N PHE I 88 -15.46 22.88 -25.61
CA PHE I 88 -14.40 23.86 -25.53
C PHE I 88 -13.24 23.50 -26.43
N TYR I 89 -13.13 22.24 -26.84
CA TYR I 89 -12.23 21.89 -27.94
C TYR I 89 -12.96 21.99 -29.28
N ASP I 90 -13.67 23.10 -29.43
CA ASP I 90 -13.93 23.72 -30.71
C ASP I 90 -13.23 25.06 -30.78
N ASP I 91 -12.16 25.24 -30.02
CA ASP I 91 -11.26 26.38 -30.19
C ASP I 91 -10.60 26.37 -31.55
N GLN I 92 -10.63 25.25 -32.27
CA GLN I 92 -10.29 25.26 -33.68
C GLN I 92 -11.18 26.22 -34.45
N LEU I 93 -12.41 26.42 -33.99
CA LEU I 93 -13.41 27.13 -34.76
C LEU I 93 -12.99 28.57 -35.03
N ASN I 94 -12.23 29.18 -34.13
CA ASN I 94 -11.66 30.50 -34.41
C ASN I 94 -10.28 30.42 -35.03
N ALA I 95 -9.53 29.36 -34.73
CA ALA I 95 -8.26 29.10 -35.37
C ALA I 95 -8.42 28.23 -36.61
N ILE I 96 -9.33 28.66 -37.47
CA ILE I 96 -9.58 28.03 -38.76
C ILE I 96 -9.61 29.14 -39.79
N ARG I 97 -8.97 28.92 -40.94
CA ARG I 97 -8.40 30.05 -41.66
C ARG I 97 -9.42 30.82 -42.48
N LEU I 98 -9.88 30.22 -43.59
CA LEU I 98 -10.70 30.90 -44.60
C LEU I 98 -10.21 32.34 -44.84
N SER I 99 -8.98 32.45 -45.36
CA SER I 99 -8.28 33.73 -45.41
C SER I 99 -9.05 34.80 -46.17
N TYR I 100 -9.17 34.63 -47.49
CA TYR I 100 -10.05 35.44 -48.32
C TYR I 100 -9.80 36.95 -48.17
N ALA J 18 22.52 69.65 -51.96
CA ALA J 18 23.15 68.78 -50.96
C ALA J 18 22.26 68.68 -49.72
N GLN J 19 21.59 69.79 -49.38
CA GLN J 19 20.68 69.77 -48.24
C GLN J 19 19.46 68.90 -48.53
N GLN J 20 18.97 68.95 -49.77
CA GLN J 20 17.90 68.04 -50.19
C GLN J 20 18.26 66.59 -49.92
N ILE J 21 19.51 66.22 -50.15
CA ILE J 21 19.95 64.87 -49.83
C ILE J 21 20.14 64.73 -48.32
N GLU J 22 20.75 65.75 -47.70
CA GLU J 22 21.30 65.63 -46.35
C GLU J 22 20.25 65.19 -45.34
N LEU J 23 19.05 65.78 -45.40
CA LEU J 23 17.96 65.35 -44.54
C LEU J 23 17.36 64.03 -45.01
N ASP J 24 17.51 63.70 -46.30
CA ASP J 24 17.11 62.38 -46.78
C ASP J 24 18.16 61.31 -46.53
N LYS J 25 19.41 61.70 -46.25
CA LYS J 25 20.41 60.73 -45.83
C LYS J 25 19.97 60.03 -44.56
N ALA J 26 19.29 60.75 -43.67
CA ALA J 26 18.83 60.22 -42.40
C ALA J 26 17.33 59.92 -42.40
N ALA J 27 16.59 60.36 -43.41
CA ALA J 27 15.16 60.03 -43.48
C ALA J 27 14.95 58.53 -43.51
N LEU J 28 15.78 57.82 -44.27
CA LEU J 28 15.63 56.38 -44.40
C LEU J 28 15.95 55.69 -43.08
N GLY J 29 17.13 55.98 -42.51
CA GLY J 29 17.47 55.47 -41.20
C GLY J 29 16.46 55.89 -40.14
N GLN J 30 15.83 57.05 -40.31
CA GLN J 30 14.74 57.43 -39.42
C GLN J 30 13.51 56.57 -39.68
N GLN J 31 13.24 56.25 -40.94
CA GLN J 31 12.21 55.27 -41.25
C GLN J 31 12.62 53.88 -40.77
N ARG J 32 13.93 53.62 -40.73
CA ARG J 32 14.39 52.34 -40.19
C ARG J 32 14.09 52.23 -38.71
N GLU J 33 14.05 53.37 -38.00
CA GLU J 33 13.64 53.36 -36.60
C GLU J 33 12.14 53.07 -36.48
N LEU J 34 11.32 53.80 -37.25
CA LEU J 34 9.88 53.58 -37.22
C LEU J 34 9.55 52.16 -37.67
N ALA J 35 10.26 51.68 -38.68
CA ALA J 35 9.89 50.43 -39.33
C ALA J 35 9.96 49.26 -38.35
N LEU J 36 11.11 49.06 -37.72
CA LEU J 36 11.31 47.90 -36.86
C LEU J 36 10.32 47.88 -35.70
N LYS J 37 9.78 49.05 -35.33
CA LYS J 37 8.97 49.16 -34.13
C LYS J 37 7.51 48.80 -34.38
N ARG J 38 6.99 49.13 -35.55
CA ARG J 38 5.71 48.57 -35.96
C ARG J 38 5.86 47.14 -36.44
N MET J 39 7.09 46.72 -36.73
CA MET J 39 7.40 45.30 -36.84
C MET J 39 7.56 44.67 -35.46
N LYS J 40 7.96 45.47 -34.47
CA LYS J 40 8.08 44.97 -33.11
C LYS J 40 6.72 44.73 -32.49
N LEU J 41 5.85 45.73 -32.55
CA LEU J 41 4.51 45.60 -31.96
C LEU J 41 3.75 44.43 -32.57
N ASP J 42 3.83 44.28 -33.89
CA ASP J 42 3.23 43.12 -34.54
C ASP J 42 3.83 41.83 -33.99
N HIS J 43 5.12 41.86 -33.62
CA HIS J 43 5.73 40.73 -32.96
C HIS J 43 5.40 40.69 -31.47
N GLN J 44 5.18 41.86 -30.87
CA GLN J 44 4.88 41.90 -29.44
C GLN J 44 3.57 41.21 -29.12
N ALA J 45 2.64 41.18 -30.08
CA ALA J 45 1.32 40.60 -29.86
C ALA J 45 1.20 39.20 -30.45
N LEU J 46 1.91 38.94 -31.56
CA LEU J 46 1.80 37.66 -32.21
C LEU J 46 2.25 36.54 -31.29
N ASN J 47 3.41 36.70 -30.66
CA ASN J 47 3.80 35.79 -29.60
C ASN J 47 2.80 35.82 -28.46
N ASN J 48 2.35 37.02 -28.10
CA ASN J 48 1.45 37.18 -26.97
C ASN J 48 0.08 36.56 -27.24
N GLN J 49 -0.30 36.47 -28.50
CA GLN J 49 -1.49 35.71 -28.87
C GLN J 49 -1.40 34.29 -28.35
N VAL J 50 -0.21 33.70 -28.38
CA VAL J 50 -0.02 32.35 -27.88
C VAL J 50 0.11 32.34 -26.37
N GLU J 51 0.69 33.40 -25.80
CA GLU J 51 0.81 33.48 -24.35
C GLU J 51 -0.57 33.45 -23.70
N GLN J 52 -1.55 34.06 -24.35
CA GLN J 52 -2.93 33.93 -23.90
C GLN J 52 -3.42 32.50 -24.08
N PHE J 53 -2.99 31.86 -25.16
CA PHE J 53 -3.59 30.61 -25.60
C PHE J 53 -2.90 29.38 -25.03
N ASN J 54 -1.58 29.40 -24.87
CA ASN J 54 -0.90 28.22 -24.39
C ASN J 54 -1.02 28.01 -22.89
N LYS J 55 -1.87 28.79 -22.21
CA LYS J 55 -2.21 28.52 -20.81
C LYS J 55 -3.71 28.52 -20.54
N ILE J 56 -4.53 29.10 -21.41
CA ILE J 56 -5.97 28.89 -21.28
C ILE J 56 -6.30 27.43 -21.48
N LEU J 57 -5.51 26.74 -22.31
CA LEU J 57 -5.73 25.32 -22.51
C LEU J 57 -5.34 24.53 -21.29
N GLU J 58 -4.33 25.00 -20.56
CA GLU J 58 -3.91 24.33 -19.34
C GLU J 58 -5.02 24.32 -18.31
N GLN J 59 -5.86 25.36 -18.29
CA GLN J 59 -6.94 25.42 -17.32
C GLN J 59 -7.91 24.27 -17.51
N ARG J 60 -8.08 23.81 -18.74
CA ARG J 60 -8.89 22.62 -18.97
C ARG J 60 -8.23 21.37 -18.41
N VAL J 61 -6.90 21.38 -18.27
CA VAL J 61 -6.24 20.25 -17.63
C VAL J 61 -6.53 20.26 -16.14
N GLN J 62 -6.51 21.44 -15.53
CA GLN J 62 -6.92 21.62 -14.14
C GLN J 62 -8.37 22.07 -14.07
N GLY J 63 -9.23 21.34 -14.76
CA GLY J 63 -10.66 21.49 -14.63
C GLY J 63 -11.14 21.26 -13.21
N PRO J 64 -10.91 20.07 -12.66
CA PRO J 64 -11.50 19.75 -11.36
C PRO J 64 -10.92 20.54 -10.20
N ILE J 65 -9.60 20.51 -10.05
CA ILE J 65 -8.99 21.07 -8.85
C ILE J 65 -9.17 22.59 -8.82
N GLN J 66 -9.19 23.22 -9.99
CA GLN J 66 -9.44 24.65 -10.03
C GLN J 66 -10.88 24.97 -9.61
N SER J 67 -11.76 23.97 -9.59
CA SER J 67 -13.08 24.12 -9.02
C SER J 67 -13.14 23.67 -7.58
N VAL J 68 -12.26 22.76 -7.17
CA VAL J 68 -12.31 22.17 -5.84
C VAL J 68 -11.33 22.85 -4.90
N ARG J 69 -10.19 23.28 -5.41
CA ARG J 69 -9.37 24.23 -4.66
C ARG J 69 -10.05 25.59 -4.54
N LEU J 70 -11.09 25.82 -5.35
CA LEU J 70 -11.87 27.05 -5.29
C LEU J 70 -12.92 27.01 -4.21
N ALA J 71 -13.88 26.08 -4.34
CA ALA J 71 -15.02 26.04 -3.43
C ALA J 71 -14.57 25.79 -2.00
N ARG J 72 -13.51 25.01 -1.82
CA ARG J 72 -12.92 24.83 -0.51
C ARG J 72 -12.35 26.13 0.04
N ALA J 73 -12.09 27.12 -0.82
CA ALA J 73 -11.54 28.39 -0.38
C ALA J 73 -12.63 29.38 -0.01
N ALA J 74 -13.77 29.32 -0.68
CA ALA J 74 -14.90 30.19 -0.36
C ALA J 74 -16.17 29.36 -0.45
N GLY J 75 -16.54 28.68 0.64
CA GLY J 75 -15.66 28.27 1.73
C GLY J 75 -16.08 26.87 2.09
N PHE J 76 -16.61 26.18 1.09
CA PHE J 76 -17.56 25.10 1.30
C PHE J 76 -16.87 23.87 1.87
N ARG J 77 -17.68 22.83 2.05
CA ARG J 77 -17.32 21.62 2.77
C ARG J 77 -17.11 20.45 1.80
N VAL J 78 -16.62 20.78 0.60
CA VAL J 78 -16.79 19.88 -0.54
C VAL J 78 -16.00 18.60 -0.34
N ASP J 79 -16.61 17.48 -0.74
CA ASP J 79 -16.12 16.15 -0.44
C ASP J 79 -16.24 15.31 -1.71
N PRO J 80 -15.36 15.55 -2.69
CA PRO J 80 -15.41 14.79 -3.92
C PRO J 80 -14.77 13.42 -3.80
N TYR J 81 -13.99 13.19 -2.76
CA TYR J 81 -13.18 11.99 -2.65
C TYR J 81 -14.01 10.72 -2.64
N SER J 82 -15.29 10.81 -2.31
CA SER J 82 -16.11 9.63 -2.17
C SER J 82 -16.45 9.05 -3.54
N TYR J 83 -16.01 7.82 -3.79
CA TYR J 83 -16.52 7.05 -4.89
C TYR J 83 -16.56 5.59 -4.48
N THR J 84 -17.35 4.82 -5.20
CA THR J 84 -17.67 3.45 -4.85
C THR J 84 -17.36 2.46 -5.96
N ASP J 85 -17.62 2.83 -7.20
CA ASP J 85 -17.49 1.90 -8.31
C ASP J 85 -16.07 1.86 -8.83
N GLN J 86 -15.55 0.66 -9.03
CA GLN J 86 -14.28 0.50 -9.73
C GLN J 86 -14.58 0.67 -11.21
N ASN J 87 -14.50 1.91 -11.68
CA ASN J 87 -14.43 2.19 -13.11
C ASN J 87 -13.15 2.99 -13.29
N PHE J 88 -12.03 2.29 -13.18
CA PHE J 88 -10.73 2.83 -13.53
C PHE J 88 -9.76 1.81 -14.12
N TYR J 89 -10.04 0.52 -13.98
CA TYR J 89 -9.29 -0.65 -14.43
C TYR J 89 -8.05 -0.92 -13.58
N ASP J 90 -7.61 0.01 -12.74
CA ASP J 90 -6.61 -0.29 -11.72
C ASP J 90 -7.25 -0.66 -10.42
N ASP J 91 -8.44 -0.14 -10.15
CA ASP J 91 -9.10 -0.42 -8.89
C ASP J 91 -9.55 -1.88 -8.83
N GLN J 92 -10.24 -2.36 -9.87
CA GLN J 92 -10.63 -3.77 -9.83
C GLN J 92 -9.41 -4.66 -9.92
N LEU J 93 -8.43 -4.27 -10.74
CA LEU J 93 -7.23 -5.08 -10.88
C LEU J 93 -6.50 -5.20 -9.57
N ASN J 94 -6.59 -4.18 -8.72
CA ASN J 94 -6.16 -4.36 -7.34
C ASN J 94 -7.08 -5.33 -6.62
N ALA J 95 -8.39 -5.26 -6.91
CA ALA J 95 -9.34 -6.14 -6.25
C ALA J 95 -9.16 -7.59 -6.68
N ILE J 96 -8.76 -7.82 -7.93
CA ILE J 96 -8.37 -9.16 -8.35
C ILE J 96 -7.34 -9.72 -7.39
N ARG J 97 -6.25 -8.99 -7.25
CA ARG J 97 -5.13 -9.44 -6.45
C ARG J 97 -5.51 -9.46 -4.97
N LEU J 98 -6.31 -8.48 -4.56
CA LEU J 98 -6.69 -8.37 -3.17
C LEU J 98 -7.52 -9.58 -2.75
N SER J 99 -8.49 -9.97 -3.57
CA SER J 99 -9.28 -11.16 -3.28
C SER J 99 -8.48 -12.43 -3.49
N TYR J 100 -7.40 -12.37 -4.27
CA TYR J 100 -6.60 -13.55 -4.54
C TYR J 100 -5.66 -13.88 -3.39
N ARG J 101 -5.30 -12.89 -2.58
CA ARG J 101 -4.37 -13.08 -1.49
C ARG J 101 -5.07 -13.49 -0.21
N ASN J 102 -6.19 -12.83 0.10
CA ASN J 102 -6.99 -13.20 1.26
C ASN J 102 -7.49 -14.62 1.15
N LEU J 103 -7.55 -15.16 -0.05
CA LEU J 103 -8.02 -16.51 -0.29
C LEU J 103 -7.03 -17.54 0.23
N PHE J 104 -5.79 -17.48 -0.25
CA PHE J 104 -4.74 -18.39 0.23
C PHE J 104 -4.33 -18.03 1.65
N LYS J 105 -3.81 -16.83 1.84
CA LYS J 105 -3.42 -16.38 3.16
C LYS J 105 -4.63 -16.34 4.07
N ASN J 106 -4.55 -17.03 5.19
CA ASN J 106 -5.59 -17.00 6.20
C ASN J 106 -5.85 -15.57 6.67
N GLN K 19 14.47 78.58 -48.36
CA GLN K 19 14.82 78.03 -47.06
C GLN K 19 14.04 76.75 -46.77
N GLN K 20 14.46 75.65 -47.38
CA GLN K 20 13.91 74.34 -47.09
C GLN K 20 14.72 73.61 -46.01
N ILE K 21 15.44 74.36 -45.18
CA ILE K 21 16.30 73.76 -44.18
C ILE K 21 15.49 73.36 -42.96
N GLU K 22 14.86 74.34 -42.32
CA GLU K 22 14.24 74.12 -41.02
C GLU K 22 12.99 73.26 -41.13
N LEU K 23 12.18 73.48 -42.16
CA LEU K 23 10.89 72.81 -42.25
C LEU K 23 11.06 71.36 -42.69
N ASP K 24 11.92 71.11 -43.68
CA ASP K 24 12.19 69.74 -44.09
C ASP K 24 12.81 68.96 -42.94
N LYS K 25 13.62 69.63 -42.12
CA LYS K 25 14.23 68.97 -40.97
C LYS K 25 13.22 68.86 -39.83
N ALA K 26 12.47 69.94 -39.57
CA ALA K 26 11.53 69.92 -38.46
C ALA K 26 10.34 69.03 -38.75
N ALA K 27 9.89 68.97 -40.01
CA ALA K 27 8.73 68.20 -40.37
C ALA K 27 9.04 66.75 -40.70
N LEU K 28 10.30 66.32 -40.52
CA LEU K 28 10.66 64.94 -40.84
C LEU K 28 10.00 63.94 -39.88
N GLY K 29 10.22 64.05 -38.57
CA GLY K 29 10.93 65.07 -37.80
C GLY K 29 9.94 65.68 -36.84
N GLN K 30 8.75 65.98 -37.39
CA GLN K 30 7.55 66.23 -36.60
C GLN K 30 6.54 65.12 -36.73
N GLN K 31 6.54 64.44 -37.88
CA GLN K 31 5.89 63.14 -37.98
C GLN K 31 6.52 62.15 -37.02
N ARG K 32 7.83 62.28 -36.80
CA ARG K 32 8.55 61.34 -35.95
C ARG K 32 7.99 61.36 -34.54
N GLU K 33 8.14 62.49 -33.86
CA GLU K 33 7.60 62.66 -32.52
C GLU K 33 6.09 62.43 -32.48
N LEU K 34 5.39 62.81 -33.54
CA LEU K 34 3.94 62.67 -33.57
C LEU K 34 3.52 61.23 -33.84
N ALA K 35 3.95 60.67 -34.96
CA ALA K 35 3.64 59.28 -35.27
C ALA K 35 4.32 58.30 -34.33
N LEU K 36 5.22 58.76 -33.46
CA LEU K 36 5.66 57.92 -32.36
C LEU K 36 4.49 57.61 -31.44
N LYS K 37 3.75 58.66 -31.07
CA LYS K 37 2.55 58.48 -30.24
C LYS K 37 1.58 57.50 -30.88
N ARG K 38 1.45 57.54 -32.20
CA ARG K 38 0.68 56.54 -32.91
C ARG K 38 1.23 55.15 -32.63
N MET K 39 2.56 55.01 -32.65
CA MET K 39 3.17 53.73 -32.30
C MET K 39 3.02 53.46 -30.80
N LYS K 40 3.25 54.49 -29.97
CA LYS K 40 3.22 54.29 -28.53
C LYS K 40 1.80 54.01 -28.06
N LEU K 41 0.83 54.78 -28.55
CA LEU K 41 -0.54 54.61 -28.10
C LEU K 41 -1.07 53.24 -28.44
N ASP K 42 -0.64 52.67 -29.55
CA ASP K 42 -1.06 51.33 -29.89
C ASP K 42 -0.47 50.30 -28.94
N HIS K 43 0.66 50.61 -28.30
CA HIS K 43 1.22 49.70 -27.32
C HIS K 43 0.25 49.50 -26.16
N GLN K 44 -0.27 50.60 -25.61
CA GLN K 44 -1.33 50.48 -24.62
C GLN K 44 -2.55 49.82 -25.22
N ALA K 45 -2.85 50.09 -26.49
CA ALA K 45 -4.06 49.57 -27.11
C ALA K 45 -4.08 48.05 -27.15
N LEU K 46 -2.95 47.39 -26.93
CA LEU K 46 -2.89 45.95 -26.72
C LEU K 46 -2.34 45.58 -25.36
N ASN K 47 -1.42 46.38 -24.81
CA ASN K 47 -0.97 46.12 -23.45
C ASN K 47 -2.11 46.23 -22.47
N ASN K 48 -3.02 47.17 -22.72
CA ASN K 48 -4.21 47.30 -21.90
C ASN K 48 -5.05 46.02 -21.98
N GLN K 49 -5.10 45.41 -23.16
CA GLN K 49 -5.87 44.18 -23.34
C GLN K 49 -5.36 43.06 -22.45
N VAL K 50 -4.05 43.00 -22.21
CA VAL K 50 -3.47 41.82 -21.60
C VAL K 50 -3.80 41.78 -20.12
N GLU K 51 -3.46 42.84 -19.39
CA GLU K 51 -3.91 42.97 -18.03
C GLU K 51 -5.43 42.93 -17.94
N GLN K 52 -6.10 43.47 -18.95
CA GLN K 52 -7.55 43.33 -19.04
C GLN K 52 -7.93 41.87 -19.26
N PHE K 53 -7.17 41.15 -20.06
CA PHE K 53 -7.39 39.72 -20.20
C PHE K 53 -7.07 39.00 -18.91
N ASN K 54 -5.82 39.16 -18.45
CA ASN K 54 -5.36 38.58 -17.20
C ASN K 54 -6.29 38.90 -16.03
N LYS K 55 -6.95 40.06 -16.08
CA LYS K 55 -7.96 40.38 -15.09
C LYS K 55 -9.00 39.27 -14.96
N ILE K 56 -9.39 38.69 -16.10
CA ILE K 56 -10.40 37.64 -16.09
C ILE K 56 -9.94 36.49 -15.20
N LEU K 57 -8.84 35.86 -15.59
CA LEU K 57 -8.28 34.77 -14.82
C LEU K 57 -7.90 35.22 -13.41
N GLU K 58 -7.57 36.50 -13.26
CA GLU K 58 -7.37 37.03 -11.93
C GLU K 58 -8.69 37.11 -11.17
N GLN K 59 -9.82 37.33 -11.86
CA GLN K 59 -11.05 37.37 -11.10
C GLN K 59 -11.51 35.95 -10.82
N ARG K 60 -12.22 35.29 -11.76
CA ARG K 60 -12.27 33.84 -12.02
C ARG K 60 -12.20 32.86 -10.83
N VAL K 61 -11.64 33.28 -9.70
CA VAL K 61 -11.85 32.69 -8.39
C VAL K 61 -12.22 33.83 -7.46
N GLN K 62 -11.49 34.94 -7.57
CA GLN K 62 -11.62 36.12 -6.72
C GLN K 62 -12.86 36.96 -7.06
N GLY K 63 -13.77 36.41 -7.85
CA GLY K 63 -15.09 36.93 -8.03
C GLY K 63 -15.98 36.22 -7.03
N PRO K 64 -16.46 35.02 -7.41
CA PRO K 64 -17.27 34.19 -6.51
C PRO K 64 -16.87 34.21 -5.04
N ILE K 65 -15.56 34.15 -4.79
CA ILE K 65 -15.04 34.27 -3.43
C ILE K 65 -15.52 35.57 -2.81
N GLN K 66 -15.19 36.69 -3.46
CA GLN K 66 -15.65 37.98 -2.97
C GLN K 66 -17.17 38.04 -2.95
N SER K 67 -17.81 37.48 -3.98
CA SER K 67 -19.25 37.55 -4.07
C SER K 67 -19.90 36.79 -2.93
N VAL K 68 -19.38 35.61 -2.63
CA VAL K 68 -19.93 34.82 -1.53
C VAL K 68 -19.64 35.51 -0.20
N ARG K 69 -18.39 35.90 0.00
CA ARG K 69 -18.03 36.57 1.24
C ARG K 69 -18.76 37.90 1.36
N LEU K 70 -19.10 38.53 0.24
CA LEU K 70 -19.98 39.68 0.27
C LEU K 70 -21.36 39.29 0.78
N ALA K 71 -21.97 38.30 0.12
CA ALA K 71 -23.32 37.90 0.49
C ALA K 71 -23.37 37.36 1.90
N ARG K 72 -22.43 36.50 2.26
CA ARG K 72 -22.48 35.85 3.56
C ARG K 72 -22.25 36.83 4.70
N ALA K 73 -21.65 37.99 4.43
CA ALA K 73 -21.53 39.00 5.47
C ALA K 73 -22.90 39.47 5.94
N ALA K 74 -23.89 39.45 5.07
CA ALA K 74 -25.25 39.81 5.42
C ALA K 74 -26.09 38.63 5.86
N GLY K 75 -25.74 37.42 5.42
CA GLY K 75 -26.43 36.23 5.85
C GLY K 75 -27.54 35.78 4.93
N PHE K 76 -27.24 35.65 3.65
CA PHE K 76 -28.16 35.06 2.69
C PHE K 76 -27.97 33.55 2.63
N ARG K 77 -28.96 32.90 2.04
CA ARG K 77 -28.72 31.62 1.41
C ARG K 77 -27.70 31.81 0.31
N VAL K 78 -26.89 30.79 0.06
CA VAL K 78 -25.70 30.97 -0.74
C VAL K 78 -25.87 30.53 -2.18
N ASP K 79 -26.78 29.59 -2.45
CA ASP K 79 -26.95 29.02 -3.78
C ASP K 79 -25.64 28.39 -4.21
N PRO K 80 -25.25 27.25 -3.64
CA PRO K 80 -23.87 26.78 -3.78
C PRO K 80 -23.59 26.02 -5.08
N TYR K 81 -24.11 26.53 -6.19
CA TYR K 81 -23.72 26.20 -7.55
C TYR K 81 -23.46 27.44 -8.37
N SER K 82 -24.27 28.48 -8.16
CA SER K 82 -24.20 29.69 -8.95
C SER K 82 -23.18 30.68 -8.42
N TYR K 83 -22.52 30.37 -7.30
CA TYR K 83 -21.37 31.19 -6.89
C TYR K 83 -20.35 31.25 -8.02
N THR K 84 -20.12 30.12 -8.67
CA THR K 84 -19.25 30.04 -9.83
C THR K 84 -20.11 29.98 -11.08
N ASP K 85 -19.71 30.73 -12.09
CA ASP K 85 -20.54 31.02 -13.24
C ASP K 85 -19.98 30.40 -14.51
N GLN K 86 -18.73 30.74 -14.86
CA GLN K 86 -17.94 30.04 -15.86
C GLN K 86 -18.38 30.30 -17.30
N ASN K 87 -19.55 30.93 -17.44
CA ASN K 87 -20.15 31.29 -18.71
C ASN K 87 -19.92 32.78 -18.94
N PHE K 88 -20.36 33.61 -17.99
CA PHE K 88 -20.08 35.04 -18.11
C PHE K 88 -18.59 35.27 -18.23
N TYR K 89 -17.77 34.37 -17.67
CA TYR K 89 -16.32 34.43 -17.87
C TYR K 89 -15.93 33.61 -19.09
N ASP K 90 -16.70 33.83 -20.17
CA ASP K 90 -16.25 33.66 -21.53
C ASP K 90 -16.17 35.02 -22.23
N ASP K 91 -16.16 36.11 -21.45
CA ASP K 91 -15.83 37.43 -21.96
C ASP K 91 -14.38 37.54 -22.42
N GLN K 92 -13.58 36.50 -22.18
CA GLN K 92 -12.35 36.32 -22.94
C GLN K 92 -12.62 36.30 -24.44
N LEU K 93 -13.81 35.83 -24.84
CA LEU K 93 -14.05 35.49 -26.23
C LEU K 93 -13.96 36.73 -27.13
N ASN K 94 -14.36 37.90 -26.64
CA ASN K 94 -14.12 39.13 -27.36
C ASN K 94 -12.80 39.78 -27.00
N ALA K 95 -12.23 39.43 -25.86
CA ALA K 95 -10.88 39.86 -25.48
C ALA K 95 -9.85 38.84 -25.91
N ILE K 96 -9.92 38.45 -27.17
CA ILE K 96 -8.97 37.53 -27.78
C ILE K 96 -8.61 38.09 -29.15
N ARG K 97 -7.39 37.81 -29.58
CA ARG K 97 -6.72 38.67 -30.54
C ARG K 97 -7.21 38.47 -31.98
N LEU K 98 -6.90 37.31 -32.56
CA LEU K 98 -7.01 37.11 -34.00
C LEU K 98 -6.52 38.34 -34.76
N SER K 99 -5.27 38.73 -34.47
CA SER K 99 -4.75 40.03 -34.91
C SER K 99 -4.87 40.21 -36.42
N TYR K 100 -4.19 39.36 -37.18
CA TYR K 100 -4.35 39.30 -38.62
C TYR K 100 -4.10 40.64 -39.31
N ALA L 18 6.97 85.58 -49.21
CA ALA L 18 7.41 84.47 -48.37
C ALA L 18 6.29 83.44 -48.20
N GLN L 19 5.52 83.25 -49.28
CA GLN L 19 4.37 82.36 -49.21
C GLN L 19 4.80 80.92 -48.98
N GLN L 20 5.78 80.43 -49.75
CA GLN L 20 6.27 79.07 -49.62
C GLN L 20 7.25 78.88 -48.46
N ILE L 21 7.33 79.84 -47.53
CA ILE L 21 7.99 79.64 -46.25
C ILE L 21 7.11 80.02 -45.08
N GLU L 22 6.08 80.86 -45.27
CA GLU L 22 5.20 81.30 -44.21
C GLU L 22 4.00 80.39 -44.05
N LEU L 23 3.25 80.16 -45.13
CA LEU L 23 2.02 79.37 -45.08
C LEU L 23 2.25 77.88 -45.25
N ASP L 24 3.51 77.43 -45.13
CA ASP L 24 3.82 76.01 -45.06
C ASP L 24 3.96 75.51 -43.63
N LYS L 25 4.37 76.39 -42.71
CA LYS L 25 4.55 76.03 -41.32
C LYS L 25 3.31 76.26 -40.48
N ALA L 26 2.52 77.28 -40.82
CA ALA L 26 1.28 77.51 -40.10
C ALA L 26 0.32 76.33 -40.28
N ALA L 27 0.30 75.75 -41.48
CA ALA L 27 -0.51 74.56 -41.71
C ALA L 27 -0.01 73.39 -40.87
N LEU L 28 1.31 73.32 -40.67
CA LEU L 28 1.88 72.23 -39.88
C LEU L 28 1.33 72.23 -38.47
N GLY L 29 1.06 73.41 -37.90
CA GLY L 29 0.40 73.47 -36.61
C GLY L 29 -0.98 72.84 -36.66
N GLN L 30 -1.74 73.14 -37.71
CA GLN L 30 -3.04 72.53 -37.89
C GLN L 30 -2.90 71.03 -38.17
N GLN L 31 -1.97 70.68 -39.06
CA GLN L 31 -1.71 69.27 -39.33
C GLN L 31 -1.22 68.57 -38.06
N ARG L 32 -0.50 69.29 -37.21
CA ARG L 32 -0.12 68.74 -35.91
C ARG L 32 -1.33 68.59 -35.00
N GLU L 33 -1.99 69.71 -34.70
CA GLU L 33 -3.03 69.71 -33.68
C GLU L 33 -4.19 68.79 -34.04
N LEU L 34 -4.60 68.81 -35.31
CA LEU L 34 -5.79 68.06 -35.70
C LEU L 34 -5.59 66.57 -35.54
N ALA L 35 -4.35 66.09 -35.67
CA ALA L 35 -4.08 64.70 -35.35
C ALA L 35 -4.17 64.47 -33.85
N LEU L 36 -3.52 65.32 -33.06
CA LEU L 36 -3.48 65.16 -31.62
C LEU L 36 -4.88 65.25 -31.02
N LYS L 37 -5.80 65.96 -31.68
CA LYS L 37 -7.21 65.83 -31.36
C LYS L 37 -7.63 64.38 -31.45
N ARG L 38 -7.36 63.75 -32.59
CA ARG L 38 -7.75 62.36 -32.78
C ARG L 38 -6.99 61.44 -31.83
N MET L 39 -5.76 61.80 -31.47
CA MET L 39 -5.00 60.98 -30.55
C MET L 39 -5.69 60.91 -29.20
N LYS L 40 -6.34 62.01 -28.80
CA LYS L 40 -7.17 61.98 -27.61
C LYS L 40 -8.38 61.06 -27.83
N LEU L 41 -9.11 61.29 -28.92
CA LEU L 41 -10.30 60.49 -29.20
C LEU L 41 -9.94 59.03 -29.39
N ASP L 42 -8.76 58.77 -29.95
CA ASP L 42 -8.23 57.42 -29.96
C ASP L 42 -7.87 56.98 -28.55
N HIS L 43 -7.22 57.87 -27.79
CA HIS L 43 -6.96 57.61 -26.38
C HIS L 43 -8.25 57.55 -25.60
N GLN L 44 -9.29 58.22 -26.07
CA GLN L 44 -10.53 58.32 -25.30
C GLN L 44 -11.26 56.99 -25.28
N ALA L 45 -11.41 56.36 -26.45
CA ALA L 45 -12.02 55.05 -26.50
C ALA L 45 -11.28 54.05 -25.64
N LEU L 46 -9.95 54.18 -25.55
CA LEU L 46 -9.14 53.22 -24.82
C LEU L 46 -9.53 53.22 -23.34
N ASN L 47 -9.35 54.36 -22.67
CA ASN L 47 -9.68 54.42 -21.26
C ASN L 47 -11.19 54.45 -21.02
N ASN L 48 -11.98 54.80 -22.03
CA ASN L 48 -13.43 54.69 -21.88
C ASN L 48 -13.87 53.24 -21.98
N GLN L 49 -13.15 52.43 -22.75
CA GLN L 49 -13.46 51.01 -22.84
C GLN L 49 -13.28 50.35 -21.49
N VAL L 50 -12.18 50.67 -20.80
CA VAL L 50 -11.93 50.10 -19.48
C VAL L 50 -13.03 50.51 -18.51
N GLU L 51 -13.36 51.79 -18.49
CA GLU L 51 -14.49 52.25 -17.71
C GLU L 51 -15.77 51.55 -18.16
N GLN L 52 -15.87 51.28 -19.46
CA GLN L 52 -17.01 50.53 -19.98
C GLN L 52 -16.85 49.03 -19.80
N PHE L 53 -15.72 48.56 -19.28
CA PHE L 53 -15.43 47.13 -19.15
C PHE L 53 -15.44 46.65 -17.71
N ASN L 54 -14.89 47.42 -16.79
CA ASN L 54 -14.81 46.96 -15.41
C ASN L 54 -16.09 47.24 -14.64
N LYS L 55 -16.89 48.23 -15.04
CA LYS L 55 -18.09 48.53 -14.30
C LYS L 55 -19.19 47.50 -14.53
N ILE L 56 -19.10 46.73 -15.61
CA ILE L 56 -19.98 45.58 -15.80
C ILE L 56 -19.37 44.36 -15.13
N LEU L 57 -18.05 44.30 -15.04
CA LEU L 57 -17.39 43.18 -14.41
C LEU L 57 -17.84 43.02 -12.96
N GLU L 58 -17.93 44.12 -12.23
CA GLU L 58 -18.34 44.07 -10.83
C GLU L 58 -19.76 43.57 -10.67
N GLN L 59 -20.62 43.82 -11.66
CA GLN L 59 -22.05 43.54 -11.54
C GLN L 59 -22.32 42.07 -11.24
N ARG L 60 -21.43 41.18 -11.67
CA ARG L 60 -21.53 39.80 -11.22
C ARG L 60 -21.34 39.72 -9.72
N VAL L 61 -20.36 40.44 -9.18
CA VAL L 61 -20.07 40.36 -7.76
C VAL L 61 -21.20 40.98 -6.97
N GLN L 62 -21.81 42.03 -7.51
CA GLN L 62 -23.09 42.54 -7.03
C GLN L 62 -24.23 41.91 -7.82
N GLY L 63 -24.21 40.58 -7.89
CA GLY L 63 -25.31 39.84 -8.40
C GLY L 63 -26.42 39.68 -7.38
N PRO L 64 -26.13 38.98 -6.27
CA PRO L 64 -27.20 38.59 -5.36
C PRO L 64 -27.87 39.76 -4.65
N ILE L 65 -27.07 40.61 -3.99
CA ILE L 65 -27.65 41.70 -3.23
C ILE L 65 -28.38 42.68 -4.15
N GLN L 66 -27.91 42.78 -5.40
CA GLN L 66 -28.58 43.64 -6.37
C GLN L 66 -29.99 43.15 -6.62
N SER L 67 -30.14 41.87 -6.95
CA SER L 67 -31.47 41.31 -7.20
C SER L 67 -32.38 41.48 -6.00
N VAL L 68 -31.87 41.19 -4.82
CA VAL L 68 -32.62 41.44 -3.59
C VAL L 68 -32.93 42.93 -3.48
N ARG L 69 -31.90 43.76 -3.50
CA ARG L 69 -32.09 45.20 -3.40
C ARG L 69 -32.88 45.76 -4.58
N LEU L 70 -32.95 45.02 -5.68
CA LEU L 70 -33.85 45.36 -6.78
C LEU L 70 -35.28 45.00 -6.44
N ALA L 71 -35.52 43.72 -6.13
CA ALA L 71 -36.87 43.25 -5.88
C ALA L 71 -37.50 43.96 -4.69
N ARG L 72 -36.72 44.22 -3.66
CA ARG L 72 -37.25 44.85 -2.47
C ARG L 72 -37.68 46.29 -2.74
N ALA L 73 -37.03 46.95 -3.69
CA ALA L 73 -37.47 48.29 -4.06
C ALA L 73 -38.83 48.24 -4.73
N ALA L 74 -39.08 47.18 -5.48
CA ALA L 74 -40.42 46.92 -5.98
C ALA L 74 -41.27 46.33 -4.88
N GLY L 75 -42.57 46.39 -5.07
CA GLY L 75 -43.49 45.88 -4.06
C GLY L 75 -43.52 44.37 -3.95
N PHE L 76 -42.38 43.78 -3.64
CA PHE L 76 -42.25 42.34 -3.46
C PHE L 76 -41.84 42.01 -2.03
N ARG L 77 -42.06 40.76 -1.69
CA ARG L 77 -41.58 40.17 -0.44
C ARG L 77 -40.69 39.00 -0.80
N VAL L 78 -39.55 38.92 -0.15
CA VAL L 78 -38.50 37.97 -0.50
C VAL L 78 -37.84 37.45 0.78
N ASP L 79 -37.61 36.14 0.82
CA ASP L 79 -37.03 35.47 1.98
C ASP L 79 -35.81 34.67 1.53
N PRO L 80 -34.70 35.35 1.25
CA PRO L 80 -33.47 34.63 0.88
C PRO L 80 -32.73 34.06 2.06
N TYR L 81 -32.91 34.65 3.24
CA TYR L 81 -32.17 34.24 4.44
C TYR L 81 -32.40 32.79 4.81
N SER L 82 -33.53 32.21 4.43
CA SER L 82 -33.93 30.92 4.96
C SER L 82 -33.09 29.82 4.33
N TYR L 83 -31.91 29.60 4.90
CA TYR L 83 -31.12 28.42 4.64
C TYR L 83 -31.07 27.57 5.90
N THR L 84 -31.04 26.25 5.70
CA THR L 84 -31.19 25.29 6.79
C THR L 84 -29.98 24.41 7.01
N ASP L 85 -29.22 24.11 5.96
CA ASP L 85 -28.08 23.23 6.09
C ASP L 85 -26.84 24.01 6.50
N GLN L 86 -25.85 23.29 7.02
CA GLN L 86 -24.48 23.79 7.09
C GLN L 86 -23.71 23.21 5.92
N ASN L 87 -23.32 24.09 5.00
CA ASN L 87 -22.65 23.71 3.77
C ASN L 87 -21.36 24.51 3.61
N PHE L 88 -21.31 25.70 4.22
CA PHE L 88 -20.19 26.61 4.06
C PHE L 88 -18.96 26.22 4.88
N TYR L 89 -19.06 25.24 5.76
CA TYR L 89 -18.01 24.72 6.64
C TYR L 89 -17.75 25.64 7.84
N ASP L 90 -18.28 26.86 7.86
CA ASP L 90 -18.26 27.67 9.06
C ASP L 90 -19.42 27.29 9.97
N ASP L 91 -20.62 27.20 9.40
CA ASP L 91 -21.78 26.76 10.15
C ASP L 91 -21.56 25.37 10.73
N GLN L 92 -20.86 24.52 9.99
CA GLN L 92 -20.47 23.23 10.53
C GLN L 92 -19.62 23.41 11.78
N LEU L 93 -18.65 24.32 11.70
CA LEU L 93 -17.61 24.35 12.70
C LEU L 93 -18.14 24.90 14.02
N ASN L 94 -19.04 25.88 13.94
CA ASN L 94 -19.66 26.37 15.17
C ASN L 94 -20.48 25.27 15.82
N ALA L 95 -21.09 24.42 15.01
CA ALA L 95 -21.96 23.38 15.56
C ALA L 95 -21.15 22.36 16.33
N ILE L 96 -19.91 22.12 15.91
CA ILE L 96 -18.98 21.32 16.71
C ILE L 96 -18.81 21.93 18.08
N ARG L 97 -18.26 23.14 18.12
CA ARG L 97 -17.88 23.75 19.38
C ARG L 97 -19.10 24.03 20.22
N LEU L 98 -20.15 24.54 19.61
CA LEU L 98 -21.37 24.85 20.33
C LEU L 98 -21.98 23.60 20.94
N SER L 99 -21.81 22.46 20.30
CA SER L 99 -22.25 21.21 20.91
C SER L 99 -21.30 20.81 22.03
N TYR L 100 -20.01 20.89 21.76
CA TYR L 100 -18.99 20.55 22.75
C TYR L 100 -19.08 21.45 23.97
N ARG L 101 -19.26 22.76 23.76
CA ARG L 101 -19.37 23.67 24.89
C ARG L 101 -20.65 23.44 25.66
N ASN L 102 -21.72 23.03 24.99
CA ASN L 102 -22.98 22.70 25.64
C ASN L 102 -22.96 21.33 26.29
N LEU L 103 -21.85 20.62 26.23
CA LEU L 103 -21.76 19.25 26.71
C LEU L 103 -21.18 19.20 28.12
N PHE L 104 -19.99 19.76 28.29
CA PHE L 104 -19.40 19.90 29.62
C PHE L 104 -20.16 20.91 30.46
N LYS L 105 -20.67 21.94 29.82
CA LYS L 105 -21.53 22.89 30.49
C LYS L 105 -22.77 22.18 31.00
N ASN L 106 -23.30 22.66 32.12
CA ASN L 106 -24.48 22.08 32.73
C ASN L 106 -25.69 22.21 31.81
#